data_1L1Y
#
_entry.id   1L1Y
#
_cell.length_a   147.243
_cell.length_b   207.204
_cell.length_c   213.220
_cell.angle_alpha   90.00
_cell.angle_beta   90.00
_cell.angle_gamma   90.00
#
_symmetry.space_group_name_H-M   'P 21 21 21'
#
loop_
_entity.id
_entity.type
_entity.pdbx_description
1 polymer cellobiohydrolase
2 branched beta-D-glucopyranose-(1-4)-beta-D-glucopyranose
3 water water
#
_entity_poly.entity_id   1
_entity_poly.type   'polypeptide(L)'
_entity_poly.pdbx_seq_one_letter_code
;MVKSRKISILLAVAMLVSIMIPTTAFAGPTKAPTKDGTSYKDLFLELYGKIKDPKNGYFSPDEGIPYHSIETLIVEAPDY
GHVTTSEAFSYYVWLEAMYGNLTGNWSGVETAWKVMEDWIIPDSTEQPGMSSYNPNSPATYADEYEDPSYYPSELKFDTV
RVGSDPVHNDLVSAYGPNMYLMHWLMDVDNWYGFGTGTRATFINTFQRGEQESTWETIPHPSIEEFKYGGPNGFLDLFTK
DRSYAKQWRYTNAPDAEGRAIQAVYWANKWAKEQGKGSAVASVVSKAAKMGDFLRNDMFDKYFMKIGAQDKTPATGYDSA
HYLMAWYTAWGGGIGASWAWKIGCSHAHFGYQNPFQGWVSATQSDFAPKSSNGKRDWTTSYKRQLEFYQWLQSAEGGIAG
GATNSWNGRYEKYPAGTSTFYGMAYVPHPVYADPGSNQWFGFQAWSMQRVMEYYLETGDSSVKNLIKKWVDWVMSEIKLY
DDGTFAIPSDLEWSGQPDTWTGTYTGNPNLHVRVTSYGTDLGVAGSLANALATYAAATERWEGKLDTKARDMAAELVNRA
WYNFYCSEGKGVVTEEARADYKRFFEQEVYVPAGWSGTMPNGDKIQPGIKFIDIRTKYRQDPYYDIVYQAYLRGEAPVLN
YHRFWHEVDLAVAMGVLATYFPDMTYKVPGTPSTKLYG
;
_entity_poly.pdbx_strand_id   A,B,C,D,E,F
#
loop_
_chem_comp.id
_chem_comp.type
_chem_comp.name
_chem_comp.formula
BGC D-saccharide, beta linking beta-D-glucopyranose 'C6 H12 O6'
#
# COMPACT_ATOMS: atom_id res chain seq x y z
N GLY A 28 39.03 -4.75 -2.63
CA GLY A 28 37.73 -4.31 -3.18
C GLY A 28 36.75 -4.18 -2.05
N PRO A 29 35.46 -4.20 -2.38
CA PRO A 29 34.37 -4.08 -1.40
C PRO A 29 34.25 -5.25 -0.43
N THR A 30 33.92 -4.94 0.82
CA THR A 30 33.49 -5.89 1.85
C THR A 30 32.13 -5.43 2.41
N LYS A 31 31.55 -6.17 3.35
CA LYS A 31 30.26 -5.77 3.92
C LYS A 31 30.45 -4.77 5.05
N ALA A 32 29.59 -3.77 5.11
CA ALA A 32 29.71 -2.79 6.18
C ALA A 32 29.33 -3.43 7.51
N PRO A 33 30.11 -3.18 8.55
CA PRO A 33 29.82 -3.65 9.91
C PRO A 33 28.75 -2.79 10.62
N THR A 34 28.37 -1.69 9.99
CA THR A 34 27.46 -0.70 10.57
C THR A 34 26.26 -1.32 11.31
N LYS A 35 26.04 -0.88 12.55
CA LYS A 35 24.90 -1.33 13.37
C LYS A 35 23.57 -0.86 12.77
N ASP A 36 22.55 -1.72 12.84
CA ASP A 36 21.20 -1.33 12.47
C ASP A 36 20.74 -0.20 13.38
N GLY A 37 19.97 0.72 12.85
CA GLY A 37 19.45 1.80 13.68
C GLY A 37 20.31 3.05 13.56
N THR A 38 21.42 2.98 12.82
CA THR A 38 22.33 4.11 12.65
C THR A 38 21.66 5.16 11.77
N SER A 39 21.54 6.37 12.29
CA SER A 39 20.87 7.46 11.57
C SER A 39 21.60 7.75 10.26
N TYR A 40 20.85 8.15 9.23
CA TYR A 40 21.48 8.58 7.99
C TYR A 40 22.41 9.77 8.20
N LYS A 41 22.07 10.61 9.17
CA LYS A 41 22.95 11.70 9.53
C LYS A 41 24.32 11.18 9.96
N ASP A 42 24.33 10.16 10.82
CA ASP A 42 25.60 9.56 11.27
C ASP A 42 26.36 8.85 10.13
N LEU A 43 25.64 8.17 9.24
CA LEU A 43 26.28 7.61 8.05
C LEU A 43 26.91 8.73 7.21
N PHE A 44 26.19 9.83 6.99
CA PHE A 44 26.79 10.95 6.29
C PHE A 44 28.08 11.38 6.97
N LEU A 45 28.06 11.49 8.30
CA LEU A 45 29.20 12.05 9.01
C LEU A 45 30.42 11.11 8.92
N GLU A 46 30.17 9.81 9.03
CA GLU A 46 31.22 8.81 8.84
C GLU A 46 31.82 8.95 7.44
N LEU A 47 30.98 9.00 6.41
CA LEU A 47 31.49 9.10 5.05
C LEU A 47 32.27 10.41 4.83
N TYR A 48 31.68 11.54 5.23
CA TYR A 48 32.33 12.85 5.16
C TYR A 48 33.74 12.75 5.76
N GLY A 49 33.80 12.21 6.98
CA GLY A 49 35.04 12.10 7.74
C GLY A 49 36.08 11.34 6.93
N LYS A 50 35.62 10.34 6.17
CA LYS A 50 36.55 9.52 5.40
C LYS A 50 37.02 10.25 4.15
N ILE A 51 36.11 10.97 3.50
CA ILE A 51 36.42 11.70 2.28
C ILE A 51 37.39 12.82 2.60
N LYS A 52 37.33 13.36 3.80
CA LYS A 52 38.14 14.53 4.15
C LYS A 52 39.44 14.17 4.88
N ASP A 53 39.58 12.91 5.30
CA ASP A 53 40.81 12.47 5.95
C ASP A 53 42.02 12.58 5.00
N PRO A 54 43.04 13.39 5.35
CA PRO A 54 44.26 13.50 4.53
C PRO A 54 44.94 12.15 4.22
N LYS A 55 45.04 11.26 5.20
CA LYS A 55 45.59 9.92 4.98
C LYS A 55 44.89 9.15 3.82
N ASN A 56 43.64 9.50 3.48
CA ASN A 56 42.93 8.78 2.43
C ASN A 56 43.30 9.23 1.01
N GLY A 57 43.72 10.48 0.87
CA GLY A 57 44.23 11.00 -0.40
C GLY A 57 43.24 11.36 -1.51
N TYR A 58 42.02 11.79 -1.14
CA TYR A 58 41.06 12.25 -2.15
C TYR A 58 41.41 13.65 -2.67
N PHE A 59 42.20 14.39 -1.90
CA PHE A 59 42.64 15.74 -2.26
C PHE A 59 44.16 15.84 -2.33
N SER A 60 44.66 16.68 -3.24
CA SER A 60 46.07 16.99 -3.36
C SER A 60 46.66 17.49 -2.03
N PRO A 61 47.84 16.98 -1.64
CA PRO A 61 48.47 17.38 -0.36
C PRO A 61 48.94 18.85 -0.32
N ASP A 62 49.34 19.45 -1.46
CA ASP A 62 49.87 20.82 -1.44
C ASP A 62 48.78 21.90 -1.39
N GLU A 63 47.80 21.81 -2.29
CA GLU A 63 46.79 22.84 -2.38
C GLU A 63 45.38 22.44 -1.94
N GLY A 64 45.15 21.14 -1.72
CA GLY A 64 43.86 20.64 -1.25
C GLY A 64 42.79 20.57 -2.33
N ILE A 65 43.21 20.35 -3.57
CA ILE A 65 42.32 20.23 -4.71
C ILE A 65 41.81 18.79 -4.74
N PRO A 66 40.51 18.61 -5.00
CA PRO A 66 39.97 17.26 -5.18
C PRO A 66 40.44 16.59 -6.46
N TYR A 67 41.06 15.42 -6.34
CA TYR A 67 41.36 14.60 -7.52
C TYR A 67 40.08 13.97 -8.04
N HIS A 68 40.07 13.57 -9.30
CA HIS A 68 38.96 12.80 -9.85
C HIS A 68 38.73 11.51 -9.06
N SER A 69 39.82 10.89 -8.60
CA SER A 69 39.78 9.62 -7.85
C SER A 69 41.09 9.40 -7.13
N ILE A 70 41.05 8.63 -6.05
CA ILE A 70 42.27 8.23 -5.37
C ILE A 70 43.24 7.58 -6.36
N GLU A 71 42.72 6.72 -7.22
CA GLU A 71 43.57 5.99 -8.14
C GLU A 71 43.95 6.85 -9.34
N THR A 72 45.19 6.69 -9.78
CA THR A 72 45.76 7.47 -10.88
C THR A 72 45.40 6.87 -12.24
N LEU A 73 45.35 5.55 -12.31
CA LEU A 73 45.07 4.91 -13.60
C LEU A 73 43.58 4.69 -13.78
N ILE A 74 42.98 5.58 -14.56
CA ILE A 74 41.55 5.52 -14.88
C ILE A 74 41.30 6.38 -16.12
N VAL A 75 40.44 5.89 -17.00
CA VAL A 75 40.17 6.57 -18.26
C VAL A 75 38.67 6.55 -18.60
N GLU A 76 38.12 7.75 -18.62
CA GLU A 76 36.73 8.07 -18.97
C GLU A 76 36.84 9.56 -19.28
N ALA A 77 35.83 10.40 -19.09
CA ALA A 77 35.97 11.82 -19.43
C ALA A 77 37.40 12.37 -19.23
N PRO A 78 37.93 12.39 -18.01
CA PRO A 78 39.38 12.61 -17.84
C PRO A 78 40.16 11.31 -18.12
N ASP A 79 41.41 11.41 -18.54
CA ASP A 79 42.16 10.21 -18.92
C ASP A 79 43.23 9.86 -17.92
N TYR A 80 43.18 10.52 -16.77
CA TYR A 80 44.16 10.30 -15.71
C TYR A 80 43.52 10.68 -14.38
N GLY A 81 43.87 9.94 -13.33
CA GLY A 81 43.18 10.01 -12.06
C GLY A 81 43.44 11.28 -11.28
N HIS A 82 44.64 11.82 -11.41
CA HIS A 82 45.01 13.00 -10.62
C HIS A 82 44.97 14.30 -11.41
N VAL A 83 44.23 14.31 -12.51
CA VAL A 83 43.62 15.55 -12.97
C VAL A 83 42.54 15.95 -11.95
N THR A 84 42.06 17.18 -12.06
CA THR A 84 40.86 17.60 -11.36
C THR A 84 39.90 18.12 -12.42
N THR A 85 38.63 18.24 -12.07
CA THR A 85 37.64 18.75 -13.00
C THR A 85 36.82 19.78 -12.28
N SER A 86 36.13 20.62 -13.04
CA SER A 86 35.18 21.55 -12.45
C SER A 86 34.08 20.76 -11.71
N GLU A 87 33.71 19.63 -12.30
CA GLU A 87 32.78 18.67 -11.72
C GLU A 87 33.21 18.27 -10.32
N ALA A 88 34.45 17.81 -10.16
CA ALA A 88 34.93 17.45 -8.83
C ALA A 88 34.73 18.57 -7.80
N PHE A 89 34.97 19.81 -8.23
CA PHE A 89 34.83 20.99 -7.39
C PHE A 89 33.38 21.28 -7.04
N SER A 90 32.48 21.14 -8.01
CA SER A 90 31.08 21.38 -7.74
C SER A 90 30.58 20.37 -6.70
N TYR A 91 31.05 19.11 -6.81
CA TYR A 91 30.74 18.09 -5.82
C TYR A 91 31.32 18.41 -4.46
N TYR A 92 32.52 19.01 -4.48
CA TYR A 92 33.24 19.38 -3.26
C TYR A 92 32.47 20.47 -2.49
N VAL A 93 31.93 21.45 -3.20
CA VAL A 93 31.03 22.44 -2.60
C VAL A 93 29.77 21.75 -1.98
N TRP A 94 29.15 20.86 -2.77
CA TRP A 94 27.91 20.18 -2.38
C TRP A 94 28.13 19.41 -1.10
N LEU A 95 29.25 18.70 -1.01
CA LEU A 95 29.61 17.96 0.17
C LEU A 95 29.69 18.86 1.41
N GLU A 96 30.22 20.06 1.25
CA GLU A 96 30.39 20.96 2.39
C GLU A 96 29.07 21.65 2.75
N ALA A 97 28.28 22.04 1.75
CA ALA A 97 26.94 22.53 2.02
C ALA A 97 26.16 21.54 2.90
N MET A 98 26.16 20.25 2.52
CA MET A 98 25.47 19.24 3.34
C MET A 98 26.08 19.14 4.76
N TYR A 99 27.41 19.20 4.84
CA TYR A 99 28.09 19.13 6.14
C TYR A 99 27.72 20.31 7.04
N GLY A 100 27.66 21.53 6.50
CA GLY A 100 27.18 22.66 7.27
C GLY A 100 25.75 22.47 7.79
N ASN A 101 24.88 21.94 6.92
CA ASN A 101 23.49 21.61 7.25
C ASN A 101 23.35 20.70 8.47
N LEU A 102 24.04 19.57 8.42
CA LEU A 102 23.88 18.53 9.45
C LEU A 102 24.66 18.83 10.73
N THR A 103 25.53 19.84 10.69
CA THR A 103 26.53 20.01 11.73
C THR A 103 26.60 21.44 12.35
N GLY A 104 26.26 22.46 11.56
CA GLY A 104 26.48 23.82 11.97
C GLY A 104 27.87 24.43 11.69
N ASN A 105 28.84 23.64 11.22
CA ASN A 105 30.17 24.17 10.82
C ASN A 105 30.19 24.53 9.34
N TRP A 106 30.25 25.83 9.08
CA TRP A 106 30.22 26.35 7.72
C TRP A 106 31.58 26.67 7.07
N SER A 107 32.67 26.64 7.83
CA SER A 107 33.97 27.05 7.26
C SER A 107 34.32 26.27 5.99
N GLY A 108 33.93 24.99 5.95
CA GLY A 108 34.12 24.14 4.80
C GLY A 108 33.63 24.69 3.47
N VAL A 109 32.49 25.38 3.47
CA VAL A 109 31.93 25.92 2.21
C VAL A 109 32.83 27.03 1.69
N GLU A 110 33.36 27.81 2.61
CA GLU A 110 34.32 28.87 2.31
C GLU A 110 35.65 28.31 1.79
N THR A 111 36.19 27.30 2.48
CA THR A 111 37.38 26.60 2.00
C THR A 111 37.20 26.15 0.56
N ALA A 112 36.11 25.43 0.31
CA ALA A 112 35.91 24.79 -0.98
C ALA A 112 35.85 25.85 -2.07
N TRP A 113 35.13 26.94 -1.83
CA TRP A 113 35.05 27.99 -2.83
C TRP A 113 36.40 28.73 -3.01
N LYS A 114 37.13 28.94 -1.92
CA LYS A 114 38.46 29.53 -2.01
C LYS A 114 39.40 28.71 -2.93
N VAL A 115 39.47 27.40 -2.67
CA VAL A 115 40.22 26.46 -3.47
C VAL A 115 39.77 26.57 -4.92
N MET A 116 38.46 26.60 -5.13
CA MET A 116 37.94 26.74 -6.47
C MET A 116 38.50 27.99 -7.20
N GLU A 117 38.46 29.16 -6.54
CA GLU A 117 38.85 30.40 -7.20
C GLU A 117 40.37 30.59 -7.33
N ASP A 118 41.14 30.00 -6.41
CA ASP A 118 42.60 30.01 -6.52
C ASP A 118 43.10 29.24 -7.74
N TRP A 119 42.45 28.13 -8.07
CA TRP A 119 43.02 27.16 -8.99
C TRP A 119 42.31 26.95 -10.29
N ILE A 120 41.00 26.68 -10.26
CA ILE A 120 40.33 26.28 -11.50
C ILE A 120 39.54 27.38 -12.21
N ILE A 121 39.30 28.50 -11.52
CA ILE A 121 38.79 29.66 -12.23
C ILE A 121 39.98 30.51 -12.68
N PRO A 122 40.14 30.67 -14.00
CA PRO A 122 41.17 31.57 -14.52
C PRO A 122 40.96 32.98 -13.96
N ASP A 123 41.91 33.47 -13.16
CA ASP A 123 41.86 34.86 -12.70
C ASP A 123 42.23 35.88 -13.83
N SER A 124 42.44 37.14 -13.46
CA SER A 124 42.82 38.21 -14.42
C SER A 124 44.17 37.98 -15.11
N THR A 125 45.17 37.60 -14.30
CA THR A 125 46.51 37.23 -14.75
C THR A 125 46.52 36.16 -15.83
N GLU A 126 45.50 35.29 -15.83
CA GLU A 126 45.48 34.14 -16.71
C GLU A 126 44.54 34.36 -17.91
N GLN A 127 44.06 35.59 -18.05
CA GLN A 127 43.23 35.95 -19.20
C GLN A 127 43.69 37.26 -19.88
N PRO A 128 44.97 37.34 -20.25
CA PRO A 128 45.53 38.58 -20.85
C PRO A 128 44.85 38.95 -22.17
N GLY A 129 44.36 40.19 -22.23
CA GLY A 129 43.85 40.75 -23.47
C GLY A 129 42.38 40.52 -23.70
N MET A 130 41.70 40.00 -22.67
CA MET A 130 40.24 39.81 -22.70
C MET A 130 39.51 41.13 -22.97
N SER A 131 40.07 42.21 -22.40
CA SER A 131 39.68 43.60 -22.68
C SER A 131 39.52 43.93 -24.18
N SER A 132 40.35 43.32 -25.02
CA SER A 132 40.28 43.55 -26.46
C SER A 132 39.25 42.71 -27.20
N TYR A 133 38.35 42.06 -26.44
CA TYR A 133 37.29 41.23 -27.02
C TYR A 133 36.25 42.10 -27.72
N ASN A 134 35.78 41.62 -28.88
CA ASN A 134 34.84 42.43 -29.65
C ASN A 134 33.51 41.71 -29.91
N PRO A 135 32.44 42.17 -29.24
CA PRO A 135 31.10 41.57 -29.33
C PRO A 135 30.57 41.47 -30.76
N ASN A 136 31.17 42.25 -31.66
CA ASN A 136 30.72 42.31 -33.03
C ASN A 136 31.46 41.29 -33.88
N SER A 137 32.69 40.99 -33.46
CA SER A 137 33.49 39.87 -33.99
C SER A 137 33.90 38.93 -32.85
N PRO A 138 32.98 38.07 -32.42
CA PRO A 138 33.23 37.18 -31.29
C PRO A 138 34.33 36.17 -31.60
N ALA A 139 34.26 35.55 -32.77
CA ALA A 139 35.22 34.53 -33.17
C ALA A 139 35.31 34.37 -34.68
N THR A 140 36.26 33.53 -35.10
CA THR A 140 36.39 33.12 -36.48
C THR A 140 35.79 31.73 -36.66
N TYR A 141 34.81 31.60 -37.55
CA TYR A 141 34.17 30.34 -37.85
C TYR A 141 35.17 29.24 -38.25
N ALA A 142 34.82 28.00 -37.92
CA ALA A 142 35.55 26.81 -38.35
C ALA A 142 34.59 25.64 -38.31
N ASP A 143 34.72 24.74 -39.27
CA ASP A 143 33.83 23.58 -39.37
C ASP A 143 34.09 22.55 -38.25
N GLU A 144 33.16 21.62 -38.07
CA GLU A 144 33.39 20.45 -37.23
C GLU A 144 33.25 19.22 -38.09
N TYR A 145 34.01 18.18 -37.76
CA TYR A 145 34.05 17.01 -38.64
C TYR A 145 33.73 15.68 -37.96
N GLU A 146 33.13 14.78 -38.74
CA GLU A 146 32.71 13.44 -38.32
C GLU A 146 33.84 12.48 -37.93
N ASP A 147 35.09 12.92 -38.04
CA ASP A 147 36.25 12.09 -37.69
C ASP A 147 37.44 12.99 -37.33
N PRO A 148 38.23 12.61 -36.32
CA PRO A 148 39.44 13.37 -36.01
C PRO A 148 40.49 13.42 -37.14
N SER A 149 40.29 12.64 -38.21
CA SER A 149 41.25 12.64 -39.34
C SER A 149 41.07 13.83 -40.28
N TYR A 150 40.04 14.64 -40.04
CA TYR A 150 39.78 15.84 -40.82
C TYR A 150 40.46 17.09 -40.26
N TYR A 151 40.99 16.97 -39.05
CA TYR A 151 41.63 18.09 -38.36
C TYR A 151 43.12 18.13 -38.67
N PRO A 152 43.74 19.32 -38.63
CA PRO A 152 43.11 20.58 -38.24
C PRO A 152 41.99 21.12 -39.14
N SER A 153 41.02 21.76 -38.50
CA SER A 153 39.94 22.46 -39.17
C SER A 153 40.42 23.85 -39.53
N GLU A 154 40.04 24.33 -40.71
CA GLU A 154 40.51 25.63 -41.17
C GLU A 154 39.60 26.78 -40.75
N LEU A 155 40.19 27.76 -40.06
CA LEU A 155 39.53 29.03 -39.75
C LEU A 155 39.16 29.73 -41.05
N LYS A 156 38.01 30.39 -41.07
CA LYS A 156 37.51 30.99 -42.31
C LYS A 156 37.21 32.49 -42.18
N PHE A 157 38.25 33.28 -41.87
CA PHE A 157 38.14 34.75 -41.72
C PHE A 157 37.37 35.30 -42.89
N ASP A 158 37.64 34.66 -44.04
CA ASP A 158 37.17 35.05 -45.35
C ASP A 158 35.62 34.99 -45.53
N THR A 159 35.12 33.82 -45.90
CA THR A 159 33.79 33.68 -46.47
C THR A 159 32.65 33.34 -45.47
N VAL A 160 32.94 33.49 -44.18
CA VAL A 160 31.91 33.24 -43.16
C VAL A 160 31.82 34.39 -42.16
N ARG A 161 30.68 35.07 -42.20
CA ARG A 161 30.36 36.10 -41.21
C ARG A 161 29.67 35.45 -39.99
N VAL A 162 30.31 35.63 -38.84
CA VAL A 162 29.79 35.21 -37.55
C VAL A 162 28.71 36.21 -37.08
N GLY A 163 27.90 35.84 -36.08
CA GLY A 163 26.95 36.75 -35.47
C GLY A 163 27.53 37.55 -34.32
N SER A 164 26.68 38.33 -33.66
CA SER A 164 27.12 39.20 -32.56
C SER A 164 26.72 38.69 -31.17
N ASP A 165 27.55 39.02 -30.19
CA ASP A 165 27.40 38.59 -28.81
C ASP A 165 26.62 39.65 -28.01
N PRO A 166 25.33 39.38 -27.73
CA PRO A 166 24.44 40.37 -27.10
C PRO A 166 24.51 40.36 -25.59
N VAL A 167 25.50 39.71 -25.01
CA VAL A 167 25.53 39.52 -23.58
C VAL A 167 26.82 40.04 -22.98
N HIS A 168 27.88 40.02 -23.78
CA HIS A 168 29.19 40.43 -23.27
C HIS A 168 29.19 41.84 -22.67
N ASN A 169 28.41 42.74 -23.28
CA ASN A 169 28.31 44.12 -22.79
C ASN A 169 27.79 44.30 -21.36
N ASP A 170 26.62 43.73 -21.02
CA ASP A 170 26.22 43.86 -19.60
C ASP A 170 26.98 43.04 -18.57
N LEU A 171 27.55 41.91 -18.97
CA LEU A 171 28.46 41.21 -18.05
C LEU A 171 29.67 42.09 -17.72
N VAL A 172 30.31 42.64 -18.74
CA VAL A 172 31.46 43.55 -18.55
C VAL A 172 31.11 44.75 -17.66
N SER A 173 30.00 45.40 -18.01
CA SER A 173 29.50 46.53 -17.26
C SER A 173 29.40 46.24 -15.74
N ALA A 174 29.01 45.01 -15.36
CA ALA A 174 28.91 44.66 -13.94
C ALA A 174 30.18 44.09 -13.29
N TYR A 175 30.96 43.31 -14.05
CA TYR A 175 32.07 42.52 -13.48
C TYR A 175 33.49 42.89 -13.96
N GLY A 176 33.57 43.56 -15.11
CA GLY A 176 34.85 43.87 -15.72
C GLY A 176 35.07 43.05 -16.97
N PRO A 177 36.30 42.97 -17.46
CA PRO A 177 36.59 42.31 -18.74
C PRO A 177 36.65 40.78 -18.62
N ASN A 178 37.03 40.30 -17.43
CA ASN A 178 37.30 38.90 -17.19
C ASN A 178 36.08 38.00 -17.07
N MET A 179 36.33 36.71 -17.26
CA MET A 179 35.32 35.70 -17.27
C MET A 179 35.45 35.02 -15.90
N TYR A 180 34.31 34.72 -15.29
CA TYR A 180 34.29 33.99 -14.00
C TYR A 180 33.55 32.64 -14.20
N LEU A 181 34.22 31.72 -14.90
CA LEU A 181 33.75 30.37 -15.10
C LEU A 181 34.85 29.40 -14.70
N MET A 182 34.54 28.12 -14.60
CA MET A 182 35.57 27.15 -14.31
C MET A 182 36.06 26.57 -15.61
N HIS A 183 37.38 26.58 -15.81
CA HIS A 183 37.95 25.72 -16.83
C HIS A 183 37.76 24.27 -16.36
N TRP A 184 37.31 23.40 -17.26
CA TRP A 184 36.84 22.07 -16.84
C TRP A 184 37.91 21.08 -16.36
N LEU A 185 39.15 21.25 -16.79
CA LEU A 185 40.20 20.24 -16.61
C LEU A 185 41.55 20.79 -16.18
N MET A 186 42.07 20.30 -15.06
CA MET A 186 43.36 20.76 -14.58
C MET A 186 44.28 19.61 -14.16
N ASP A 187 45.52 19.65 -14.65
CA ASP A 187 46.53 18.67 -14.30
C ASP A 187 47.16 19.07 -12.96
N VAL A 188 46.58 18.59 -11.87
CA VAL A 188 46.93 19.07 -10.52
C VAL A 188 48.40 18.99 -10.15
N ASP A 189 49.04 17.86 -10.43
CA ASP A 189 50.46 17.73 -10.08
C ASP A 189 51.35 17.68 -11.32
N ASN A 190 50.86 18.30 -12.40
CA ASN A 190 51.62 18.42 -13.65
C ASN A 190 52.17 17.07 -14.16
N TRP A 191 51.32 16.05 -14.16
CA TRP A 191 51.73 14.71 -14.53
C TRP A 191 52.05 14.64 -16.02
N TYR A 192 51.35 15.46 -16.81
CA TYR A 192 51.69 15.61 -18.22
C TYR A 192 52.96 16.43 -18.45
N GLY A 193 53.40 17.18 -17.44
CA GLY A 193 54.66 17.90 -17.50
C GLY A 193 54.66 19.26 -18.17
N PHE A 194 53.50 19.69 -18.70
CA PHE A 194 53.39 20.95 -19.43
C PHE A 194 53.78 22.23 -18.66
N GLY A 195 53.73 22.16 -17.33
CA GLY A 195 54.04 23.29 -16.50
C GLY A 195 55.34 23.11 -15.76
N THR A 196 55.63 24.04 -14.85
CA THR A 196 56.90 24.08 -14.11
C THR A 196 56.83 23.18 -12.88
N GLY A 197 57.88 22.37 -12.67
CA GLY A 197 57.98 21.46 -11.54
C GLY A 197 56.70 20.67 -11.34
N THR A 198 56.14 20.81 -10.14
CA THR A 198 54.96 20.05 -9.75
C THR A 198 53.66 20.93 -9.73
N ARG A 199 53.68 22.06 -10.46
CA ARG A 199 52.59 23.04 -10.44
C ARG A 199 51.37 22.65 -11.27
N ALA A 200 50.19 22.92 -10.70
CA ALA A 200 48.91 22.62 -11.34
C ALA A 200 48.79 23.40 -12.62
N THR A 201 48.28 22.75 -13.66
CA THR A 201 48.32 23.32 -14.99
C THR A 201 47.01 23.08 -15.71
N PHE A 202 46.43 24.13 -16.28
CA PHE A 202 45.28 23.96 -17.14
C PHE A 202 45.68 23.15 -18.35
N ILE A 203 44.96 22.05 -18.60
CA ILE A 203 45.14 21.31 -19.84
C ILE A 203 43.79 21.16 -20.51
N ASN A 204 43.79 20.79 -21.78
CA ASN A 204 42.57 20.40 -22.45
C ASN A 204 42.84 19.14 -23.26
N THR A 205 41.78 18.44 -23.67
CA THR A 205 41.94 17.25 -24.51
C THR A 205 41.02 17.31 -25.72
N PHE A 206 39.74 16.97 -25.55
CA PHE A 206 38.82 16.86 -26.69
C PHE A 206 38.83 18.13 -27.53
N GLN A 207 39.13 17.99 -28.81
CA GLN A 207 39.27 19.15 -29.69
C GLN A 207 38.87 18.86 -31.10
N ARG A 208 38.51 17.62 -31.38
CA ARG A 208 38.40 17.15 -32.76
C ARG A 208 37.14 16.34 -33.06
N GLY A 209 35.97 16.92 -32.78
CA GLY A 209 34.71 16.37 -33.22
C GLY A 209 34.12 15.19 -32.48
N GLU A 210 32.98 14.72 -32.98
CA GLU A 210 32.16 13.71 -32.33
C GLU A 210 32.80 12.30 -32.14
N GLN A 211 33.79 11.95 -32.97
CA GLN A 211 34.42 10.64 -32.89
C GLN A 211 35.72 10.65 -32.13
N GLU A 212 36.08 11.80 -31.55
CA GLU A 212 37.29 11.85 -30.73
C GLU A 212 37.04 11.45 -29.26
N SER A 213 37.14 10.15 -28.97
CA SER A 213 36.98 9.63 -27.62
C SER A 213 38.12 10.07 -26.68
N THR A 214 38.05 9.65 -25.42
CA THR A 214 39.12 9.89 -24.45
C THR A 214 40.40 9.17 -24.89
N TRP A 215 40.23 8.13 -25.70
CA TRP A 215 41.36 7.34 -26.18
C TRP A 215 41.98 7.96 -27.42
N GLU A 216 41.24 8.80 -28.14
CA GLU A 216 41.70 9.34 -29.43
C GLU A 216 42.21 10.79 -29.41
N THR A 217 42.51 11.30 -28.22
CA THR A 217 42.93 12.70 -28.07
C THR A 217 44.43 12.87 -27.88
N ILE A 218 44.85 14.13 -27.93
CA ILE A 218 46.20 14.53 -27.64
C ILE A 218 46.09 15.64 -26.61
N PRO A 219 46.42 15.34 -25.35
CA PRO A 219 46.34 16.34 -24.28
C PRO A 219 47.32 17.46 -24.57
N HIS A 220 47.02 18.67 -24.11
CA HIS A 220 47.85 19.83 -24.41
C HIS A 220 47.59 20.95 -23.43
N PRO A 221 48.53 21.89 -23.31
CA PRO A 221 48.38 23.00 -22.36
C PRO A 221 47.36 24.01 -22.86
N SER A 222 46.62 24.61 -21.94
CA SER A 222 45.69 25.67 -22.30
C SER A 222 46.48 26.93 -22.60
N ILE A 223 47.54 27.12 -21.84
CA ILE A 223 48.45 28.23 -21.99
C ILE A 223 49.58 27.77 -22.91
N GLU A 224 49.41 28.05 -24.21
CA GLU A 224 50.31 27.61 -25.27
C GLU A 224 51.50 28.58 -25.48
N GLU A 225 52.66 28.18 -24.97
CA GLU A 225 53.90 28.97 -25.02
C GLU A 225 54.88 28.39 -26.05
N PHE A 226 54.38 27.44 -26.86
CA PHE A 226 55.18 26.63 -27.77
C PHE A 226 56.29 25.78 -27.12
N LYS A 227 56.46 25.92 -25.80
CA LYS A 227 57.54 25.24 -25.06
C LYS A 227 57.58 23.72 -25.32
N TYR A 228 56.43 23.11 -25.61
CA TYR A 228 56.35 21.67 -25.90
C TYR A 228 55.48 21.43 -27.15
N GLY A 229 55.31 20.17 -27.53
CA GLY A 229 54.60 19.83 -28.76
C GLY A 229 55.50 19.91 -29.97
N GLY A 230 54.99 20.51 -31.05
CA GLY A 230 55.76 20.72 -32.26
C GLY A 230 56.24 22.16 -32.42
N PRO A 231 56.33 22.63 -33.67
CA PRO A 231 56.76 23.99 -33.97
C PRO A 231 55.77 25.05 -33.47
N ASN A 232 54.49 24.72 -33.63
CA ASN A 232 53.40 25.60 -33.22
C ASN A 232 52.66 24.95 -32.04
N GLY A 233 53.45 24.52 -31.04
CA GLY A 233 52.97 23.73 -29.93
C GLY A 233 51.99 22.65 -30.38
N PHE A 234 50.72 22.84 -30.05
CA PHE A 234 49.68 21.88 -30.44
C PHE A 234 48.65 22.52 -31.36
N LEU A 235 48.68 23.85 -31.44
CA LEU A 235 47.72 24.59 -32.25
C LEU A 235 47.38 23.92 -33.58
N ASP A 236 48.38 23.68 -34.43
CA ASP A 236 48.11 23.11 -35.76
C ASP A 236 47.63 21.67 -35.77
N LEU A 237 47.41 21.08 -34.60
CA LEU A 237 46.72 19.79 -34.53
C LEU A 237 45.23 19.94 -34.74
N PHE A 238 44.69 21.09 -34.33
CA PHE A 238 43.24 21.29 -34.25
C PHE A 238 42.66 22.38 -35.15
N THR A 239 43.36 23.51 -35.22
CA THR A 239 42.91 24.67 -36.01
C THR A 239 43.96 25.15 -36.99
N LYS A 240 43.63 25.07 -38.29
CA LYS A 240 44.49 25.60 -39.36
C LYS A 240 44.26 27.11 -39.53
N ASP A 241 45.28 27.88 -39.12
CA ASP A 241 45.27 29.34 -39.15
C ASP A 241 46.30 29.85 -40.19
N ARG A 242 46.13 31.10 -40.63
CA ARG A 242 47.10 31.80 -41.49
C ARG A 242 48.50 31.94 -40.82
N SER A 243 48.51 32.25 -39.53
CA SER A 243 49.73 32.34 -38.72
C SER A 243 49.45 31.85 -37.29
N TYR A 244 50.48 31.44 -36.58
CA TYR A 244 50.32 30.88 -35.25
C TYR A 244 51.03 31.72 -34.19
N ALA A 245 50.24 32.22 -33.25
CA ALA A 245 50.76 33.04 -32.16
C ALA A 245 50.56 32.35 -30.82
N LYS A 246 51.47 32.58 -29.89
CA LYS A 246 51.34 32.11 -28.51
C LYS A 246 50.02 32.64 -27.93
N GLN A 247 49.21 31.71 -27.40
CA GLN A 247 47.87 32.04 -26.94
C GLN A 247 47.44 31.23 -25.71
N TRP A 248 46.28 31.60 -25.17
CA TRP A 248 45.63 30.87 -24.08
C TRP A 248 44.18 30.58 -24.49
N ARG A 249 43.61 29.52 -23.92
CA ARG A 249 42.26 29.06 -24.27
C ARG A 249 41.65 28.27 -23.09
N TYR A 250 40.40 28.54 -22.76
CA TYR A 250 39.70 27.78 -21.73
C TYR A 250 38.36 27.25 -22.19
N THR A 251 37.92 26.17 -21.55
CA THR A 251 36.64 25.56 -21.87
C THR A 251 35.93 25.16 -20.59
N ASN A 252 34.69 25.61 -20.45
CA ASN A 252 33.91 25.27 -19.26
C ASN A 252 32.97 24.13 -19.56
N ALA A 253 32.56 23.42 -18.52
CA ALA A 253 31.50 22.45 -18.60
C ALA A 253 30.40 22.95 -17.68
N PRO A 254 29.36 23.55 -18.26
CA PRO A 254 28.35 24.30 -17.49
C PRO A 254 27.67 23.51 -16.37
N ASP A 255 27.48 22.19 -16.53
CA ASP A 255 26.84 21.39 -15.49
C ASP A 255 27.55 21.48 -14.14
N ALA A 256 28.86 21.71 -14.17
CA ALA A 256 29.64 21.88 -12.95
C ALA A 256 29.26 23.17 -12.20
N GLU A 257 29.23 24.29 -12.93
CA GLU A 257 28.85 25.58 -12.36
C GLU A 257 27.41 25.51 -11.84
N GLY A 258 26.54 24.92 -12.65
CA GLY A 258 25.16 24.67 -12.27
C GLY A 258 25.07 23.97 -10.92
N ARG A 259 25.79 22.85 -10.78
CA ARG A 259 25.83 22.07 -9.53
C ARG A 259 26.38 22.86 -8.37
N ALA A 260 27.43 23.64 -8.62
CA ALA A 260 28.06 24.41 -7.53
C ALA A 260 27.12 25.47 -6.98
N ILE A 261 26.35 26.08 -7.87
CA ILE A 261 25.42 27.13 -7.47
C ILE A 261 24.22 26.51 -6.77
N GLN A 262 23.66 25.48 -7.39
CA GLN A 262 22.65 24.66 -6.75
C GLN A 262 23.09 24.36 -5.32
N ALA A 263 24.34 23.95 -5.14
CA ALA A 263 24.81 23.58 -3.82
C ALA A 263 24.73 24.76 -2.88
N VAL A 264 25.08 25.93 -3.43
CA VAL A 264 25.18 27.15 -2.65
C VAL A 264 23.78 27.69 -2.25
N TYR A 265 22.80 27.52 -3.15
CA TYR A 265 21.41 27.79 -2.77
C TYR A 265 21.08 27.08 -1.46
N TRP A 266 21.41 25.78 -1.34
CA TRP A 266 21.19 25.00 -0.10
C TRP A 266 22.04 25.41 1.09
N ALA A 267 23.32 25.70 0.85
CA ALA A 267 24.18 26.23 1.93
C ALA A 267 23.53 27.48 2.53
N ASN A 268 23.06 28.37 1.65
CA ASN A 268 22.44 29.59 2.11
C ASN A 268 21.14 29.32 2.89
N LYS A 269 20.23 28.51 2.32
CA LYS A 269 19.01 28.11 3.03
C LYS A 269 19.31 27.50 4.40
N TRP A 270 20.21 26.54 4.43
CA TRP A 270 20.53 25.85 5.67
C TRP A 270 21.31 26.74 6.63
N ALA A 271 22.15 27.61 6.11
CA ALA A 271 22.88 28.58 6.95
C ALA A 271 21.95 29.58 7.61
N LYS A 272 21.07 30.20 6.82
CA LYS A 272 20.06 31.12 7.36
C LYS A 272 19.15 30.47 8.43
N GLU A 273 18.56 29.31 8.13
CA GLU A 273 17.80 28.54 9.13
C GLU A 273 18.51 28.47 10.49
N GLN A 274 19.83 28.38 10.46
CA GLN A 274 20.59 28.26 11.68
C GLN A 274 21.01 29.62 12.30
N GLY A 275 20.70 30.73 11.62
CA GLY A 275 21.23 32.04 12.00
C GLY A 275 22.72 32.22 11.69
N LYS A 276 23.24 31.52 10.68
CA LYS A 276 24.65 31.60 10.34
C LYS A 276 24.89 31.95 8.87
N GLY A 277 23.93 32.64 8.26
CA GLY A 277 24.05 33.04 6.87
C GLY A 277 25.29 33.87 6.48
N SER A 278 25.86 34.61 7.42
CA SER A 278 27.03 35.43 7.16
C SER A 278 28.25 34.56 6.82
N ALA A 279 28.23 33.31 7.31
CA ALA A 279 29.33 32.40 7.04
C ALA A 279 29.40 31.95 5.58
N VAL A 280 28.34 32.18 4.80
CA VAL A 280 28.32 31.79 3.38
C VAL A 280 27.94 32.91 2.39
N ALA A 281 27.70 34.10 2.94
CA ALA A 281 27.32 35.28 2.15
C ALA A 281 28.26 35.58 0.98
N SER A 282 29.58 35.64 1.24
CA SER A 282 30.50 35.96 0.14
C SER A 282 30.51 34.87 -0.93
N VAL A 283 30.39 33.60 -0.53
CA VAL A 283 30.25 32.52 -1.52
C VAL A 283 28.96 32.68 -2.32
N VAL A 284 27.89 33.09 -1.65
CA VAL A 284 26.64 33.35 -2.35
C VAL A 284 26.83 34.37 -3.49
N SER A 285 27.49 35.48 -3.18
CA SER A 285 27.74 36.56 -4.16
C SER A 285 28.51 36.03 -5.36
N LYS A 286 29.55 35.25 -5.08
CA LYS A 286 30.35 34.60 -6.13
C LYS A 286 29.55 33.61 -6.96
N ALA A 287 28.70 32.83 -6.29
CA ALA A 287 27.85 31.88 -6.97
C ALA A 287 26.91 32.67 -7.85
N ALA A 288 26.41 33.79 -7.34
CA ALA A 288 25.53 34.66 -8.13
C ALA A 288 26.23 35.13 -9.39
N LYS A 289 27.47 35.58 -9.22
CA LYS A 289 28.31 36.03 -10.35
C LYS A 289 28.49 34.90 -11.38
N MET A 290 28.95 33.75 -10.89
CA MET A 290 29.10 32.57 -11.74
C MET A 290 27.84 32.26 -12.54
N GLY A 291 26.68 32.31 -11.87
CA GLY A 291 25.43 32.09 -12.57
C GLY A 291 25.23 33.07 -13.71
N ASP A 292 25.63 34.32 -13.47
CA ASP A 292 25.52 35.38 -14.49
C ASP A 292 26.34 35.04 -15.74
N PHE A 293 27.60 34.64 -15.54
CA PHE A 293 28.44 34.22 -16.66
C PHE A 293 27.97 32.99 -17.44
N LEU A 294 27.15 32.13 -16.81
CA LEU A 294 26.61 30.97 -17.49
C LEU A 294 25.69 31.33 -18.65
N ARG A 295 25.33 32.60 -18.77
CA ARG A 295 24.55 33.04 -19.94
C ARG A 295 25.37 32.86 -21.22
N ASN A 296 26.69 32.86 -21.08
CA ASN A 296 27.59 32.55 -22.20
C ASN A 296 27.30 31.18 -22.84
N ASP A 297 26.86 30.22 -22.03
CA ASP A 297 26.51 28.87 -22.50
C ASP A 297 25.16 28.82 -23.23
N MET A 298 24.45 29.94 -23.27
CA MET A 298 23.12 29.97 -23.86
C MET A 298 23.09 30.24 -25.36
N PHE A 299 24.26 30.35 -25.98
CA PHE A 299 24.34 30.79 -27.39
C PHE A 299 24.94 29.79 -28.35
N ASP A 300 24.44 29.84 -29.58
CA ASP A 300 25.02 29.12 -30.71
C ASP A 300 26.54 29.28 -30.74
N LYS A 301 27.26 28.23 -31.15
CA LYS A 301 28.71 28.29 -31.21
C LYS A 301 29.23 29.62 -31.78
N TYR A 302 28.73 29.96 -32.98
CA TYR A 302 29.12 31.21 -33.66
C TYR A 302 27.97 32.18 -33.83
N PHE A 303 27.11 32.28 -32.82
CA PHE A 303 26.04 33.27 -32.80
C PHE A 303 25.28 33.34 -34.11
N MET A 304 25.07 32.18 -34.73
CA MET A 304 24.16 32.07 -35.87
C MET A 304 22.75 32.02 -35.32
N LYS A 305 21.77 32.40 -36.13
CA LYS A 305 20.37 32.34 -35.71
C LYS A 305 20.00 30.91 -35.37
N ILE A 306 19.17 30.75 -34.33
CA ILE A 306 18.64 29.45 -33.99
C ILE A 306 17.60 29.09 -35.05
N GLY A 307 17.78 27.95 -35.72
CA GLY A 307 16.79 27.45 -36.65
C GLY A 307 17.04 27.79 -38.11
N ALA A 308 18.17 28.46 -38.37
CA ALA A 308 18.55 28.87 -39.73
C ALA A 308 18.79 27.71 -40.70
N GLN A 309 19.56 26.71 -40.26
CA GLN A 309 19.96 25.60 -41.13
C GLN A 309 20.85 26.15 -42.25
N ASP A 310 21.79 27.00 -41.87
CA ASP A 310 22.51 27.91 -42.78
C ASP A 310 23.45 28.71 -41.90
N LYS A 311 24.39 29.42 -42.51
CA LYS A 311 25.33 30.26 -41.76
C LYS A 311 24.88 31.72 -41.61
N THR A 312 23.60 31.93 -41.24
CA THR A 312 23.08 33.28 -41.06
C THR A 312 23.43 33.82 -39.69
N PRO A 313 24.24 34.87 -39.64
CA PRO A 313 24.67 35.49 -38.38
C PRO A 313 23.47 36.11 -37.68
N ALA A 314 23.63 36.44 -36.40
CA ALA A 314 22.52 36.96 -35.62
C ALA A 314 22.89 38.27 -34.96
N THR A 315 21.88 39.09 -34.70
CA THR A 315 22.10 40.41 -34.11
C THR A 315 21.80 40.47 -32.59
N GLY A 316 20.62 40.03 -32.18
CA GLY A 316 20.29 40.15 -30.77
C GLY A 316 20.42 38.83 -30.04
N TYR A 317 19.30 38.40 -29.49
CA TYR A 317 19.18 37.12 -28.83
C TYR A 317 18.58 36.12 -29.80
N ASP A 318 18.70 36.41 -31.10
CA ASP A 318 18.29 35.45 -32.12
C ASP A 318 19.21 34.22 -32.15
N SER A 319 20.37 34.33 -31.53
CA SER A 319 21.31 33.22 -31.45
C SER A 319 21.21 32.43 -30.12
N ALA A 320 20.43 32.96 -29.17
CA ALA A 320 20.21 32.29 -27.88
C ALA A 320 19.27 31.10 -28.04
N HIS A 321 19.76 29.93 -27.66
CA HIS A 321 18.88 28.77 -27.53
C HIS A 321 18.32 28.68 -26.09
N TYR A 322 18.98 29.39 -25.17
CA TYR A 322 18.55 29.52 -23.78
C TYR A 322 18.70 28.22 -22.93
N LEU A 323 19.55 27.31 -23.42
CA LEU A 323 19.90 26.07 -22.73
C LEU A 323 21.35 26.14 -22.33
N MET A 324 21.79 25.20 -21.48
CA MET A 324 23.20 25.03 -21.18
C MET A 324 23.79 24.13 -22.25
N ALA A 325 24.50 24.73 -23.20
CA ALA A 325 25.11 23.97 -24.28
C ALA A 325 26.34 23.25 -23.73
N TRP A 326 26.95 22.39 -24.53
CA TRP A 326 28.04 21.56 -24.00
C TRP A 326 29.17 22.37 -23.36
N TYR A 327 29.48 23.53 -23.92
CA TYR A 327 30.58 24.37 -23.39
C TYR A 327 30.46 25.82 -23.80
N THR A 328 31.26 26.63 -23.11
CA THR A 328 31.64 27.94 -23.57
C THR A 328 33.14 27.85 -23.63
N ALA A 329 33.70 28.31 -24.74
CA ALA A 329 35.15 28.48 -24.86
C ALA A 329 35.50 29.91 -25.20
N TRP A 330 36.60 30.37 -24.63
CA TRP A 330 37.12 31.70 -24.86
C TRP A 330 38.64 31.68 -24.69
N GLY A 331 39.30 32.68 -25.26
CA GLY A 331 40.73 32.83 -25.12
C GLY A 331 41.26 34.05 -25.83
N GLY A 332 42.57 34.24 -25.75
CA GLY A 332 43.21 35.35 -26.43
C GLY A 332 44.67 35.08 -26.75
N GLY A 333 45.41 36.15 -27.02
CA GLY A 333 46.84 36.05 -27.25
C GLY A 333 47.63 36.27 -25.98
N ILE A 334 48.76 35.58 -25.85
CA ILE A 334 49.72 35.84 -24.77
C ILE A 334 50.59 37.04 -25.13
N GLY A 335 51.14 37.02 -26.35
CA GLY A 335 51.96 38.12 -26.87
C GLY A 335 51.20 39.43 -27.03
N ALA A 336 50.72 39.67 -28.25
CA ALA A 336 49.87 40.84 -28.54
C ALA A 336 48.44 40.59 -28.04
N SER A 337 47.72 41.66 -27.70
CA SER A 337 46.37 41.53 -27.14
C SER A 337 45.25 41.45 -28.20
N TRP A 338 44.64 40.26 -28.28
CA TRP A 338 43.42 39.99 -29.04
C TRP A 338 42.61 38.96 -28.23
N ALA A 339 41.32 38.81 -28.53
CA ALA A 339 40.45 37.91 -27.76
C ALA A 339 39.24 37.39 -28.56
N TRP A 340 38.72 36.24 -28.14
CA TRP A 340 37.61 35.59 -28.82
C TRP A 340 36.72 34.81 -27.84
N LYS A 341 35.53 34.41 -28.31
CA LYS A 341 34.61 33.61 -27.52
C LYS A 341 33.67 32.81 -28.41
N ILE A 342 33.40 31.58 -27.97
CA ILE A 342 32.34 30.76 -28.58
C ILE A 342 31.36 30.24 -27.53
N GLY A 343 30.14 30.01 -28.00
CA GLY A 343 29.15 29.23 -27.28
C GLY A 343 29.25 27.79 -27.73
N CYS A 344 28.11 27.13 -27.86
CA CYS A 344 28.10 25.80 -28.45
C CYS A 344 26.72 25.62 -28.99
N SER A 345 26.60 24.97 -30.12
CA SER A 345 25.30 24.79 -30.75
C SER A 345 24.60 23.53 -30.26
N HIS A 346 25.33 22.68 -29.53
CA HIS A 346 24.81 21.37 -29.13
C HIS A 346 24.33 21.35 -27.67
N ALA A 347 23.16 20.76 -27.44
CA ALA A 347 22.54 20.74 -26.11
C ALA A 347 22.15 19.33 -25.67
N HIS A 348 22.61 18.95 -24.49
CA HIS A 348 22.34 17.65 -23.87
C HIS A 348 21.43 17.90 -22.66
N PHE A 349 20.38 17.09 -22.51
CA PHE A 349 19.48 17.22 -21.37
C PHE A 349 20.23 17.02 -20.03
N GLY A 350 21.26 16.16 -20.05
CA GLY A 350 22.08 15.87 -18.87
C GLY A 350 22.85 17.05 -18.30
N TYR A 351 22.82 18.18 -18.99
CA TYR A 351 23.66 19.33 -18.66
C TYR A 351 22.79 20.49 -18.23
N GLN A 352 21.48 20.33 -18.32
CA GLN A 352 20.58 21.37 -17.89
C GLN A 352 20.54 21.36 -16.36
N ASN A 353 20.28 22.52 -15.78
CA ASN A 353 20.03 22.63 -14.36
C ASN A 353 18.96 23.70 -14.12
N PRO A 354 17.70 23.33 -14.37
CA PRO A 354 16.58 24.27 -14.22
C PRO A 354 16.48 24.74 -12.80
N PHE A 355 17.02 23.97 -11.86
CA PHE A 355 17.06 24.44 -10.48
C PHE A 355 17.97 25.68 -10.33
N GLN A 356 19.25 25.56 -10.65
CA GLN A 356 20.15 26.72 -10.63
C GLN A 356 19.61 27.84 -11.50
N GLY A 357 19.06 27.45 -12.65
CA GLY A 357 18.37 28.41 -13.51
C GLY A 357 17.37 29.21 -12.70
N TRP A 358 16.54 28.51 -11.92
CA TRP A 358 15.45 29.14 -11.17
C TRP A 358 15.99 29.96 -10.01
N VAL A 359 17.09 29.52 -9.43
CA VAL A 359 17.72 30.24 -8.34
C VAL A 359 18.19 31.64 -8.81
N SER A 360 18.86 31.68 -9.95
CA SER A 360 19.43 32.93 -10.38
C SER A 360 18.32 33.85 -10.92
N ALA A 361 17.28 33.27 -11.51
CA ALA A 361 16.14 34.03 -12.00
C ALA A 361 15.19 34.61 -10.91
N THR A 362 15.09 33.95 -9.74
CA THR A 362 14.06 34.33 -8.77
C THR A 362 14.56 34.70 -7.38
N GLN A 363 15.67 34.13 -6.94
CA GLN A 363 16.08 34.29 -5.54
C GLN A 363 16.88 35.57 -5.31
N SER A 364 16.36 36.41 -4.43
CA SER A 364 16.96 37.68 -4.07
C SER A 364 18.49 37.62 -3.93
N ASP A 365 19.00 36.76 -3.03
CA ASP A 365 20.44 36.62 -2.77
C ASP A 365 21.29 36.24 -3.99
N PHE A 366 20.67 35.61 -4.98
CA PHE A 366 21.38 35.16 -6.16
C PHE A 366 21.08 36.04 -7.37
N ALA A 367 20.47 37.19 -7.10
CA ALA A 367 20.17 38.16 -8.14
C ALA A 367 21.48 38.57 -8.85
N PRO A 368 21.50 38.37 -10.17
CA PRO A 368 22.63 38.80 -11.01
C PRO A 368 22.87 40.30 -10.86
N LYS A 369 24.14 40.69 -10.77
CA LYS A 369 24.55 42.09 -10.83
C LYS A 369 24.31 42.73 -12.22
N SER A 370 24.39 41.94 -13.28
CA SER A 370 24.14 42.48 -14.61
C SER A 370 22.70 43.00 -14.68
N SER A 371 22.38 43.78 -15.70
CA SER A 371 21.10 44.43 -15.76
C SER A 371 20.08 43.53 -16.45
N ASN A 372 20.56 42.61 -17.27
CA ASN A 372 19.70 41.69 -18.01
C ASN A 372 19.75 40.23 -17.54
N GLY A 373 20.61 39.92 -16.58
CA GLY A 373 20.80 38.55 -16.11
C GLY A 373 19.54 37.84 -15.63
N LYS A 374 18.85 38.49 -14.68
CA LYS A 374 17.60 38.01 -14.16
C LYS A 374 16.59 37.70 -15.28
N ARG A 375 16.39 38.65 -16.18
CA ARG A 375 15.54 38.40 -17.34
C ARG A 375 15.94 37.15 -18.17
N ASP A 376 17.22 37.05 -18.52
CA ASP A 376 17.67 35.94 -19.39
C ASP A 376 17.49 34.60 -18.67
N TRP A 377 17.87 34.57 -17.41
CA TRP A 377 17.65 33.39 -16.60
C TRP A 377 16.18 32.96 -16.52
N THR A 378 15.30 33.94 -16.31
CA THR A 378 13.86 33.69 -16.27
C THR A 378 13.45 32.99 -17.55
N THR A 379 13.94 33.47 -18.69
CA THR A 379 13.66 32.80 -19.97
C THR A 379 14.26 31.38 -20.04
N SER A 380 15.49 31.26 -19.56
CA SER A 380 16.28 30.04 -19.70
C SER A 380 15.74 28.87 -18.83
N TYR A 381 15.51 29.10 -17.54
CA TYR A 381 15.07 28.01 -16.66
C TYR A 381 13.74 27.44 -17.16
N LYS A 382 12.83 28.29 -17.61
CA LYS A 382 11.58 27.79 -18.17
C LYS A 382 11.82 26.99 -19.45
N ARG A 383 12.72 27.51 -20.28
CA ARG A 383 13.02 26.90 -21.55
C ARG A 383 13.65 25.50 -21.38
N GLN A 384 14.55 25.38 -20.40
CA GLN A 384 15.09 24.09 -19.98
C GLN A 384 14.02 23.12 -19.49
N LEU A 385 12.97 23.61 -18.83
CA LEU A 385 11.96 22.69 -18.33
C LEU A 385 11.15 22.13 -19.48
N GLU A 386 10.98 22.93 -20.52
CA GLU A 386 10.27 22.45 -21.72
C GLU A 386 11.10 21.42 -22.48
N PHE A 387 12.42 21.55 -22.38
CA PHE A 387 13.39 20.68 -23.05
C PHE A 387 13.27 19.23 -22.53
N TYR A 388 13.28 19.07 -21.21
CA TYR A 388 13.06 17.77 -20.59
C TYR A 388 11.78 17.16 -21.08
N GLN A 389 10.71 17.97 -21.14
CA GLN A 389 9.41 17.43 -21.43
C GLN A 389 9.37 16.95 -22.87
N TRP A 390 10.02 17.71 -23.76
CA TRP A 390 10.07 17.37 -25.18
C TRP A 390 10.83 16.06 -25.39
N LEU A 391 11.86 15.85 -24.59
CA LEU A 391 12.76 14.71 -24.73
C LEU A 391 12.29 13.41 -24.07
N GLN A 392 11.17 13.44 -23.32
CA GLN A 392 10.71 12.27 -22.59
C GLN A 392 10.17 11.15 -23.49
N SER A 393 10.84 10.00 -23.48
CA SER A 393 10.41 8.84 -24.24
C SER A 393 9.05 8.36 -23.77
N ALA A 394 8.40 7.51 -24.57
CA ALA A 394 7.15 6.86 -24.20
C ALA A 394 7.27 6.13 -22.85
N GLU A 395 8.46 5.58 -22.58
CA GLU A 395 8.71 4.84 -21.34
C GLU A 395 8.93 5.77 -20.16
N GLY A 396 9.60 6.90 -20.39
CA GLY A 396 9.84 7.88 -19.35
C GLY A 396 11.23 8.46 -19.24
N GLY A 397 12.23 7.74 -19.75
CA GLY A 397 13.59 8.22 -19.67
C GLY A 397 13.78 9.38 -20.61
N ILE A 398 14.74 10.25 -20.31
CA ILE A 398 14.91 11.48 -21.09
C ILE A 398 15.92 11.30 -22.23
N ALA A 399 15.48 11.52 -23.48
CA ALA A 399 16.32 11.39 -24.66
C ALA A 399 17.38 12.50 -24.69
N GLY A 400 18.34 12.40 -25.61
CA GLY A 400 19.60 13.12 -25.52
C GLY A 400 19.61 14.63 -25.62
N GLY A 401 19.01 15.18 -26.67
CA GLY A 401 19.03 16.62 -26.84
C GLY A 401 18.86 17.11 -28.26
N ALA A 402 19.53 18.22 -28.57
CA ALA A 402 19.29 18.89 -29.83
C ALA A 402 20.45 19.79 -30.22
N THR A 403 20.45 20.19 -31.50
CA THR A 403 21.51 21.02 -32.07
C THR A 403 20.99 22.13 -32.97
N ASN A 404 21.72 23.25 -33.00
CA ASN A 404 21.45 24.34 -33.95
C ASN A 404 22.38 24.27 -35.18
N SER A 405 23.17 23.20 -35.27
CA SER A 405 24.16 23.06 -36.32
C SER A 405 24.36 21.62 -36.73
N TRP A 406 23.57 21.15 -37.67
CA TRP A 406 23.64 19.76 -38.08
C TRP A 406 25.04 19.46 -38.60
N ASN A 407 25.66 18.41 -38.05
CA ASN A 407 27.04 18.01 -38.39
C ASN A 407 28.11 19.07 -38.12
N GLY A 408 27.79 20.02 -37.25
CA GLY A 408 28.76 21.02 -36.84
C GLY A 408 29.09 22.00 -37.94
N ARG A 409 28.28 21.97 -38.99
CA ARG A 409 28.55 22.74 -40.21
C ARG A 409 27.27 23.41 -40.69
N TYR A 410 26.33 23.65 -39.77
CA TYR A 410 25.05 24.29 -40.05
C TYR A 410 24.35 23.79 -41.31
N GLU A 411 24.39 22.48 -41.54
CA GLU A 411 23.73 21.89 -42.71
C GLU A 411 22.21 21.85 -42.54
N LYS A 412 21.50 21.72 -43.66
CA LYS A 412 20.05 21.59 -43.63
C LYS A 412 19.68 20.32 -42.89
N TYR A 413 18.66 20.39 -42.03
CA TYR A 413 18.18 19.21 -41.32
C TYR A 413 17.65 18.19 -42.33
N PRO A 414 18.05 16.93 -42.19
CA PRO A 414 17.47 15.84 -42.98
C PRO A 414 15.94 15.89 -42.95
N ALA A 415 15.29 15.30 -43.93
CA ALA A 415 13.84 15.22 -43.93
C ALA A 415 13.31 14.53 -42.65
N GLY A 416 12.11 14.92 -42.22
CA GLY A 416 11.44 14.32 -41.09
C GLY A 416 12.07 14.59 -39.72
N THR A 417 13.07 15.48 -39.69
CA THR A 417 13.75 15.85 -38.45
C THR A 417 12.84 16.66 -37.52
N SER A 418 12.53 16.07 -36.38
CA SER A 418 11.74 16.76 -35.37
C SER A 418 12.58 17.83 -34.64
N THR A 419 11.95 18.95 -34.33
CA THR A 419 12.66 20.11 -33.79
C THR A 419 12.11 20.62 -32.46
N PHE A 420 12.91 21.46 -31.82
CA PHE A 420 12.57 22.11 -30.57
C PHE A 420 13.03 23.56 -30.68
N TYR A 421 12.08 24.48 -30.87
CA TYR A 421 12.38 25.89 -31.11
C TYR A 421 13.38 26.08 -32.27
N GLY A 422 13.21 25.29 -33.35
CA GLY A 422 14.13 25.34 -34.48
C GLY A 422 15.35 24.40 -34.46
N MET A 423 15.76 23.94 -33.28
CA MET A 423 16.90 23.04 -33.14
C MET A 423 16.51 21.61 -33.49
N ALA A 424 17.47 20.86 -34.05
CA ALA A 424 17.21 19.49 -34.50
C ALA A 424 17.46 18.50 -33.37
N TYR A 425 16.53 17.56 -33.19
CA TYR A 425 16.70 16.48 -32.23
C TYR A 425 17.94 15.63 -32.54
N VAL A 426 18.84 15.50 -31.56
CA VAL A 426 19.95 14.54 -31.68
C VAL A 426 20.01 13.56 -30.52
N PRO A 427 20.02 12.25 -30.83
CA PRO A 427 20.06 11.17 -29.84
C PRO A 427 21.30 11.21 -28.95
N HIS A 428 22.46 11.55 -29.50
CA HIS A 428 23.70 11.64 -28.73
C HIS A 428 24.48 12.93 -29.01
N PRO A 429 24.06 14.06 -28.41
CA PRO A 429 24.74 15.34 -28.62
C PRO A 429 26.24 15.27 -28.39
N VAL A 430 27.01 15.98 -29.21
CA VAL A 430 28.46 16.15 -29.00
C VAL A 430 29.33 14.91 -29.33
N TYR A 431 29.19 13.82 -28.58
CA TYR A 431 30.05 12.63 -28.74
C TYR A 431 29.31 11.34 -29.17
N ALA A 432 29.94 10.57 -30.06
CA ALA A 432 29.39 9.30 -30.47
C ALA A 432 30.19 8.07 -29.99
N ASP A 433 31.37 8.29 -29.40
CA ASP A 433 32.17 7.16 -28.89
C ASP A 433 32.60 7.29 -27.42
N PRO A 434 31.78 6.78 -26.47
CA PRO A 434 30.46 6.20 -26.78
C PRO A 434 29.37 7.27 -26.97
N GLY A 435 28.20 6.86 -27.46
CA GLY A 435 27.07 7.77 -27.55
C GLY A 435 26.83 8.52 -26.24
N SER A 436 26.78 9.86 -26.31
CA SER A 436 26.74 10.68 -25.11
C SER A 436 25.47 10.47 -24.26
N ASN A 437 24.43 9.88 -24.85
CA ASN A 437 23.25 9.50 -24.06
C ASN A 437 23.06 8.01 -23.81
N GLN A 438 24.15 7.25 -23.85
CA GLN A 438 24.12 5.84 -23.46
C GLN A 438 24.13 5.68 -21.92
N TRP A 439 24.86 6.56 -21.25
CA TRP A 439 24.99 6.49 -19.81
C TRP A 439 23.72 6.89 -19.06
N PHE A 440 23.19 5.93 -18.31
CA PHE A 440 22.06 6.15 -17.40
C PHE A 440 22.35 7.25 -16.37
N GLY A 441 23.60 7.45 -16.02
CA GLY A 441 23.94 8.47 -15.04
C GLY A 441 23.34 9.85 -15.28
N PHE A 442 23.24 10.27 -16.55
CA PHE A 442 22.66 11.58 -16.85
C PHE A 442 21.19 11.70 -16.40
N GLN A 443 20.46 10.59 -16.44
CA GLN A 443 19.09 10.55 -15.97
C GLN A 443 19.02 10.94 -14.50
N ALA A 444 19.81 10.24 -13.67
CA ALA A 444 19.84 10.52 -12.25
C ALA A 444 20.28 11.96 -11.99
N TRP A 445 21.47 12.30 -12.50
CA TRP A 445 22.10 13.61 -12.31
C TRP A 445 21.18 14.78 -12.67
N SER A 446 20.55 14.70 -13.84
CA SER A 446 19.82 15.82 -14.42
C SER A 446 18.38 15.87 -13.90
N MET A 447 17.76 14.71 -13.70
CA MET A 447 16.42 14.68 -13.10
C MET A 447 16.42 14.98 -11.60
N GLN A 448 17.54 14.84 -10.93
CA GLN A 448 17.65 15.19 -9.51
C GLN A 448 17.40 16.69 -9.37
N ARG A 449 17.89 17.45 -10.35
CA ARG A 449 17.77 18.90 -10.40
C ARG A 449 16.31 19.30 -10.56
N VAL A 450 15.62 18.57 -11.42
CA VAL A 450 14.18 18.81 -11.61
C VAL A 450 13.42 18.56 -10.30
N MET A 451 13.84 17.53 -9.54
CA MET A 451 13.17 17.19 -8.28
C MET A 451 13.27 18.35 -7.31
N GLU A 452 14.47 18.85 -7.09
CA GLU A 452 14.72 20.00 -6.25
C GLU A 452 13.90 21.21 -6.73
N TYR A 453 13.84 21.42 -8.04
CA TYR A 453 12.98 22.47 -8.59
C TYR A 453 11.50 22.32 -8.22
N TYR A 454 10.96 21.10 -8.35
CA TYR A 454 9.59 20.82 -7.94
C TYR A 454 9.44 20.97 -6.42
N LEU A 455 10.39 20.44 -5.67
CA LEU A 455 10.39 20.59 -4.23
C LEU A 455 10.21 22.06 -3.81
N GLU A 456 10.99 22.94 -4.44
CA GLU A 456 11.07 24.34 -4.04
C GLU A 456 10.01 25.23 -4.65
N THR A 457 9.36 24.82 -5.74
CA THR A 457 8.36 25.69 -6.37
C THR A 457 6.93 25.13 -6.38
N GLY A 458 6.81 23.81 -6.28
CA GLY A 458 5.53 23.13 -6.41
C GLY A 458 4.92 23.29 -7.78
N ASP A 459 5.76 23.67 -8.74
CA ASP A 459 5.37 23.88 -10.13
C ASP A 459 4.70 22.69 -10.79
N SER A 460 3.40 22.85 -10.96
CA SER A 460 2.46 21.91 -11.53
C SER A 460 2.79 21.43 -12.93
N SER A 461 3.44 22.27 -13.73
CA SER A 461 3.66 21.97 -15.15
C SER A 461 4.70 20.86 -15.34
N VAL A 462 5.32 20.49 -14.23
CA VAL A 462 6.47 19.62 -14.18
C VAL A 462 6.11 18.24 -13.59
N LYS A 463 4.86 18.15 -13.12
CA LYS A 463 4.39 16.99 -12.39
C LYS A 463 4.31 15.70 -13.24
N ASN A 464 3.73 15.78 -14.44
CA ASN A 464 3.66 14.61 -15.32
C ASN A 464 5.02 14.08 -15.74
N LEU A 465 5.91 15.01 -16.09
CA LEU A 465 7.29 14.69 -16.43
C LEU A 465 7.95 13.87 -15.31
N ILE A 466 7.88 14.42 -14.10
CA ILE A 466 8.49 13.83 -12.94
C ILE A 466 7.92 12.46 -12.62
N LYS A 467 6.60 12.35 -12.56
CA LYS A 467 5.92 11.09 -12.23
C LYS A 467 6.25 9.99 -13.25
N LYS A 468 6.23 10.34 -14.52
CA LYS A 468 6.50 9.38 -15.57
C LYS A 468 7.95 8.88 -15.46
N TRP A 469 8.89 9.80 -15.24
CA TRP A 469 10.29 9.42 -15.02
C TRP A 469 10.49 8.54 -13.78
N VAL A 470 9.88 8.92 -12.66
CA VAL A 470 9.90 8.08 -11.45
C VAL A 470 9.36 6.66 -11.71
N ASP A 471 8.20 6.55 -12.37
CA ASP A 471 7.65 5.25 -12.71
C ASP A 471 8.64 4.40 -13.52
N TRP A 472 9.36 5.06 -14.43
CA TRP A 472 10.28 4.36 -15.34
C TRP A 472 11.46 3.80 -14.53
N VAL A 473 12.05 4.67 -13.76
CA VAL A 473 13.18 4.36 -12.89
C VAL A 473 12.81 3.29 -11.84
N MET A 474 11.65 3.42 -11.20
CA MET A 474 11.17 2.40 -10.27
C MET A 474 11.06 1.00 -10.93
N SER A 475 10.69 0.96 -12.21
CA SER A 475 10.58 -0.32 -12.90
C SER A 475 11.94 -0.89 -13.32
N GLU A 476 13.00 -0.12 -13.12
CA GLU A 476 14.33 -0.53 -13.59
C GLU A 476 15.34 -0.80 -12.49
N ILE A 477 15.03 -0.37 -11.27
CA ILE A 477 15.88 -0.71 -10.13
C ILE A 477 15.57 -2.15 -9.72
N LYS A 478 16.61 -2.97 -9.62
CA LYS A 478 16.46 -4.37 -9.23
C LYS A 478 16.98 -4.54 -7.81
N LEU A 479 16.15 -5.05 -6.92
CA LEU A 479 16.61 -5.34 -5.57
C LEU A 479 16.57 -6.85 -5.36
N TYR A 480 17.59 -7.39 -4.73
CA TYR A 480 17.68 -8.82 -4.54
C TYR A 480 17.56 -9.21 -3.08
N ASP A 481 16.96 -10.37 -2.83
CA ASP A 481 16.73 -10.81 -1.46
C ASP A 481 18.03 -10.98 -0.67
N ASP A 482 19.15 -11.12 -1.36
CA ASP A 482 20.44 -11.26 -0.66
C ASP A 482 21.07 -9.90 -0.30
N GLY A 483 20.31 -8.81 -0.45
CA GLY A 483 20.76 -7.49 -0.03
C GLY A 483 21.56 -6.72 -1.06
N THR A 484 21.67 -7.24 -2.28
CA THR A 484 22.37 -6.54 -3.35
C THR A 484 21.38 -5.79 -4.24
N PHE A 485 21.90 -5.10 -5.25
CA PHE A 485 21.05 -4.29 -6.11
C PHE A 485 21.67 -4.22 -7.48
N ALA A 486 20.89 -3.81 -8.45
CA ALA A 486 21.42 -3.46 -9.76
C ALA A 486 20.60 -2.30 -10.30
N ILE A 487 21.24 -1.42 -11.04
CA ILE A 487 20.55 -0.30 -11.66
C ILE A 487 20.99 -0.18 -13.11
N PRO A 488 20.18 0.46 -13.96
CA PRO A 488 20.58 0.63 -15.36
C PRO A 488 21.95 1.30 -15.48
N SER A 489 22.69 0.88 -16.51
CA SER A 489 24.04 1.35 -16.76
C SER A 489 24.04 1.95 -18.17
N ASP A 490 23.63 1.17 -19.16
CA ASP A 490 23.67 1.55 -20.56
C ASP A 490 22.28 1.58 -21.14
N LEU A 491 22.02 2.60 -21.93
CA LEU A 491 20.72 2.84 -22.49
C LEU A 491 20.81 2.83 -24.02
N GLU A 492 19.74 2.39 -24.66
CA GLU A 492 19.68 2.36 -26.12
C GLU A 492 18.40 3.07 -26.60
N TRP A 493 18.58 3.99 -27.55
CA TRP A 493 17.51 4.88 -28.00
C TRP A 493 17.06 4.62 -29.42
N SER A 494 15.75 4.70 -29.67
CA SER A 494 15.25 4.70 -31.04
C SER A 494 14.14 5.74 -31.26
N GLY A 495 13.95 6.11 -32.53
CA GLY A 495 12.93 7.06 -32.93
C GLY A 495 13.27 8.51 -32.60
N GLN A 496 12.23 9.34 -32.61
CA GLN A 496 12.32 10.78 -32.38
C GLN A 496 11.13 11.25 -31.58
N PRO A 497 11.31 12.28 -30.75
CA PRO A 497 10.16 12.93 -30.11
C PRO A 497 9.30 13.55 -31.21
N ASP A 498 8.03 13.80 -30.97
CA ASP A 498 7.28 14.65 -31.89
C ASP A 498 7.90 16.07 -31.79
N THR A 499 7.80 16.85 -32.86
CA THR A 499 8.25 18.25 -32.87
C THR A 499 7.53 19.03 -31.76
N TRP A 500 8.27 19.87 -31.03
CA TRP A 500 7.71 20.58 -29.88
C TRP A 500 6.69 21.67 -30.26
N THR A 501 5.51 21.52 -29.68
CA THR A 501 4.39 22.45 -29.87
C THR A 501 4.13 23.29 -28.61
N GLY A 502 4.94 23.05 -27.57
CA GLY A 502 4.71 23.67 -26.28
C GLY A 502 4.03 22.72 -25.30
N THR A 503 3.69 21.52 -25.75
CA THR A 503 2.96 20.57 -24.94
C THR A 503 3.31 19.10 -25.25
N TYR A 504 3.50 18.32 -24.18
CA TYR A 504 3.89 16.93 -24.30
C TYR A 504 2.84 16.07 -25.00
N THR A 505 3.29 15.28 -25.96
CA THR A 505 2.40 14.39 -26.72
C THR A 505 2.40 12.97 -26.16
N GLY A 506 3.44 12.65 -25.40
CA GLY A 506 3.65 11.27 -24.98
C GLY A 506 4.74 10.62 -25.82
N ASN A 507 5.20 11.32 -26.86
CA ASN A 507 6.18 10.81 -27.83
C ASN A 507 6.12 9.30 -28.01
N PRO A 508 5.05 8.77 -28.60
CA PRO A 508 4.85 7.32 -28.63
C PRO A 508 5.85 6.59 -29.52
N ASN A 509 6.68 7.33 -30.26
CA ASN A 509 7.66 6.72 -31.16
C ASN A 509 9.11 6.96 -30.73
N LEU A 510 9.28 7.52 -29.54
CA LEU A 510 10.60 7.69 -28.94
C LEU A 510 10.76 6.64 -27.87
N HIS A 511 11.69 5.71 -28.07
CA HIS A 511 11.85 4.60 -27.15
C HIS A 511 13.23 4.52 -26.49
N VAL A 512 13.25 4.12 -25.21
CA VAL A 512 14.48 3.78 -24.50
C VAL A 512 14.39 2.33 -23.97
N ARG A 513 15.51 1.63 -24.07
CA ARG A 513 15.65 0.27 -23.56
C ARG A 513 16.90 0.28 -22.70
N VAL A 514 16.87 -0.42 -21.57
CA VAL A 514 18.09 -0.62 -20.80
C VAL A 514 18.79 -1.86 -21.35
N THR A 515 20.05 -1.71 -21.73
CA THR A 515 20.81 -2.85 -22.28
C THR A 515 21.82 -3.46 -21.33
N SER A 516 22.14 -2.78 -20.24
CA SER A 516 22.93 -3.42 -19.20
C SER A 516 22.73 -2.73 -17.87
N TYR A 517 23.02 -3.46 -16.80
CA TYR A 517 22.83 -2.95 -15.45
C TYR A 517 24.12 -3.13 -14.70
N GLY A 518 24.28 -2.40 -13.61
CA GLY A 518 25.46 -2.59 -12.80
C GLY A 518 25.22 -2.07 -11.40
N THR A 519 26.31 -1.64 -10.79
CA THR A 519 26.28 -1.35 -9.38
C THR A 519 26.99 -0.02 -9.07
N ASP A 520 26.99 0.86 -10.07
CA ASP A 520 27.68 2.17 -10.04
C ASP A 520 27.25 2.98 -8.81
N LEU A 521 28.18 3.20 -7.90
CA LEU A 521 27.85 3.72 -6.59
C LEU A 521 27.38 5.19 -6.63
N GLY A 522 28.13 5.99 -7.38
CA GLY A 522 27.79 7.39 -7.58
C GLY A 522 26.40 7.58 -8.16
N VAL A 523 26.09 6.84 -9.22
CA VAL A 523 24.76 6.90 -9.83
C VAL A 523 23.68 6.40 -8.87
N ALA A 524 24.02 5.41 -8.05
CA ALA A 524 23.06 4.87 -7.08
C ALA A 524 22.72 5.99 -6.10
N GLY A 525 23.74 6.64 -5.56
CA GLY A 525 23.56 7.77 -4.65
C GLY A 525 22.65 8.87 -5.21
N SER A 526 22.99 9.30 -6.42
CA SER A 526 22.32 10.35 -7.17
C SER A 526 20.87 9.97 -7.46
N LEU A 527 20.66 8.74 -7.93
CA LEU A 527 19.30 8.19 -8.10
C LEU A 527 18.50 8.20 -6.79
N ALA A 528 19.14 7.79 -5.69
CA ALA A 528 18.55 7.83 -4.36
C ALA A 528 18.17 9.26 -3.99
N ASN A 529 19.14 10.17 -4.10
CA ASN A 529 18.92 11.61 -3.90
C ASN A 529 17.65 12.08 -4.60
N ALA A 530 17.60 11.80 -5.91
CA ALA A 530 16.46 12.14 -6.75
C ALA A 530 15.14 11.61 -6.18
N LEU A 531 15.09 10.33 -5.82
CA LEU A 531 13.87 9.73 -5.26
C LEU A 531 13.49 10.30 -3.88
N ALA A 532 14.47 10.56 -3.03
CA ALA A 532 14.21 11.12 -1.71
C ALA A 532 13.70 12.57 -1.81
N THR A 533 14.36 13.34 -2.67
CA THR A 533 13.98 14.71 -2.98
C THR A 533 12.56 14.72 -3.53
N TYR A 534 12.30 13.88 -4.53
CA TYR A 534 10.96 13.77 -5.09
C TYR A 534 9.91 13.43 -4.03
N ALA A 535 10.21 12.44 -3.18
CA ALA A 535 9.31 12.01 -2.13
C ALA A 535 9.02 13.19 -1.19
N ALA A 536 10.06 13.90 -0.77
CA ALA A 536 9.88 15.11 0.01
C ALA A 536 8.94 16.10 -0.68
N ALA A 537 9.11 16.27 -1.98
CA ALA A 537 8.23 17.13 -2.75
C ALA A 537 6.78 16.66 -2.79
N THR A 538 6.53 15.34 -2.86
CA THR A 538 5.12 14.87 -2.78
C THR A 538 4.51 15.18 -1.41
N GLU A 539 5.32 15.09 -0.35
CA GLU A 539 4.83 15.36 0.98
C GLU A 539 4.43 16.83 1.14
N ARG A 540 5.29 17.73 0.66
CA ARG A 540 5.00 19.17 0.71
C ARG A 540 3.81 19.59 -0.19
N TRP A 541 3.79 19.16 -1.45
CA TRP A 541 2.81 19.75 -2.40
C TRP A 541 1.57 18.94 -2.71
N GLU A 542 1.60 17.64 -2.45
CA GLU A 542 0.55 16.74 -2.90
C GLU A 542 -0.33 16.21 -1.76
N GLY A 543 -1.38 15.49 -2.15
CA GLY A 543 -2.25 14.84 -1.17
C GLY A 543 -1.49 14.03 -0.10
N LYS A 544 -0.41 13.40 -0.52
CA LYS A 544 0.33 12.57 0.43
C LYS A 544 1.78 12.30 0.02
N LEU A 545 2.56 11.89 1.01
CA LEU A 545 3.90 11.37 0.82
C LEU A 545 3.95 10.14 -0.12
N ASP A 546 4.87 10.15 -1.08
CA ASP A 546 5.17 8.97 -1.86
C ASP A 546 6.17 8.07 -1.11
N THR A 547 5.58 7.12 -0.42
CA THR A 547 6.20 6.16 0.48
C THR A 547 7.19 5.22 -0.22
N LYS A 548 6.81 4.78 -1.41
CA LYS A 548 7.64 3.89 -2.23
C LYS A 548 8.93 4.58 -2.69
N ALA A 549 8.83 5.82 -3.14
CA ALA A 549 10.03 6.56 -3.57
C ALA A 549 10.98 6.75 -2.39
N ARG A 550 10.42 7.13 -1.23
CA ARG A 550 11.21 7.34 -0.02
C ARG A 550 11.97 6.09 0.39
N ASP A 551 11.24 4.96 0.45
CA ASP A 551 11.80 3.68 0.83
C ASP A 551 12.81 3.16 -0.19
N MET A 552 12.54 3.39 -1.47
CA MET A 552 13.47 2.98 -2.52
C MET A 552 14.80 3.73 -2.41
N ALA A 553 14.72 5.04 -2.17
CA ALA A 553 15.91 5.86 -1.91
C ALA A 553 16.69 5.27 -0.75
N ALA A 554 16.00 4.90 0.33
CA ALA A 554 16.68 4.30 1.50
C ALA A 554 17.31 2.95 1.16
N GLU A 555 16.61 2.16 0.34
CA GLU A 555 17.13 0.87 -0.18
C GLU A 555 18.43 1.04 -0.98
N LEU A 556 18.47 2.04 -1.86
CA LEU A 556 19.66 2.29 -2.67
C LEU A 556 20.85 2.69 -1.80
N VAL A 557 20.61 3.55 -0.81
CA VAL A 557 21.65 4.00 0.13
C VAL A 557 22.15 2.86 1.01
N ASN A 558 21.22 2.07 1.55
CA ASN A 558 21.59 0.91 2.37
C ASN A 558 22.44 -0.09 1.58
N ARG A 559 22.02 -0.38 0.35
CA ARG A 559 22.68 -1.42 -0.44
C ARG A 559 24.01 -0.97 -1.06
N ALA A 560 24.12 0.30 -1.43
CA ALA A 560 25.40 0.85 -1.87
C ALA A 560 26.43 0.83 -0.72
N TRP A 561 26.00 1.26 0.47
CA TRP A 561 26.87 1.34 1.65
C TRP A 561 27.26 -0.06 2.15
N TYR A 562 26.25 -0.91 2.36
CA TYR A 562 26.47 -2.27 2.84
C TYR A 562 27.39 -3.08 1.93
N ASN A 563 27.11 -3.07 0.63
CA ASN A 563 27.82 -3.98 -0.27
C ASN A 563 29.16 -3.48 -0.76
N PHE A 564 29.41 -2.18 -0.66
CA PHE A 564 30.64 -1.61 -1.23
C PHE A 564 31.54 -0.84 -0.27
N TYR A 565 31.36 -1.14 1.01
CA TYR A 565 32.13 -0.59 2.10
C TYR A 565 33.61 -0.92 1.95
N CYS A 566 34.43 0.09 2.20
CA CYS A 566 35.89 -0.05 2.14
C CYS A 566 36.38 -0.35 3.53
N SER A 567 36.91 -1.55 3.70
CA SER A 567 37.34 -2.03 5.01
C SER A 567 38.50 -1.25 5.61
N GLU A 568 39.33 -0.65 4.76
CA GLU A 568 40.48 0.11 5.25
C GLU A 568 40.16 1.61 5.55
N GLY A 569 38.88 1.98 5.48
CA GLY A 569 38.45 3.30 5.94
C GLY A 569 38.33 4.43 4.92
N LYS A 570 38.34 4.10 3.63
CA LYS A 570 38.30 5.12 2.58
C LYS A 570 36.91 5.50 2.06
N GLY A 571 35.87 4.90 2.64
CA GLY A 571 34.50 5.18 2.26
C GLY A 571 33.87 3.98 1.59
N VAL A 572 33.47 4.14 0.33
CA VAL A 572 32.94 3.05 -0.45
C VAL A 572 33.87 2.80 -1.61
N VAL A 573 33.78 1.63 -2.20
CA VAL A 573 34.67 1.28 -3.30
C VAL A 573 33.97 0.42 -4.31
N THR A 574 34.31 0.69 -5.56
CA THR A 574 33.76 0.02 -6.71
C THR A 574 34.57 -1.25 -7.04
N GLU A 575 33.93 -2.20 -7.71
CA GLU A 575 34.65 -3.27 -8.41
C GLU A 575 34.08 -3.36 -9.82
N GLU A 576 34.90 -3.03 -10.81
CA GLU A 576 34.39 -2.87 -12.16
C GLU A 576 35.30 -3.45 -13.23
N ALA A 577 34.69 -4.16 -14.17
CA ALA A 577 35.38 -4.69 -15.35
C ALA A 577 35.53 -3.58 -16.40
N ARG A 578 36.75 -3.34 -16.84
CA ARG A 578 37.02 -2.28 -17.83
C ARG A 578 37.52 -2.87 -19.17
N ALA A 579 36.59 -3.42 -19.94
CA ALA A 579 36.92 -3.99 -21.26
C ALA A 579 37.61 -2.96 -22.16
N ASP A 580 37.11 -1.72 -22.10
CA ASP A 580 37.65 -0.59 -22.86
C ASP A 580 39.13 -0.29 -22.60
N TYR A 581 39.71 -0.86 -21.54
CA TYR A 581 41.11 -0.59 -21.22
C TYR A 581 42.12 -1.27 -22.17
N LYS A 582 41.64 -2.22 -22.98
CA LYS A 582 42.41 -2.73 -24.11
C LYS A 582 42.84 -1.58 -25.03
N ARG A 583 42.01 -0.53 -25.08
CA ARG A 583 42.29 0.62 -25.93
C ARG A 583 43.51 1.40 -25.43
N PHE A 584 43.94 1.15 -24.19
CA PHE A 584 45.22 1.65 -23.73
C PHE A 584 46.28 1.32 -24.77
N PHE A 585 46.12 0.17 -25.43
CA PHE A 585 47.17 -0.41 -26.26
C PHE A 585 46.83 -0.53 -27.75
N GLU A 586 45.55 -0.70 -28.07
CA GLU A 586 45.09 -0.88 -29.45
C GLU A 586 44.68 0.42 -30.17
N GLN A 587 44.36 1.47 -29.41
CA GLN A 587 43.77 2.66 -30.02
C GLN A 587 44.81 3.58 -30.67
N GLU A 588 44.69 3.73 -31.99
CA GLU A 588 45.52 4.67 -32.73
C GLU A 588 44.98 6.08 -32.55
N VAL A 589 45.87 6.97 -32.12
CA VAL A 589 45.58 8.39 -32.00
C VAL A 589 46.06 9.08 -33.29
N TYR A 590 45.14 9.77 -33.97
CA TYR A 590 45.44 10.43 -35.23
C TYR A 590 46.38 11.63 -35.06
N VAL A 591 47.47 11.63 -35.84
CA VAL A 591 48.37 12.78 -35.96
C VAL A 591 48.45 13.13 -37.45
N PRO A 592 48.26 14.41 -37.81
CA PRO A 592 48.31 14.82 -39.22
C PRO A 592 49.62 14.37 -39.89
N ALA A 593 49.49 13.87 -41.12
CA ALA A 593 50.65 13.38 -41.88
C ALA A 593 51.73 14.47 -42.01
N GLY A 594 52.94 14.14 -41.56
CA GLY A 594 54.05 15.10 -41.58
C GLY A 594 54.20 15.90 -40.30
N TRP A 595 53.17 15.90 -39.47
CA TRP A 595 53.21 16.61 -38.19
C TRP A 595 54.11 15.85 -37.21
N SER A 596 54.99 16.57 -36.52
CA SER A 596 55.86 15.96 -35.53
C SER A 596 56.03 16.86 -34.29
N GLY A 597 55.98 16.25 -33.11
CA GLY A 597 56.17 16.95 -31.85
C GLY A 597 56.49 16.05 -30.68
N THR A 598 56.86 16.65 -29.54
CA THR A 598 57.19 15.89 -28.34
C THR A 598 56.38 16.28 -27.10
N MET A 599 56.01 15.28 -26.31
CA MET A 599 55.47 15.51 -24.96
C MET A 599 56.60 15.88 -24.01
N PRO A 600 56.31 16.68 -22.98
CA PRO A 600 57.32 17.11 -22.00
C PRO A 600 58.30 16.06 -21.45
N ASN A 601 58.04 14.78 -21.70
CA ASN A 601 58.85 13.69 -21.16
C ASN A 601 59.65 12.97 -22.25
N GLY A 602 59.53 13.42 -23.50
CA GLY A 602 60.17 12.78 -24.62
C GLY A 602 59.26 11.96 -25.52
N ASP A 603 58.19 11.39 -24.95
CA ASP A 603 57.23 10.62 -25.76
C ASP A 603 57.04 11.38 -27.10
N LYS A 604 57.13 10.65 -28.20
CA LYS A 604 57.08 11.28 -29.51
C LYS A 604 55.70 11.25 -30.15
N ILE A 605 55.21 12.43 -30.54
CA ILE A 605 53.92 12.55 -31.22
C ILE A 605 54.13 12.53 -32.72
N GLN A 606 53.67 11.46 -33.35
CA GLN A 606 53.85 11.25 -34.78
C GLN A 606 52.81 10.23 -35.24
N PRO A 607 52.50 10.17 -36.53
CA PRO A 607 51.54 9.18 -37.05
C PRO A 607 51.77 7.75 -36.56
N GLY A 608 50.68 7.03 -36.26
CA GLY A 608 50.76 5.64 -35.86
C GLY A 608 50.85 5.36 -34.36
N ILE A 609 50.87 6.41 -33.55
CA ILE A 609 50.90 6.30 -32.08
C ILE A 609 49.65 5.65 -31.46
N LYS A 610 49.88 4.87 -30.41
CA LYS A 610 48.80 4.32 -29.59
C LYS A 610 48.58 5.22 -28.35
N PHE A 611 47.37 5.23 -27.78
CA PHE A 611 47.07 6.00 -26.55
C PHE A 611 48.25 6.03 -25.57
N ILE A 612 48.78 4.86 -25.22
CA ILE A 612 49.90 4.74 -24.27
C ILE A 612 51.20 5.41 -24.74
N ASP A 613 51.34 5.59 -26.06
CA ASP A 613 52.57 6.13 -26.64
C ASP A 613 52.87 7.58 -26.28
N ILE A 614 51.84 8.40 -26.13
CA ILE A 614 52.04 9.78 -25.65
C ILE A 614 51.82 9.91 -24.15
N ARG A 615 51.56 8.77 -23.50
CA ARG A 615 51.29 8.72 -22.08
C ARG A 615 52.21 7.71 -21.37
N THR A 616 53.49 7.78 -21.72
CA THR A 616 54.52 6.80 -21.35
C THR A 616 54.73 6.59 -19.84
N LYS A 617 54.52 7.64 -19.05
CA LYS A 617 54.66 7.57 -17.60
C LYS A 617 53.65 6.61 -16.95
N TYR A 618 52.59 6.27 -17.69
CA TYR A 618 51.60 5.30 -17.23
C TYR A 618 52.18 3.93 -16.94
N ARG A 619 53.25 3.57 -17.66
CA ARG A 619 53.94 2.29 -17.45
C ARG A 619 54.49 2.14 -16.05
N GLN A 620 54.74 3.27 -15.38
CA GLN A 620 55.19 3.24 -13.98
C GLN A 620 54.06 3.37 -12.95
N ASP A 621 52.81 3.31 -13.41
CA ASP A 621 51.65 3.37 -12.52
C ASP A 621 51.44 2.04 -11.80
N PRO A 622 51.17 2.08 -10.48
CA PRO A 622 50.96 0.85 -9.70
C PRO A 622 49.96 -0.15 -10.30
N TYR A 623 49.03 0.31 -11.12
CA TYR A 623 48.07 -0.59 -11.74
C TYR A 623 48.30 -0.86 -13.24
N TYR A 624 49.48 -0.46 -13.74
CA TYR A 624 49.79 -0.66 -15.17
C TYR A 624 49.89 -2.13 -15.49
N ASP A 625 50.73 -2.84 -14.71
CA ASP A 625 50.98 -4.26 -14.92
C ASP A 625 49.67 -5.03 -15.03
N ILE A 626 48.77 -4.80 -14.08
CA ILE A 626 47.46 -5.46 -14.04
C ILE A 626 46.62 -5.24 -15.30
N VAL A 627 46.69 -4.06 -15.90
CA VAL A 627 45.92 -3.83 -17.15
C VAL A 627 46.69 -4.29 -18.41
N TYR A 628 48.03 -4.27 -18.34
CA TYR A 628 48.85 -4.81 -19.43
C TYR A 628 48.71 -6.33 -19.53
N GLN A 629 48.94 -7.03 -18.41
CA GLN A 629 48.82 -8.51 -18.37
C GLN A 629 47.41 -8.96 -18.67
N ALA A 630 46.43 -8.11 -18.38
CA ALA A 630 45.04 -8.40 -18.72
C ALA A 630 44.84 -8.27 -20.22
N TYR A 631 45.54 -7.31 -20.81
CA TYR A 631 45.50 -7.10 -22.26
C TYR A 631 46.12 -8.31 -22.98
N LEU A 632 47.33 -8.69 -22.57
CA LEU A 632 48.05 -9.85 -23.12
C LEU A 632 47.21 -11.14 -23.16
N ARG A 633 46.43 -11.38 -22.11
CA ARG A 633 45.56 -12.56 -22.03
C ARG A 633 44.23 -12.37 -22.76
N GLY A 634 44.02 -11.21 -23.37
CA GLY A 634 42.78 -10.93 -24.07
C GLY A 634 41.55 -10.88 -23.17
N GLU A 635 41.72 -10.32 -21.98
CA GLU A 635 40.67 -10.24 -20.97
C GLU A 635 40.48 -8.80 -20.46
N ALA A 636 39.28 -8.52 -19.94
CA ALA A 636 38.97 -7.23 -19.31
C ALA A 636 39.50 -7.17 -17.88
N PRO A 637 40.34 -6.17 -17.57
CA PRO A 637 40.88 -6.04 -16.21
C PRO A 637 39.79 -5.61 -15.23
N VAL A 638 39.96 -5.94 -13.96
CA VAL A 638 38.97 -5.62 -12.95
C VAL A 638 39.59 -4.66 -11.96
N LEU A 639 38.95 -3.50 -11.82
CA LEU A 639 39.51 -2.40 -11.04
C LEU A 639 38.63 -1.98 -9.86
N ASN A 640 39.28 -1.39 -8.85
CA ASN A 640 38.61 -0.82 -7.68
C ASN A 640 38.86 0.68 -7.61
N TYR A 641 37.77 1.45 -7.63
CA TYR A 641 37.88 2.90 -7.66
C TYR A 641 37.19 3.58 -6.51
N HIS A 642 37.87 4.57 -5.97
CA HIS A 642 37.30 5.55 -5.06
C HIS A 642 37.28 6.89 -5.80
N ARG A 643 36.28 7.11 -6.65
CA ARG A 643 36.12 8.41 -7.31
C ARG A 643 35.52 9.39 -6.33
N PHE A 644 36.06 10.62 -6.35
CA PHE A 644 35.57 11.68 -5.48
C PHE A 644 34.05 11.84 -5.57
N TRP A 645 33.53 11.97 -6.79
CA TRP A 645 32.10 12.20 -6.97
C TRP A 645 31.18 11.03 -6.57
N HIS A 646 31.67 9.80 -6.73
CA HIS A 646 30.93 8.63 -6.28
C HIS A 646 30.70 8.69 -4.78
N GLU A 647 31.75 8.98 -4.03
CA GLU A 647 31.66 9.11 -2.58
C GLU A 647 30.73 10.26 -2.18
N VAL A 648 30.80 11.37 -2.94
CA VAL A 648 30.00 12.56 -2.61
C VAL A 648 28.52 12.39 -2.94
N ASP A 649 28.18 11.92 -4.15
CA ASP A 649 26.79 11.58 -4.47
C ASP A 649 26.16 10.61 -3.46
N LEU A 650 26.90 9.59 -3.04
CA LEU A 650 26.40 8.70 -1.98
C LEU A 650 26.20 9.47 -0.68
N ALA A 651 27.23 10.21 -0.23
CA ALA A 651 27.15 10.94 1.05
C ALA A 651 26.01 11.95 1.06
N VAL A 652 25.82 12.64 -0.06
CA VAL A 652 24.76 13.64 -0.15
C VAL A 652 23.38 12.97 -0.08
N ALA A 653 23.20 11.86 -0.79
CA ALA A 653 21.98 11.06 -0.67
C ALA A 653 21.66 10.76 0.79
N MET A 654 22.68 10.35 1.57
CA MET A 654 22.48 10.11 3.01
C MET A 654 21.99 11.39 3.70
N GLY A 655 22.58 12.51 3.31
CA GLY A 655 22.21 13.81 3.87
C GLY A 655 20.81 14.25 3.51
N VAL A 656 20.35 13.90 2.31
CA VAL A 656 18.96 14.21 1.92
C VAL A 656 17.94 13.42 2.76
N LEU A 657 18.18 12.12 2.93
CA LEU A 657 17.42 11.31 3.88
C LEU A 657 17.44 11.93 5.30
N ALA A 658 18.62 12.29 5.81
CA ALA A 658 18.73 12.91 7.13
C ALA A 658 17.92 14.19 7.20
N THR A 659 17.84 14.89 6.07
CA THR A 659 17.20 16.20 6.03
C THR A 659 15.67 16.15 5.98
N TYR A 660 15.12 15.33 5.09
CA TYR A 660 13.68 15.30 4.90
C TYR A 660 13.02 14.13 5.61
N PHE A 661 13.81 13.16 6.07
CA PHE A 661 13.23 11.98 6.74
C PHE A 661 14.09 11.59 7.95
N PRO A 662 14.19 12.53 8.90
CA PRO A 662 15.18 12.46 9.97
C PRO A 662 14.98 11.28 10.93
N ASP A 663 13.80 10.68 10.92
CA ASP A 663 13.57 9.48 11.74
C ASP A 663 14.10 8.21 11.10
N MET A 664 14.37 8.25 9.79
CA MET A 664 14.79 7.06 9.07
C MET A 664 16.20 6.63 9.46
N THR A 665 16.45 5.33 9.35
CA THR A 665 17.56 4.69 10.02
C THR A 665 18.09 3.49 9.20
N TYR A 666 19.39 3.49 8.93
CA TYR A 666 20.06 2.39 8.23
C TYR A 666 19.83 1.02 8.92
N LYS A 667 19.68 -0.02 8.10
CA LYS A 667 19.63 -1.42 8.54
C LYS A 667 20.29 -2.21 7.42
N VAL A 668 20.94 -3.33 7.73
CA VAL A 668 21.42 -4.20 6.66
C VAL A 668 20.26 -4.76 5.81
N PRO A 669 20.40 -4.64 4.48
CA PRO A 669 19.32 -4.95 3.52
C PRO A 669 19.03 -6.45 3.25
N GLY B 28 -54.59 -2.68 -30.21
CA GLY B 28 -54.92 -1.75 -29.10
C GLY B 28 -54.93 -2.35 -27.69
N PRO B 29 -54.82 -1.51 -26.66
CA PRO B 29 -54.76 -1.97 -25.25
C PRO B 29 -56.00 -2.70 -24.75
N THR B 30 -55.82 -3.54 -23.75
CA THR B 30 -56.86 -4.45 -23.27
C THR B 30 -56.58 -4.78 -21.81
N LYS B 31 -57.63 -5.05 -21.02
CA LYS B 31 -57.43 -5.39 -19.61
C LYS B 31 -56.63 -6.70 -19.48
N ALA B 32 -55.60 -6.67 -18.65
CA ALA B 32 -54.81 -7.86 -18.40
C ALA B 32 -55.70 -8.89 -17.72
N PRO B 33 -55.61 -10.13 -18.19
CA PRO B 33 -56.32 -11.25 -17.55
C PRO B 33 -55.66 -11.74 -16.27
N THR B 34 -54.45 -11.23 -15.96
CA THR B 34 -53.64 -11.71 -14.84
C THR B 34 -54.39 -11.76 -13.52
N LYS B 35 -54.21 -12.85 -12.78
CA LYS B 35 -54.90 -13.03 -11.53
C LYS B 35 -54.19 -12.32 -10.36
N ASP B 36 -54.98 -11.86 -9.39
CA ASP B 36 -54.47 -11.35 -8.11
C ASP B 36 -53.55 -12.35 -7.44
N GLY B 37 -52.36 -11.90 -7.01
CA GLY B 37 -51.46 -12.77 -6.27
C GLY B 37 -50.27 -13.23 -7.09
N THR B 38 -50.28 -12.89 -8.38
CA THR B 38 -49.17 -13.19 -9.25
C THR B 38 -47.96 -12.39 -8.81
N SER B 39 -46.86 -13.09 -8.56
CA SER B 39 -45.62 -12.46 -8.13
C SER B 39 -45.13 -11.55 -9.26
N TYR B 40 -44.45 -10.46 -8.90
CA TYR B 40 -43.81 -9.59 -9.88
C TYR B 40 -42.75 -10.35 -10.69
N LYS B 41 -42.04 -11.24 -10.01
CA LYS B 41 -41.13 -12.17 -10.68
C LYS B 41 -41.84 -12.81 -11.88
N ASP B 42 -42.94 -13.51 -11.58
CA ASP B 42 -43.76 -14.16 -12.60
C ASP B 42 -44.21 -13.20 -13.69
N LEU B 43 -44.65 -11.99 -13.30
CA LEU B 43 -44.94 -10.96 -14.35
C LEU B 43 -43.75 -10.62 -15.23
N PHE B 44 -42.56 -10.50 -14.62
CA PHE B 44 -41.35 -10.26 -15.40
C PHE B 44 -41.11 -11.41 -16.36
N LEU B 45 -41.21 -12.64 -15.87
CA LEU B 45 -40.97 -13.81 -16.72
C LEU B 45 -41.93 -13.85 -17.89
N GLU B 46 -43.19 -13.51 -17.64
CA GLU B 46 -44.19 -13.48 -18.70
C GLU B 46 -43.75 -12.50 -19.79
N LEU B 47 -43.43 -11.27 -19.40
CA LEU B 47 -43.13 -10.21 -20.35
C LEU B 47 -41.81 -10.45 -21.07
N TYR B 48 -40.79 -10.93 -20.35
CA TYR B 48 -39.52 -11.34 -20.95
C TYR B 48 -39.77 -12.33 -22.10
N GLY B 49 -40.49 -13.41 -21.80
CA GLY B 49 -40.87 -14.42 -22.77
C GLY B 49 -41.48 -13.81 -24.02
N LYS B 50 -42.37 -12.85 -23.82
CA LYS B 50 -43.02 -12.15 -24.92
C LYS B 50 -42.09 -11.22 -25.70
N ILE B 51 -41.06 -10.68 -25.03
CA ILE B 51 -40.11 -9.83 -25.73
C ILE B 51 -39.17 -10.66 -26.62
N LYS B 52 -38.81 -11.84 -26.12
CA LYS B 52 -37.82 -12.71 -26.75
C LYS B 52 -38.41 -13.71 -27.74
N ASP B 53 -39.73 -13.87 -27.71
CA ASP B 53 -40.45 -14.76 -28.63
C ASP B 53 -40.31 -14.22 -30.06
N PRO B 54 -39.62 -14.99 -30.92
CA PRO B 54 -39.32 -14.57 -32.30
C PRO B 54 -40.56 -14.30 -33.15
N LYS B 55 -41.69 -14.95 -32.84
CA LYS B 55 -42.96 -14.65 -33.50
C LYS B 55 -43.39 -13.17 -33.31
N ASN B 56 -42.95 -12.54 -32.21
CA ASN B 56 -43.37 -11.17 -31.88
C ASN B 56 -42.64 -10.07 -32.67
N GLY B 57 -41.43 -10.36 -33.15
CA GLY B 57 -40.76 -9.48 -34.08
C GLY B 57 -40.03 -8.27 -33.51
N TYR B 58 -39.70 -8.33 -32.20
CA TYR B 58 -38.93 -7.26 -31.55
C TYR B 58 -37.50 -7.18 -32.06
N PHE B 59 -36.93 -8.35 -32.39
CA PHE B 59 -35.56 -8.45 -32.87
C PHE B 59 -35.54 -8.86 -34.34
N SER B 60 -34.56 -8.37 -35.08
CA SER B 60 -34.41 -8.73 -36.49
C SER B 60 -34.21 -10.24 -36.68
N PRO B 61 -34.86 -10.80 -37.71
CA PRO B 61 -34.75 -12.25 -38.02
C PRO B 61 -33.33 -12.73 -38.38
N ASP B 62 -32.60 -11.93 -39.16
CA ASP B 62 -31.26 -12.31 -39.62
C ASP B 62 -30.13 -12.27 -38.54
N GLU B 63 -30.23 -11.36 -37.56
CA GLU B 63 -29.10 -11.07 -36.65
C GLU B 63 -29.49 -11.11 -35.15
N GLY B 64 -30.78 -10.97 -34.85
CA GLY B 64 -31.21 -10.86 -33.47
C GLY B 64 -30.96 -9.46 -32.91
N ILE B 65 -30.98 -8.45 -33.79
CA ILE B 65 -30.83 -7.05 -33.39
C ILE B 65 -32.19 -6.46 -33.01
N PRO B 66 -32.25 -5.80 -31.85
CA PRO B 66 -33.50 -5.18 -31.41
C PRO B 66 -33.81 -3.95 -32.26
N TYR B 67 -35.00 -3.93 -32.84
CA TYR B 67 -35.56 -2.78 -33.53
C TYR B 67 -35.96 -1.72 -32.49
N HIS B 68 -36.02 -0.45 -32.92
CA HIS B 68 -36.64 0.59 -32.08
C HIS B 68 -38.04 0.15 -31.64
N SER B 69 -38.81 -0.35 -32.60
CA SER B 69 -40.16 -0.83 -32.31
C SER B 69 -40.59 -1.86 -33.33
N ILE B 70 -41.52 -2.74 -32.92
CA ILE B 70 -42.18 -3.67 -33.84
C ILE B 70 -42.73 -2.94 -35.07
N GLU B 71 -43.50 -1.88 -34.85
CA GLU B 71 -44.10 -1.07 -35.94
C GLU B 71 -43.02 -0.32 -36.67
N THR B 72 -43.23 -0.11 -37.97
CA THR B 72 -42.25 0.54 -38.83
C THR B 72 -42.44 2.05 -38.92
N LEU B 73 -43.70 2.50 -38.98
CA LEU B 73 -44.02 3.91 -39.11
C LEU B 73 -43.99 4.49 -37.69
N ILE B 74 -42.97 5.30 -37.41
CA ILE B 74 -42.77 5.96 -36.10
C ILE B 74 -41.64 6.97 -36.26
N VAL B 75 -41.89 8.20 -35.81
CA VAL B 75 -40.94 9.31 -35.89
C VAL B 75 -40.84 9.95 -34.51
N GLU B 76 -39.64 9.92 -33.91
CA GLU B 76 -39.36 10.55 -32.61
C GLU B 76 -37.90 10.99 -32.51
N ALA B 77 -36.97 10.11 -32.12
CA ALA B 77 -35.55 10.43 -32.34
C ALA B 77 -34.98 9.63 -33.52
N PRO B 78 -35.28 8.33 -33.58
CA PRO B 78 -35.19 7.62 -34.86
C PRO B 78 -36.45 7.99 -35.69
N ASP B 79 -36.34 8.06 -37.02
CA ASP B 79 -37.50 8.41 -37.85
C ASP B 79 -38.09 7.21 -38.59
N TYR B 80 -37.81 6.02 -38.08
CA TYR B 80 -38.25 4.76 -38.68
C TYR B 80 -38.09 3.63 -37.67
N GLY B 81 -39.12 2.82 -37.51
CA GLY B 81 -39.16 1.83 -36.45
C GLY B 81 -38.25 0.64 -36.59
N HIS B 82 -37.74 0.38 -37.80
CA HIS B 82 -36.87 -0.78 -37.97
C HIS B 82 -35.38 -0.46 -38.14
N VAL B 83 -35.03 0.78 -37.82
CA VAL B 83 -33.65 1.06 -37.40
C VAL B 83 -33.44 0.45 -36.00
N THR B 84 -32.18 0.39 -35.60
CA THR B 84 -31.83 0.14 -34.21
C THR B 84 -31.00 1.32 -33.70
N THR B 85 -30.79 1.36 -32.38
CA THR B 85 -30.00 2.38 -31.71
C THR B 85 -29.17 1.75 -30.60
N SER B 86 -28.07 2.42 -30.28
CA SER B 86 -27.27 2.02 -29.12
C SER B 86 -28.19 1.91 -27.91
N GLU B 87 -29.15 2.83 -27.84
CA GLU B 87 -30.18 2.80 -26.82
C GLU B 87 -30.88 1.44 -26.67
N ALA B 88 -31.44 0.92 -27.77
CA ALA B 88 -32.07 -0.41 -27.78
C ALA B 88 -31.11 -1.50 -27.33
N PHE B 89 -29.87 -1.45 -27.80
CA PHE B 89 -28.89 -2.45 -27.36
C PHE B 89 -28.68 -2.40 -25.85
N SER B 90 -28.58 -1.19 -25.30
CA SER B 90 -28.35 -1.02 -23.88
C SER B 90 -29.51 -1.61 -23.07
N TYR B 91 -30.75 -1.38 -23.52
CA TYR B 91 -31.91 -2.00 -22.91
C TYR B 91 -31.93 -3.53 -23.03
N TYR B 92 -31.47 -4.03 -24.18
CA TYR B 92 -31.35 -5.47 -24.43
C TYR B 92 -30.43 -6.10 -23.36
N VAL B 93 -29.24 -5.52 -23.19
CA VAL B 93 -28.32 -5.95 -22.14
C VAL B 93 -28.98 -5.94 -20.75
N TRP B 94 -29.69 -4.85 -20.45
CA TRP B 94 -30.35 -4.71 -19.15
C TRP B 94 -31.45 -5.74 -18.92
N LEU B 95 -32.25 -6.02 -19.95
CA LEU B 95 -33.29 -7.05 -19.85
C LEU B 95 -32.66 -8.40 -19.50
N GLU B 96 -31.54 -8.71 -20.17
CA GLU B 96 -30.87 -9.98 -19.94
C GLU B 96 -30.23 -10.07 -18.54
N ALA B 97 -29.73 -8.94 -18.04
CA ALA B 97 -29.17 -8.91 -16.69
C ALA B 97 -30.25 -9.24 -15.68
N MET B 98 -31.45 -8.69 -15.88
CA MET B 98 -32.55 -8.96 -14.97
C MET B 98 -32.96 -10.43 -15.09
N TYR B 99 -33.02 -10.93 -16.31
CA TYR B 99 -33.29 -12.35 -16.53
C TYR B 99 -32.31 -13.27 -15.76
N GLY B 100 -31.01 -13.07 -15.97
CA GLY B 100 -30.01 -13.77 -15.17
C GLY B 100 -30.27 -13.69 -13.67
N ASN B 101 -30.64 -12.50 -13.19
CA ASN B 101 -30.92 -12.32 -11.78
C ASN B 101 -32.06 -13.23 -11.28
N LEU B 102 -33.16 -13.29 -12.02
CA LEU B 102 -34.35 -14.02 -11.59
C LEU B 102 -34.36 -15.51 -11.95
N THR B 103 -33.43 -15.93 -12.79
CA THR B 103 -33.45 -17.29 -13.35
C THR B 103 -32.19 -18.14 -13.05
N GLY B 104 -31.02 -17.51 -13.01
CA GLY B 104 -29.77 -18.25 -12.86
C GLY B 104 -29.08 -18.55 -14.19
N ASN B 105 -29.76 -18.24 -15.30
CA ASN B 105 -29.18 -18.45 -16.64
C ASN B 105 -28.62 -17.15 -17.22
N TRP B 106 -27.30 -17.14 -17.42
CA TRP B 106 -26.56 -15.93 -17.78
C TRP B 106 -26.17 -15.82 -19.25
N SER B 107 -26.66 -16.75 -20.05
CA SER B 107 -26.33 -16.83 -21.48
C SER B 107 -26.77 -15.59 -22.25
N GLY B 108 -27.95 -15.07 -21.91
CA GLY B 108 -28.51 -13.91 -22.57
C GLY B 108 -27.64 -12.67 -22.52
N VAL B 109 -27.01 -12.44 -21.36
CA VAL B 109 -26.07 -11.31 -21.19
C VAL B 109 -24.92 -11.38 -22.22
N GLU B 110 -24.25 -12.53 -22.30
CA GLU B 110 -23.20 -12.76 -23.32
C GLU B 110 -23.77 -12.60 -24.73
N THR B 111 -24.93 -13.21 -24.98
CA THR B 111 -25.58 -13.09 -26.29
C THR B 111 -25.81 -11.63 -26.66
N ALA B 112 -26.41 -10.88 -25.73
CA ALA B 112 -26.72 -9.47 -25.97
C ALA B 112 -25.46 -8.70 -26.30
N TRP B 113 -24.43 -8.88 -25.49
CA TRP B 113 -23.21 -8.13 -25.70
C TRP B 113 -22.54 -8.48 -27.04
N LYS B 114 -22.65 -9.74 -27.44
CA LYS B 114 -22.04 -10.17 -28.69
C LYS B 114 -22.76 -9.57 -29.91
N VAL B 115 -24.09 -9.57 -29.90
CA VAL B 115 -24.83 -8.91 -30.99
C VAL B 115 -24.40 -7.44 -31.06
N MET B 116 -24.30 -6.78 -29.91
CA MET B 116 -23.89 -5.37 -29.86
C MET B 116 -22.53 -5.18 -30.50
N GLU B 117 -21.57 -6.00 -30.09
CA GLU B 117 -20.19 -5.92 -30.61
C GLU B 117 -20.11 -6.26 -32.11
N ASP B 118 -20.87 -7.27 -32.53
CA ASP B 118 -20.87 -7.68 -33.93
C ASP B 118 -21.39 -6.57 -34.85
N TRP B 119 -22.34 -5.78 -34.34
CA TRP B 119 -23.15 -4.95 -35.21
C TRP B 119 -23.00 -3.44 -35.05
N ILE B 120 -23.26 -2.93 -33.84
CA ILE B 120 -23.31 -1.49 -33.62
C ILE B 120 -22.01 -0.81 -33.16
N ILE B 121 -21.10 -1.56 -32.56
CA ILE B 121 -19.77 -1.04 -32.31
C ILE B 121 -18.96 -1.24 -33.58
N PRO B 122 -18.50 -0.17 -34.21
CA PRO B 122 -17.66 -0.32 -35.40
C PRO B 122 -16.39 -1.07 -35.01
N ASP B 123 -15.96 -2.03 -35.83
CA ASP B 123 -14.68 -2.74 -35.57
C ASP B 123 -13.48 -2.01 -36.22
N SER B 124 -12.28 -2.60 -36.10
CA SER B 124 -11.05 -2.08 -36.73
C SER B 124 -11.15 -1.89 -38.25
N THR B 125 -11.72 -2.90 -38.90
CA THR B 125 -12.08 -2.89 -40.32
C THR B 125 -12.92 -1.67 -40.69
N GLU B 126 -13.77 -1.26 -39.76
CA GLU B 126 -14.73 -0.21 -40.03
C GLU B 126 -14.24 1.16 -39.57
N GLN B 127 -13.01 1.24 -39.10
CA GLN B 127 -12.43 2.53 -38.68
C GLN B 127 -11.05 2.80 -39.33
N PRO B 128 -10.96 2.73 -40.65
CA PRO B 128 -9.66 2.78 -41.31
C PRO B 128 -8.98 4.15 -41.16
N GLY B 129 -7.70 4.16 -40.82
CA GLY B 129 -6.94 5.40 -40.71
C GLY B 129 -6.92 6.00 -39.31
N MET B 130 -7.64 5.36 -38.40
CA MET B 130 -7.77 5.84 -37.03
C MET B 130 -6.43 6.06 -36.36
N SER B 131 -5.42 5.28 -36.75
CA SER B 131 -4.10 5.45 -36.14
C SER B 131 -3.33 6.69 -36.66
N SER B 132 -3.83 7.33 -37.71
CA SER B 132 -3.27 8.63 -38.17
C SER B 132 -3.80 9.82 -37.35
N TYR B 133 -4.73 9.53 -36.44
CA TYR B 133 -5.29 10.56 -35.58
C TYR B 133 -4.19 11.33 -34.88
N ASN B 134 -4.32 12.66 -34.84
CA ASN B 134 -3.34 13.52 -34.21
C ASN B 134 -3.97 14.22 -33.00
N PRO B 135 -3.63 13.76 -31.80
CA PRO B 135 -4.12 14.40 -30.55
C PRO B 135 -3.88 15.92 -30.45
N ASN B 136 -2.81 16.42 -31.08
CA ASN B 136 -2.56 17.86 -31.11
C ASN B 136 -3.39 18.62 -32.15
N SER B 137 -4.01 17.89 -33.06
CA SER B 137 -4.84 18.54 -34.07
C SER B 137 -6.09 17.70 -34.31
N PRO B 138 -6.91 17.59 -33.26
CA PRO B 138 -7.99 16.59 -33.22
C PRO B 138 -9.03 16.79 -34.30
N ALA B 139 -9.27 18.06 -34.65
CA ALA B 139 -10.28 18.39 -35.64
C ALA B 139 -10.17 19.81 -36.18
N THR B 140 -11.04 20.12 -37.13
CA THR B 140 -11.10 21.43 -37.72
C THR B 140 -12.36 22.14 -37.26
N TYR B 141 -12.16 23.37 -36.77
CA TYR B 141 -13.26 24.18 -36.25
C TYR B 141 -14.38 24.46 -37.28
N ALA B 142 -15.63 24.38 -36.82
CA ALA B 142 -16.78 24.89 -37.56
C ALA B 142 -17.79 25.47 -36.58
N ASP B 143 -18.45 26.56 -36.98
CA ASP B 143 -19.52 27.13 -36.19
C ASP B 143 -20.69 26.16 -36.06
N GLU B 144 -21.47 26.29 -34.98
CA GLU B 144 -22.81 25.71 -34.99
C GLU B 144 -23.79 26.86 -35.26
N TYR B 145 -24.97 26.55 -35.78
CA TYR B 145 -25.90 27.61 -36.15
C TYR B 145 -27.32 27.37 -35.65
N GLU B 146 -28.06 28.47 -35.53
CA GLU B 146 -29.41 28.52 -34.94
C GLU B 146 -30.51 27.97 -35.86
N ASP B 147 -30.17 27.72 -37.12
CA ASP B 147 -31.16 27.22 -38.09
C ASP B 147 -30.46 26.33 -39.12
N PRO B 148 -31.10 25.25 -39.59
CA PRO B 148 -30.46 24.38 -40.59
C PRO B 148 -30.17 25.12 -41.89
N SER B 149 -30.91 26.20 -42.12
CA SER B 149 -30.77 27.01 -43.33
C SER B 149 -29.39 27.67 -43.42
N TYR B 150 -28.64 27.66 -42.32
CA TYR B 150 -27.29 28.23 -42.30
C TYR B 150 -26.22 27.21 -42.73
N TYR B 151 -26.61 25.96 -42.92
CA TYR B 151 -25.64 24.91 -43.24
C TYR B 151 -25.62 24.69 -44.75
N PRO B 152 -24.50 24.29 -45.34
CA PRO B 152 -23.28 23.84 -44.63
C PRO B 152 -22.48 24.91 -43.90
N SER B 153 -21.99 24.55 -42.71
CA SER B 153 -21.07 25.35 -41.91
C SER B 153 -19.64 25.14 -42.41
N GLU B 154 -18.89 26.22 -42.49
CA GLU B 154 -17.56 26.18 -43.09
C GLU B 154 -16.46 25.80 -42.08
N LEU B 155 -15.62 24.83 -42.45
CA LEU B 155 -14.44 24.49 -41.66
C LEU B 155 -13.45 25.64 -41.71
N LYS B 156 -12.80 25.91 -40.59
CA LYS B 156 -11.91 27.05 -40.49
C LYS B 156 -10.51 26.56 -40.14
N PHE B 157 -9.70 26.38 -41.19
CA PHE B 157 -8.41 25.74 -41.03
C PHE B 157 -7.38 26.63 -40.38
N ASP B 158 -7.39 27.91 -40.74
CA ASP B 158 -6.27 28.78 -40.36
C ASP B 158 -6.57 29.81 -39.31
N THR B 159 -7.83 30.21 -39.20
CA THR B 159 -8.23 31.31 -38.32
C THR B 159 -8.61 30.86 -36.89
N VAL B 160 -8.89 29.57 -36.72
CA VAL B 160 -9.23 29.02 -35.40
C VAL B 160 -8.29 27.89 -35.01
N ARG B 161 -7.45 28.17 -34.01
CA ARG B 161 -6.62 27.18 -33.36
C ARG B 161 -7.52 26.33 -32.44
N VAL B 162 -7.23 25.04 -32.38
CA VAL B 162 -8.02 24.06 -31.66
C VAL B 162 -7.16 23.48 -30.53
N GLY B 163 -7.78 22.95 -29.47
CA GLY B 163 -7.03 22.44 -28.33
C GLY B 163 -6.54 21.01 -28.50
N SER B 164 -5.83 20.50 -27.50
CA SER B 164 -5.29 19.11 -27.51
C SER B 164 -6.15 18.05 -26.83
N ASP B 165 -6.08 16.83 -27.34
CA ASP B 165 -6.80 15.67 -26.81
C ASP B 165 -5.90 14.95 -25.81
N PRO B 166 -6.17 15.10 -24.50
CA PRO B 166 -5.27 14.58 -23.47
C PRO B 166 -5.54 13.14 -23.10
N VAL B 167 -6.54 12.53 -23.71
CA VAL B 167 -6.99 11.19 -23.33
C VAL B 167 -6.63 10.09 -24.35
N HIS B 168 -6.47 10.48 -25.62
CA HIS B 168 -6.28 9.53 -26.70
C HIS B 168 -5.08 8.60 -26.53
N ASN B 169 -3.91 9.17 -26.22
CA ASN B 169 -2.69 8.40 -25.99
C ASN B 169 -2.89 7.33 -24.90
N ASP B 170 -3.52 7.73 -23.80
CA ASP B 170 -3.76 6.85 -22.65
C ASP B 170 -4.66 5.67 -23.07
N LEU B 171 -5.62 5.92 -23.95
CA LEU B 171 -6.49 4.84 -24.41
C LEU B 171 -5.81 3.96 -25.43
N VAL B 172 -5.03 4.58 -26.32
CA VAL B 172 -4.31 3.86 -27.37
C VAL B 172 -3.34 2.84 -26.78
N SER B 173 -2.52 3.25 -25.80
CA SER B 173 -1.53 2.33 -25.27
C SER B 173 -2.17 1.14 -24.55
N ALA B 174 -3.45 1.27 -24.16
CA ALA B 174 -4.16 0.14 -23.55
C ALA B 174 -4.96 -0.69 -24.55
N TYR B 175 -5.53 -0.07 -25.57
CA TYR B 175 -6.51 -0.74 -26.45
C TYR B 175 -6.18 -0.75 -27.93
N GLY B 176 -5.19 0.04 -28.32
CA GLY B 176 -4.84 0.16 -29.72
C GLY B 176 -5.54 1.36 -30.32
N PRO B 177 -5.53 1.48 -31.64
CA PRO B 177 -5.89 2.74 -32.31
C PRO B 177 -7.39 3.00 -32.41
N ASN B 178 -8.23 1.99 -32.21
CA ASN B 178 -9.66 2.09 -32.50
C ASN B 178 -10.56 2.46 -31.31
N MET B 179 -11.69 3.04 -31.65
CA MET B 179 -12.64 3.49 -30.68
C MET B 179 -13.59 2.36 -30.33
N TYR B 180 -13.75 2.10 -29.05
CA TYR B 180 -14.71 1.10 -28.62
C TYR B 180 -15.98 1.75 -28.01
N LEU B 181 -16.79 2.33 -28.89
CA LEU B 181 -18.06 2.96 -28.51
C LEU B 181 -19.12 2.49 -29.48
N MET B 182 -20.39 2.66 -29.13
CA MET B 182 -21.47 2.30 -30.04
C MET B 182 -21.80 3.51 -30.90
N HIS B 183 -21.76 3.35 -32.23
CA HIS B 183 -22.43 4.33 -33.10
C HIS B 183 -23.92 4.28 -32.76
N TRP B 184 -24.59 5.43 -32.82
CA TRP B 184 -25.94 5.53 -32.24
C TRP B 184 -27.10 5.03 -33.07
N LEU B 185 -26.94 5.05 -34.39
CA LEU B 185 -28.06 4.80 -35.30
C LEU B 185 -27.71 3.84 -36.45
N MET B 186 -28.46 2.75 -36.52
CA MET B 186 -28.25 1.76 -37.56
C MET B 186 -29.54 1.29 -38.27
N ASP B 187 -29.45 1.24 -39.61
CA ASP B 187 -30.54 0.85 -40.50
C ASP B 187 -30.52 -0.68 -40.68
N VAL B 188 -31.18 -1.40 -39.79
CA VAL B 188 -31.02 -2.84 -39.65
C VAL B 188 -31.20 -3.61 -40.95
N ASP B 189 -32.23 -3.23 -41.72
CA ASP B 189 -32.57 -4.00 -42.90
C ASP B 189 -32.38 -3.20 -44.16
N ASN B 190 -31.63 -2.11 -44.05
CA ASN B 190 -31.29 -1.28 -45.21
C ASN B 190 -32.51 -0.62 -45.86
N TRP B 191 -33.49 -0.24 -45.04
CA TRP B 191 -34.70 0.42 -45.51
C TRP B 191 -34.38 1.68 -46.31
N TYR B 192 -33.39 2.46 -45.85
CA TYR B 192 -32.97 3.64 -46.61
C TYR B 192 -32.23 3.34 -47.93
N GLY B 193 -31.60 2.16 -48.00
CA GLY B 193 -30.98 1.67 -49.21
C GLY B 193 -29.56 2.14 -49.47
N PHE B 194 -28.88 2.68 -48.46
CA PHE B 194 -27.52 3.15 -48.65
C PHE B 194 -26.56 1.98 -48.71
N GLY B 195 -27.01 0.84 -48.22
CA GLY B 195 -26.22 -0.37 -48.25
C GLY B 195 -26.50 -1.21 -49.48
N THR B 196 -26.05 -2.45 -49.37
CA THR B 196 -26.22 -3.50 -50.36
C THR B 196 -27.31 -4.43 -49.86
N GLY B 197 -28.24 -4.79 -50.74
CA GLY B 197 -29.27 -5.74 -50.39
C GLY B 197 -30.08 -5.36 -49.17
N THR B 198 -29.90 -6.13 -48.10
CA THR B 198 -30.69 -6.00 -46.89
C THR B 198 -29.78 -5.78 -45.65
N ARG B 199 -28.52 -5.46 -45.91
CA ARG B 199 -27.48 -5.46 -44.85
C ARG B 199 -27.58 -4.27 -43.91
N ALA B 200 -27.39 -4.58 -42.61
CA ALA B 200 -27.30 -3.59 -41.53
C ALA B 200 -26.32 -2.48 -41.95
N THR B 201 -26.77 -1.23 -41.92
CA THR B 201 -25.97 -0.12 -42.42
C THR B 201 -25.91 1.07 -41.43
N PHE B 202 -24.70 1.55 -41.16
CA PHE B 202 -24.53 2.67 -40.26
C PHE B 202 -25.04 3.92 -40.97
N ILE B 203 -25.98 4.60 -40.33
CA ILE B 203 -26.54 5.86 -40.86
C ILE B 203 -26.49 6.96 -39.81
N ASN B 204 -26.60 8.20 -40.28
CA ASN B 204 -26.76 9.31 -39.38
C ASN B 204 -27.88 10.23 -39.88
N THR B 205 -28.40 11.07 -38.98
CA THR B 205 -29.44 12.04 -39.33
C THR B 205 -29.09 13.45 -38.88
N PHE B 206 -29.28 13.75 -37.58
CA PHE B 206 -29.01 15.09 -37.02
C PHE B 206 -27.59 15.57 -37.31
N GLN B 207 -27.49 16.70 -38.00
CA GLN B 207 -26.22 17.27 -38.42
C GLN B 207 -26.21 18.79 -38.45
N ARG B 208 -27.38 19.42 -38.30
CA ARG B 208 -27.48 20.86 -38.58
C ARG B 208 -28.07 21.67 -37.43
N GLY B 209 -27.41 21.64 -36.28
CA GLY B 209 -27.72 22.55 -35.18
C GLY B 209 -29.03 22.36 -34.45
N GLU B 210 -29.36 23.33 -33.59
CA GLU B 210 -30.44 23.21 -32.60
C GLU B 210 -31.87 23.18 -33.15
N GLN B 211 -32.10 23.79 -34.31
CA GLN B 211 -33.47 23.83 -34.87
C GLN B 211 -33.77 22.73 -35.88
N GLU B 212 -32.83 21.78 -36.02
CA GLU B 212 -33.05 20.60 -36.85
C GLU B 212 -33.75 19.49 -36.08
N SER B 213 -35.07 19.46 -36.19
CA SER B 213 -35.86 18.42 -35.59
C SER B 213 -35.75 17.14 -36.40
N THR B 214 -36.29 16.05 -35.88
CA THR B 214 -36.30 14.78 -36.60
C THR B 214 -36.92 14.97 -37.97
N TRP B 215 -37.98 15.77 -38.05
CA TRP B 215 -38.72 16.02 -39.27
C TRP B 215 -37.91 16.77 -40.31
N GLU B 216 -36.76 17.31 -39.92
CA GLU B 216 -35.98 18.20 -40.79
C GLU B 216 -34.58 17.71 -41.17
N THR B 217 -34.30 16.42 -40.92
CA THR B 217 -32.99 15.86 -41.24
C THR B 217 -32.94 15.34 -42.68
N ILE B 218 -31.74 15.10 -43.17
CA ILE B 218 -31.54 14.36 -44.42
C ILE B 218 -30.71 13.12 -44.08
N PRO B 219 -31.36 11.97 -43.92
CA PRO B 219 -30.64 10.74 -43.52
C PRO B 219 -29.57 10.41 -44.56
N HIS B 220 -28.45 9.90 -44.10
CA HIS B 220 -27.26 9.74 -44.93
C HIS B 220 -26.38 8.63 -44.37
N PRO B 221 -25.51 8.04 -45.19
CA PRO B 221 -24.70 6.91 -44.72
C PRO B 221 -23.52 7.39 -43.89
N SER B 222 -23.19 6.65 -42.84
CA SER B 222 -21.99 6.94 -42.03
C SER B 222 -20.72 6.75 -42.87
N ILE B 223 -20.74 5.73 -43.74
CA ILE B 223 -19.61 5.44 -44.65
C ILE B 223 -19.90 6.14 -45.98
N GLU B 224 -19.26 7.29 -46.19
CA GLU B 224 -19.56 8.09 -47.36
C GLU B 224 -18.64 7.72 -48.51
N GLU B 225 -19.24 7.19 -49.57
CA GLU B 225 -18.50 6.77 -50.77
C GLU B 225 -19.10 7.35 -52.06
N PHE B 226 -19.91 8.39 -51.90
CA PHE B 226 -20.49 9.15 -53.02
C PHE B 226 -21.44 8.34 -53.91
N LYS B 227 -21.80 7.13 -53.50
CA LYS B 227 -22.72 6.32 -54.30
C LYS B 227 -24.12 6.97 -54.40
N TYR B 228 -24.52 7.70 -53.37
CA TYR B 228 -25.81 8.40 -53.37
C TYR B 228 -25.66 9.85 -52.97
N GLY B 229 -26.80 10.52 -52.79
CA GLY B 229 -26.79 11.96 -52.55
C GLY B 229 -26.43 12.72 -53.81
N GLY B 230 -25.59 13.73 -53.64
CA GLY B 230 -25.14 14.51 -54.77
C GLY B 230 -23.74 14.09 -55.19
N PRO B 231 -23.05 15.00 -55.87
CA PRO B 231 -21.70 14.75 -56.41
C PRO B 231 -20.73 14.32 -55.30
N ASN B 232 -20.87 14.97 -54.14
CA ASN B 232 -20.02 14.72 -52.96
C ASN B 232 -20.81 13.94 -51.89
N GLY B 233 -21.70 13.07 -52.35
CA GLY B 233 -22.65 12.37 -51.50
C GLY B 233 -23.45 13.39 -50.73
N PHE B 234 -23.42 13.27 -49.40
CA PHE B 234 -24.19 14.18 -48.53
C PHE B 234 -23.31 15.20 -47.82
N LEU B 235 -21.99 15.09 -48.02
CA LEU B 235 -21.02 15.85 -47.24
C LEU B 235 -21.26 17.34 -47.23
N ASP B 236 -21.54 17.88 -48.41
CA ASP B 236 -21.62 19.34 -48.57
C ASP B 236 -22.98 19.91 -48.21
N LEU B 237 -23.87 19.06 -47.71
CA LEU B 237 -25.07 19.53 -47.04
C LEU B 237 -24.73 20.09 -45.64
N PHE B 238 -23.61 19.62 -45.08
CA PHE B 238 -23.35 19.75 -43.64
C PHE B 238 -22.14 20.59 -43.31
N THR B 239 -21.01 20.28 -43.94
CA THR B 239 -19.82 21.12 -43.76
C THR B 239 -19.23 21.51 -45.12
N LYS B 240 -18.90 22.79 -45.25
CA LYS B 240 -18.27 23.33 -46.45
C LYS B 240 -16.76 23.23 -46.32
N ASP B 241 -16.12 22.60 -47.30
CA ASP B 241 -14.70 22.27 -47.25
C ASP B 241 -14.00 22.64 -48.57
N ARG B 242 -12.67 22.81 -48.48
CA ARG B 242 -11.82 23.04 -49.66
C ARG B 242 -12.00 21.94 -50.72
N SER B 243 -11.79 20.70 -50.32
CA SER B 243 -12.02 19.53 -51.18
C SER B 243 -12.83 18.47 -50.42
N TYR B 244 -13.42 17.53 -51.16
CA TYR B 244 -14.27 16.49 -50.56
C TYR B 244 -13.77 15.08 -50.84
N ALA B 245 -13.35 14.39 -49.77
CA ALA B 245 -12.86 13.02 -49.91
C ALA B 245 -13.87 12.06 -49.29
N LYS B 246 -13.89 10.84 -49.80
CA LYS B 246 -14.70 9.77 -49.25
C LYS B 246 -14.24 9.51 -47.82
N GLN B 247 -15.20 9.25 -46.93
CA GLN B 247 -14.87 9.17 -45.51
C GLN B 247 -15.87 8.39 -44.70
N TRP B 248 -15.50 8.08 -43.48
CA TRP B 248 -16.41 7.49 -42.50
C TRP B 248 -16.51 8.41 -41.28
N ARG B 249 -17.64 8.33 -40.60
CA ARG B 249 -17.94 9.19 -39.47
C ARG B 249 -18.92 8.43 -38.57
N TYR B 250 -18.59 8.34 -37.28
CA TYR B 250 -19.53 7.82 -36.26
C TYR B 250 -19.77 8.83 -35.12
N THR B 251 -20.92 8.69 -34.47
CA THR B 251 -21.35 9.59 -33.39
C THR B 251 -21.93 8.71 -32.32
N ASN B 252 -21.47 8.84 -31.06
CA ASN B 252 -22.11 8.05 -30.01
C ASN B 252 -23.24 8.80 -29.32
N ALA B 253 -24.02 8.09 -28.52
CA ALA B 253 -24.98 8.67 -27.58
C ALA B 253 -24.66 8.05 -26.21
N PRO B 254 -23.87 8.75 -25.41
CA PRO B 254 -23.21 8.15 -24.23
C PRO B 254 -24.17 7.61 -23.17
N ASP B 255 -25.43 8.03 -23.17
CA ASP B 255 -26.37 7.44 -22.22
C ASP B 255 -26.64 5.97 -22.53
N ALA B 256 -26.38 5.58 -23.78
CA ALA B 256 -26.54 4.17 -24.18
C ALA B 256 -25.42 3.33 -23.58
N GLU B 257 -24.18 3.73 -23.88
CA GLU B 257 -23.05 3.06 -23.22
C GLU B 257 -23.23 3.01 -21.69
N GLY B 258 -23.66 4.13 -21.10
CA GLY B 258 -23.76 4.23 -19.65
C GLY B 258 -24.70 3.18 -19.09
N ARG B 259 -25.88 3.07 -19.71
CA ARG B 259 -26.90 2.09 -19.35
C ARG B 259 -26.41 0.65 -19.58
N ALA B 260 -25.77 0.41 -20.74
CA ALA B 260 -25.09 -0.89 -20.97
C ALA B 260 -24.15 -1.29 -19.82
N ILE B 261 -23.26 -0.39 -19.42
CA ILE B 261 -22.29 -0.71 -18.37
C ILE B 261 -23.04 -0.91 -17.06
N GLN B 262 -23.99 -0.03 -16.79
CA GLN B 262 -24.84 -0.12 -15.60
C GLN B 262 -25.46 -1.53 -15.50
N ALA B 263 -26.02 -2.00 -16.61
CA ALA B 263 -26.60 -3.35 -16.64
C ALA B 263 -25.58 -4.40 -16.28
N VAL B 264 -24.36 -4.25 -16.80
CA VAL B 264 -23.36 -5.28 -16.60
C VAL B 264 -22.88 -5.30 -15.15
N TYR B 265 -22.93 -4.13 -14.50
CA TYR B 265 -22.61 -4.07 -13.09
C TYR B 265 -23.53 -5.03 -12.36
N TRP B 266 -24.84 -4.94 -12.67
CA TRP B 266 -25.82 -5.80 -12.01
C TRP B 266 -25.72 -7.27 -12.43
N ALA B 267 -25.46 -7.52 -13.71
CA ALA B 267 -25.22 -8.88 -14.19
C ALA B 267 -24.12 -9.51 -13.32
N ASN B 268 -23.00 -8.81 -13.24
CA ASN B 268 -21.85 -9.22 -12.44
C ASN B 268 -22.19 -9.43 -10.96
N LYS B 269 -22.82 -8.43 -10.35
CA LYS B 269 -23.11 -8.51 -8.93
C LYS B 269 -24.02 -9.70 -8.66
N TRP B 270 -25.09 -9.81 -9.44
CA TRP B 270 -26.04 -10.90 -9.27
C TRP B 270 -25.44 -12.29 -9.59
N ALA B 271 -24.65 -12.37 -10.65
CA ALA B 271 -23.96 -13.61 -10.98
C ALA B 271 -23.11 -14.05 -9.79
N LYS B 272 -22.25 -13.15 -9.30
CA LYS B 272 -21.41 -13.41 -8.13
C LYS B 272 -22.21 -13.85 -6.89
N GLU B 273 -23.42 -13.34 -6.71
CA GLU B 273 -24.23 -13.76 -5.55
C GLU B 273 -24.79 -15.18 -5.68
N GLN B 274 -24.84 -15.69 -6.91
CA GLN B 274 -25.36 -17.01 -7.19
C GLN B 274 -24.24 -18.02 -7.13
N GLY B 275 -23.00 -17.53 -7.17
CA GLY B 275 -21.83 -18.37 -7.27
C GLY B 275 -21.45 -18.59 -8.71
N LYS B 276 -21.83 -17.65 -9.58
CA LYS B 276 -21.67 -17.83 -11.02
C LYS B 276 -20.96 -16.66 -11.71
N GLY B 277 -20.03 -16.01 -11.00
CA GLY B 277 -19.33 -14.84 -11.49
C GLY B 277 -18.67 -15.05 -12.85
N SER B 278 -18.07 -16.22 -13.03
CA SER B 278 -17.34 -16.55 -14.26
C SER B 278 -18.26 -16.42 -15.47
N ALA B 279 -19.55 -16.59 -15.23
CA ALA B 279 -20.54 -16.63 -16.30
C ALA B 279 -20.55 -15.35 -17.14
N VAL B 280 -20.24 -14.21 -16.53
CA VAL B 280 -20.28 -12.93 -17.24
C VAL B 280 -18.94 -12.20 -17.34
N ALA B 281 -17.86 -12.85 -16.89
CA ALA B 281 -16.55 -12.21 -16.81
C ALA B 281 -16.07 -11.58 -18.12
N SER B 282 -16.37 -12.22 -19.25
CA SER B 282 -15.85 -11.70 -20.50
C SER B 282 -16.55 -10.39 -20.82
N VAL B 283 -17.85 -10.32 -20.53
CA VAL B 283 -18.68 -9.13 -20.73
C VAL B 283 -18.24 -7.96 -19.83
N VAL B 284 -17.96 -8.26 -18.55
CA VAL B 284 -17.49 -7.28 -17.57
C VAL B 284 -16.26 -6.55 -18.09
N SER B 285 -15.34 -7.31 -18.65
CA SER B 285 -14.11 -6.78 -19.19
C SER B 285 -14.37 -5.85 -20.38
N LYS B 286 -15.32 -6.20 -21.24
CA LYS B 286 -15.68 -5.33 -22.39
C LYS B 286 -16.40 -4.03 -21.97
N ALA B 287 -17.33 -4.14 -21.04
CA ALA B 287 -18.01 -3.00 -20.44
C ALA B 287 -17.00 -2.06 -19.78
N ALA B 288 -16.06 -2.63 -19.03
CA ALA B 288 -14.96 -1.86 -18.43
C ALA B 288 -14.25 -1.03 -19.51
N LYS B 289 -13.98 -1.65 -20.65
CA LYS B 289 -13.25 -0.98 -21.71
C LYS B 289 -14.14 0.10 -22.34
N MET B 290 -15.41 -0.24 -22.52
CA MET B 290 -16.40 0.73 -22.97
C MET B 290 -16.43 1.96 -22.03
N GLY B 291 -16.48 1.72 -20.72
CA GLY B 291 -16.42 2.81 -19.74
C GLY B 291 -15.24 3.74 -19.94
N ASP B 292 -14.06 3.15 -20.10
CA ASP B 292 -12.85 3.91 -20.34
C ASP B 292 -13.00 4.84 -21.55
N PHE B 293 -13.49 4.29 -22.65
CA PHE B 293 -13.70 5.07 -23.87
C PHE B 293 -14.69 6.21 -23.75
N LEU B 294 -15.56 6.09 -22.77
CA LEU B 294 -16.57 7.10 -22.53
C LEU B 294 -15.93 8.42 -22.05
N ARG B 295 -14.63 8.40 -21.72
CA ARG B 295 -13.94 9.63 -21.33
C ARG B 295 -13.88 10.59 -22.48
N ASN B 296 -14.03 10.10 -23.71
CA ASN B 296 -14.06 10.97 -24.90
C ASN B 296 -15.25 11.91 -24.87
N ASP B 297 -16.30 11.52 -24.16
CA ASP B 297 -17.49 12.36 -23.98
C ASP B 297 -17.38 13.47 -22.91
N MET B 298 -16.23 13.55 -22.24
CA MET B 298 -15.99 14.49 -21.14
C MET B 298 -15.38 15.82 -21.57
N PHE B 299 -15.20 16.00 -22.88
CA PHE B 299 -14.44 17.12 -23.41
C PHE B 299 -15.22 18.09 -24.29
N ASP B 300 -14.85 19.35 -24.17
CA ASP B 300 -15.35 20.38 -25.07
C ASP B 300 -15.16 19.94 -26.54
N LYS B 301 -16.12 20.30 -27.39
CA LYS B 301 -16.15 19.88 -28.79
C LYS B 301 -14.79 20.01 -29.50
N TYR B 302 -14.15 21.17 -29.37
CA TYR B 302 -12.88 21.41 -30.04
C TYR B 302 -11.79 21.64 -29.03
N PHE B 303 -11.95 21.03 -27.85
CA PHE B 303 -10.93 21.08 -26.80
C PHE B 303 -10.53 22.50 -26.42
N MET B 304 -11.54 23.38 -26.37
CA MET B 304 -11.35 24.74 -25.89
C MET B 304 -11.47 24.72 -24.35
N LYS B 305 -10.81 25.67 -23.68
CA LYS B 305 -10.83 25.75 -22.23
C LYS B 305 -12.25 25.87 -21.68
N ILE B 306 -12.58 25.05 -20.69
CA ILE B 306 -13.82 25.25 -19.96
C ILE B 306 -13.79 26.64 -19.33
N GLY B 307 -14.84 27.41 -19.60
CA GLY B 307 -15.01 28.74 -19.04
C GLY B 307 -14.36 29.81 -19.87
N ALA B 308 -13.87 29.48 -21.04
CA ALA B 308 -13.12 30.46 -21.82
C ALA B 308 -14.00 31.56 -22.39
N GLN B 309 -15.27 31.26 -22.66
CA GLN B 309 -16.19 32.21 -23.30
C GLN B 309 -15.56 32.85 -24.57
N ASP B 310 -14.72 32.06 -25.23
CA ASP B 310 -13.95 32.47 -26.41
C ASP B 310 -13.34 31.22 -27.01
N LYS B 311 -12.79 31.34 -28.22
CA LYS B 311 -12.13 30.20 -28.86
C LYS B 311 -10.71 30.03 -28.33
N THR B 312 -10.59 29.68 -27.05
CA THR B 312 -9.28 29.52 -26.43
C THR B 312 -8.95 28.04 -26.32
N PRO B 313 -7.99 27.57 -27.14
CA PRO B 313 -7.60 26.16 -27.14
C PRO B 313 -6.99 25.71 -25.79
N ALA B 314 -7.33 24.52 -25.30
CA ALA B 314 -6.74 23.98 -24.06
C ALA B 314 -5.54 23.08 -24.34
N THR B 315 -4.69 22.84 -23.33
CA THR B 315 -3.56 21.92 -23.54
C THR B 315 -3.63 20.58 -22.79
N GLY B 316 -4.33 20.51 -21.66
CA GLY B 316 -4.34 19.24 -20.95
C GLY B 316 -5.79 18.87 -20.67
N TYR B 317 -6.11 18.80 -19.39
CA TYR B 317 -7.48 18.57 -18.99
C TYR B 317 -8.29 19.87 -18.83
N ASP B 318 -7.72 21.00 -19.22
CA ASP B 318 -8.43 22.28 -19.16
C ASP B 318 -9.63 22.32 -20.09
N SER B 319 -9.77 21.32 -20.96
CA SER B 319 -10.95 21.22 -21.83
C SER B 319 -11.98 20.22 -21.32
N ALA B 320 -11.70 19.59 -20.18
CA ALA B 320 -12.58 18.59 -19.63
C ALA B 320 -13.66 19.23 -18.74
N HIS B 321 -14.93 19.02 -19.10
CA HIS B 321 -16.01 19.35 -18.20
C HIS B 321 -16.41 18.16 -17.33
N TYR B 322 -15.91 16.97 -17.64
CA TYR B 322 -16.15 15.76 -16.84
C TYR B 322 -17.62 15.29 -16.75
N LEU B 323 -18.45 15.76 -17.69
CA LEU B 323 -19.83 15.29 -17.80
C LEU B 323 -19.97 14.41 -19.05
N MET B 324 -21.04 13.63 -19.11
CA MET B 324 -21.39 12.96 -20.36
C MET B 324 -22.03 13.98 -21.29
N ALA B 325 -21.25 14.50 -22.23
CA ALA B 325 -21.78 15.44 -23.21
C ALA B 325 -22.67 14.71 -24.19
N TRP B 326 -23.25 15.46 -25.12
CA TRP B 326 -24.29 14.92 -25.99
C TRP B 326 -23.78 13.83 -26.95
N TYR B 327 -22.50 13.89 -27.31
CA TYR B 327 -21.91 12.89 -28.19
C TYR B 327 -20.40 13.03 -28.21
N THR B 328 -19.69 11.95 -28.56
CA THR B 328 -18.39 12.08 -29.26
C THR B 328 -18.63 11.69 -30.71
N ALA B 329 -17.89 12.34 -31.60
CA ALA B 329 -17.94 11.98 -32.99
C ALA B 329 -16.52 11.79 -33.51
N TRP B 330 -16.35 10.79 -34.37
CA TRP B 330 -15.03 10.54 -34.93
C TRP B 330 -15.12 9.96 -36.34
N GLY B 331 -14.10 10.24 -37.14
CA GLY B 331 -14.11 9.82 -38.53
C GLY B 331 -12.74 9.83 -39.14
N GLY B 332 -12.68 9.44 -40.41
CA GLY B 332 -11.45 9.50 -41.17
C GLY B 332 -11.67 9.11 -42.62
N GLY B 333 -10.59 9.18 -43.40
CA GLY B 333 -10.66 8.93 -44.83
C GLY B 333 -10.83 7.47 -45.18
N ILE B 334 -11.45 7.21 -46.33
CA ILE B 334 -11.58 5.84 -46.83
C ILE B 334 -10.42 5.42 -47.74
N GLY B 335 -10.04 6.31 -48.66
CA GLY B 335 -8.94 6.01 -49.56
C GLY B 335 -7.72 6.88 -49.30
N ALA B 336 -7.41 7.08 -48.02
CA ALA B 336 -6.28 7.91 -47.59
C ALA B 336 -6.25 7.87 -46.06
N SER B 337 -5.08 8.13 -45.47
CA SER B 337 -4.97 8.05 -44.03
C SER B 337 -5.04 9.45 -43.38
N TRP B 338 -6.18 9.71 -42.73
CA TRP B 338 -6.41 10.85 -41.85
C TRP B 338 -7.61 10.53 -40.96
N ALA B 339 -7.60 11.09 -39.74
CA ALA B 339 -8.67 10.89 -38.78
C ALA B 339 -8.88 12.11 -37.89
N TRP B 340 -10.07 12.20 -37.32
CA TRP B 340 -10.42 13.33 -36.47
C TRP B 340 -11.38 12.89 -35.39
N LYS B 341 -11.44 13.69 -34.32
CA LYS B 341 -12.34 13.45 -33.23
C LYS B 341 -12.83 14.78 -32.68
N ILE B 342 -14.11 14.82 -32.30
CA ILE B 342 -14.67 15.95 -31.53
C ILE B 342 -15.38 15.42 -30.29
N GLY B 343 -15.38 16.22 -29.23
CA GLY B 343 -16.24 15.98 -28.08
C GLY B 343 -17.54 16.74 -28.29
N CYS B 344 -18.11 17.24 -27.20
CA CYS B 344 -19.30 18.09 -27.28
C CYS B 344 -19.32 19.05 -26.12
N SER B 345 -19.71 20.29 -26.41
CA SER B 345 -19.63 21.37 -25.44
C SER B 345 -20.88 21.46 -24.60
N HIS B 346 -21.91 20.70 -24.99
CA HIS B 346 -23.24 20.79 -24.39
C HIS B 346 -23.54 19.54 -23.61
N ALA B 347 -24.01 19.72 -22.37
CA ALA B 347 -24.33 18.60 -21.50
C ALA B 347 -25.75 18.76 -20.94
N HIS B 348 -26.47 17.64 -20.89
CA HIS B 348 -27.87 17.58 -20.51
C HIS B 348 -27.92 16.63 -19.32
N PHE B 349 -28.65 16.98 -18.25
CA PHE B 349 -28.69 16.10 -17.06
C PHE B 349 -29.25 14.70 -17.42
N GLY B 350 -30.10 14.67 -18.46
CA GLY B 350 -30.73 13.45 -18.92
C GLY B 350 -29.73 12.42 -19.42
N TYR B 351 -28.53 12.87 -19.83
CA TYR B 351 -27.46 11.99 -20.34
C TYR B 351 -26.42 11.51 -19.33
N GLN B 352 -26.56 11.94 -18.08
CA GLN B 352 -25.58 11.59 -17.04
C GLN B 352 -25.90 10.20 -16.52
N ASN B 353 -24.87 9.50 -16.07
CA ASN B 353 -25.06 8.26 -15.39
C ASN B 353 -23.97 8.19 -14.34
N PRO B 354 -24.25 8.81 -13.20
CA PRO B 354 -23.26 8.84 -12.12
C PRO B 354 -23.11 7.45 -11.52
N PHE B 355 -24.09 6.57 -11.73
CA PHE B 355 -23.94 5.17 -11.34
C PHE B 355 -22.83 4.50 -12.14
N GLN B 356 -22.93 4.53 -13.46
CA GLN B 356 -21.90 3.94 -14.30
C GLN B 356 -20.55 4.60 -14.00
N GLY B 357 -20.56 5.91 -13.79
CA GLY B 357 -19.35 6.63 -13.38
C GLY B 357 -18.76 6.03 -12.12
N TRP B 358 -19.60 5.77 -11.13
CA TRP B 358 -19.14 5.23 -9.86
C TRP B 358 -18.61 3.81 -10.07
N VAL B 359 -19.21 3.07 -10.99
CA VAL B 359 -18.77 1.71 -11.31
C VAL B 359 -17.34 1.73 -11.87
N SER B 360 -17.11 2.53 -12.90
CA SER B 360 -15.78 2.66 -13.46
C SER B 360 -14.76 3.23 -12.44
N ALA B 361 -15.19 4.14 -11.56
CA ALA B 361 -14.29 4.77 -10.61
C ALA B 361 -13.85 3.85 -9.48
N THR B 362 -14.73 2.99 -8.98
CA THR B 362 -14.49 2.35 -7.69
C THR B 362 -14.58 0.82 -7.72
N GLN B 363 -15.07 0.24 -8.81
CA GLN B 363 -15.32 -1.20 -8.84
C GLN B 363 -14.17 -1.89 -9.54
N SER B 364 -13.44 -2.75 -8.82
CA SER B 364 -12.21 -3.35 -9.35
C SER B 364 -12.46 -4.18 -10.61
N ASP B 365 -13.54 -4.96 -10.62
CA ASP B 365 -13.93 -5.70 -11.82
C ASP B 365 -14.07 -4.77 -13.04
N PHE B 366 -14.42 -3.50 -12.81
CA PHE B 366 -14.58 -2.60 -13.93
C PHE B 366 -13.46 -1.60 -14.07
N ALA B 367 -12.33 -1.86 -13.41
CA ALA B 367 -11.16 -0.98 -13.47
C ALA B 367 -10.76 -0.69 -14.92
N PRO B 368 -10.64 0.59 -15.28
CA PRO B 368 -10.04 0.95 -16.57
C PRO B 368 -8.64 0.38 -16.67
N LYS B 369 -8.37 -0.22 -17.82
CA LYS B 369 -7.06 -0.80 -18.09
C LYS B 369 -6.04 0.32 -18.39
N SER B 370 -6.53 1.48 -18.87
CA SER B 370 -5.66 2.63 -19.11
C SER B 370 -5.11 3.22 -17.80
N SER B 371 -4.11 4.06 -17.89
CA SER B 371 -3.48 4.53 -16.65
C SER B 371 -4.18 5.70 -15.94
N ASN B 372 -4.96 6.50 -16.68
CA ASN B 372 -5.71 7.60 -16.07
C ASN B 372 -7.21 7.42 -15.99
N GLY B 373 -7.71 6.28 -16.44
CA GLY B 373 -9.15 6.04 -16.50
C GLY B 373 -9.83 6.14 -15.15
N LYS B 374 -9.22 5.55 -14.12
CA LYS B 374 -9.84 5.49 -12.79
C LYS B 374 -9.93 6.88 -12.18
N ARG B 375 -8.87 7.65 -12.32
CA ARG B 375 -8.80 9.00 -11.79
C ARG B 375 -9.83 9.88 -12.52
N ASP B 376 -9.90 9.76 -13.85
CA ASP B 376 -10.84 10.59 -14.60
C ASP B 376 -12.29 10.28 -14.19
N TRP B 377 -12.62 9.00 -14.06
CA TRP B 377 -13.94 8.60 -13.63
C TRP B 377 -14.27 8.99 -12.21
N THR B 378 -13.27 9.00 -11.32
CA THR B 378 -13.45 9.46 -9.95
C THR B 378 -13.93 10.92 -9.94
N THR B 379 -13.27 11.77 -10.74
CA THR B 379 -13.67 13.16 -10.88
C THR B 379 -15.06 13.27 -11.50
N SER B 380 -15.28 12.52 -12.58
CA SER B 380 -16.51 12.63 -13.37
C SER B 380 -17.80 12.26 -12.61
N TYR B 381 -17.83 11.10 -11.96
CA TYR B 381 -19.07 10.73 -11.26
C TYR B 381 -19.38 11.74 -10.16
N LYS B 382 -18.35 12.29 -9.50
CA LYS B 382 -18.65 13.28 -8.46
C LYS B 382 -19.16 14.60 -9.06
N ARG B 383 -18.55 15.00 -10.17
CA ARG B 383 -18.95 16.18 -10.90
C ARG B 383 -20.38 16.05 -11.40
N GLN B 384 -20.73 14.86 -11.90
CA GLN B 384 -22.10 14.58 -12.38
C GLN B 384 -23.10 14.70 -11.25
N LEU B 385 -22.76 14.18 -10.07
CA LEU B 385 -23.67 14.28 -8.93
C LEU B 385 -23.94 15.75 -8.56
N GLU B 386 -22.94 16.61 -8.67
CA GLU B 386 -23.10 18.05 -8.43
C GLU B 386 -23.99 18.70 -9.46
N PHE B 387 -23.86 18.25 -10.70
CA PHE B 387 -24.65 18.76 -11.83
C PHE B 387 -26.17 18.66 -11.55
N TYR B 388 -26.61 17.45 -11.17
CA TYR B 388 -28.00 17.22 -10.77
C TYR B 388 -28.43 18.19 -9.66
N GLN B 389 -27.60 18.33 -8.63
CA GLN B 389 -27.93 19.16 -7.49
C GLN B 389 -28.08 20.61 -7.94
N TRP B 390 -27.17 21.03 -8.79
CA TRP B 390 -27.21 22.39 -9.32
C TRP B 390 -28.48 22.67 -10.12
N LEU B 391 -28.95 21.68 -10.88
CA LEU B 391 -30.06 21.92 -11.80
C LEU B 391 -31.43 21.64 -11.17
N GLN B 392 -31.45 21.23 -9.91
CA GLN B 392 -32.74 20.91 -9.29
C GLN B 392 -33.55 22.19 -9.03
N SER B 393 -34.70 22.29 -9.71
CA SER B 393 -35.63 23.40 -9.57
C SER B 393 -36.22 23.51 -8.15
N ALA B 394 -36.88 24.64 -7.86
CA ALA B 394 -37.54 24.83 -6.57
C ALA B 394 -38.55 23.72 -6.32
N GLU B 395 -39.27 23.32 -7.36
CA GLU B 395 -40.29 22.27 -7.18
C GLU B 395 -39.67 20.89 -7.06
N GLY B 396 -38.52 20.68 -7.69
CA GLY B 396 -37.81 19.41 -7.56
C GLY B 396 -37.40 18.67 -8.83
N GLY B 397 -38.02 18.99 -9.97
CA GLY B 397 -37.58 18.44 -11.25
C GLY B 397 -36.21 18.98 -11.67
N ILE B 398 -35.44 18.19 -12.43
CA ILE B 398 -34.08 18.59 -12.80
C ILE B 398 -34.11 19.36 -14.11
N ALA B 399 -33.54 20.56 -14.10
CA ALA B 399 -33.49 21.43 -15.29
C ALA B 399 -32.45 20.94 -16.31
N GLY B 400 -32.36 21.59 -17.46
CA GLY B 400 -31.75 20.98 -18.63
C GLY B 400 -30.30 20.59 -18.54
N GLY B 401 -29.42 21.58 -18.41
CA GLY B 401 -28.00 21.33 -18.42
C GLY B 401 -27.21 22.62 -18.62
N ALA B 402 -26.10 22.52 -19.36
CA ALA B 402 -25.16 23.62 -19.49
C ALA B 402 -24.32 23.44 -20.76
N THR B 403 -23.68 24.53 -21.19
CA THR B 403 -22.76 24.49 -22.33
C THR B 403 -21.47 25.23 -22.10
N ASN B 404 -20.36 24.72 -22.67
CA ASN B 404 -19.13 25.52 -22.76
C ASN B 404 -19.00 26.38 -24.02
N SER B 405 -19.99 26.32 -24.90
CA SER B 405 -19.89 26.99 -26.17
C SER B 405 -21.20 27.71 -26.42
N TRP B 406 -21.28 28.96 -25.97
CA TRP B 406 -22.52 29.69 -26.09
C TRP B 406 -22.88 29.93 -27.57
N ASN B 407 -24.10 29.52 -27.93
CA ASN B 407 -24.59 29.50 -29.31
C ASN B 407 -23.81 28.60 -30.27
N GLY B 408 -23.05 27.66 -29.70
CA GLY B 408 -22.21 26.77 -30.50
C GLY B 408 -21.09 27.51 -31.23
N ARG B 409 -20.78 28.71 -30.78
CA ARG B 409 -19.74 29.49 -31.44
C ARG B 409 -18.84 30.17 -30.43
N TYR B 410 -18.82 29.63 -29.21
CA TYR B 410 -17.95 30.11 -28.14
C TYR B 410 -18.10 31.60 -27.85
N GLU B 411 -19.34 32.09 -27.82
CA GLU B 411 -19.59 33.51 -27.51
C GLU B 411 -19.52 33.78 -26.02
N LYS B 412 -19.37 35.06 -25.68
CA LYS B 412 -19.47 35.52 -24.30
C LYS B 412 -20.81 35.12 -23.74
N TYR B 413 -20.84 34.67 -22.49
CA TYR B 413 -22.11 34.39 -21.84
C TYR B 413 -22.81 35.71 -21.68
N PRO B 414 -24.10 35.75 -21.97
CA PRO B 414 -24.89 36.96 -21.70
C PRO B 414 -24.76 37.36 -20.24
N ALA B 415 -24.86 38.66 -19.98
CA ALA B 415 -24.86 39.20 -18.61
C ALA B 415 -25.83 38.45 -17.67
N GLY B 416 -25.41 38.10 -16.47
CA GLY B 416 -26.32 37.45 -15.54
C GLY B 416 -26.56 35.97 -15.78
N THR B 417 -25.70 35.34 -16.59
CA THR B 417 -25.77 33.91 -16.87
C THR B 417 -25.24 33.10 -15.69
N SER B 418 -26.07 32.18 -15.24
CA SER B 418 -25.70 31.30 -14.15
C SER B 418 -24.76 30.20 -14.68
N THR B 419 -23.72 29.85 -13.92
CA THR B 419 -22.71 28.89 -14.39
C THR B 419 -22.41 27.74 -13.43
N PHE B 420 -21.80 26.69 -14.00
CA PHE B 420 -21.42 25.48 -13.27
C PHE B 420 -20.02 25.15 -13.73
N TYR B 421 -19.05 25.29 -12.84
CA TYR B 421 -17.66 25.11 -13.20
C TYR B 421 -17.31 25.82 -14.51
N GLY B 422 -17.83 27.02 -14.70
CA GLY B 422 -17.50 27.82 -15.87
C GLY B 422 -18.33 27.57 -17.11
N MET B 423 -19.28 26.65 -17.03
CA MET B 423 -20.24 26.40 -18.10
C MET B 423 -21.54 27.16 -17.86
N ALA B 424 -22.14 27.66 -18.94
CA ALA B 424 -23.37 28.43 -18.90
C ALA B 424 -24.60 27.55 -18.85
N TYR B 425 -25.50 27.85 -17.93
CA TYR B 425 -26.79 27.15 -17.86
C TYR B 425 -27.53 27.27 -19.17
N VAL B 426 -28.11 26.18 -19.65
CA VAL B 426 -29.08 26.27 -20.75
C VAL B 426 -30.28 25.39 -20.44
N PRO B 427 -31.49 25.92 -20.58
CA PRO B 427 -32.71 25.16 -20.26
C PRO B 427 -33.00 24.01 -21.23
N HIS B 428 -32.55 24.13 -22.48
CA HIS B 428 -32.77 23.06 -23.46
C HIS B 428 -31.49 22.70 -24.23
N PRO B 429 -30.57 21.93 -23.61
CA PRO B 429 -29.29 21.60 -24.26
C PRO B 429 -29.49 20.99 -25.66
N VAL B 430 -28.66 21.44 -26.61
CA VAL B 430 -28.56 20.84 -27.94
C VAL B 430 -29.73 21.13 -28.93
N TYR B 431 -30.95 20.69 -28.60
CA TYR B 431 -32.09 20.78 -29.50
C TYR B 431 -33.19 21.67 -28.97
N ALA B 432 -33.84 22.41 -29.88
CA ALA B 432 -34.95 23.30 -29.56
C ALA B 432 -36.32 22.82 -30.08
N ASP B 433 -36.34 21.85 -31.00
CA ASP B 433 -37.60 21.42 -31.62
C ASP B 433 -37.86 19.90 -31.51
N PRO B 434 -38.52 19.47 -30.43
CA PRO B 434 -38.98 20.37 -29.35
C PRO B 434 -37.80 20.58 -28.39
N GLY B 435 -37.97 21.45 -27.39
CA GLY B 435 -36.89 21.68 -26.43
C GLY B 435 -36.43 20.35 -25.85
N SER B 436 -35.12 20.13 -25.72
CA SER B 436 -34.61 18.83 -25.28
C SER B 436 -34.98 18.48 -23.83
N ASN B 437 -35.45 19.47 -23.07
CA ASN B 437 -35.90 19.19 -21.71
C ASN B 437 -37.40 19.36 -21.48
N GLN B 438 -38.18 19.23 -22.55
CA GLN B 438 -39.63 19.18 -22.41
C GLN B 438 -40.09 17.78 -22.00
N TRP B 439 -39.40 16.75 -22.48
CA TRP B 439 -39.80 15.37 -22.19
C TRP B 439 -39.56 14.99 -20.72
N PHE B 440 -40.64 14.62 -20.02
CA PHE B 440 -40.53 14.15 -18.64
C PHE B 440 -39.73 12.85 -18.54
N GLY B 441 -39.62 12.11 -19.64
CA GLY B 441 -38.89 10.85 -19.67
C GLY B 441 -37.46 10.93 -19.13
N PHE B 442 -36.74 11.99 -19.47
CA PHE B 442 -35.40 12.16 -18.92
C PHE B 442 -35.40 12.19 -17.38
N GLN B 443 -36.46 12.72 -16.77
CA GLN B 443 -36.51 12.79 -15.33
C GLN B 443 -36.35 11.38 -14.75
N ALA B 444 -37.18 10.47 -15.26
CA ALA B 444 -37.21 9.10 -14.75
C ALA B 444 -35.90 8.37 -15.07
N TRP B 445 -35.47 8.44 -16.33
CA TRP B 445 -34.28 7.73 -16.77
C TRP B 445 -33.06 8.12 -15.97
N SER B 446 -32.88 9.43 -15.80
CA SER B 446 -31.63 9.90 -15.24
C SER B 446 -31.62 9.76 -13.73
N MET B 447 -32.72 10.13 -13.08
CA MET B 447 -32.81 9.99 -11.64
C MET B 447 -32.83 8.53 -11.19
N GLN B 448 -33.32 7.63 -12.04
CA GLN B 448 -33.21 6.18 -11.77
C GLN B 448 -31.74 5.78 -11.53
N ARG B 449 -30.83 6.38 -12.28
CA ARG B 449 -29.40 6.12 -12.08
C ARG B 449 -28.93 6.65 -10.72
N VAL B 450 -29.40 7.83 -10.34
CA VAL B 450 -29.04 8.41 -9.04
C VAL B 450 -29.58 7.54 -7.91
N MET B 451 -30.77 6.98 -8.08
CA MET B 451 -31.30 6.07 -7.06
C MET B 451 -30.42 4.84 -6.86
N GLU B 452 -29.96 4.25 -7.97
CA GLU B 452 -29.03 3.11 -7.90
C GLU B 452 -27.70 3.50 -7.23
N TYR B 453 -27.17 4.66 -7.61
CA TYR B 453 -25.99 5.19 -6.93
C TYR B 453 -26.22 5.23 -5.42
N TYR B 454 -27.33 5.78 -4.99
CA TYR B 454 -27.63 5.84 -3.57
C TYR B 454 -27.87 4.44 -2.97
N LEU B 455 -28.55 3.56 -3.70
CA LEU B 455 -28.80 2.19 -3.23
C LEU B 455 -27.47 1.52 -2.84
N GLU B 456 -26.50 1.62 -3.75
CA GLU B 456 -25.25 0.90 -3.60
C GLU B 456 -24.25 1.55 -2.63
N THR B 457 -24.33 2.87 -2.42
CA THR B 457 -23.29 3.56 -1.64
C THR B 457 -23.79 4.09 -0.31
N GLY B 458 -25.07 4.46 -0.25
CA GLY B 458 -25.61 5.13 0.91
C GLY B 458 -24.98 6.50 1.15
N ASP B 459 -24.49 7.13 0.08
CA ASP B 459 -23.90 8.47 0.10
C ASP B 459 -24.95 9.54 0.43
N SER B 460 -24.85 10.11 1.63
CA SER B 460 -25.83 11.08 2.12
C SER B 460 -25.85 12.40 1.38
N SER B 461 -24.77 12.71 0.67
CA SER B 461 -24.66 13.99 -0.02
C SER B 461 -25.73 14.15 -1.10
N VAL B 462 -26.32 13.04 -1.50
CA VAL B 462 -27.32 12.99 -2.56
C VAL B 462 -28.75 12.82 -2.01
N LYS B 463 -28.85 12.64 -0.69
CA LYS B 463 -30.12 12.44 0.01
C LYS B 463 -31.14 13.57 -0.22
N ASN B 464 -30.72 14.82 -0.09
CA ASN B 464 -31.68 15.92 -0.28
C ASN B 464 -32.20 16.00 -1.71
N LEU B 465 -31.29 15.75 -2.64
CA LEU B 465 -31.61 15.76 -4.05
C LEU B 465 -32.72 14.74 -4.36
N ILE B 466 -32.52 13.51 -3.89
CA ILE B 466 -33.45 12.42 -4.14
C ILE B 466 -34.82 12.68 -3.53
N LYS B 467 -34.84 13.03 -2.24
CA LYS B 467 -36.10 13.19 -1.51
C LYS B 467 -36.95 14.27 -2.15
N LYS B 468 -36.31 15.35 -2.58
CA LYS B 468 -37.04 16.47 -3.15
C LYS B 468 -37.67 16.07 -4.50
N TRP B 469 -36.93 15.31 -5.30
CA TRP B 469 -37.40 14.84 -6.60
C TRP B 469 -38.52 13.80 -6.40
N VAL B 470 -38.36 12.91 -5.41
CA VAL B 470 -39.40 11.93 -5.14
C VAL B 470 -40.67 12.65 -4.72
N ASP B 471 -40.56 13.60 -3.80
CA ASP B 471 -41.72 14.43 -3.42
C ASP B 471 -42.39 15.09 -4.62
N TRP B 472 -41.60 15.69 -5.50
CA TRP B 472 -42.12 16.28 -6.72
C TRP B 472 -42.92 15.29 -7.60
N VAL B 473 -42.26 14.20 -7.94
CA VAL B 473 -42.86 13.16 -8.76
C VAL B 473 -44.10 12.56 -8.10
N MET B 474 -44.02 12.28 -6.79
CA MET B 474 -45.19 11.77 -6.06
C MET B 474 -46.42 12.70 -6.10
N SER B 475 -46.18 14.02 -6.16
CA SER B 475 -47.27 15.00 -6.17
C SER B 475 -47.88 15.14 -7.56
N GLU B 476 -47.26 14.51 -8.55
CA GLU B 476 -47.66 14.65 -9.96
C GLU B 476 -48.26 13.39 -10.58
N ILE B 477 -48.14 12.24 -9.94
CA ILE B 477 -48.72 11.02 -10.47
C ILE B 477 -50.21 10.98 -10.16
N LYS B 478 -50.98 10.70 -11.21
CA LYS B 478 -52.43 10.59 -11.11
C LYS B 478 -52.89 9.15 -11.08
N LEU B 479 -53.48 8.76 -9.97
CA LEU B 479 -54.09 7.44 -9.82
C LEU B 479 -55.62 7.57 -9.76
N TYR B 480 -56.28 7.02 -10.77
CA TYR B 480 -57.72 7.08 -10.88
C TYR B 480 -58.44 5.88 -10.24
N ASP B 481 -59.66 6.11 -9.77
CA ASP B 481 -60.40 5.09 -9.02
C ASP B 481 -60.82 3.90 -9.86
N ASP B 482 -60.93 4.10 -11.17
CA ASP B 482 -61.29 3.02 -12.07
C ASP B 482 -60.07 2.18 -12.45
N GLY B 483 -58.94 2.48 -11.82
CA GLY B 483 -57.72 1.73 -12.05
C GLY B 483 -56.81 2.24 -13.15
N THR B 484 -57.19 3.32 -13.83
CA THR B 484 -56.26 3.97 -14.77
C THR B 484 -55.23 4.84 -14.04
N PHE B 485 -54.32 5.42 -14.82
CA PHE B 485 -53.29 6.26 -14.27
C PHE B 485 -52.93 7.34 -15.27
N ALA B 486 -52.20 8.35 -14.82
CA ALA B 486 -51.50 9.26 -15.73
C ALA B 486 -50.25 9.82 -15.07
N ILE B 487 -49.21 10.04 -15.86
CA ILE B 487 -47.97 10.64 -15.37
C ILE B 487 -47.69 11.83 -16.26
N PRO B 488 -46.88 12.77 -15.78
CA PRO B 488 -46.50 13.93 -16.58
C PRO B 488 -45.83 13.49 -17.88
N SER B 489 -46.02 14.25 -18.95
CA SER B 489 -45.35 13.92 -20.19
C SER B 489 -44.56 15.11 -20.70
N ASP B 490 -45.14 16.30 -20.60
CA ASP B 490 -44.44 17.54 -20.98
C ASP B 490 -44.20 18.55 -19.84
N LEU B 491 -43.04 19.19 -19.93
CA LEU B 491 -42.49 20.05 -18.93
C LEU B 491 -42.17 21.43 -19.52
N GLU B 492 -42.34 22.46 -18.70
CA GLU B 492 -42.05 23.83 -19.10
C GLU B 492 -41.15 24.44 -18.02
N TRP B 493 -40.14 25.19 -18.44
CA TRP B 493 -39.11 25.70 -17.53
C TRP B 493 -39.00 27.21 -17.57
N SER B 494 -38.72 27.80 -16.40
CA SER B 494 -38.40 29.22 -16.35
C SER B 494 -37.31 29.56 -15.34
N GLY B 495 -36.58 30.63 -15.61
CA GLY B 495 -35.52 31.09 -14.72
C GLY B 495 -34.22 30.33 -14.90
N GLN B 496 -33.39 30.41 -13.87
CA GLN B 496 -32.06 29.83 -13.86
C GLN B 496 -31.77 29.32 -12.45
N PRO B 497 -30.96 28.27 -12.30
CA PRO B 497 -30.45 27.93 -10.97
C PRO B 497 -29.49 29.04 -10.55
N ASP B 498 -29.15 29.09 -9.29
CA ASP B 498 -28.10 29.98 -8.85
C ASP B 498 -26.78 29.41 -9.29
N THR B 499 -25.86 30.28 -9.73
CA THR B 499 -24.49 29.85 -10.00
C THR B 499 -24.05 28.84 -8.96
N TRP B 500 -23.47 27.74 -9.42
CA TRP B 500 -23.01 26.69 -8.53
C TRP B 500 -21.78 27.11 -7.78
N THR B 501 -21.83 26.85 -6.48
CA THR B 501 -20.94 27.39 -5.51
C THR B 501 -20.62 26.22 -4.55
N GLY B 502 -20.99 25.01 -4.98
CA GLY B 502 -20.63 23.77 -4.30
C GLY B 502 -21.67 23.30 -3.31
N THR B 503 -22.73 24.10 -3.14
CA THR B 503 -23.82 23.76 -2.24
C THR B 503 -25.15 24.17 -2.87
N TYR B 504 -26.14 23.32 -2.73
CA TYR B 504 -27.47 23.61 -3.24
C TYR B 504 -28.10 24.75 -2.45
N THR B 505 -28.79 25.63 -3.17
CA THR B 505 -29.36 26.84 -2.59
C THR B 505 -30.86 26.73 -2.47
N GLY B 506 -31.44 25.71 -3.10
CA GLY B 506 -32.88 25.64 -3.24
C GLY B 506 -33.38 26.21 -4.57
N ASN B 507 -32.51 26.92 -5.30
CA ASN B 507 -32.86 27.55 -6.59
C ASN B 507 -34.26 28.17 -6.63
N PRO B 508 -34.53 29.15 -5.76
CA PRO B 508 -35.90 29.65 -5.59
C PRO B 508 -36.43 30.24 -6.90
N ASN B 509 -35.53 30.59 -7.83
CA ASN B 509 -35.91 31.22 -9.10
C ASN B 509 -35.89 30.32 -10.34
N LEU B 510 -35.76 29.00 -10.13
CA LEU B 510 -35.79 28.05 -11.24
C LEU B 510 -37.06 27.24 -11.14
N HIS B 511 -37.90 27.30 -12.15
CA HIS B 511 -39.21 26.66 -12.02
C HIS B 511 -39.50 25.68 -13.13
N VAL B 512 -40.20 24.61 -12.75
CA VAL B 512 -40.70 23.64 -13.70
C VAL B 512 -42.20 23.52 -13.47
N ARG B 513 -42.94 23.44 -14.59
CA ARG B 513 -44.38 23.23 -14.57
C ARG B 513 -44.74 22.08 -15.51
N VAL B 514 -45.60 21.18 -15.05
CA VAL B 514 -46.05 20.07 -15.91
C VAL B 514 -47.19 20.56 -16.83
N THR B 515 -46.96 20.59 -18.15
CA THR B 515 -47.97 21.12 -19.07
C THR B 515 -48.91 20.08 -19.65
N SER B 516 -48.52 18.79 -19.59
CA SER B 516 -49.41 17.72 -20.04
C SER B 516 -49.12 16.42 -19.33
N TYR B 517 -50.10 15.53 -19.37
CA TYR B 517 -50.02 14.22 -18.77
C TYR B 517 -50.40 13.17 -19.80
N GLY B 518 -49.84 11.98 -19.64
CA GLY B 518 -50.09 10.92 -20.57
C GLY B 518 -49.93 9.57 -19.89
N THR B 519 -49.68 8.57 -20.71
CA THR B 519 -49.76 7.22 -20.22
C THR B 519 -48.59 6.38 -20.79
N ASP B 520 -47.54 7.10 -21.20
CA ASP B 520 -46.30 6.54 -21.74
C ASP B 520 -45.77 5.39 -20.85
N LEU B 521 -45.71 4.19 -21.43
CA LEU B 521 -45.48 2.97 -20.69
C LEU B 521 -44.02 2.79 -20.31
N GLY B 522 -43.11 3.27 -21.17
CA GLY B 522 -41.69 3.25 -20.88
C GLY B 522 -41.37 4.13 -19.68
N VAL B 523 -41.79 5.40 -19.77
CA VAL B 523 -41.55 6.36 -18.69
C VAL B 523 -42.20 5.86 -17.40
N ALA B 524 -43.37 5.25 -17.51
CA ALA B 524 -44.07 4.71 -16.35
C ALA B 524 -43.26 3.58 -15.70
N GLY B 525 -42.67 2.73 -16.54
CA GLY B 525 -41.79 1.66 -16.06
C GLY B 525 -40.55 2.23 -15.41
N SER B 526 -39.87 3.12 -16.12
CA SER B 526 -38.70 3.81 -15.60
C SER B 526 -38.95 4.48 -14.22
N LEU B 527 -40.04 5.23 -14.13
CA LEU B 527 -40.41 5.94 -12.93
C LEU B 527 -40.63 4.98 -11.78
N ALA B 528 -41.26 3.84 -12.10
CA ALA B 528 -41.54 2.79 -11.12
C ALA B 528 -40.22 2.20 -10.61
N ASN B 529 -39.29 1.99 -11.53
CA ASN B 529 -37.95 1.54 -11.19
C ASN B 529 -37.27 2.51 -10.21
N ALA B 530 -37.23 3.79 -10.57
CA ALA B 530 -36.66 4.83 -9.72
C ALA B 530 -37.25 4.81 -8.32
N LEU B 531 -38.59 4.77 -8.23
CA LEU B 531 -39.31 4.77 -6.96
C LEU B 531 -39.04 3.53 -6.09
N ALA B 532 -39.10 2.35 -6.70
CA ALA B 532 -38.78 1.11 -6.01
C ALA B 532 -37.31 1.04 -5.55
N THR B 533 -36.40 1.45 -6.44
CA THR B 533 -34.97 1.46 -6.11
C THR B 533 -34.71 2.41 -4.95
N TYR B 534 -35.27 3.60 -5.05
CA TYR B 534 -35.21 4.56 -3.95
C TYR B 534 -35.73 3.97 -2.64
N ALA B 535 -36.93 3.37 -2.68
CA ALA B 535 -37.53 2.77 -1.49
C ALA B 535 -36.60 1.73 -0.83
N ALA B 536 -36.01 0.86 -1.66
CA ALA B 536 -35.05 -0.14 -1.20
C ALA B 536 -33.90 0.54 -0.51
N ALA B 537 -33.44 1.64 -1.10
CA ALA B 537 -32.32 2.38 -0.54
C ALA B 537 -32.66 2.88 0.85
N THR B 538 -33.87 3.38 1.04
CA THR B 538 -34.25 3.90 2.36
C THR B 538 -34.28 2.79 3.38
N GLU B 539 -34.74 1.61 2.98
CA GLU B 539 -34.71 0.46 3.90
C GLU B 539 -33.27 0.03 4.22
N ARG B 540 -32.41 0.05 3.20
CA ARG B 540 -31.02 -0.35 3.38
C ARG B 540 -30.25 0.62 4.29
N TRP B 541 -30.38 1.93 4.05
CA TRP B 541 -29.51 2.93 4.70
C TRP B 541 -30.14 3.79 5.79
N GLU B 542 -31.44 4.02 5.72
CA GLU B 542 -32.08 5.04 6.54
C GLU B 542 -32.79 4.49 7.78
N GLY B 543 -32.83 3.16 7.91
CA GLY B 543 -33.49 2.51 9.04
C GLY B 543 -35.02 2.59 8.97
N LYS B 544 -35.53 2.88 7.79
CA LYS B 544 -36.95 3.16 7.63
C LYS B 544 -37.33 3.12 6.16
N LEU B 545 -38.04 2.05 5.80
CA LEU B 545 -38.61 1.89 4.46
C LEU B 545 -39.62 2.97 4.10
N ASP B 546 -39.38 3.68 3.00
CA ASP B 546 -40.37 4.61 2.44
C ASP B 546 -41.47 3.79 1.75
N THR B 547 -42.56 3.64 2.47
CA THR B 547 -43.67 2.76 2.11
C THR B 547 -44.49 3.32 0.94
N LYS B 548 -44.65 4.64 0.91
CA LYS B 548 -45.39 5.30 -0.15
C LYS B 548 -44.69 5.19 -1.52
N ALA B 549 -43.36 5.30 -1.52
CA ALA B 549 -42.59 5.11 -2.74
C ALA B 549 -42.69 3.66 -3.26
N ARG B 550 -42.52 2.68 -2.36
CA ARG B 550 -42.70 1.27 -2.69
C ARG B 550 -44.07 1.02 -3.35
N ASP B 551 -45.12 1.43 -2.65
CA ASP B 551 -46.47 1.12 -3.10
C ASP B 551 -46.76 1.80 -4.43
N MET B 552 -46.31 3.05 -4.57
CA MET B 552 -46.50 3.78 -5.83
C MET B 552 -45.85 3.11 -7.03
N ALA B 553 -44.63 2.59 -6.84
CA ALA B 553 -43.95 1.83 -7.88
C ALA B 553 -44.81 0.63 -8.31
N ALA B 554 -45.35 -0.09 -7.32
CA ALA B 554 -46.24 -1.20 -7.58
C ALA B 554 -47.52 -0.75 -8.30
N GLU B 555 -48.02 0.43 -7.92
CA GLU B 555 -49.22 1.02 -8.55
C GLU B 555 -48.97 1.36 -10.00
N LEU B 556 -47.79 1.90 -10.32
CA LEU B 556 -47.47 2.21 -11.71
C LEU B 556 -47.38 0.92 -12.52
N VAL B 557 -46.67 -0.07 -11.99
CA VAL B 557 -46.53 -1.35 -12.70
C VAL B 557 -47.89 -2.02 -12.90
N ASN B 558 -48.64 -2.20 -11.82
CA ASN B 558 -49.93 -2.89 -11.88
C ASN B 558 -50.83 -2.23 -12.92
N ARG B 559 -50.83 -0.90 -12.93
CA ARG B 559 -51.72 -0.13 -13.79
C ARG B 559 -51.23 -0.02 -15.22
N ALA B 560 -49.91 -0.06 -15.42
CA ALA B 560 -49.38 0.00 -16.78
C ALA B 560 -49.69 -1.32 -17.46
N TRP B 561 -49.52 -2.40 -16.72
CA TRP B 561 -49.70 -3.73 -17.24
C TRP B 561 -51.18 -4.06 -17.42
N TYR B 562 -52.00 -3.71 -16.42
CA TYR B 562 -53.44 -3.93 -16.50
C TYR B 562 -54.12 -3.22 -17.68
N ASN B 563 -53.96 -1.91 -17.80
CA ASN B 563 -54.69 -1.14 -18.81
C ASN B 563 -54.12 -1.30 -20.19
N PHE B 564 -52.90 -1.85 -20.30
CA PHE B 564 -52.22 -1.82 -21.60
C PHE B 564 -51.68 -3.16 -22.08
N TYR B 565 -52.26 -4.22 -21.56
CA TYR B 565 -51.98 -5.58 -21.97
C TYR B 565 -52.29 -5.76 -23.46
N CYS B 566 -51.41 -6.46 -24.16
CA CYS B 566 -51.61 -6.77 -25.57
C CYS B 566 -52.24 -8.16 -25.72
N SER B 567 -53.49 -8.20 -26.16
CA SER B 567 -54.25 -9.45 -26.32
C SER B 567 -53.56 -10.46 -27.27
N GLU B 568 -53.03 -9.97 -28.40
CA GLU B 568 -52.26 -10.80 -29.35
C GLU B 568 -50.89 -11.31 -28.80
N GLY B 569 -50.65 -11.13 -27.50
CA GLY B 569 -49.51 -11.74 -26.81
C GLY B 569 -48.13 -11.10 -26.99
N LYS B 570 -48.08 -9.82 -27.34
CA LYS B 570 -46.80 -9.12 -27.55
C LYS B 570 -46.27 -8.31 -26.34
N GLY B 571 -46.92 -8.46 -25.20
CA GLY B 571 -46.54 -7.75 -24.00
C GLY B 571 -47.52 -6.63 -23.68
N VAL B 572 -47.05 -5.39 -23.81
CA VAL B 572 -47.87 -4.20 -23.64
C VAL B 572 -47.87 -3.33 -24.89
N VAL B 573 -48.97 -2.61 -25.08
CA VAL B 573 -49.13 -1.73 -26.21
C VAL B 573 -49.72 -0.38 -25.81
N THR B 574 -49.13 0.64 -26.38
CA THR B 574 -49.47 2.04 -26.17
C THR B 574 -50.70 2.46 -27.00
N GLU B 575 -51.52 3.35 -26.47
CA GLU B 575 -52.40 4.14 -27.36
C GLU B 575 -52.10 5.65 -27.26
N GLU B 576 -51.66 6.24 -28.35
CA GLU B 576 -51.15 7.61 -28.29
C GLU B 576 -51.54 8.46 -29.50
N ALA B 577 -51.93 9.70 -29.22
CA ALA B 577 -52.22 10.69 -30.24
C ALA B 577 -50.93 11.35 -30.72
N ARG B 578 -50.69 11.28 -32.02
CA ARG B 578 -49.48 11.83 -32.60
C ARG B 578 -49.78 13.05 -33.47
N ALA B 579 -50.10 14.16 -32.80
CA ALA B 579 -50.47 15.39 -33.50
C ALA B 579 -49.34 15.88 -34.36
N ASP B 580 -48.12 15.51 -33.98
CA ASP B 580 -46.92 15.91 -34.70
C ASP B 580 -46.82 15.25 -36.08
N TYR B 581 -47.50 14.12 -36.27
CA TYR B 581 -47.41 13.37 -37.54
C TYR B 581 -47.96 14.13 -38.77
N LYS B 582 -48.63 15.25 -38.54
CA LYS B 582 -48.94 16.17 -39.63
C LYS B 582 -47.67 16.69 -40.30
N ARG B 583 -46.52 16.54 -39.63
CA ARG B 583 -45.23 17.03 -40.13
C ARG B 583 -44.61 16.12 -41.19
N PHE B 584 -45.12 14.89 -41.29
CA PHE B 584 -44.84 13.99 -42.42
C PHE B 584 -45.03 14.78 -43.71
N PHE B 585 -46.13 15.52 -43.79
CA PHE B 585 -46.61 16.12 -45.04
C PHE B 585 -46.37 17.62 -45.13
N GLU B 586 -46.37 18.29 -43.98
CA GLU B 586 -46.23 19.74 -43.91
C GLU B 586 -44.80 20.26 -43.76
N GLN B 587 -43.90 19.41 -43.23
CA GLN B 587 -42.58 19.91 -42.88
C GLN B 587 -41.64 20.04 -44.07
N GLU B 588 -41.27 21.27 -44.38
CA GLU B 588 -40.23 21.51 -45.37
C GLU B 588 -38.85 21.20 -44.79
N VAL B 589 -38.13 20.34 -45.50
CA VAL B 589 -36.75 19.99 -45.21
C VAL B 589 -35.83 20.91 -46.00
N TYR B 590 -34.97 21.65 -45.31
CA TYR B 590 -34.04 22.55 -45.99
C TYR B 590 -32.97 21.84 -46.84
N VAL B 591 -32.75 22.38 -48.04
CA VAL B 591 -31.67 21.96 -48.94
C VAL B 591 -31.08 23.26 -49.50
N PRO B 592 -29.75 23.41 -49.55
CA PRO B 592 -29.17 24.65 -50.08
C PRO B 592 -29.59 24.88 -51.54
N ALA B 593 -29.81 26.14 -51.90
CA ALA B 593 -30.19 26.49 -53.27
C ALA B 593 -29.10 26.05 -54.26
N GLY B 594 -29.50 25.32 -55.30
CA GLY B 594 -28.57 24.84 -56.30
C GLY B 594 -27.87 23.54 -55.96
N TRP B 595 -28.25 22.93 -54.83
CA TRP B 595 -27.81 21.57 -54.48
C TRP B 595 -28.86 20.57 -54.96
N SER B 596 -28.41 19.46 -55.54
CA SER B 596 -29.30 18.34 -55.83
C SER B 596 -28.60 16.99 -55.74
N GLY B 597 -29.37 15.96 -55.42
CA GLY B 597 -28.88 14.60 -55.36
C GLY B 597 -30.08 13.73 -55.15
N THR B 598 -29.88 12.43 -54.94
CA THR B 598 -31.01 11.51 -54.81
C THR B 598 -30.86 10.49 -53.68
N MET B 599 -31.98 10.12 -53.10
CA MET B 599 -32.06 9.01 -52.17
C MET B 599 -32.04 7.71 -52.97
N PRO B 600 -31.34 6.69 -52.44
CA PRO B 600 -31.18 5.39 -53.12
C PRO B 600 -32.41 4.83 -53.85
N ASN B 601 -33.62 5.14 -53.39
CA ASN B 601 -34.80 4.65 -54.07
C ASN B 601 -35.22 5.51 -55.28
N GLY B 602 -34.47 6.58 -55.54
CA GLY B 602 -34.82 7.53 -56.57
C GLY B 602 -35.27 8.88 -56.03
N ASP B 603 -35.70 8.95 -54.77
CA ASP B 603 -36.18 10.21 -54.19
C ASP B 603 -35.27 11.39 -54.48
N LYS B 604 -35.85 12.46 -55.01
CA LYS B 604 -35.07 13.63 -55.41
C LYS B 604 -34.88 14.56 -54.21
N ILE B 605 -33.62 14.92 -53.95
CA ILE B 605 -33.28 15.82 -52.85
C ILE B 605 -32.99 17.18 -53.43
N GLN B 606 -33.90 18.12 -53.22
CA GLN B 606 -33.87 19.45 -53.84
C GLN B 606 -34.68 20.45 -53.00
N PRO B 607 -34.36 21.74 -53.12
CA PRO B 607 -35.12 22.79 -52.41
C PRO B 607 -36.64 22.59 -52.50
N GLY B 608 -37.32 22.78 -51.37
CA GLY B 608 -38.76 22.61 -51.29
C GLY B 608 -39.26 21.22 -50.94
N ILE B 609 -38.36 20.27 -50.68
CA ILE B 609 -38.80 18.91 -50.29
C ILE B 609 -39.51 18.85 -48.94
N LYS B 610 -40.39 17.88 -48.79
CA LYS B 610 -41.01 17.59 -47.51
C LYS B 610 -40.43 16.31 -46.91
N PHE B 611 -40.62 16.13 -45.60
CA PHE B 611 -40.20 14.90 -44.91
C PHE B 611 -40.51 13.63 -45.73
N ILE B 612 -41.75 13.52 -46.21
CA ILE B 612 -42.22 12.34 -46.95
C ILE B 612 -41.52 12.14 -48.32
N ASP B 613 -41.06 13.24 -48.91
CA ASP B 613 -40.49 13.24 -50.26
C ASP B 613 -39.11 12.58 -50.38
N ILE B 614 -38.38 12.46 -49.28
CA ILE B 614 -37.12 11.72 -49.34
C ILE B 614 -37.28 10.37 -48.64
N ARG B 615 -38.50 10.09 -48.22
CA ARG B 615 -38.86 8.82 -47.63
C ARG B 615 -40.07 8.15 -48.31
N THR B 616 -40.14 8.28 -49.64
CA THR B 616 -41.20 7.65 -50.45
C THR B 616 -41.66 6.28 -49.96
N LYS B 617 -40.73 5.42 -49.55
CA LYS B 617 -41.10 4.04 -49.17
C LYS B 617 -42.16 3.98 -48.06
N TYR B 618 -42.36 5.08 -47.34
CA TYR B 618 -43.39 5.16 -46.30
C TYR B 618 -44.82 4.98 -46.82
N ARG B 619 -45.05 5.28 -48.10
CA ARG B 619 -46.40 5.14 -48.69
C ARG B 619 -46.88 3.70 -48.77
N GLN B 620 -45.93 2.76 -48.84
CA GLN B 620 -46.23 1.34 -48.79
C GLN B 620 -46.47 0.82 -47.38
N ASP B 621 -46.10 1.63 -46.38
CA ASP B 621 -46.23 1.26 -44.97
C ASP B 621 -47.68 1.00 -44.58
N PRO B 622 -47.94 -0.13 -43.93
CA PRO B 622 -49.31 -0.52 -43.55
C PRO B 622 -50.06 0.49 -42.69
N TYR B 623 -49.38 1.47 -42.12
CA TYR B 623 -50.07 2.51 -41.35
C TYR B 623 -50.04 3.90 -41.99
N TYR B 624 -49.49 4.00 -43.20
CA TYR B 624 -49.41 5.27 -43.90
C TYR B 624 -50.78 5.91 -44.15
N ASP B 625 -51.76 5.10 -44.59
CA ASP B 625 -53.10 5.61 -44.87
C ASP B 625 -53.72 6.26 -43.64
N ILE B 626 -53.63 5.57 -42.50
CA ILE B 626 -54.14 6.09 -41.22
C ILE B 626 -53.55 7.46 -40.88
N VAL B 627 -52.23 7.61 -41.04
CA VAL B 627 -51.62 8.91 -40.79
C VAL B 627 -51.87 9.93 -41.91
N TYR B 628 -52.08 9.46 -43.14
CA TYR B 628 -52.39 10.35 -44.26
C TYR B 628 -53.83 10.88 -44.24
N GLN B 629 -54.77 9.96 -44.04
CA GLN B 629 -56.21 10.29 -43.95
C GLN B 629 -56.47 11.28 -42.80
N ALA B 630 -55.91 10.97 -41.63
CA ALA B 630 -56.03 11.84 -40.45
C ALA B 630 -55.55 13.26 -40.72
N TYR B 631 -54.55 13.40 -41.60
CA TYR B 631 -53.97 14.70 -41.93
C TYR B 631 -54.92 15.54 -42.80
N LEU B 632 -55.67 14.87 -43.68
CA LEU B 632 -56.61 15.55 -44.59
C LEU B 632 -57.80 16.08 -43.80
N ARG B 633 -58.17 15.32 -42.76
CA ARG B 633 -59.20 15.71 -41.79
C ARG B 633 -58.74 16.74 -40.73
N GLY B 634 -57.49 17.22 -40.83
CA GLY B 634 -56.88 18.00 -39.75
C GLY B 634 -56.97 17.36 -38.36
N GLU B 635 -56.91 16.02 -38.33
CA GLU B 635 -57.00 15.25 -37.08
C GLU B 635 -55.65 14.59 -36.70
N ALA B 636 -55.48 14.35 -35.41
CA ALA B 636 -54.29 13.66 -34.92
C ALA B 636 -54.49 12.14 -35.05
N PRO B 637 -53.59 11.46 -35.77
CA PRO B 637 -53.60 9.99 -35.84
C PRO B 637 -53.50 9.38 -34.45
N VAL B 638 -54.26 8.31 -34.24
CA VAL B 638 -54.09 7.49 -33.05
C VAL B 638 -53.33 6.23 -33.42
N LEU B 639 -52.31 5.90 -32.62
CA LEU B 639 -51.48 4.72 -32.88
C LEU B 639 -51.28 3.78 -31.71
N ASN B 640 -50.84 2.58 -32.07
CA ASN B 640 -50.48 1.56 -31.13
C ASN B 640 -49.01 1.20 -31.37
N TYR B 641 -48.23 1.08 -30.28
CA TYR B 641 -46.78 0.88 -30.41
C TYR B 641 -46.18 -0.05 -29.42
N HIS B 642 -45.34 -0.96 -29.89
CA HIS B 642 -44.55 -1.79 -28.98
C HIS B 642 -43.12 -1.35 -29.19
N ARG B 643 -42.71 -0.29 -28.50
CA ARG B 643 -41.29 0.09 -28.52
C ARG B 643 -40.54 -0.89 -27.66
N PHE B 644 -39.40 -1.36 -28.16
CA PHE B 644 -38.52 -2.25 -27.39
C PHE B 644 -38.28 -1.72 -25.96
N TRP B 645 -37.85 -0.46 -25.85
CA TRP B 645 -37.46 0.08 -24.54
C TRP B 645 -38.62 0.27 -23.58
N HIS B 646 -39.82 0.55 -24.11
CA HIS B 646 -41.00 0.54 -23.26
C HIS B 646 -41.18 -0.83 -22.63
N GLU B 647 -41.13 -1.89 -23.44
CA GLU B 647 -41.38 -3.24 -22.91
C GLU B 647 -40.34 -3.56 -21.83
N VAL B 648 -39.11 -3.11 -22.07
CA VAL B 648 -38.01 -3.42 -21.15
C VAL B 648 -38.08 -2.63 -19.85
N ASP B 649 -38.24 -1.31 -19.93
CA ASP B 649 -38.33 -0.51 -18.71
C ASP B 649 -39.41 -1.03 -17.79
N LEU B 650 -40.57 -1.39 -18.37
CA LEU B 650 -41.64 -2.02 -17.60
C LEU B 650 -41.17 -3.33 -17.00
N ALA B 651 -40.62 -4.19 -17.86
CA ALA B 651 -40.12 -5.49 -17.41
C ALA B 651 -39.10 -5.33 -16.26
N VAL B 652 -38.15 -4.42 -16.44
CA VAL B 652 -37.12 -4.19 -15.44
C VAL B 652 -37.70 -3.70 -14.10
N ALA B 653 -38.76 -2.89 -14.20
CA ALA B 653 -39.42 -2.39 -12.99
C ALA B 653 -40.02 -3.56 -12.22
N MET B 654 -40.74 -4.44 -12.91
CA MET B 654 -41.27 -5.68 -12.32
C MET B 654 -40.15 -6.44 -11.62
N GLY B 655 -39.02 -6.56 -12.30
CA GLY B 655 -37.87 -7.24 -11.73
C GLY B 655 -37.30 -6.60 -10.49
N VAL B 656 -37.25 -5.25 -10.47
CA VAL B 656 -36.71 -4.52 -9.33
C VAL B 656 -37.59 -4.82 -8.11
N LEU B 657 -38.90 -4.75 -8.31
CA LEU B 657 -39.86 -5.18 -7.28
C LEU B 657 -39.59 -6.64 -6.85
N ALA B 658 -39.50 -7.55 -7.80
CA ALA B 658 -39.23 -8.96 -7.48
C ALA B 658 -37.94 -9.11 -6.68
N THR B 659 -36.97 -8.22 -6.94
CA THR B 659 -35.67 -8.25 -6.29
C THR B 659 -35.64 -7.69 -4.86
N TYR B 660 -36.20 -6.51 -4.66
CA TYR B 660 -36.10 -5.82 -3.36
C TYR B 660 -37.37 -5.98 -2.53
N PHE B 661 -38.49 -6.29 -3.19
CA PHE B 661 -39.74 -6.60 -2.46
C PHE B 661 -40.39 -7.90 -2.97
N PRO B 662 -39.74 -9.03 -2.69
CA PRO B 662 -40.11 -10.33 -3.29
C PRO B 662 -41.48 -10.87 -2.85
N ASP B 663 -41.98 -10.40 -1.70
CA ASP B 663 -43.30 -10.81 -1.19
C ASP B 663 -44.44 -10.03 -1.83
N MET B 664 -44.12 -8.93 -2.50
CA MET B 664 -45.16 -8.14 -3.12
C MET B 664 -45.73 -8.85 -4.33
N THR B 665 -46.99 -8.56 -4.58
CA THR B 665 -47.78 -9.34 -5.49
C THR B 665 -48.68 -8.40 -6.30
N TYR B 666 -48.85 -8.70 -7.59
CA TYR B 666 -49.72 -7.89 -8.43
C TYR B 666 -51.21 -7.98 -8.00
N LYS B 667 -51.94 -6.87 -8.16
CA LYS B 667 -53.38 -6.81 -7.91
C LYS B 667 -54.04 -6.04 -9.05
N VAL B 668 -55.21 -6.49 -9.51
CA VAL B 668 -55.96 -5.74 -10.52
C VAL B 668 -56.44 -4.42 -9.93
N PRO B 669 -55.97 -3.32 -10.51
CA PRO B 669 -56.26 -1.98 -9.99
C PRO B 669 -57.72 -1.55 -10.21
N GLY C 28 -29.85 13.64 22.31
CA GLY C 28 -29.39 13.28 20.94
C GLY C 28 -27.90 13.53 20.67
N PRO C 29 -27.33 12.87 19.66
CA PRO C 29 -25.88 12.98 19.43
C PRO C 29 -25.47 14.35 18.88
N THR C 30 -24.28 14.82 19.25
CA THR C 30 -23.63 16.02 18.69
C THR C 30 -22.15 15.69 18.49
N LYS C 31 -21.45 16.51 17.70
CA LYS C 31 -20.05 16.29 17.41
C LYS C 31 -19.16 16.51 18.63
N ALA C 32 -18.21 15.59 18.80
CA ALA C 32 -17.26 15.68 19.90
C ALA C 32 -16.41 16.93 19.73
N PRO C 33 -16.16 17.64 20.83
CA PRO C 33 -15.24 18.78 20.81
C PRO C 33 -13.79 18.34 20.94
N THR C 34 -13.56 17.06 21.23
CA THR C 34 -12.22 16.50 21.40
C THR C 34 -11.18 17.03 20.38
N LYS C 35 -10.02 17.47 20.89
CA LYS C 35 -8.93 17.96 20.05
C LYS C 35 -8.25 16.82 19.29
N ASP C 36 -7.79 17.12 18.08
CA ASP C 36 -7.01 16.17 17.32
C ASP C 36 -5.76 15.87 18.15
N GLY C 37 -5.20 14.68 17.98
CA GLY C 37 -4.04 14.30 18.77
C GLY C 37 -4.32 13.78 20.17
N THR C 38 -5.59 13.65 20.56
CA THR C 38 -5.88 13.07 21.88
C THR C 38 -5.57 11.57 21.83
N SER C 39 -4.73 11.09 22.74
CA SER C 39 -4.43 9.65 22.80
C SER C 39 -5.70 8.83 22.99
N TYR C 40 -5.74 7.64 22.40
CA TYR C 40 -6.82 6.68 22.70
C TYR C 40 -6.88 6.32 24.19
N LYS C 41 -5.72 6.30 24.86
CA LYS C 41 -5.69 6.14 26.31
C LYS C 41 -6.61 7.14 27.00
N ASP C 42 -6.36 8.43 26.81
CA ASP C 42 -7.21 9.48 27.40
C ASP C 42 -8.68 9.39 26.98
N LEU C 43 -8.95 8.95 25.75
CA LEU C 43 -10.36 8.83 25.32
C LEU C 43 -11.04 7.73 26.10
N PHE C 44 -10.32 6.63 26.31
CA PHE C 44 -10.85 5.55 27.11
C PHE C 44 -11.15 6.08 28.51
N LEU C 45 -10.20 6.84 29.05
CA LEU C 45 -10.27 7.34 30.42
C LEU C 45 -11.42 8.30 30.58
N GLU C 46 -11.63 9.16 29.58
CA GLU C 46 -12.77 10.09 29.61
C GLU C 46 -14.09 9.31 29.59
N LEU C 47 -14.22 8.31 28.70
CA LEU C 47 -15.46 7.55 28.58
C LEU C 47 -15.67 6.67 29.80
N TYR C 48 -14.58 6.08 30.28
CA TYR C 48 -14.63 5.30 31.50
C TYR C 48 -15.25 6.11 32.65
N GLY C 49 -14.68 7.29 32.93
CA GLY C 49 -15.19 8.16 33.99
C GLY C 49 -16.66 8.51 33.87
N LYS C 50 -17.09 8.70 32.62
CA LYS C 50 -18.48 8.99 32.35
C LYS C 50 -19.39 7.79 32.61
N ILE C 51 -18.94 6.59 32.26
CA ILE C 51 -19.69 5.38 32.56
C ILE C 51 -19.83 5.15 34.07
N LYS C 52 -18.79 5.53 34.83
CA LYS C 52 -18.77 5.26 36.27
C LYS C 52 -19.31 6.43 37.10
N ASP C 53 -19.52 7.58 36.45
CA ASP C 53 -20.05 8.77 37.13
C ASP C 53 -21.47 8.52 37.66
N PRO C 54 -21.61 8.59 38.98
CA PRO C 54 -22.90 8.39 39.67
C PRO C 54 -24.09 9.20 39.10
N LYS C 55 -23.82 10.47 38.76
CA LYS C 55 -24.84 11.37 38.21
C LYS C 55 -25.39 10.90 36.85
N ASN C 56 -24.67 9.98 36.18
CA ASN C 56 -25.13 9.52 34.86
C ASN C 56 -26.13 8.37 34.91
N GLY C 57 -26.08 7.57 35.97
CA GLY C 57 -27.09 6.55 36.20
C GLY C 57 -26.99 5.22 35.45
N TYR C 58 -25.78 4.81 35.06
CA TYR C 58 -25.60 3.51 34.39
C TYR C 58 -25.75 2.36 35.39
N PHE C 59 -25.58 2.67 36.67
CA PHE C 59 -25.62 1.70 37.75
C PHE C 59 -26.76 2.01 38.76
N SER C 60 -27.32 0.96 39.37
CA SER C 60 -28.31 1.12 40.41
C SER C 60 -27.70 1.87 41.61
N PRO C 61 -28.45 2.82 42.16
CA PRO C 61 -27.92 3.69 43.23
C PRO C 61 -27.61 2.92 44.50
N ASP C 62 -28.39 1.87 44.80
CA ASP C 62 -28.24 1.14 46.06
C ASP C 62 -27.16 0.08 46.09
N GLU C 63 -27.02 -0.68 45.01
CA GLU C 63 -26.02 -1.78 45.00
C GLU C 63 -24.85 -1.68 43.98
N GLY C 64 -24.96 -0.76 43.01
CA GLY C 64 -23.95 -0.62 41.97
C GLY C 64 -24.01 -1.72 40.92
N ILE C 65 -25.23 -2.15 40.59
CA ILE C 65 -25.49 -3.14 39.55
C ILE C 65 -25.66 -2.39 38.24
N PRO C 66 -24.91 -2.76 37.20
CA PRO C 66 -25.08 -2.10 35.89
C PRO C 66 -26.45 -2.37 35.28
N TYR C 67 -27.16 -1.31 34.93
CA TYR C 67 -28.43 -1.47 34.21
C TYR C 67 -28.16 -1.89 32.76
N HIS C 68 -29.16 -2.47 32.10
CA HIS C 68 -29.06 -2.69 30.66
C HIS C 68 -28.81 -1.37 29.94
N SER C 69 -29.55 -0.34 30.34
CA SER C 69 -29.37 1.01 29.80
C SER C 69 -29.80 2.08 30.80
N ILE C 70 -29.37 3.32 30.57
CA ILE C 70 -29.86 4.43 31.37
C ILE C 70 -31.39 4.56 31.20
N GLU C 71 -31.87 4.56 29.96
CA GLU C 71 -33.30 4.65 29.70
C GLU C 71 -34.02 3.38 30.12
N THR C 72 -35.21 3.57 30.70
CA THR C 72 -36.05 2.46 31.18
C THR C 72 -36.90 1.80 30.09
N LEU C 73 -37.35 2.57 29.11
CA LEU C 73 -38.21 2.00 28.09
C LEU C 73 -37.42 1.60 26.87
N ILE C 74 -37.19 0.30 26.77
CA ILE C 74 -36.41 -0.32 25.68
C ILE C 74 -36.80 -1.78 25.64
N VAL C 75 -36.97 -2.30 24.43
CA VAL C 75 -37.35 -3.70 24.26
C VAL C 75 -36.46 -4.34 23.19
N GLU C 76 -35.64 -5.30 23.62
CA GLU C 76 -34.82 -6.12 22.72
C GLU C 76 -34.73 -7.48 23.43
N ALA C 77 -33.57 -8.04 23.72
CA ALA C 77 -33.57 -9.29 24.51
C ALA C 77 -34.20 -9.08 25.91
N PRO C 78 -33.69 -8.15 26.73
CA PRO C 78 -34.47 -7.66 27.87
C PRO C 78 -35.61 -6.75 27.38
N ASP C 79 -36.71 -6.70 28.10
CA ASP C 79 -37.88 -5.89 27.68
C ASP C 79 -38.10 -4.71 28.61
N TYR C 80 -37.11 -4.41 29.43
CA TYR C 80 -37.14 -3.27 30.34
C TYR C 80 -35.70 -2.77 30.64
N GLY C 81 -35.48 -1.48 30.45
CA GLY C 81 -34.16 -0.89 30.55
C GLY C 81 -33.46 -1.07 31.87
N HIS C 82 -34.22 -1.24 32.94
CA HIS C 82 -33.58 -1.30 34.25
C HIS C 82 -33.56 -2.68 34.87
N VAL C 83 -33.75 -3.71 34.04
CA VAL C 83 -33.24 -5.04 34.40
C VAL C 83 -31.70 -4.99 34.39
N THR C 84 -31.07 -6.05 34.85
CA THR C 84 -29.66 -6.28 34.57
C THR C 84 -29.57 -7.62 33.88
N THR C 85 -28.41 -7.92 33.32
CA THR C 85 -28.19 -9.16 32.61
C THR C 85 -26.82 -9.68 32.99
N SER C 86 -26.60 -10.99 32.94
CA SER C 86 -25.26 -11.52 33.09
C SER C 86 -24.32 -10.85 32.06
N GLU C 87 -24.85 -10.56 30.87
CA GLU C 87 -24.14 -9.79 29.84
C GLU C 87 -23.60 -8.46 30.39
N ALA C 88 -24.47 -7.64 30.93
CA ALA C 88 -24.06 -6.35 31.47
C ALA C 88 -22.96 -6.51 32.52
N PHE C 89 -23.05 -7.56 33.33
CA PHE C 89 -21.98 -7.82 34.29
C PHE C 89 -20.65 -8.20 33.62
N SER C 90 -20.70 -9.02 32.57
CA SER C 90 -19.48 -9.44 31.91
C SER C 90 -18.77 -8.21 31.32
N TYR C 91 -19.55 -7.31 30.72
CA TYR C 91 -18.99 -6.06 30.21
C TYR C 91 -18.42 -5.19 31.31
N TYR C 92 -19.03 -5.23 32.48
CA TYR C 92 -18.58 -4.43 33.62
C TYR C 92 -17.18 -4.87 34.07
N VAL C 93 -16.95 -6.17 34.18
CA VAL C 93 -15.62 -6.71 34.44
C VAL C 93 -14.59 -6.30 33.36
N TRP C 94 -15.00 -6.38 32.11
CA TRP C 94 -14.14 -6.04 30.99
C TRP C 94 -13.65 -4.59 31.08
N LEU C 95 -14.60 -3.67 31.26
CA LEU C 95 -14.30 -2.26 31.47
C LEU C 95 -13.29 -2.05 32.62
N GLU C 96 -13.46 -2.78 33.72
CA GLU C 96 -12.56 -2.62 34.85
C GLU C 96 -11.17 -3.21 34.60
N ALA C 97 -11.11 -4.29 33.84
CA ALA C 97 -9.85 -4.92 33.43
C ALA C 97 -9.00 -3.94 32.62
N MET C 98 -9.63 -3.35 31.60
CA MET C 98 -8.99 -2.33 30.78
C MET C 98 -8.57 -1.11 31.62
N TYR C 99 -9.39 -0.75 32.60
CA TYR C 99 -9.07 0.39 33.44
C TYR C 99 -7.81 0.11 34.26
N GLY C 100 -7.72 -1.06 34.88
CA GLY C 100 -6.49 -1.47 35.55
C GLY C 100 -5.27 -1.45 34.64
N ASN C 101 -5.41 -2.02 33.45
CA ASN C 101 -4.38 -2.01 32.44
C ASN C 101 -3.84 -0.59 32.23
N LEU C 102 -4.72 0.35 31.93
CA LEU C 102 -4.27 1.68 31.52
C LEU C 102 -3.86 2.61 32.67
N THR C 103 -4.11 2.17 33.89
CA THR C 103 -4.08 3.05 35.03
C THR C 103 -3.26 2.52 36.20
N GLY C 104 -3.20 1.19 36.35
CA GLY C 104 -2.61 0.58 37.53
C GLY C 104 -3.50 0.42 38.76
N ASN C 105 -4.76 0.87 38.71
CA ASN C 105 -5.70 0.69 39.82
C ASN C 105 -6.63 -0.47 39.54
N TRP C 106 -6.54 -1.50 40.39
CA TRP C 106 -7.21 -2.77 40.15
C TRP C 106 -8.49 -3.04 40.98
N SER C 107 -8.86 -2.09 41.85
CA SER C 107 -9.96 -2.31 42.78
C SER C 107 -11.27 -2.54 42.04
N GLY C 108 -11.49 -1.76 40.97
CA GLY C 108 -12.65 -1.99 40.13
C GLY C 108 -12.91 -3.43 39.70
N VAL C 109 -11.87 -4.22 39.46
CA VAL C 109 -12.08 -5.60 39.03
C VAL C 109 -12.69 -6.39 40.19
N GLU C 110 -12.11 -6.22 41.37
CA GLU C 110 -12.61 -6.87 42.58
C GLU C 110 -14.04 -6.39 42.88
N THR C 111 -14.28 -5.09 42.75
CA THR C 111 -15.60 -4.51 43.00
C THR C 111 -16.64 -5.10 42.04
N ALA C 112 -16.29 -5.14 40.75
CA ALA C 112 -17.20 -5.67 39.74
C ALA C 112 -17.63 -7.10 40.03
N TRP C 113 -16.67 -7.95 40.39
CA TRP C 113 -16.93 -9.36 40.61
C TRP C 113 -17.67 -9.59 41.94
N LYS C 114 -17.37 -8.78 42.94
CA LYS C 114 -18.10 -8.84 44.20
C LYS C 114 -19.59 -8.48 43.99
N VAL C 115 -19.86 -7.41 43.25
CA VAL C 115 -21.22 -7.06 42.90
C VAL C 115 -21.89 -8.22 42.15
N MET C 116 -21.18 -8.81 41.18
CA MET C 116 -21.70 -9.97 40.45
C MET C 116 -22.05 -11.15 41.39
N GLU C 117 -21.15 -11.47 42.29
CA GLU C 117 -21.32 -12.56 43.24
C GLU C 117 -22.39 -12.27 44.31
N ASP C 118 -22.53 -11.01 44.71
CA ASP C 118 -23.55 -10.64 45.67
C ASP C 118 -24.94 -10.72 45.06
N TRP C 119 -25.06 -10.48 43.75
CA TRP C 119 -26.36 -10.25 43.13
C TRP C 119 -26.83 -11.23 42.07
N ILE C 120 -26.01 -11.49 41.04
CA ILE C 120 -26.52 -12.26 39.91
C ILE C 120 -26.12 -13.75 39.91
N ILE C 121 -25.20 -14.12 40.78
CA ILE C 121 -24.91 -15.53 40.96
C ILE C 121 -25.68 -16.03 42.18
N PRO C 122 -26.57 -17.01 41.99
CA PRO C 122 -27.29 -17.64 43.11
C PRO C 122 -26.33 -18.24 44.12
N ASP C 123 -26.37 -17.77 45.38
CA ASP C 123 -25.61 -18.42 46.46
C ASP C 123 -26.33 -19.73 46.89
N SER C 124 -25.82 -20.43 47.92
CA SER C 124 -26.43 -21.72 48.32
C SER C 124 -27.85 -21.56 48.88
N THR C 125 -28.06 -20.51 49.68
CA THR C 125 -29.39 -20.18 50.21
C THR C 125 -30.42 -19.98 49.10
N GLU C 126 -29.93 -19.73 47.89
CA GLU C 126 -30.81 -19.48 46.75
C GLU C 126 -30.96 -20.71 45.85
N GLN C 127 -30.26 -21.79 46.21
CA GLN C 127 -30.44 -23.08 45.51
C GLN C 127 -30.74 -24.21 46.53
N PRO C 128 -31.90 -24.13 47.21
CA PRO C 128 -32.27 -25.14 48.23
C PRO C 128 -32.55 -26.51 47.60
N GLY C 129 -31.84 -27.52 48.08
CA GLY C 129 -32.06 -28.88 47.63
C GLY C 129 -31.25 -29.31 46.42
N MET C 130 -30.19 -28.58 46.11
CA MET C 130 -29.33 -28.94 44.99
C MET C 130 -28.58 -30.26 45.27
N SER C 131 -28.30 -30.52 46.55
CA SER C 131 -27.67 -31.77 47.01
C SER C 131 -28.49 -33.03 46.69
N SER C 132 -29.76 -32.84 46.32
CA SER C 132 -30.65 -33.97 46.04
C SER C 132 -30.65 -34.33 44.56
N TYR C 133 -29.93 -33.55 43.77
CA TYR C 133 -29.85 -33.75 42.32
C TYR C 133 -29.32 -35.13 42.03
N ASN C 134 -29.89 -35.75 41.02
CA ASN C 134 -29.50 -37.10 40.62
C ASN C 134 -28.93 -37.11 39.20
N PRO C 135 -27.61 -37.31 39.10
CA PRO C 135 -26.92 -37.42 37.80
C PRO C 135 -27.48 -38.48 36.88
N ASN C 136 -28.10 -39.51 37.46
CA ASN C 136 -28.67 -40.59 36.64
C ASN C 136 -30.10 -40.29 36.21
N SER C 137 -30.62 -39.16 36.71
CA SER C 137 -31.96 -38.71 36.38
C SER C 137 -32.01 -37.18 36.43
N PRO C 138 -31.25 -36.51 35.55
CA PRO C 138 -31.07 -35.05 35.62
C PRO C 138 -32.36 -34.26 35.53
N ALA C 139 -33.26 -34.66 34.64
CA ALA C 139 -34.52 -33.94 34.46
C ALA C 139 -35.61 -34.84 33.90
N THR C 140 -36.78 -34.26 33.70
CA THR C 140 -37.90 -34.95 33.06
C THR C 140 -38.14 -34.33 31.69
N TYR C 141 -38.11 -35.16 30.66
CA TYR C 141 -38.28 -34.70 29.30
C TYR C 141 -39.55 -33.88 29.05
N ALA C 142 -39.47 -32.91 28.13
CA ALA C 142 -40.66 -32.25 27.58
C ALA C 142 -40.38 -31.85 26.13
N ASP C 143 -41.42 -31.64 25.35
CA ASP C 143 -41.26 -31.21 23.96
C ASP C 143 -40.95 -29.71 23.90
N GLU C 144 -40.35 -29.28 22.80
CA GLU C 144 -40.33 -27.87 22.47
C GLU C 144 -41.26 -27.71 21.29
N TYR C 145 -41.97 -26.58 21.21
CA TYR C 145 -42.92 -26.39 20.11
C TYR C 145 -42.72 -25.10 19.30
N GLU C 146 -43.10 -25.17 18.02
CA GLU C 146 -42.99 -24.07 17.05
C GLU C 146 -43.80 -22.79 17.32
N ASP C 147 -44.73 -22.81 18.27
CA ASP C 147 -45.54 -21.65 18.59
C ASP C 147 -45.83 -21.64 20.09
N PRO C 148 -45.85 -20.46 20.71
CA PRO C 148 -46.18 -20.37 22.14
C PRO C 148 -47.58 -20.91 22.50
N SER C 149 -48.48 -20.96 21.51
CA SER C 149 -49.84 -21.43 21.71
C SER C 149 -49.88 -22.91 22.05
N TYR C 150 -48.86 -23.66 21.61
CA TYR C 150 -48.69 -25.06 22.01
C TYR C 150 -48.35 -25.25 23.49
N TYR C 151 -48.12 -24.16 24.21
CA TYR C 151 -47.72 -24.26 25.62
C TYR C 151 -48.92 -24.04 26.53
N PRO C 152 -48.97 -24.74 27.67
CA PRO C 152 -47.81 -25.42 28.27
C PRO C 152 -47.39 -26.73 27.60
N SER C 153 -46.13 -27.11 27.81
CA SER C 153 -45.61 -28.38 27.31
C SER C 153 -45.64 -29.40 28.44
N GLU C 154 -45.99 -30.64 28.12
CA GLU C 154 -46.19 -31.65 29.16
C GLU C 154 -44.95 -32.49 29.48
N LEU C 155 -44.64 -32.56 30.78
CA LEU C 155 -43.61 -33.45 31.29
C LEU C 155 -43.98 -34.90 31.03
N LYS C 156 -43.07 -35.66 30.44
CA LYS C 156 -43.32 -37.06 30.11
C LYS C 156 -42.47 -38.01 30.98
N PHE C 157 -43.04 -38.43 32.10
CA PHE C 157 -42.31 -39.11 33.18
C PHE C 157 -41.79 -40.53 32.92
N ASP C 158 -42.49 -41.33 32.12
CA ASP C 158 -42.09 -42.74 31.99
C ASP C 158 -41.88 -43.24 30.56
N THR C 159 -42.52 -42.59 29.60
CA THR C 159 -42.50 -43.05 28.22
C THR C 159 -41.25 -42.54 27.45
N VAL C 160 -40.34 -41.86 28.18
CA VAL C 160 -39.11 -41.30 27.63
C VAL C 160 -37.96 -41.31 28.66
N ARG C 161 -36.93 -42.13 28.43
CA ARG C 161 -35.78 -42.07 29.33
C ARG C 161 -34.80 -40.95 28.95
N VAL C 162 -34.37 -40.24 30.01
CA VAL C 162 -33.43 -39.12 29.98
C VAL C 162 -32.00 -39.68 30.20
N GLY C 163 -30.99 -39.10 29.54
CA GLY C 163 -29.62 -39.58 29.65
C GLY C 163 -28.97 -39.28 30.99
N SER C 164 -27.68 -39.57 31.11
CA SER C 164 -26.92 -39.33 32.35
C SER C 164 -25.96 -38.15 32.29
N ASP C 165 -25.71 -37.54 33.45
CA ASP C 165 -24.89 -36.33 33.58
C ASP C 165 -23.46 -36.69 34.03
N PRO C 166 -22.49 -36.63 33.11
CA PRO C 166 -21.12 -37.10 33.34
C PRO C 166 -20.17 -36.11 34.02
N VAL C 167 -20.68 -34.98 34.48
CA VAL C 167 -19.85 -33.87 34.86
C VAL C 167 -20.19 -33.41 36.28
N HIS C 168 -21.43 -33.66 36.69
CA HIS C 168 -21.91 -33.24 38.00
C HIS C 168 -21.05 -33.71 39.19
N ASN C 169 -20.64 -34.96 39.19
CA ASN C 169 -19.84 -35.48 40.31
C ASN C 169 -18.43 -34.91 40.41
N ASP C 170 -17.78 -34.79 39.26
CA ASP C 170 -16.51 -34.06 39.12
C ASP C 170 -16.59 -32.66 39.77
N LEU C 171 -17.59 -31.86 39.37
CA LEU C 171 -17.79 -30.53 39.94
C LEU C 171 -18.10 -30.54 41.45
N VAL C 172 -18.99 -31.44 41.86
CA VAL C 172 -19.35 -31.58 43.28
C VAL C 172 -18.09 -31.85 44.11
N SER C 173 -17.29 -32.85 43.68
CA SER C 173 -16.03 -33.15 44.36
C SER C 173 -15.19 -31.90 44.62
N ALA C 174 -15.17 -30.96 43.66
CA ALA C 174 -14.33 -29.77 43.78
C ALA C 174 -14.94 -28.59 44.56
N TYR C 175 -16.24 -28.36 44.40
CA TYR C 175 -16.86 -27.09 44.81
C TYR C 175 -18.04 -27.17 45.78
N GLY C 176 -18.54 -28.37 46.06
CA GLY C 176 -19.77 -28.50 46.80
C GLY C 176 -20.92 -28.76 45.84
N PRO C 177 -22.16 -28.76 46.36
CA PRO C 177 -23.35 -29.12 45.56
C PRO C 177 -23.88 -28.01 44.66
N ASN C 178 -23.55 -26.76 44.97
CA ASN C 178 -24.16 -25.64 44.28
C ASN C 178 -23.56 -25.36 42.90
N MET C 179 -24.26 -24.55 42.12
CA MET C 179 -23.89 -24.17 40.78
C MET C 179 -23.27 -22.77 40.84
N TYR C 180 -22.13 -22.58 40.19
CA TYR C 180 -21.50 -21.25 40.16
C TYR C 180 -21.54 -20.69 38.74
N LEU C 181 -22.72 -20.17 38.40
CA LEU C 181 -23.01 -19.56 37.10
C LEU C 181 -23.89 -18.33 37.29
N MET C 182 -23.95 -17.49 36.27
CA MET C 182 -24.78 -16.31 36.36
C MET C 182 -26.17 -16.61 35.82
N HIS C 183 -27.20 -16.36 36.62
CA HIS C 183 -28.54 -16.35 36.06
C HIS C 183 -28.61 -15.12 35.13
N TRP C 184 -29.26 -15.25 34.00
CA TRP C 184 -29.09 -14.26 32.93
C TRP C 184 -29.88 -12.94 33.10
N LEU C 185 -30.96 -12.95 33.90
CA LEU C 185 -31.87 -11.79 33.98
C LEU C 185 -32.32 -11.48 35.41
N MET C 186 -32.25 -10.20 35.77
CA MET C 186 -32.64 -9.78 37.11
C MET C 186 -33.28 -8.40 37.10
N ASP C 187 -34.39 -8.29 37.83
CA ASP C 187 -35.17 -7.07 37.96
C ASP C 187 -34.55 -6.27 39.11
N VAL C 188 -33.66 -5.36 38.76
CA VAL C 188 -32.79 -4.71 39.74
C VAL C 188 -33.58 -3.96 40.83
N ASP C 189 -34.51 -3.12 40.40
CA ASP C 189 -35.30 -2.30 41.31
C ASP C 189 -36.75 -2.81 41.46
N ASN C 190 -36.97 -4.10 41.17
CA ASN C 190 -38.27 -4.73 41.32
C ASN C 190 -39.38 -3.99 40.58
N TRP C 191 -39.15 -3.69 39.30
CA TRP C 191 -40.13 -2.97 38.49
C TRP C 191 -41.37 -3.80 38.26
N TYR C 192 -41.18 -5.11 38.08
CA TYR C 192 -42.31 -6.04 37.85
C TYR C 192 -43.08 -6.34 39.14
N GLY C 193 -42.48 -6.08 40.29
CA GLY C 193 -43.14 -6.22 41.57
C GLY C 193 -43.17 -7.61 42.17
N PHE C 194 -42.54 -8.59 41.50
CA PHE C 194 -42.50 -9.99 41.96
C PHE C 194 -41.88 -10.17 43.34
N GLY C 195 -40.98 -9.27 43.70
CA GLY C 195 -40.26 -9.37 44.95
C GLY C 195 -40.79 -8.42 46.01
N THR C 196 -40.09 -8.34 47.13
CA THR C 196 -40.48 -7.46 48.23
C THR C 196 -39.96 -6.04 47.99
N GLY C 197 -40.86 -5.07 48.05
CA GLY C 197 -40.51 -3.66 48.00
C GLY C 197 -39.68 -3.25 46.80
N THR C 198 -38.38 -3.10 47.02
CA THR C 198 -37.48 -2.61 45.98
C THR C 198 -36.29 -3.56 45.74
N ARG C 199 -36.33 -4.72 46.38
CA ARG C 199 -35.26 -5.72 46.28
C ARG C 199 -35.08 -6.28 44.86
N ALA C 200 -33.81 -6.47 44.50
CA ALA C 200 -33.43 -7.05 43.22
C ALA C 200 -33.96 -8.47 43.13
N THR C 201 -34.54 -8.82 41.99
CA THR C 201 -35.29 -10.07 41.89
C THR C 201 -34.94 -10.86 40.63
N PHE C 202 -34.56 -12.13 40.82
CA PHE C 202 -34.35 -13.03 39.69
C PHE C 202 -35.67 -13.25 38.95
N ILE C 203 -35.71 -12.88 37.68
CA ILE C 203 -36.89 -13.11 36.85
C ILE C 203 -36.50 -13.90 35.61
N ASN C 204 -37.50 -14.32 34.84
CA ASN C 204 -37.26 -14.94 33.55
C ASN C 204 -38.37 -14.56 32.59
N THR C 205 -38.12 -14.71 31.30
CA THR C 205 -39.12 -14.39 30.32
C THR C 205 -39.31 -15.57 29.37
N PHE C 206 -38.41 -15.73 28.40
CA PHE C 206 -38.51 -16.77 27.39
C PHE C 206 -38.70 -18.18 27.94
N GLN C 207 -39.78 -18.84 27.49
CA GLN C 207 -40.12 -20.19 27.94
C GLN C 207 -40.85 -20.97 26.86
N ARG C 208 -41.28 -20.31 25.80
CA ARG C 208 -42.25 -20.94 24.89
C ARG C 208 -41.80 -21.06 23.44
N GLY C 209 -40.59 -21.57 23.26
CA GLY C 209 -40.08 -22.00 21.96
C GLY C 209 -39.64 -20.91 20.99
N GLU C 210 -39.34 -21.35 19.77
CA GLU C 210 -38.67 -20.51 18.78
C GLU C 210 -39.43 -19.25 18.33
N GLN C 211 -40.76 -19.25 18.48
CA GLN C 211 -41.54 -18.10 18.03
C GLN C 211 -41.94 -17.15 19.15
N GLU C 212 -41.43 -17.40 20.35
CA GLU C 212 -41.74 -16.49 21.44
C GLU C 212 -40.78 -15.31 21.42
N SER C 213 -41.11 -14.27 20.66
CA SER C 213 -40.31 -13.05 20.64
C SER C 213 -40.34 -12.39 22.03
N THR C 214 -39.55 -11.33 22.22
CA THR C 214 -39.55 -10.60 23.50
C THR C 214 -40.91 -10.03 23.80
N TRP C 215 -41.67 -9.82 22.73
CA TRP C 215 -42.99 -9.20 22.79
C TRP C 215 -44.05 -10.15 23.29
N GLU C 216 -43.78 -11.45 23.16
CA GLU C 216 -44.76 -12.49 23.37
C GLU C 216 -44.57 -13.28 24.67
N THR C 217 -43.82 -12.72 25.61
CA THR C 217 -43.45 -13.46 26.82
C THR C 217 -44.35 -13.10 28.00
N ILE C 218 -44.30 -13.89 29.06
CA ILE C 218 -44.87 -13.46 30.34
C ILE C 218 -43.80 -13.46 31.43
N PRO C 219 -43.29 -12.28 31.77
CA PRO C 219 -42.28 -12.15 32.82
C PRO C 219 -42.80 -12.83 34.07
N HIS C 220 -41.91 -13.50 34.81
CA HIS C 220 -42.32 -14.33 35.94
C HIS C 220 -41.16 -14.59 36.89
N PRO C 221 -41.44 -14.71 38.20
CA PRO C 221 -40.38 -14.82 39.21
C PRO C 221 -39.59 -16.11 39.05
N SER C 222 -38.28 -16.06 39.30
CA SER C 222 -37.44 -17.26 39.27
C SER C 222 -37.76 -18.14 40.45
N ILE C 223 -37.89 -17.50 41.61
CA ILE C 223 -38.30 -18.12 42.85
C ILE C 223 -39.84 -18.12 42.91
N GLU C 224 -40.43 -19.26 42.52
CA GLU C 224 -41.87 -19.41 42.39
C GLU C 224 -42.55 -19.88 43.69
N GLU C 225 -43.16 -18.93 44.39
CA GLU C 225 -43.84 -19.23 45.65
C GLU C 225 -45.35 -18.96 45.57
N PHE C 226 -45.87 -18.97 44.33
CA PHE C 226 -47.31 -18.81 44.06
C PHE C 226 -47.94 -17.50 44.59
N LYS C 227 -47.12 -16.57 45.09
CA LYS C 227 -47.61 -15.29 45.57
C LYS C 227 -48.33 -14.48 44.48
N TYR C 228 -47.94 -14.69 43.21
CA TYR C 228 -48.54 -13.97 42.06
C TYR C 228 -48.84 -14.93 40.92
N GLY C 229 -49.35 -14.39 39.82
CA GLY C 229 -49.74 -15.18 38.66
C GLY C 229 -51.09 -15.85 38.88
N GLY C 230 -51.17 -17.12 38.50
CA GLY C 230 -52.35 -17.92 38.72
C GLY C 230 -52.35 -18.65 40.06
N PRO C 231 -53.20 -19.68 40.17
CA PRO C 231 -53.24 -20.54 41.37
C PRO C 231 -51.96 -21.35 41.57
N ASN C 232 -51.32 -21.73 40.46
CA ASN C 232 -50.01 -22.38 40.49
C ASN C 232 -48.89 -21.39 40.13
N GLY C 233 -49.03 -20.13 40.56
CA GLY C 233 -48.12 -19.08 40.14
C GLY C 233 -48.10 -19.01 38.62
N PHE C 234 -46.91 -19.17 38.03
CA PHE C 234 -46.76 -19.05 36.58
C PHE C 234 -46.45 -20.37 35.88
N LEU C 235 -46.21 -21.43 36.67
CA LEU C 235 -45.74 -22.71 36.13
C LEU C 235 -46.59 -23.29 35.02
N ASP C 236 -47.91 -23.31 35.21
CA ASP C 236 -48.80 -23.98 34.25
C ASP C 236 -49.01 -23.22 32.95
N LEU C 237 -48.27 -22.14 32.76
CA LEU C 237 -48.20 -21.47 31.46
C LEU C 237 -47.23 -22.22 30.53
N PHE C 238 -46.23 -22.85 31.14
CA PHE C 238 -45.06 -23.35 30.44
C PHE C 238 -44.94 -24.87 30.42
N THR C 239 -45.12 -25.49 31.59
CA THR C 239 -45.02 -26.94 31.72
C THR C 239 -46.22 -27.54 32.46
N LYS C 240 -46.81 -28.56 31.86
CA LYS C 240 -47.92 -29.33 32.45
C LYS C 240 -47.42 -30.53 33.24
N ASP C 241 -47.58 -30.46 34.55
CA ASP C 241 -47.09 -31.48 35.49
C ASP C 241 -48.30 -32.06 36.26
N ARG C 242 -48.18 -33.33 36.65
CA ARG C 242 -49.21 -34.00 37.47
C ARG C 242 -49.57 -33.16 38.71
N SER C 243 -48.56 -32.63 39.39
CA SER C 243 -48.75 -31.73 40.52
C SER C 243 -47.85 -30.47 40.40
N TYR C 244 -48.22 -29.39 41.10
CA TYR C 244 -47.39 -28.20 41.10
C TYR C 244 -46.89 -27.84 42.50
N ALA C 245 -45.59 -27.74 42.63
CA ALA C 245 -44.98 -27.42 43.91
C ALA C 245 -44.19 -26.11 43.78
N LYS C 246 -44.10 -25.38 44.88
CA LYS C 246 -43.26 -24.20 44.93
C LYS C 246 -41.83 -24.57 44.59
N GLN C 247 -41.21 -23.81 43.70
CA GLN C 247 -39.90 -24.15 43.16
C GLN C 247 -39.08 -22.94 42.73
N TRP C 248 -37.82 -23.20 42.38
CA TRP C 248 -36.90 -22.19 41.85
C TRP C 248 -36.22 -22.71 40.58
N ARG C 249 -35.90 -21.79 39.69
CA ARG C 249 -35.37 -22.10 38.38
C ARG C 249 -34.43 -20.96 37.96
N TYR C 250 -33.24 -21.31 37.50
CA TYR C 250 -32.27 -20.32 36.99
C TYR C 250 -31.79 -20.73 35.62
N THR C 251 -31.49 -19.72 34.79
CA THR C 251 -30.97 -19.99 33.45
C THR C 251 -29.78 -19.09 33.18
N ASN C 252 -28.69 -19.69 32.70
CA ASN C 252 -27.52 -18.91 32.30
C ASN C 252 -27.51 -18.61 30.78
N ALA C 253 -26.68 -17.65 30.40
CA ALA C 253 -26.42 -17.39 29.00
C ALA C 253 -24.90 -17.40 28.97
N PRO C 254 -24.33 -18.51 28.52
CA PRO C 254 -22.91 -18.79 28.72
C PRO C 254 -21.94 -17.80 28.02
N ASP C 255 -22.41 -17.03 27.04
CA ASP C 255 -21.55 -16.03 26.42
C ASP C 255 -21.17 -14.90 27.42
N ALA C 256 -22.03 -14.66 28.40
CA ALA C 256 -21.71 -13.72 29.48
C ALA C 256 -20.56 -14.21 30.37
N GLU C 257 -20.67 -15.43 30.90
CA GLU C 257 -19.59 -16.04 31.67
C GLU C 257 -18.28 -16.07 30.86
N GLY C 258 -18.37 -16.42 29.58
CA GLY C 258 -17.21 -16.51 28.71
C GLY C 258 -16.53 -15.15 28.58
N ARG C 259 -17.31 -14.10 28.37
CA ARG C 259 -16.78 -12.75 28.30
C ARG C 259 -16.11 -12.35 29.63
N ALA C 260 -16.79 -12.61 30.75
CA ALA C 260 -16.25 -12.29 32.05
C ALA C 260 -14.90 -12.98 32.30
N ILE C 261 -14.77 -14.25 31.93
CA ILE C 261 -13.52 -15.02 32.17
C ILE C 261 -12.41 -14.51 31.24
N GLN C 262 -12.79 -14.31 29.97
CA GLN C 262 -11.91 -13.70 28.99
C GLN C 262 -11.37 -12.39 29.56
N ALA C 263 -12.27 -11.55 30.08
CA ALA C 263 -11.86 -10.29 30.67
C ALA C 263 -10.86 -10.51 31.79
N VAL C 264 -11.08 -11.55 32.59
CA VAL C 264 -10.24 -11.77 33.75
C VAL C 264 -8.85 -12.30 33.34
N TYR C 265 -8.77 -13.01 32.21
CA TYR C 265 -7.46 -13.42 31.69
C TYR C 265 -6.55 -12.20 31.48
N TRP C 266 -7.11 -11.14 30.89
CA TRP C 266 -6.40 -9.90 30.62
C TRP C 266 -6.13 -9.12 31.90
N ALA C 267 -7.13 -9.06 32.78
CA ALA C 267 -6.90 -8.49 34.11
C ALA C 267 -5.65 -9.12 34.74
N ASN C 268 -5.56 -10.44 34.68
CA ASN C 268 -4.43 -11.18 35.22
C ASN C 268 -3.11 -10.88 34.49
N LYS C 269 -3.15 -10.90 33.16
CA LYS C 269 -1.98 -10.58 32.36
C LYS C 269 -1.46 -9.18 32.68
N TRP C 270 -2.33 -8.19 32.62
CA TRP C 270 -1.97 -6.80 32.83
C TRP C 270 -1.57 -6.52 34.26
N ALA C 271 -2.32 -7.05 35.24
CA ALA C 271 -1.96 -6.85 36.64
C ALA C 271 -0.58 -7.43 36.94
N LYS C 272 -0.29 -8.59 36.38
CA LYS C 272 0.99 -9.26 36.62
C LYS C 272 2.18 -8.57 35.97
N GLU C 273 1.99 -7.99 34.79
CA GLU C 273 2.99 -7.15 34.17
C GLU C 273 3.36 -6.01 35.11
N GLN C 274 2.39 -5.49 35.86
CA GLN C 274 2.62 -4.37 36.76
C GLN C 274 3.16 -4.76 38.14
N GLY C 275 3.33 -6.06 38.40
CA GLY C 275 3.66 -6.53 39.74
C GLY C 275 2.50 -6.44 40.71
N LYS C 276 1.27 -6.41 40.18
CA LYS C 276 0.10 -6.29 41.03
C LYS C 276 -0.92 -7.42 40.86
N GLY C 277 -0.46 -8.59 40.42
CA GLY C 277 -1.31 -9.76 40.28
C GLY C 277 -2.13 -10.11 41.52
N SER C 278 -1.56 -9.86 42.71
CA SER C 278 -2.24 -10.17 43.97
C SER C 278 -3.62 -9.51 44.11
N ALA C 279 -3.81 -8.38 43.44
CA ALA C 279 -5.06 -7.65 43.55
C ALA C 279 -6.20 -8.24 42.73
N VAL C 280 -5.89 -9.15 41.80
CA VAL C 280 -6.94 -9.84 41.03
C VAL C 280 -6.92 -11.37 41.20
N ALA C 281 -6.01 -11.85 42.04
CA ALA C 281 -5.83 -13.29 42.28
C ALA C 281 -7.13 -14.01 42.64
N SER C 282 -7.89 -13.47 43.58
CA SER C 282 -9.13 -14.13 44.02
C SER C 282 -10.21 -14.16 42.94
N VAL C 283 -10.30 -13.08 42.15
CA VAL C 283 -11.12 -13.06 40.93
C VAL C 283 -10.71 -14.16 39.93
N VAL C 284 -9.41 -14.31 39.70
CA VAL C 284 -8.90 -15.30 38.75
C VAL C 284 -9.39 -16.69 39.17
N SER C 285 -9.18 -16.99 40.44
CA SER C 285 -9.59 -18.22 41.03
C SER C 285 -11.12 -18.43 40.97
N LYS C 286 -11.90 -17.37 41.11
CA LYS C 286 -13.36 -17.46 40.90
C LYS C 286 -13.77 -17.59 39.43
N ALA C 287 -13.01 -16.94 38.53
CA ALA C 287 -13.26 -17.04 37.09
C ALA C 287 -12.99 -18.47 36.67
N ALA C 288 -11.91 -19.05 37.22
CA ALA C 288 -11.52 -20.43 36.95
C ALA C 288 -12.66 -21.39 37.27
N LYS C 289 -13.30 -21.17 38.42
CA LYS C 289 -14.39 -22.02 38.92
C LYS C 289 -15.61 -21.86 38.03
N MET C 290 -15.98 -20.61 37.76
CA MET C 290 -17.03 -20.28 36.79
C MET C 290 -16.80 -20.99 35.44
N GLY C 291 -15.56 -20.99 34.93
CA GLY C 291 -15.24 -21.71 33.70
C GLY C 291 -15.47 -23.21 33.79
N ASP C 292 -15.08 -23.79 34.92
CA ASP C 292 -15.32 -25.22 35.18
C ASP C 292 -16.82 -25.52 35.06
N PHE C 293 -17.64 -24.72 35.72
CA PHE C 293 -19.08 -24.93 35.67
C PHE C 293 -19.69 -24.77 34.27
N LEU C 294 -19.03 -24.01 33.41
CA LEU C 294 -19.54 -23.80 32.07
C LEU C 294 -19.58 -25.11 31.26
N ARG C 295 -19.00 -26.18 31.81
CA ARG C 295 -19.08 -27.51 31.19
C ARG C 295 -20.54 -28.00 31.11
N ASN C 296 -21.34 -27.54 32.05
CA ASN C 296 -22.77 -27.78 31.98
C ASN C 296 -23.39 -27.35 30.66
N ASP C 297 -22.85 -26.29 30.04
CA ASP C 297 -23.39 -25.79 28.77
C ASP C 297 -22.97 -26.60 27.55
N MET C 298 -22.17 -27.63 27.76
CA MET C 298 -21.64 -28.44 26.66
C MET C 298 -22.53 -29.61 26.30
N PHE C 299 -23.68 -29.73 26.97
CA PHE C 299 -24.49 -30.96 26.87
C PHE C 299 -25.85 -30.78 26.24
N ASP C 300 -26.26 -31.80 25.48
CA ASP C 300 -27.62 -31.94 24.99
C ASP C 300 -28.65 -31.73 26.11
N LYS C 301 -29.79 -31.12 25.74
CA LYS C 301 -30.81 -30.72 26.69
C LYS C 301 -31.13 -31.81 27.73
N TYR C 302 -31.40 -33.02 27.26
CA TYR C 302 -31.81 -34.14 28.13
C TYR C 302 -30.79 -35.26 28.17
N PHE C 303 -29.55 -34.91 27.86
CA PHE C 303 -28.43 -35.85 27.84
C PHE C 303 -28.71 -37.00 26.88
N MET C 304 -29.35 -36.68 25.76
CA MET C 304 -29.50 -37.63 24.66
C MET C 304 -28.22 -37.67 23.85
N LYS C 305 -27.93 -38.80 23.21
CA LYS C 305 -26.72 -38.98 22.41
C LYS C 305 -26.65 -37.93 21.32
N ILE C 306 -25.45 -37.42 21.05
CA ILE C 306 -25.26 -36.51 19.93
C ILE C 306 -25.36 -37.31 18.63
N GLY C 307 -26.20 -36.83 17.70
CA GLY C 307 -26.37 -37.47 16.40
C GLY C 307 -27.46 -38.53 16.37
N ALA C 308 -28.17 -38.65 17.48
CA ALA C 308 -29.21 -39.66 17.66
C ALA C 308 -30.38 -39.54 16.68
N GLN C 309 -30.85 -38.31 16.46
CA GLN C 309 -32.11 -38.07 15.73
C GLN C 309 -33.22 -38.98 16.26
N ASP C 310 -33.26 -39.07 17.59
CA ASP C 310 -34.12 -39.98 18.33
C ASP C 310 -33.90 -39.60 19.77
N LYS C 311 -34.80 -40.00 20.66
CA LYS C 311 -34.64 -39.69 22.06
C LYS C 311 -33.75 -40.76 22.72
N THR C 312 -32.56 -41.00 22.17
CA THR C 312 -31.65 -42.00 22.72
C THR C 312 -30.85 -41.45 23.90
N PRO C 313 -31.04 -42.00 25.10
CA PRO C 313 -30.33 -41.51 26.28
C PRO C 313 -28.87 -41.89 26.19
N ALA C 314 -27.97 -40.98 26.58
CA ALA C 314 -26.53 -41.26 26.60
C ALA C 314 -26.06 -41.57 28.02
N THR C 315 -24.93 -42.27 28.14
CA THR C 315 -24.31 -42.52 29.47
C THR C 315 -23.04 -41.74 29.81
N GLY C 316 -22.12 -41.61 28.86
CA GLY C 316 -20.86 -40.97 29.23
C GLY C 316 -20.85 -39.55 28.71
N TYR C 317 -19.84 -39.28 27.88
CA TYR C 317 -19.73 -38.02 27.17
C TYR C 317 -20.42 -38.08 25.81
N ASP C 318 -21.22 -39.13 25.59
CA ASP C 318 -21.95 -39.27 24.34
C ASP C 318 -23.00 -38.18 24.12
N SER C 319 -23.35 -37.45 25.17
CA SER C 319 -24.28 -36.33 25.07
C SER C 319 -23.59 -34.95 25.04
N ALA C 320 -22.26 -34.93 24.99
CA ALA C 320 -21.48 -33.69 24.94
C ALA C 320 -21.31 -33.29 23.48
N HIS C 321 -21.83 -32.11 23.12
CA HIS C 321 -21.48 -31.49 21.82
C HIS C 321 -20.20 -30.65 21.96
N TYR C 322 -19.88 -30.27 23.21
CA TYR C 322 -18.66 -29.53 23.54
C TYR C 322 -18.65 -28.08 23.03
N LEU C 323 -19.85 -27.55 22.74
CA LEU C 323 -20.01 -26.18 22.31
C LEU C 323 -20.67 -25.44 23.45
N MET C 324 -20.74 -24.11 23.39
CA MET C 324 -21.52 -23.40 24.39
C MET C 324 -22.95 -23.35 23.89
N ALA C 325 -23.83 -24.14 24.50
CA ALA C 325 -25.21 -24.21 24.06
C ALA C 325 -25.92 -22.93 24.47
N TRP C 326 -27.19 -22.78 24.07
CA TRP C 326 -27.92 -21.55 24.37
C TRP C 326 -28.04 -21.27 25.86
N TYR C 327 -28.12 -22.31 26.67
CA TYR C 327 -28.25 -22.16 28.12
C TYR C 327 -27.93 -23.46 28.83
N THR C 328 -27.84 -23.34 30.14
CA THR C 328 -28.04 -24.41 31.09
C THR C 328 -29.12 -23.85 31.99
N ALA C 329 -30.09 -24.70 32.34
CA ALA C 329 -31.05 -24.29 33.35
C ALA C 329 -31.05 -25.33 34.45
N TRP C 330 -31.25 -24.86 35.67
CA TRP C 330 -31.28 -25.75 36.81
C TRP C 330 -32.27 -25.22 37.83
N GLY C 331 -32.76 -26.11 38.69
CA GLY C 331 -33.84 -25.78 39.60
C GLY C 331 -34.15 -26.85 40.62
N GLY C 332 -34.96 -26.48 41.60
CA GLY C 332 -35.35 -27.40 42.65
C GLY C 332 -36.62 -26.95 43.35
N GLY C 333 -37.04 -27.71 44.35
CA GLY C 333 -38.21 -27.36 45.14
C GLY C 333 -37.84 -26.38 46.23
N ILE C 334 -38.79 -25.50 46.58
CA ILE C 334 -38.59 -24.62 47.73
C ILE C 334 -38.88 -25.39 49.04
N GLY C 335 -40.03 -26.07 49.11
CA GLY C 335 -40.41 -26.84 50.28
C GLY C 335 -39.71 -28.19 50.45
N ALA C 336 -40.18 -29.19 49.70
CA ALA C 336 -39.51 -30.49 49.60
C ALA C 336 -38.15 -30.36 48.88
N SER C 337 -37.26 -31.33 49.11
CA SER C 337 -35.96 -31.30 48.45
C SER C 337 -35.84 -32.27 47.25
N TRP C 338 -35.82 -31.66 46.07
CA TRP C 338 -35.53 -32.30 44.79
C TRP C 338 -34.89 -31.21 43.91
N ALA C 339 -34.37 -31.61 42.75
CA ALA C 339 -33.59 -30.71 41.89
C ALA C 339 -33.38 -31.33 40.52
N TRP C 340 -33.19 -30.48 39.51
CA TRP C 340 -33.02 -30.93 38.12
C TRP C 340 -32.08 -29.99 37.36
N LYS C 341 -31.56 -30.50 36.26
CA LYS C 341 -30.65 -29.75 35.41
C LYS C 341 -30.88 -30.16 33.98
N ILE C 342 -30.95 -29.15 33.11
CA ILE C 342 -30.91 -29.37 31.66
C ILE C 342 -29.76 -28.62 31.02
N GLY C 343 -29.25 -29.20 29.93
CA GLY C 343 -28.36 -28.51 29.02
C GLY C 343 -29.20 -27.82 27.97
N CYS C 344 -28.70 -27.83 26.73
CA CYS C 344 -29.45 -27.32 25.61
C CYS C 344 -28.85 -27.97 24.38
N SER C 345 -29.70 -28.24 23.39
CA SER C 345 -29.33 -28.98 22.18
C SER C 345 -28.99 -28.07 20.99
N HIS C 346 -29.18 -26.77 21.17
CA HIS C 346 -28.94 -25.79 20.10
C HIS C 346 -27.72 -24.95 20.43
N ALA C 347 -26.83 -24.78 19.45
CA ALA C 347 -25.65 -23.92 19.62
C ALA C 347 -25.53 -22.88 18.51
N HIS C 348 -25.32 -21.61 18.90
CA HIS C 348 -25.19 -20.47 17.97
C HIS C 348 -23.71 -20.05 17.96
N PHE C 349 -23.08 -19.93 16.80
CA PHE C 349 -21.70 -19.41 16.72
C PHE C 349 -21.47 -18.15 17.58
N GLY C 350 -22.49 -17.32 17.70
CA GLY C 350 -22.40 -16.09 18.46
C GLY C 350 -22.14 -16.30 19.93
N TYR C 351 -22.37 -17.51 20.42
CA TYR C 351 -22.20 -17.82 21.84
C TYR C 351 -20.92 -18.58 22.13
N GLN C 352 -20.17 -18.92 21.08
CA GLN C 352 -18.87 -19.56 21.29
C GLN C 352 -17.84 -18.57 21.85
N ASN C 353 -16.94 -19.11 22.66
CA ASN C 353 -15.78 -18.34 23.10
C ASN C 353 -14.55 -19.22 23.24
N PRO C 354 -13.92 -19.52 22.10
CA PRO C 354 -12.76 -20.41 22.08
C PRO C 354 -11.58 -19.77 22.81
N PHE C 355 -11.61 -18.46 23.00
CA PHE C 355 -10.57 -17.84 23.80
C PHE C 355 -10.74 -18.21 25.28
N GLN C 356 -11.93 -18.05 25.82
CA GLN C 356 -12.17 -18.47 27.20
C GLN C 356 -11.90 -19.97 27.40
N GLY C 357 -12.34 -20.77 26.44
CA GLY C 357 -12.07 -22.20 26.43
C GLY C 357 -10.58 -22.51 26.45
N TRP C 358 -9.83 -21.79 25.62
CA TRP C 358 -8.38 -21.97 25.62
C TRP C 358 -7.78 -21.53 26.97
N VAL C 359 -8.32 -20.48 27.57
CA VAL C 359 -7.84 -20.05 28.89
C VAL C 359 -8.05 -21.17 29.91
N SER C 360 -9.25 -21.72 29.98
CA SER C 360 -9.57 -22.76 30.97
C SER C 360 -8.74 -24.01 30.72
N ALA C 361 -8.52 -24.33 29.44
CA ALA C 361 -7.78 -25.54 29.09
C ALA C 361 -6.26 -25.47 29.29
N THR C 362 -5.64 -24.28 29.17
CA THR C 362 -4.18 -24.25 29.07
C THR C 362 -3.49 -23.43 30.12
N GLN C 363 -4.18 -22.41 30.61
CA GLN C 363 -3.56 -21.42 31.46
C GLN C 363 -3.47 -21.86 32.92
N SER C 364 -2.26 -21.98 33.43
CA SER C 364 -2.03 -22.40 34.81
C SER C 364 -2.93 -21.76 35.86
N ASP C 365 -3.14 -20.43 35.83
CA ASP C 365 -3.94 -19.75 36.87
C ASP C 365 -5.43 -20.04 36.80
N PHE C 366 -5.89 -20.40 35.60
CA PHE C 366 -7.29 -20.70 35.36
C PHE C 366 -7.58 -22.19 35.35
N ALA C 367 -6.61 -22.99 35.77
CA ALA C 367 -6.73 -24.44 35.83
C ALA C 367 -7.96 -24.81 36.67
N PRO C 368 -8.89 -25.56 36.10
CA PRO C 368 -10.06 -26.02 36.85
C PRO C 368 -9.64 -26.84 38.06
N LYS C 369 -10.27 -26.57 39.19
CA LYS C 369 -10.00 -27.31 40.43
C LYS C 369 -10.48 -28.78 40.31
N SER C 370 -11.44 -29.03 39.42
CA SER C 370 -11.98 -30.37 39.23
C SER C 370 -10.98 -31.20 38.43
N SER C 371 -11.16 -32.51 38.46
CA SER C 371 -10.11 -33.35 37.94
C SER C 371 -10.25 -33.58 36.44
N ASN C 372 -11.40 -33.27 35.86
CA ASN C 372 -11.62 -33.44 34.40
C ASN C 372 -11.87 -32.13 33.64
N GLY C 373 -12.06 -31.03 34.36
CA GLY C 373 -12.23 -29.72 33.75
C GLY C 373 -11.24 -29.43 32.63
N LYS C 374 -9.95 -29.56 32.92
CA LYS C 374 -8.88 -29.23 31.98
C LYS C 374 -9.02 -30.05 30.70
N ARG C 375 -9.19 -31.36 30.87
CA ARG C 375 -9.39 -32.24 29.74
C ARG C 375 -10.67 -31.88 28.96
N ASP C 376 -11.79 -31.69 29.65
CA ASP C 376 -13.02 -31.34 28.91
C ASP C 376 -12.84 -30.00 28.17
N TRP C 377 -12.13 -29.05 28.77
CA TRP C 377 -11.97 -27.76 28.13
C TRP C 377 -11.08 -27.82 26.91
N THR C 378 -10.06 -28.68 26.97
CA THR C 378 -9.17 -28.91 25.83
C THR C 378 -9.91 -29.39 24.59
N THR C 379 -10.84 -30.31 24.80
CA THR C 379 -11.67 -30.80 23.70
C THR C 379 -12.56 -29.68 23.22
N SER C 380 -13.18 -28.97 24.17
CA SER C 380 -14.17 -27.98 23.84
C SER C 380 -13.66 -26.78 23.02
N TYR C 381 -12.51 -26.19 23.40
CA TYR C 381 -12.04 -25.01 22.67
C TYR C 381 -11.72 -25.35 21.21
N LYS C 382 -11.16 -26.53 21.00
CA LYS C 382 -10.84 -27.02 19.65
C LYS C 382 -12.14 -27.28 18.85
N ARG C 383 -13.16 -27.85 19.53
CA ARG C 383 -14.41 -28.13 18.86
C ARG C 383 -15.01 -26.80 18.38
N GLN C 384 -15.04 -25.82 19.29
CA GLN C 384 -15.56 -24.48 18.99
C GLN C 384 -14.89 -23.87 17.77
N LEU C 385 -13.56 -23.96 17.71
CA LEU C 385 -12.80 -23.43 16.56
C LEU C 385 -13.18 -24.08 15.24
N GLU C 386 -13.44 -25.39 15.28
CA GLU C 386 -13.89 -26.12 14.10
C GLU C 386 -15.29 -25.69 13.67
N PHE C 387 -16.13 -25.42 14.66
CA PHE C 387 -17.50 -24.95 14.47
C PHE C 387 -17.56 -23.63 13.68
N TYR C 388 -16.73 -22.65 14.06
CA TYR C 388 -16.61 -21.41 13.28
C TYR C 388 -16.27 -21.69 11.83
N GLN C 389 -15.28 -22.56 11.60
CA GLN C 389 -14.80 -22.85 10.24
C GLN C 389 -15.87 -23.52 9.40
N TRP C 390 -16.62 -24.43 10.03
CA TRP C 390 -17.70 -25.14 9.35
C TRP C 390 -18.79 -24.17 8.94
N LEU C 391 -18.95 -23.11 9.72
CA LEU C 391 -20.07 -22.19 9.51
C LEU C 391 -19.73 -21.01 8.60
N GLN C 392 -18.48 -20.92 8.15
CA GLN C 392 -18.07 -19.77 7.37
C GLN C 392 -18.61 -19.78 5.95
N SER C 393 -19.43 -18.78 5.65
CA SER C 393 -20.04 -18.59 4.34
C SER C 393 -19.00 -18.42 3.21
N ALA C 394 -19.49 -18.48 1.96
CA ALA C 394 -18.64 -18.26 0.80
C ALA C 394 -18.01 -16.89 0.85
N GLU C 395 -18.77 -15.91 1.34
CA GLU C 395 -18.32 -14.51 1.42
C GLU C 395 -17.38 -14.27 2.61
N GLY C 396 -17.60 -14.99 3.73
CA GLY C 396 -16.76 -14.80 4.92
C GLY C 396 -17.49 -14.70 6.25
N GLY C 397 -18.70 -14.16 6.26
CA GLY C 397 -19.51 -14.10 7.47
C GLY C 397 -19.83 -15.49 8.01
N ILE C 398 -20.01 -15.60 9.33
CA ILE C 398 -20.24 -16.89 9.96
C ILE C 398 -21.73 -17.21 10.13
N ALA C 399 -22.16 -18.39 9.65
CA ALA C 399 -23.57 -18.81 9.71
C ALA C 399 -23.98 -19.22 11.14
N GLY C 400 -25.29 -19.44 11.31
CA GLY C 400 -25.90 -19.59 12.63
C GLY C 400 -25.35 -20.63 13.61
N GLY C 401 -25.54 -21.90 13.33
CA GLY C 401 -25.16 -22.93 14.28
C GLY C 401 -25.74 -24.29 13.99
N ALA C 402 -26.00 -25.04 15.03
CA ALA C 402 -26.47 -26.41 14.87
C ALA C 402 -27.34 -26.83 16.03
N THR C 403 -28.06 -27.93 15.81
CA THR C 403 -28.85 -28.56 16.86
C THR C 403 -28.66 -30.07 16.89
N ASN C 404 -28.83 -30.62 18.09
CA ASN C 404 -28.97 -32.06 18.27
C ASN C 404 -30.45 -32.49 18.44
N SER C 405 -31.36 -31.52 18.52
CA SER C 405 -32.76 -31.87 18.69
C SER C 405 -33.64 -31.12 17.70
N TRP C 406 -33.76 -31.69 16.50
CA TRP C 406 -34.52 -31.04 15.46
C TRP C 406 -35.97 -30.78 15.94
N ASN C 407 -36.42 -29.53 15.75
CA ASN C 407 -37.70 -29.02 16.24
C ASN C 407 -37.91 -29.15 17.74
N GLY C 408 -36.80 -29.22 18.48
CA GLY C 408 -36.84 -29.33 19.92
C GLY C 408 -37.46 -30.63 20.41
N ARG C 409 -37.61 -31.60 19.50
CA ARG C 409 -38.22 -32.89 19.85
C ARG C 409 -37.41 -34.11 19.37
N TYR C 410 -36.13 -33.93 19.12
CA TYR C 410 -35.26 -35.01 18.62
C TYR C 410 -35.87 -35.72 17.43
N GLU C 411 -36.38 -34.91 16.51
CA GLU C 411 -36.92 -35.39 15.24
C GLU C 411 -35.79 -35.83 14.31
N LYS C 412 -36.14 -36.68 13.36
CA LYS C 412 -35.21 -37.09 12.31
C LYS C 412 -34.87 -35.86 11.47
N TYR C 413 -33.58 -35.65 11.18
CA TYR C 413 -33.22 -34.53 10.31
C TYR C 413 -33.86 -34.69 8.93
N PRO C 414 -34.26 -33.57 8.36
CA PRO C 414 -34.64 -33.49 6.94
C PRO C 414 -33.57 -34.09 6.03
N ALA C 415 -34.00 -34.60 4.89
CA ALA C 415 -33.08 -35.13 3.89
C ALA C 415 -32.18 -34.01 3.40
N GLY C 416 -30.93 -34.34 3.12
CA GLY C 416 -29.97 -33.37 2.62
C GLY C 416 -29.42 -32.44 3.69
N THR C 417 -29.79 -32.69 4.95
CA THR C 417 -29.36 -31.82 6.06
C THR C 417 -27.89 -31.99 6.35
N SER C 418 -27.14 -30.90 6.23
CA SER C 418 -25.72 -30.99 6.50
C SER C 418 -25.42 -30.92 8.02
N THR C 419 -24.37 -31.62 8.45
CA THR C 419 -24.14 -31.86 9.88
C THR C 419 -22.74 -31.55 10.34
N PHE C 420 -22.62 -31.37 11.65
CA PHE C 420 -21.37 -31.11 12.33
C PHE C 420 -21.27 -32.03 13.52
N TYR C 421 -20.44 -33.07 13.42
CA TYR C 421 -20.35 -34.05 14.48
C TYR C 421 -21.76 -34.58 14.83
N GLY C 422 -22.56 -34.83 13.79
CA GLY C 422 -23.89 -35.39 13.96
C GLY C 422 -24.95 -34.38 14.30
N MET C 423 -24.55 -33.14 14.62
CA MET C 423 -25.53 -32.08 14.86
C MET C 423 -25.99 -31.48 13.53
N ALA C 424 -27.27 -31.08 13.47
CA ALA C 424 -27.84 -30.54 12.23
C ALA C 424 -27.67 -29.03 12.10
N TYR C 425 -27.27 -28.58 10.90
CA TYR C 425 -27.19 -27.15 10.61
C TYR C 425 -28.52 -26.46 10.72
N VAL C 426 -28.58 -25.36 11.49
CA VAL C 426 -29.75 -24.49 11.47
C VAL C 426 -29.29 -23.03 11.26
N PRO C 427 -29.94 -22.27 10.37
CA PRO C 427 -29.49 -20.91 10.06
C PRO C 427 -29.81 -19.94 11.17
N HIS C 428 -30.85 -20.22 11.95
CA HIS C 428 -31.26 -19.34 13.04
C HIS C 428 -31.55 -20.12 14.32
N PRO C 429 -30.49 -20.57 14.99
CA PRO C 429 -30.62 -21.36 16.21
C PRO C 429 -31.47 -20.71 17.29
N VAL C 430 -32.38 -21.49 17.87
CA VAL C 430 -33.16 -21.10 19.04
C VAL C 430 -34.39 -20.22 18.77
N TYR C 431 -34.19 -19.05 18.14
CA TYR C 431 -35.28 -18.08 17.97
C TYR C 431 -35.52 -17.71 16.49
N ALA C 432 -36.78 -17.46 16.15
CA ALA C 432 -37.21 -17.19 14.77
C ALA C 432 -37.71 -15.77 14.54
N ASP C 433 -37.92 -15.02 15.62
CA ASP C 433 -38.53 -13.70 15.52
C ASP C 433 -37.80 -12.69 16.43
N PRO C 434 -36.78 -11.99 15.90
CA PRO C 434 -36.34 -12.13 14.50
C PRO C 434 -35.39 -13.31 14.41
N GLY C 435 -34.98 -13.71 13.20
CA GLY C 435 -34.00 -14.78 13.08
C GLY C 435 -32.81 -14.51 14.01
N SER C 436 -32.40 -15.52 14.77
CA SER C 436 -31.31 -15.34 15.74
C SER C 436 -29.95 -15.00 15.11
N ASN C 437 -29.79 -15.26 13.81
CA ASN C 437 -28.55 -14.88 13.13
C ASN C 437 -28.72 -13.77 12.11
N GLN C 438 -29.79 -12.99 12.27
CA GLN C 438 -29.98 -11.79 11.46
C GLN C 438 -29.06 -10.66 11.93
N TRP C 439 -28.80 -10.63 13.24
CA TRP C 439 -27.98 -9.55 13.81
C TRP C 439 -26.49 -9.69 13.49
N PHE C 440 -25.96 -8.73 12.73
CA PHE C 440 -24.52 -8.64 12.44
C PHE C 440 -23.68 -8.57 13.74
N GLY C 441 -24.28 -8.10 14.83
CA GLY C 441 -23.57 -7.98 16.09
C GLY C 441 -22.81 -9.23 16.49
N PHE C 442 -23.41 -10.40 16.26
CA PHE C 442 -22.77 -11.65 16.67
C PHE C 442 -21.45 -11.89 15.92
N GLN C 443 -21.37 -11.40 14.69
CA GLN C 443 -20.14 -11.49 13.89
C GLN C 443 -18.99 -10.81 14.66
N ALA C 444 -19.21 -9.56 15.07
CA ALA C 444 -18.17 -8.82 15.79
C ALA C 444 -17.90 -9.44 17.17
N TRP C 445 -18.93 -9.60 17.98
CA TRP C 445 -18.76 -10.19 19.32
C TRP C 445 -17.96 -11.49 19.33
N SER C 446 -18.33 -12.41 18.45
CA SER C 446 -17.79 -13.75 18.47
C SER C 446 -16.41 -13.85 17.81
N MET C 447 -16.25 -13.27 16.63
CA MET C 447 -14.94 -13.25 15.96
C MET C 447 -13.90 -12.45 16.74
N GLN C 448 -14.34 -11.46 17.51
CA GLN C 448 -13.42 -10.73 18.38
C GLN C 448 -12.70 -11.70 19.33
N ARG C 449 -13.41 -12.75 19.75
CA ARG C 449 -12.82 -13.74 20.66
C ARG C 449 -11.80 -14.59 19.92
N VAL C 450 -12.15 -14.96 18.70
CA VAL C 450 -11.24 -15.68 17.80
C VAL C 450 -9.96 -14.86 17.56
N MET C 451 -10.10 -13.54 17.39
CA MET C 451 -8.92 -12.69 17.17
C MET C 451 -8.00 -12.76 18.36
N GLU C 452 -8.55 -12.71 19.57
CA GLU C 452 -7.72 -12.75 20.77
C GLU C 452 -7.05 -14.12 20.91
N TYR C 453 -7.80 -15.16 20.54
CA TYR C 453 -7.24 -16.50 20.59
C TYR C 453 -6.03 -16.60 19.66
N TYR C 454 -6.13 -16.01 18.47
CA TYR C 454 -5.04 -16.10 17.52
C TYR C 454 -3.88 -15.24 18.00
N LEU C 455 -4.20 -14.07 18.57
CA LEU C 455 -3.19 -13.22 19.19
C LEU C 455 -2.34 -14.01 20.18
N GLU C 456 -3.00 -14.71 21.10
CA GLU C 456 -2.29 -15.36 22.19
C GLU C 456 -1.65 -16.72 21.83
N THR C 457 -2.04 -17.34 20.71
CA THR C 457 -1.50 -18.68 20.39
C THR C 457 -0.71 -18.73 19.11
N GLY C 458 -1.03 -17.86 18.15
CA GLY C 458 -0.42 -17.94 16.83
C GLY C 458 -0.89 -19.14 16.02
N ASP C 459 -1.95 -19.80 16.49
CA ASP C 459 -2.52 -20.99 15.83
C ASP C 459 -2.82 -20.82 14.34
N SER C 460 -1.98 -21.43 13.52
CA SER C 460 -2.10 -21.50 12.05
C SER C 460 -3.45 -21.86 11.49
N SER C 461 -4.10 -22.81 12.16
CA SER C 461 -5.25 -23.48 11.56
C SER C 461 -6.46 -22.55 11.54
N VAL C 462 -6.28 -21.40 12.15
CA VAL C 462 -7.33 -20.42 12.31
C VAL C 462 -7.10 -19.19 11.39
N LYS C 463 -5.92 -19.13 10.79
CA LYS C 463 -5.52 -18.02 9.91
C LYS C 463 -6.50 -17.76 8.73
N ASN C 464 -6.80 -18.78 7.94
CA ASN C 464 -7.74 -18.63 6.81
C ASN C 464 -9.12 -18.14 7.24
N LEU C 465 -9.66 -18.74 8.29
CA LEU C 465 -10.96 -18.34 8.80
C LEU C 465 -10.94 -16.83 9.09
N ILE C 466 -9.93 -16.43 9.85
CA ILE C 466 -9.75 -15.04 10.26
C ILE C 466 -9.60 -14.09 9.06
N LYS C 467 -8.70 -14.39 8.13
CA LYS C 467 -8.45 -13.50 6.99
C LYS C 467 -9.68 -13.35 6.11
N LYS C 468 -10.38 -14.45 5.85
CA LYS C 468 -11.57 -14.39 5.02
C LYS C 468 -12.66 -13.53 5.71
N TRP C 469 -12.82 -13.66 7.02
CA TRP C 469 -13.80 -12.85 7.73
C TRP C 469 -13.43 -11.35 7.69
N VAL C 470 -12.14 -11.07 7.81
CA VAL C 470 -11.63 -9.70 7.82
C VAL C 470 -11.90 -9.05 6.46
N ASP C 471 -11.57 -9.75 5.38
CA ASP C 471 -11.86 -9.28 4.03
C ASP C 471 -13.34 -8.94 3.85
N TRP C 472 -14.21 -9.83 4.32
CA TRP C 472 -15.64 -9.66 4.15
C TRP C 472 -16.09 -8.40 4.91
N VAL C 473 -15.71 -8.34 6.18
CA VAL C 473 -16.01 -7.20 7.05
C VAL C 473 -15.49 -5.87 6.49
N MET C 474 -14.26 -5.86 5.97
CA MET C 474 -13.66 -4.66 5.36
C MET C 474 -14.39 -4.20 4.10
N SER C 475 -15.01 -5.14 3.39
CA SER C 475 -15.79 -4.81 2.18
C SER C 475 -17.18 -4.26 2.54
N GLU C 476 -17.52 -4.29 3.83
CA GLU C 476 -18.87 -3.94 4.27
C GLU C 476 -18.95 -2.70 5.16
N ILE C 477 -17.81 -2.25 5.65
CA ILE C 477 -17.76 -1.01 6.42
C ILE C 477 -17.77 0.16 5.44
N LYS C 478 -18.68 1.12 5.67
CA LYS C 478 -18.82 2.26 4.78
C LYS C 478 -18.32 3.52 5.46
N LEU C 479 -17.30 4.12 4.86
CA LEU C 479 -16.74 5.36 5.36
C LEU C 479 -17.09 6.49 4.40
N TYR C 480 -17.54 7.60 4.94
CA TYR C 480 -17.99 8.72 4.12
C TYR C 480 -17.10 9.95 4.33
N ASP C 481 -17.02 10.78 3.30
CA ASP C 481 -16.14 11.96 3.33
C ASP C 481 -16.58 12.99 4.36
N ASP C 482 -17.87 13.04 4.69
CA ASP C 482 -18.36 13.94 5.71
C ASP C 482 -18.01 13.46 7.14
N GLY C 483 -17.22 12.39 7.26
CA GLY C 483 -16.82 11.84 8.55
C GLY C 483 -17.78 10.87 9.24
N THR C 484 -18.88 10.52 8.58
CA THR C 484 -19.78 9.51 9.10
C THR C 484 -19.40 8.12 8.62
N PHE C 485 -20.11 7.12 9.13
CA PHE C 485 -19.88 5.71 8.77
C PHE C 485 -21.20 4.96 8.79
N ALA C 486 -21.18 3.79 8.18
CA ALA C 486 -22.26 2.84 8.32
C ALA C 486 -21.63 1.45 8.37
N ILE C 487 -22.22 0.58 9.18
CA ILE C 487 -21.83 -0.81 9.27
C ILE C 487 -23.05 -1.72 9.10
N PRO C 488 -22.84 -2.99 8.74
CA PRO C 488 -23.93 -3.95 8.61
C PRO C 488 -24.78 -4.05 9.88
N SER C 489 -26.08 -4.14 9.68
CA SER C 489 -27.05 -4.22 10.74
C SER C 489 -27.77 -5.56 10.64
N ASP C 490 -28.34 -5.82 9.46
CA ASP C 490 -29.15 -7.00 9.21
C ASP C 490 -28.54 -7.86 8.12
N LEU C 491 -28.55 -9.16 8.38
CA LEU C 491 -27.96 -10.16 7.52
C LEU C 491 -29.06 -11.10 7.05
N GLU C 492 -28.86 -11.66 5.87
CA GLU C 492 -29.78 -12.61 5.27
C GLU C 492 -28.95 -13.82 4.83
N TRP C 493 -29.45 -15.02 5.09
CA TRP C 493 -28.70 -16.24 4.82
C TRP C 493 -29.47 -17.16 3.90
N SER C 494 -28.73 -17.88 3.06
CA SER C 494 -29.29 -18.93 2.22
C SER C 494 -28.27 -20.05 2.03
N GLY C 495 -28.76 -21.27 1.76
CA GLY C 495 -27.90 -22.42 1.55
C GLY C 495 -27.50 -23.08 2.87
N GLN C 496 -26.56 -24.00 2.75
CA GLN C 496 -26.06 -24.81 3.85
C GLN C 496 -24.56 -24.94 3.69
N PRO C 497 -23.82 -25.05 4.79
CA PRO C 497 -22.41 -25.46 4.71
C PRO C 497 -22.36 -26.90 4.22
N ASP C 498 -21.26 -27.33 3.61
CA ASP C 498 -21.03 -28.75 3.41
C ASP C 498 -20.91 -29.41 4.79
N THR C 499 -21.36 -30.67 4.89
CA THR C 499 -21.19 -31.47 6.09
C THR C 499 -19.73 -31.41 6.54
N TRP C 500 -19.51 -31.21 7.84
CA TRP C 500 -18.15 -31.09 8.35
C TRP C 500 -17.39 -32.42 8.31
N THR C 501 -16.18 -32.33 7.82
CA THR C 501 -15.30 -33.46 7.65
C THR C 501 -13.97 -33.28 8.39
N GLY C 502 -13.81 -32.13 9.06
CA GLY C 502 -12.53 -31.76 9.64
C GLY C 502 -11.77 -30.70 8.84
N THR C 503 -12.21 -30.42 7.61
CA THR C 503 -11.57 -29.44 6.74
C THR C 503 -12.57 -28.52 6.05
N TYR C 504 -12.29 -27.22 6.08
CA TYR C 504 -13.11 -26.22 5.40
C TYR C 504 -13.15 -26.44 3.90
N THR C 505 -14.37 -26.52 3.33
CA THR C 505 -14.51 -26.75 1.89
C THR C 505 -14.52 -25.46 1.11
N GLY C 506 -14.82 -24.36 1.81
CA GLY C 506 -15.09 -23.10 1.14
C GLY C 506 -16.56 -22.78 1.22
N ASN C 507 -17.39 -23.77 1.57
CA ASN C 507 -18.85 -23.65 1.61
C ASN C 507 -19.47 -22.83 0.48
N PRO C 508 -19.18 -23.17 -0.78
CA PRO C 508 -19.55 -22.32 -1.93
C PRO C 508 -21.05 -22.13 -2.11
N ASN C 509 -21.87 -22.96 -1.46
CA ASN C 509 -23.32 -22.80 -1.54
C ASN C 509 -23.97 -22.15 -0.32
N LEU C 510 -23.13 -21.71 0.66
CA LEU C 510 -23.62 -21.00 1.84
C LEU C 510 -23.39 -19.50 1.62
N HIS C 511 -24.46 -18.73 1.63
CA HIS C 511 -24.35 -17.31 1.27
C HIS C 511 -24.89 -16.37 2.31
N VAL C 512 -24.21 -15.24 2.49
CA VAL C 512 -24.70 -14.14 3.32
C VAL C 512 -24.81 -12.85 2.51
N ARG C 513 -25.89 -12.11 2.74
CA ARG C 513 -26.07 -10.76 2.19
C ARG C 513 -26.42 -9.82 3.33
N VAL C 514 -25.81 -8.62 3.30
CA VAL C 514 -26.23 -7.53 4.19
C VAL C 514 -27.48 -6.85 3.60
N THR C 515 -28.58 -6.80 4.36
CA THR C 515 -29.82 -6.17 3.88
C THR C 515 -30.05 -4.74 4.37
N SER C 516 -29.39 -4.39 5.48
CA SER C 516 -29.48 -3.06 6.04
C SER C 516 -28.22 -2.71 6.84
N TYR C 517 -27.99 -1.41 6.97
CA TYR C 517 -26.80 -0.86 7.58
C TYR C 517 -27.26 0.20 8.54
N GLY C 518 -26.40 0.52 9.50
CA GLY C 518 -26.69 1.54 10.48
C GLY C 518 -25.44 1.96 11.22
N THR C 519 -25.62 2.26 12.48
CA THR C 519 -24.66 3.10 13.13
C THR C 519 -24.57 2.67 14.60
N ASP C 520 -24.92 1.40 14.82
CA ASP C 520 -24.95 0.78 16.13
C ASP C 520 -23.57 0.94 16.80
N LEU C 521 -23.53 1.64 17.92
CA LEU C 521 -22.28 2.06 18.55
C LEU C 521 -21.54 0.92 19.26
N GLY C 522 -22.28 0.01 19.90
CA GLY C 522 -21.65 -1.17 20.46
C GLY C 522 -21.03 -2.08 19.41
N VAL C 523 -21.74 -2.30 18.29
CA VAL C 523 -21.21 -3.15 17.25
C VAL C 523 -19.99 -2.49 16.61
N ALA C 524 -20.07 -1.19 16.32
CA ALA C 524 -18.93 -0.44 15.81
C ALA C 524 -17.72 -0.64 16.76
N GLY C 525 -17.95 -0.51 18.07
CA GLY C 525 -16.91 -0.71 19.06
C GLY C 525 -16.30 -2.11 19.02
N SER C 526 -17.16 -3.13 19.02
CA SER C 526 -16.71 -4.51 18.98
C SER C 526 -15.96 -4.82 17.67
N LEU C 527 -16.48 -4.28 16.55
CA LEU C 527 -15.85 -4.44 15.25
C LEU C 527 -14.45 -3.84 15.23
N ALA C 528 -14.27 -2.66 15.83
CA ALA C 528 -12.97 -2.01 15.90
C ALA C 528 -12.05 -2.88 16.72
N ASN C 529 -12.57 -3.42 17.82
CA ASN C 529 -11.80 -4.26 18.72
C ASN C 529 -11.32 -5.50 17.96
N ALA C 530 -12.23 -6.20 17.30
CA ALA C 530 -11.87 -7.34 16.49
C ALA C 530 -10.75 -6.97 15.52
N LEU C 531 -10.95 -5.91 14.75
CA LEU C 531 -9.97 -5.48 13.75
C LEU C 531 -8.61 -5.07 14.34
N ALA C 532 -8.60 -4.34 15.45
CA ALA C 532 -7.37 -3.92 16.09
C ALA C 532 -6.61 -5.10 16.74
N THR C 533 -7.33 -5.98 17.42
CA THR C 533 -6.78 -7.23 17.95
C THR C 533 -6.17 -8.06 16.84
N TYR C 534 -6.89 -8.19 15.72
CA TYR C 534 -6.38 -8.89 14.55
C TYR C 534 -5.05 -8.28 14.03
N ALA C 535 -5.02 -6.96 13.88
CA ALA C 535 -3.82 -6.26 13.43
C ALA C 535 -2.64 -6.56 14.34
N ALA C 536 -2.88 -6.47 15.63
CA ALA C 536 -1.84 -6.77 16.62
C ALA C 536 -1.33 -8.21 16.46
N ALA C 537 -2.25 -9.13 16.16
CA ALA C 537 -1.88 -10.51 15.91
C ALA C 537 -0.99 -10.66 14.67
N THR C 538 -1.33 -9.99 13.56
CA THR C 538 -0.49 -10.08 12.36
C THR C 538 0.93 -9.56 12.66
N GLU C 539 1.03 -8.53 13.50
CA GLU C 539 2.32 -7.99 13.88
C GLU C 539 3.09 -9.02 14.72
N ARG C 540 2.40 -9.68 15.66
CA ARG C 540 3.08 -10.69 16.47
C ARG C 540 3.52 -11.91 15.63
N TRP C 541 2.63 -12.46 14.83
CA TRP C 541 2.84 -13.78 14.25
C TRP C 541 3.24 -13.82 12.79
N GLU C 542 2.97 -12.76 12.04
CA GLU C 542 3.12 -12.82 10.61
C GLU C 542 4.29 -11.94 10.13
N GLY C 543 4.48 -11.87 8.81
CA GLY C 543 5.64 -11.17 8.27
C GLY C 543 5.55 -9.67 8.48
N LYS C 544 4.31 -9.19 8.59
CA LYS C 544 4.01 -7.78 8.42
C LYS C 544 2.81 -7.42 9.28
N LEU C 545 2.81 -6.25 9.89
CA LEU C 545 1.61 -5.69 10.47
C LEU C 545 0.56 -5.38 9.40
N ASP C 546 -0.67 -5.84 9.62
CA ASP C 546 -1.81 -5.47 8.77
C ASP C 546 -2.28 -4.03 9.09
N THR C 547 -1.77 -3.13 8.28
CA THR C 547 -1.96 -1.69 8.36
C THR C 547 -3.41 -1.22 8.16
N LYS C 548 -4.11 -1.83 7.21
CA LYS C 548 -5.46 -1.43 6.89
C LYS C 548 -6.43 -1.81 8.01
N ALA C 549 -6.21 -2.95 8.63
CA ALA C 549 -7.08 -3.37 9.71
C ALA C 549 -6.82 -2.46 10.92
N ARG C 550 -5.56 -2.08 11.16
CA ARG C 550 -5.24 -1.16 12.25
C ARG C 550 -5.95 0.19 12.06
N ASP C 551 -5.92 0.70 10.83
CA ASP C 551 -6.44 2.02 10.51
C ASP C 551 -7.94 2.02 10.45
N MET C 552 -8.52 0.92 9.97
CA MET C 552 -9.95 0.79 9.98
C MET C 552 -10.52 0.75 11.42
N ALA C 553 -9.85 0.07 12.33
CA ALA C 553 -10.24 0.08 13.73
C ALA C 553 -10.29 1.50 14.31
N ALA C 554 -9.26 2.28 13.99
CA ALA C 554 -9.16 3.68 14.38
C ALA C 554 -10.27 4.50 13.75
N GLU C 555 -10.53 4.27 12.46
CA GLU C 555 -11.60 4.97 11.76
C GLU C 555 -12.97 4.76 12.43
N LEU C 556 -13.28 3.53 12.81
CA LEU C 556 -14.56 3.24 13.45
C LEU C 556 -14.66 3.91 14.81
N VAL C 557 -13.60 3.83 15.62
CA VAL C 557 -13.59 4.51 16.91
C VAL C 557 -13.74 6.04 16.76
N ASN C 558 -12.93 6.67 15.93
CA ASN C 558 -13.05 8.11 15.72
C ASN C 558 -14.45 8.50 15.29
N ARG C 559 -15.00 7.72 14.37
CA ARG C 559 -16.32 8.05 13.83
C ARG C 559 -17.47 7.80 14.80
N ALA C 560 -17.39 6.70 15.55
CA ALA C 560 -18.38 6.47 16.60
C ALA C 560 -18.32 7.61 17.64
N TRP C 561 -17.13 7.94 18.10
CA TRP C 561 -16.97 8.97 19.13
C TRP C 561 -17.34 10.33 18.55
N TYR C 562 -16.85 10.64 17.36
CA TYR C 562 -17.07 11.98 16.80
C TYR C 562 -18.55 12.29 16.58
N ASN C 563 -19.26 11.39 15.91
CA ASN C 563 -20.63 11.65 15.47
C ASN C 563 -21.69 11.42 16.55
N PHE C 564 -21.37 10.66 17.59
CA PHE C 564 -22.39 10.28 18.57
C PHE C 564 -22.05 10.71 19.99
N TYR C 565 -21.21 11.73 20.08
CA TYR C 565 -20.84 12.33 21.35
C TYR C 565 -22.05 12.91 22.05
N CYS C 566 -22.10 12.69 23.35
CA CYS C 566 -23.20 13.15 24.17
C CYS C 566 -22.79 14.41 24.94
N SER C 567 -23.43 15.53 24.59
CA SER C 567 -23.11 16.85 25.16
C SER C 567 -23.38 16.97 26.66
N GLU C 568 -24.40 16.27 27.15
CA GLU C 568 -24.67 16.22 28.59
C GLU C 568 -23.60 15.47 29.41
N GLY C 569 -22.65 14.82 28.74
CA GLY C 569 -21.53 14.19 29.41
C GLY C 569 -21.77 12.77 29.90
N LYS C 570 -22.70 12.07 29.25
CA LYS C 570 -22.99 10.67 29.57
C LYS C 570 -22.23 9.66 28.70
N GLY C 571 -21.40 10.15 27.79
CA GLY C 571 -20.60 9.29 26.94
C GLY C 571 -20.96 9.46 25.48
N VAL C 572 -21.45 8.38 24.88
CA VAL C 572 -21.97 8.42 23.51
C VAL C 572 -23.44 8.07 23.55
N VAL C 573 -24.18 8.57 22.57
CA VAL C 573 -25.60 8.27 22.50
C VAL C 573 -25.99 7.93 21.06
N THR C 574 -26.95 7.03 20.99
CA THR C 574 -27.50 6.48 19.79
C THR C 574 -28.70 7.33 19.27
N GLU C 575 -29.00 7.24 17.98
CA GLU C 575 -30.27 7.74 17.47
C GLU C 575 -30.84 6.66 16.57
N GLU C 576 -31.95 6.06 17.01
CA GLU C 576 -32.45 4.86 16.36
C GLU C 576 -33.97 4.84 16.21
N ALA C 577 -34.41 4.63 14.97
CA ALA C 577 -35.81 4.37 14.69
C ALA C 577 -36.14 2.94 15.13
N ARG C 578 -37.28 2.79 15.78
CA ARG C 578 -37.66 1.52 16.35
C ARG C 578 -39.05 1.18 15.85
N ALA C 579 -39.13 0.78 14.57
CA ALA C 579 -40.39 0.38 13.95
C ALA C 579 -41.11 -0.72 14.77
N ASP C 580 -40.31 -1.61 15.35
CA ASP C 580 -40.83 -2.72 16.15
C ASP C 580 -41.64 -2.27 17.38
N TYR C 581 -41.52 -1.00 17.76
CA TYR C 581 -42.21 -0.53 18.96
C TYR C 581 -43.74 -0.44 18.80
N LYS C 582 -44.22 -0.58 17.57
CA LYS C 582 -45.66 -0.77 17.33
C LYS C 582 -46.19 -2.02 18.07
N ARG C 583 -45.30 -2.98 18.30
CA ARG C 583 -45.65 -4.22 18.99
C ARG C 583 -45.94 -4.02 20.48
N PHE C 584 -45.62 -2.83 21.02
CA PHE C 584 -46.10 -2.46 22.36
C PHE C 584 -47.62 -2.60 22.45
N PHE C 585 -48.28 -2.31 21.34
CA PHE C 585 -49.73 -2.15 21.28
C PHE C 585 -50.42 -3.19 20.41
N GLU C 586 -49.76 -3.58 19.32
CA GLU C 586 -50.29 -4.56 18.36
C GLU C 586 -50.12 -6.03 18.74
N GLN C 587 -49.15 -6.35 19.60
CA GLN C 587 -48.74 -7.75 19.78
C GLN C 587 -49.51 -8.48 20.85
N GLU C 588 -50.21 -9.53 20.42
CA GLU C 588 -50.98 -10.35 21.33
C GLU C 588 -50.11 -11.40 22.00
N VAL C 589 -50.13 -11.39 23.32
CA VAL C 589 -49.46 -12.38 24.15
C VAL C 589 -50.41 -13.56 24.32
N TYR C 590 -50.03 -14.73 23.79
CA TYR C 590 -50.82 -15.93 24.01
C TYR C 590 -50.93 -16.30 25.49
N VAL C 591 -52.16 -16.50 25.94
CA VAL C 591 -52.46 -17.05 27.26
C VAL C 591 -53.53 -18.13 27.04
N PRO C 592 -53.35 -19.30 27.65
CA PRO C 592 -54.19 -20.47 27.33
C PRO C 592 -55.66 -20.22 27.68
N ALA C 593 -56.58 -20.76 26.87
CA ALA C 593 -58.02 -20.70 27.16
C ALA C 593 -58.29 -21.24 28.57
N GLY C 594 -59.01 -20.47 29.37
CA GLY C 594 -59.33 -20.88 30.74
C GLY C 594 -58.33 -20.48 31.80
N TRP C 595 -57.11 -20.09 31.40
CA TRP C 595 -56.10 -19.59 32.33
C TRP C 595 -56.38 -18.14 32.71
N SER C 596 -56.20 -17.83 33.99
CA SER C 596 -56.31 -16.44 34.48
C SER C 596 -55.36 -16.22 35.66
N GLY C 597 -54.88 -14.98 35.78
CA GLY C 597 -53.95 -14.62 36.84
C GLY C 597 -53.68 -13.14 36.88
N THR C 598 -52.88 -12.72 37.86
CA THR C 598 -52.54 -11.30 38.00
C THR C 598 -51.04 -11.04 38.12
N MET C 599 -50.62 -9.93 37.52
CA MET C 599 -49.30 -9.34 37.73
C MET C 599 -49.29 -8.64 39.09
N PRO C 600 -48.15 -8.64 39.78
CA PRO C 600 -48.04 -8.01 41.10
C PRO C 600 -48.71 -6.64 41.28
N ASN C 601 -48.93 -5.92 40.17
CA ASN C 601 -49.58 -4.63 40.20
C ASN C 601 -51.08 -4.74 39.83
N GLY C 602 -51.61 -5.96 39.83
CA GLY C 602 -53.00 -6.18 39.50
C GLY C 602 -53.37 -6.37 38.02
N ASP C 603 -52.39 -6.32 37.11
CA ASP C 603 -52.70 -6.51 35.69
C ASP C 603 -53.22 -7.90 35.40
N LYS C 604 -54.33 -7.96 34.68
CA LYS C 604 -54.95 -9.24 34.41
C LYS C 604 -54.23 -9.98 33.28
N ILE C 605 -53.75 -11.18 33.61
CA ILE C 605 -53.20 -12.11 32.64
C ILE C 605 -54.34 -13.01 32.18
N GLN C 606 -54.78 -12.81 30.95
CA GLN C 606 -55.90 -13.57 30.38
C GLN C 606 -55.83 -13.49 28.86
N PRO C 607 -56.43 -14.44 28.14
CA PRO C 607 -56.36 -14.43 26.67
C PRO C 607 -56.74 -13.05 26.12
N GLY C 608 -56.10 -12.64 25.03
CA GLY C 608 -56.36 -11.35 24.41
C GLY C 608 -55.48 -10.20 24.89
N ILE C 609 -54.68 -10.43 25.93
CA ILE C 609 -53.74 -9.40 26.41
C ILE C 609 -52.73 -9.00 25.36
N LYS C 610 -52.42 -7.71 25.34
CA LYS C 610 -51.34 -7.17 24.52
C LYS C 610 -50.09 -6.99 25.40
N PHE C 611 -48.93 -6.83 24.76
CA PHE C 611 -47.66 -6.63 25.45
C PHE C 611 -47.78 -5.61 26.60
N ILE C 612 -48.38 -4.47 26.29
CA ILE C 612 -48.59 -3.39 27.26
C ILE C 612 -49.48 -3.80 28.45
N ASP C 613 -50.43 -4.69 28.19
CA ASP C 613 -51.47 -5.06 29.19
C ASP C 613 -50.98 -5.70 30.48
N ILE C 614 -49.81 -6.34 30.42
CA ILE C 614 -49.20 -6.92 31.62
C ILE C 614 -47.99 -6.12 32.10
N ARG C 615 -47.72 -5.03 31.39
CA ARG C 615 -46.66 -4.07 31.76
C ARG C 615 -47.28 -2.66 31.83
N THR C 616 -48.35 -2.56 32.60
CA THR C 616 -49.12 -1.32 32.73
C THR C 616 -48.27 -0.17 33.24
N LYS C 617 -47.25 -0.48 34.03
CA LYS C 617 -46.37 0.56 34.58
C LYS C 617 -45.64 1.35 33.50
N TYR C 618 -45.51 0.76 32.30
CA TYR C 618 -44.91 1.47 31.17
C TYR C 618 -45.61 2.79 30.84
N ARG C 619 -46.89 2.86 31.16
CA ARG C 619 -47.67 4.09 30.93
C ARG C 619 -47.11 5.30 31.69
N GLN C 620 -46.57 5.08 32.89
CA GLN C 620 -45.88 6.13 33.65
C GLN C 620 -44.49 6.48 33.12
N ASP C 621 -44.03 5.77 32.09
CA ASP C 621 -42.66 5.94 31.60
C ASP C 621 -42.45 7.24 30.82
N PRO C 622 -41.35 7.94 31.14
CA PRO C 622 -41.03 9.22 30.51
C PRO C 622 -41.09 9.22 28.99
N TYR C 623 -40.97 8.06 28.36
CA TYR C 623 -40.97 8.00 26.91
C TYR C 623 -42.20 7.29 26.34
N TYR C 624 -43.17 7.01 27.20
CA TYR C 624 -44.44 6.38 26.79
C TYR C 624 -45.19 7.20 25.75
N ASP C 625 -45.44 8.48 26.06
CA ASP C 625 -46.11 9.39 25.12
C ASP C 625 -45.48 9.32 23.74
N ILE C 626 -44.17 9.49 23.69
CA ILE C 626 -43.44 9.58 22.42
C ILE C 626 -43.59 8.31 21.58
N VAL C 627 -43.56 7.14 22.23
CA VAL C 627 -43.74 5.88 21.51
C VAL C 627 -45.23 5.57 21.25
N TYR C 628 -46.08 5.91 22.21
CA TYR C 628 -47.53 5.74 22.03
C TYR C 628 -48.06 6.64 20.94
N GLN C 629 -47.58 7.88 20.90
CA GLN C 629 -48.04 8.86 19.92
C GLN C 629 -47.54 8.49 18.53
N ALA C 630 -46.33 7.93 18.47
CA ALA C 630 -45.80 7.45 17.20
C ALA C 630 -46.65 6.30 16.65
N TYR C 631 -47.16 5.44 17.52
CA TYR C 631 -48.02 4.34 17.08
C TYR C 631 -49.32 4.88 16.48
N LEU C 632 -49.93 5.86 17.15
CA LEU C 632 -51.18 6.46 16.69
C LEU C 632 -51.02 7.02 15.27
N ARG C 633 -49.92 7.74 15.05
CA ARG C 633 -49.62 8.31 13.73
C ARG C 633 -49.16 7.25 12.72
N GLY C 634 -49.02 6.01 13.16
CA GLY C 634 -48.52 4.93 12.30
C GLY C 634 -47.09 5.13 11.79
N GLU C 635 -46.23 5.65 12.68
CA GLU C 635 -44.83 5.88 12.35
C GLU C 635 -43.92 5.24 13.43
N ALA C 636 -42.71 4.83 13.03
CA ALA C 636 -41.70 4.36 13.99
C ALA C 636 -41.31 5.50 14.93
N PRO C 637 -41.21 5.24 16.24
CA PRO C 637 -40.64 6.23 17.15
C PRO C 637 -39.11 6.25 17.04
N VAL C 638 -38.51 7.40 17.31
CA VAL C 638 -37.08 7.57 17.18
C VAL C 638 -36.54 7.78 18.59
N LEU C 639 -35.61 6.91 19.00
CA LEU C 639 -35.13 6.91 20.37
C LEU C 639 -33.63 7.10 20.49
N ASN C 640 -33.23 7.67 21.63
CA ASN C 640 -31.84 7.88 21.96
C ASN C 640 -31.48 6.95 23.11
N TYR C 641 -30.56 6.02 22.88
CA TYR C 641 -30.17 5.07 23.93
C TYR C 641 -28.72 5.18 24.37
N HIS C 642 -28.50 4.95 25.66
CA HIS C 642 -27.19 4.78 26.26
C HIS C 642 -27.13 3.39 26.87
N ARG C 643 -26.99 2.37 26.04
CA ARG C 643 -26.85 1.01 26.56
C ARG C 643 -25.48 0.86 27.18
N PHE C 644 -25.43 0.18 28.32
CA PHE C 644 -24.19 -0.01 29.06
C PHE C 644 -23.15 -0.69 28.19
N TRP C 645 -23.54 -1.76 27.51
CA TRP C 645 -22.59 -2.49 26.69
C TRP C 645 -22.13 -1.70 25.47
N HIS C 646 -22.95 -0.77 24.99
CA HIS C 646 -22.53 0.05 23.87
C HIS C 646 -21.35 0.91 24.31
N GLU C 647 -21.51 1.59 25.46
CA GLU C 647 -20.45 2.44 26.02
C GLU C 647 -19.19 1.63 26.26
N VAL C 648 -19.37 0.43 26.84
CA VAL C 648 -18.25 -0.45 27.17
C VAL C 648 -17.51 -1.00 25.94
N ASP C 649 -18.22 -1.53 24.95
CA ASP C 649 -17.53 -1.99 23.73
C ASP C 649 -16.70 -0.87 23.06
N LEU C 650 -17.27 0.34 23.00
CA LEU C 650 -16.56 1.49 22.42
C LEU C 650 -15.32 1.84 23.25
N ALA C 651 -15.49 1.90 24.57
CA ALA C 651 -14.40 2.20 25.49
C ALA C 651 -13.30 1.19 25.32
N VAL C 652 -13.68 -0.09 25.30
CA VAL C 652 -12.69 -1.15 25.28
C VAL C 652 -11.94 -1.16 23.96
N ALA C 653 -12.62 -0.89 22.84
CA ALA C 653 -11.90 -0.68 21.58
C ALA C 653 -10.86 0.47 21.71
N MET C 654 -11.23 1.56 22.40
CA MET C 654 -10.26 2.66 22.65
C MET C 654 -9.06 2.10 23.39
N GLY C 655 -9.32 1.26 24.38
CA GLY C 655 -8.24 0.66 25.16
C GLY C 655 -7.39 -0.33 24.42
N VAL C 656 -7.93 -0.99 23.40
CA VAL C 656 -7.17 -1.96 22.61
C VAL C 656 -6.18 -1.21 21.73
N LEU C 657 -6.63 -0.13 21.11
CA LEU C 657 -5.74 0.77 20.36
C LEU C 657 -4.64 1.32 21.25
N ALA C 658 -5.01 1.78 22.45
CA ALA C 658 -4.03 2.32 23.39
C ALA C 658 -3.04 1.25 23.81
N THR C 659 -3.50 0.00 23.87
CA THR C 659 -2.67 -1.11 24.29
C THR C 659 -1.66 -1.56 23.24
N TYR C 660 -2.11 -1.86 22.04
CA TYR C 660 -1.22 -2.43 21.01
C TYR C 660 -0.70 -1.38 20.03
N PHE C 661 -1.33 -0.21 19.97
CA PHE C 661 -0.87 0.87 19.10
C PHE C 661 -0.79 2.20 19.88
N PRO C 662 0.09 2.23 20.88
CA PRO C 662 0.06 3.31 21.91
C PRO C 662 0.40 4.71 21.40
N ASP C 663 0.86 4.82 20.16
CA ASP C 663 1.23 6.12 19.60
C ASP C 663 0.14 6.70 18.70
N MET C 664 -0.86 5.88 18.37
CA MET C 664 -1.98 6.31 17.56
C MET C 664 -2.87 7.25 18.35
N THR C 665 -3.60 8.07 17.63
CA THR C 665 -4.20 9.22 18.26
C THR C 665 -5.52 9.56 17.56
N TYR C 666 -6.47 10.05 18.33
CA TYR C 666 -7.74 10.47 17.77
C TYR C 666 -7.56 11.71 16.85
N LYS C 667 -8.38 11.78 15.80
CA LYS C 667 -8.46 12.93 14.88
C LYS C 667 -9.92 12.99 14.40
N VAL C 668 -10.46 14.19 14.20
CA VAL C 668 -11.79 14.31 13.60
C VAL C 668 -11.73 13.63 12.22
N PRO C 669 -12.63 12.68 11.97
CA PRO C 669 -12.58 11.84 10.76
C PRO C 669 -12.94 12.60 9.49
N GLY D 28 0.61 75.71 7.39
CA GLY D 28 0.09 75.53 5.99
C GLY D 28 1.15 75.27 4.92
N PRO D 29 0.74 74.79 3.76
CA PRO D 29 1.67 74.54 2.64
C PRO D 29 2.25 75.81 1.97
N THR D 30 3.56 75.81 1.73
CA THR D 30 4.26 76.87 0.97
C THR D 30 5.04 76.26 -0.19
N LYS D 31 5.40 77.09 -1.17
CA LYS D 31 6.31 76.67 -2.24
C LYS D 31 7.68 76.25 -1.68
N ALA D 32 8.20 75.14 -2.21
CA ALA D 32 9.49 74.57 -1.79
C ALA D 32 10.67 75.38 -2.34
N PRO D 33 11.70 75.60 -1.51
CA PRO D 33 12.91 76.32 -1.95
C PRO D 33 13.80 75.51 -2.91
N THR D 34 13.54 74.21 -3.02
CA THR D 34 14.39 73.26 -3.74
C THR D 34 14.84 73.73 -5.11
N LYS D 35 16.17 73.76 -5.32
CA LYS D 35 16.73 74.19 -6.61
C LYS D 35 16.57 73.09 -7.66
N ASP D 36 16.36 73.52 -8.91
CA ASP D 36 16.34 72.62 -10.05
C ASP D 36 17.52 71.65 -10.02
N GLY D 37 17.32 70.49 -10.63
CA GLY D 37 18.35 69.46 -10.68
C GLY D 37 18.79 68.84 -9.36
N THR D 38 18.05 69.02 -8.27
CA THR D 38 18.32 68.23 -7.06
C THR D 38 17.97 66.76 -7.37
N SER D 39 18.74 65.83 -6.82
CA SER D 39 18.47 64.41 -7.03
C SER D 39 17.31 63.93 -6.14
N TYR D 40 16.46 63.07 -6.73
CA TYR D 40 15.46 62.36 -5.93
C TYR D 40 16.08 61.71 -4.70
N LYS D 41 17.26 61.13 -4.86
CA LYS D 41 18.00 60.65 -3.70
C LYS D 41 18.10 61.68 -2.59
N ASP D 42 18.44 62.93 -2.95
CA ASP D 42 18.68 64.01 -1.96
C ASP D 42 17.37 64.45 -1.30
N LEU D 43 16.31 64.53 -2.11
CA LEU D 43 14.96 64.75 -1.56
C LEU D 43 14.56 63.67 -0.57
N PHE D 44 14.83 62.42 -0.91
CA PHE D 44 14.53 61.36 0.03
C PHE D 44 15.18 61.63 1.37
N LEU D 45 16.46 61.98 1.32
CA LEU D 45 17.27 62.12 2.55
C LEU D 45 16.81 63.31 3.39
N GLU D 46 16.28 64.31 2.69
CA GLU D 46 15.72 65.48 3.33
C GLU D 46 14.46 65.06 4.11
N LEU D 47 13.47 64.54 3.39
CA LEU D 47 12.21 64.09 4.00
C LEU D 47 12.46 63.08 5.15
N TYR D 48 13.28 62.07 4.87
CA TYR D 48 13.70 61.14 5.91
C TYR D 48 14.20 61.81 7.17
N GLY D 49 15.14 62.76 7.02
CA GLY D 49 15.71 63.49 8.16
C GLY D 49 14.64 64.30 8.89
N LYS D 50 13.76 64.92 8.12
CA LYS D 50 12.63 65.63 8.71
C LYS D 50 11.63 64.69 9.41
N ILE D 51 11.33 63.54 8.80
CA ILE D 51 10.50 62.51 9.48
C ILE D 51 11.13 62.05 10.79
N LYS D 52 12.46 61.88 10.81
CA LYS D 52 13.12 61.30 11.99
C LYS D 52 13.49 62.27 13.10
N ASP D 53 13.65 63.54 12.73
CA ASP D 53 14.01 64.62 13.68
C ASP D 53 13.06 64.68 14.88
N PRO D 54 13.57 64.40 16.08
CA PRO D 54 12.72 64.33 17.29
C PRO D 54 11.85 65.56 17.55
N LYS D 55 12.35 66.77 17.27
CA LYS D 55 11.60 67.99 17.58
C LYS D 55 10.30 68.05 16.78
N ASN D 56 10.25 67.27 15.68
CA ASN D 56 9.05 67.23 14.85
C ASN D 56 7.85 66.44 15.38
N GLY D 57 8.10 65.60 16.38
CA GLY D 57 7.08 64.84 17.09
C GLY D 57 6.29 63.80 16.28
N TYR D 58 6.88 63.22 15.23
CA TYR D 58 6.23 62.14 14.49
C TYR D 58 6.21 60.82 15.30
N PHE D 59 7.16 60.68 16.22
CA PHE D 59 7.31 59.49 17.08
C PHE D 59 7.10 59.85 18.55
N SER D 60 6.71 58.88 19.35
CA SER D 60 6.48 59.14 20.77
C SER D 60 7.78 59.36 21.53
N PRO D 61 7.84 60.39 22.38
CA PRO D 61 9.06 60.69 23.13
C PRO D 61 9.55 59.52 23.96
N ASP D 62 8.65 58.83 24.67
CA ASP D 62 9.06 57.82 25.66
C ASP D 62 9.49 56.48 25.05
N GLU D 63 9.08 56.17 23.82
CA GLU D 63 9.36 54.82 23.31
C GLU D 63 9.66 54.70 21.82
N GLY D 64 9.46 55.77 21.07
CA GLY D 64 9.85 55.79 19.68
C GLY D 64 8.79 55.20 18.76
N ILE D 65 7.54 55.13 19.25
CA ILE D 65 6.40 54.61 18.49
C ILE D 65 5.87 55.71 17.59
N PRO D 66 5.72 55.43 16.30
CA PRO D 66 5.21 56.41 15.36
C PRO D 66 3.70 56.66 15.49
N TYR D 67 3.30 57.92 15.72
CA TYR D 67 1.89 58.27 15.79
C TYR D 67 1.23 58.21 14.43
N HIS D 68 -0.10 58.19 14.43
CA HIS D 68 -0.82 58.34 13.18
C HIS D 68 -0.46 59.66 12.52
N SER D 69 -0.36 60.72 13.31
CA SER D 69 -0.06 62.05 12.77
C SER D 69 0.55 62.93 13.84
N ILE D 70 1.25 63.99 13.43
CA ILE D 70 1.74 64.97 14.40
C ILE D 70 0.54 65.51 15.18
N GLU D 71 -0.49 65.92 14.45
CA GLU D 71 -1.68 66.54 15.02
C GLU D 71 -2.55 65.52 15.76
N THR D 72 -3.10 65.94 16.89
CA THR D 72 -3.89 65.04 17.72
C THR D 72 -5.34 64.96 17.27
N LEU D 73 -5.88 66.04 16.69
CA LEU D 73 -7.29 66.09 16.35
C LEU D 73 -7.46 65.67 14.93
N ILE D 74 -7.78 64.39 14.79
CA ILE D 74 -7.99 63.84 13.46
C ILE D 74 -8.90 62.61 13.55
N VAL D 75 -9.83 62.51 12.61
CA VAL D 75 -10.79 61.45 12.62
C VAL D 75 -10.94 60.92 11.20
N GLU D 76 -10.71 59.63 11.08
CA GLU D 76 -10.81 58.80 9.88
C GLU D 76 -10.61 57.41 10.51
N ALA D 77 -10.22 56.37 9.78
CA ALA D 77 -9.94 55.08 10.46
C ALA D 77 -9.58 55.14 11.99
N PRO D 78 -8.46 55.77 12.39
CA PRO D 78 -8.23 56.05 13.82
C PRO D 78 -9.03 57.30 14.20
N ASP D 79 -9.43 57.46 15.46
CA ASP D 79 -10.24 58.64 15.75
C ASP D 79 -9.51 59.66 16.63
N TYR D 80 -8.19 59.47 16.75
CA TYR D 80 -7.33 60.35 17.54
C TYR D 80 -5.90 60.24 16.99
N GLY D 81 -5.20 61.36 16.86
CA GLY D 81 -3.95 61.42 16.10
C GLY D 81 -2.74 60.76 16.74
N HIS D 82 -2.78 60.62 18.06
CA HIS D 82 -1.67 60.04 18.81
C HIS D 82 -2.00 58.63 19.36
N VAL D 83 -2.91 57.92 18.69
CA VAL D 83 -2.85 56.46 18.72
C VAL D 83 -1.72 56.05 17.77
N THR D 84 -1.36 54.77 17.80
CA THR D 84 -0.58 54.23 16.72
C THR D 84 -1.39 53.09 16.09
N THR D 85 -1.00 52.73 14.87
CA THR D 85 -1.60 51.63 14.17
C THR D 85 -0.52 50.67 13.66
N SER D 86 -0.92 49.44 13.40
CA SER D 86 -0.02 48.54 12.74
C SER D 86 0.39 49.09 11.37
N GLU D 87 -0.50 49.87 10.76
CA GLU D 87 -0.22 50.51 9.49
C GLU D 87 1.00 51.46 9.63
N ALA D 88 1.01 52.24 10.71
CA ALA D 88 2.11 53.17 10.97
C ALA D 88 3.45 52.44 11.12
N PHE D 89 3.45 51.37 11.94
CA PHE D 89 4.65 50.55 12.10
C PHE D 89 5.14 49.99 10.76
N SER D 90 4.23 49.61 9.88
CA SER D 90 4.63 49.05 8.60
C SER D 90 5.25 50.12 7.69
N TYR D 91 4.76 51.36 7.80
CA TYR D 91 5.38 52.46 7.07
C TYR D 91 6.76 52.80 7.59
N TYR D 92 6.94 52.66 8.90
CA TYR D 92 8.17 52.97 9.59
C TYR D 92 9.27 52.02 9.07
N VAL D 93 8.99 50.72 9.14
CA VAL D 93 9.87 49.71 8.60
C VAL D 93 10.21 50.03 7.15
N TRP D 94 9.19 50.33 6.35
CA TRP D 94 9.41 50.65 4.96
C TRP D 94 10.38 51.84 4.77
N LEU D 95 10.18 52.91 5.57
CA LEU D 95 10.99 54.12 5.46
C LEU D 95 12.45 53.75 5.73
N GLU D 96 12.66 53.02 6.82
CA GLU D 96 14.00 52.60 7.21
C GLU D 96 14.67 51.71 6.17
N ALA D 97 13.88 50.91 5.44
CA ALA D 97 14.44 50.08 4.38
C ALA D 97 14.94 50.91 3.21
N MET D 98 14.17 51.92 2.82
CA MET D 98 14.58 52.73 1.69
C MET D 98 15.81 53.54 2.07
N TYR D 99 15.93 53.87 3.35
CA TYR D 99 17.09 54.53 3.89
C TYR D 99 18.36 53.70 3.79
N GLY D 100 18.32 52.46 4.29
CA GLY D 100 19.44 51.56 4.18
C GLY D 100 19.84 51.41 2.72
N ASN D 101 18.85 51.33 1.83
CA ASN D 101 19.10 51.25 0.40
C ASN D 101 19.95 52.42 -0.07
N LEU D 102 19.57 53.64 0.32
CA LEU D 102 20.20 54.82 -0.25
C LEU D 102 21.42 55.28 0.54
N THR D 103 21.64 54.67 1.72
CA THR D 103 22.64 55.10 2.70
C THR D 103 23.67 54.03 3.11
N GLY D 104 23.25 52.77 3.05
CA GLY D 104 24.06 51.69 3.56
C GLY D 104 24.06 51.56 5.06
N ASN D 105 23.23 52.34 5.73
CA ASN D 105 23.08 52.19 7.18
C ASN D 105 21.77 51.44 7.47
N TRP D 106 21.85 50.31 8.15
CA TRP D 106 20.71 49.41 8.30
C TRP D 106 20.15 49.28 9.71
N SER D 107 20.78 49.93 10.69
CA SER D 107 20.28 49.85 12.07
C SER D 107 18.83 50.34 12.18
N GLY D 108 18.42 51.22 11.26
CA GLY D 108 17.05 51.69 11.18
C GLY D 108 15.98 50.61 11.12
N VAL D 109 16.19 49.62 10.25
CA VAL D 109 15.33 48.46 10.10
C VAL D 109 15.22 47.65 11.40
N GLU D 110 16.35 47.42 12.06
CA GLU D 110 16.34 46.67 13.33
C GLU D 110 15.62 47.44 14.41
N THR D 111 15.85 48.75 14.47
CA THR D 111 15.23 49.56 15.51
C THR D 111 13.71 49.57 15.32
N ALA D 112 13.28 49.80 14.08
CA ALA D 112 11.87 49.82 13.74
C ALA D 112 11.19 48.49 14.17
N TRP D 113 11.77 47.36 13.78
CA TRP D 113 11.17 46.07 14.12
C TRP D 113 11.17 45.81 15.64
N LYS D 114 12.22 46.24 16.32
CA LYS D 114 12.25 46.08 17.77
C LYS D 114 11.16 46.91 18.48
N VAL D 115 10.87 48.09 17.96
CA VAL D 115 9.79 48.91 18.55
C VAL D 115 8.44 48.19 18.33
N MET D 116 8.21 47.73 17.09
CA MET D 116 7.06 46.90 16.75
C MET D 116 6.85 45.75 17.74
N GLU D 117 7.91 44.96 17.96
CA GLU D 117 7.89 43.81 18.86
C GLU D 117 7.65 44.16 20.30
N ASP D 118 8.20 45.29 20.74
CA ASP D 118 8.08 45.71 22.14
C ASP D 118 6.68 46.22 22.46
N TRP D 119 5.97 46.71 21.45
CA TRP D 119 4.74 47.47 21.72
C TRP D 119 3.48 46.91 21.06
N ILE D 120 3.47 46.80 19.73
CA ILE D 120 2.24 46.48 19.02
C ILE D 120 1.96 44.97 18.75
N ILE D 121 2.97 44.13 18.89
CA ILE D 121 2.77 42.70 18.81
C ILE D 121 2.62 42.17 20.23
N PRO D 122 1.45 41.65 20.57
CA PRO D 122 1.24 41.06 21.92
C PRO D 122 2.25 39.94 22.13
N ASP D 123 2.92 39.93 23.27
CA ASP D 123 3.85 38.84 23.57
C ASP D 123 3.17 37.77 24.45
N SER D 124 3.94 36.78 24.92
CA SER D 124 3.40 35.62 25.68
C SER D 124 2.55 36.03 26.86
N THR D 125 3.13 36.94 27.64
CA THR D 125 2.49 37.61 28.78
C THR D 125 1.13 38.19 28.44
N GLU D 126 0.98 38.64 27.20
CA GLU D 126 -0.20 39.42 26.82
C GLU D 126 -1.29 38.57 26.16
N GLN D 127 -1.02 37.26 26.06
CA GLN D 127 -1.94 36.29 25.49
C GLN D 127 -2.20 35.11 26.43
N PRO D 128 -2.56 35.36 27.69
CA PRO D 128 -2.70 34.26 28.66
C PRO D 128 -3.82 33.29 28.28
N GLY D 129 -3.52 31.98 28.27
CA GLY D 129 -4.52 30.98 27.96
C GLY D 129 -4.52 30.44 26.53
N MET D 130 -3.70 31.03 25.64
CA MET D 130 -3.61 30.59 24.24
C MET D 130 -3.36 29.09 24.05
N SER D 131 -2.71 28.45 25.02
CA SER D 131 -2.43 27.03 24.90
C SER D 131 -3.70 26.14 25.10
N SER D 132 -4.78 26.74 25.60
CA SER D 132 -6.08 26.08 25.71
C SER D 132 -6.91 26.19 24.44
N TYR D 133 -6.45 26.96 23.46
CA TYR D 133 -7.15 27.04 22.19
C TYR D 133 -7.47 25.66 21.67
N ASN D 134 -8.69 25.47 21.17
CA ASN D 134 -9.11 24.20 20.59
C ASN D 134 -9.45 24.38 19.10
N PRO D 135 -8.58 23.93 18.22
CA PRO D 135 -8.82 24.02 16.77
C PRO D 135 -10.11 23.30 16.32
N ASN D 136 -10.58 22.32 17.08
CA ASN D 136 -11.90 21.74 16.81
C ASN D 136 -13.08 22.53 17.40
N SER D 137 -12.80 23.60 18.15
CA SER D 137 -13.87 24.48 18.65
C SER D 137 -13.39 25.95 18.78
N PRO D 138 -13.09 26.54 17.63
CA PRO D 138 -12.30 27.78 17.56
C PRO D 138 -12.98 28.98 18.16
N ALA D 139 -14.30 29.08 18.06
CA ALA D 139 -15.05 30.23 18.55
C ALA D 139 -16.52 29.90 18.64
N THR D 140 -17.33 30.87 19.03
CA THR D 140 -18.77 30.70 19.16
C THR D 140 -19.40 31.67 18.18
N TYR D 141 -20.27 31.14 17.32
CA TYR D 141 -20.92 31.96 16.33
C TYR D 141 -21.72 33.16 16.91
N ALA D 142 -21.67 34.29 16.21
CA ALA D 142 -22.59 35.42 16.42
C ALA D 142 -22.94 36.05 15.06
N ASP D 143 -24.16 36.57 14.90
CA ASP D 143 -24.52 37.31 13.69
C ASP D 143 -23.81 38.66 13.63
N GLU D 144 -23.61 39.16 12.42
CA GLU D 144 -23.29 40.57 12.18
C GLU D 144 -24.61 41.23 11.77
N TYR D 145 -24.72 42.55 11.93
CA TYR D 145 -25.97 43.24 11.60
C TYR D 145 -25.80 44.54 10.83
N GLU D 146 -26.87 44.94 10.15
CA GLU D 146 -26.91 46.05 9.21
C GLU D 146 -26.82 47.45 9.87
N ASP D 147 -26.93 47.49 11.19
CA ASP D 147 -26.99 48.76 11.92
C ASP D 147 -26.50 48.60 13.36
N PRO D 148 -25.69 49.52 13.86
CA PRO D 148 -25.19 49.39 15.24
C PRO D 148 -26.32 49.20 16.28
N SER D 149 -27.51 49.74 15.99
CA SER D 149 -28.66 49.59 16.88
C SER D 149 -29.05 48.13 17.19
N TYR D 150 -28.54 47.17 16.42
CA TYR D 150 -28.89 45.77 16.64
C TYR D 150 -28.06 45.15 17.78
N TYR D 151 -26.93 45.78 18.11
CA TYR D 151 -25.92 45.20 19.01
C TYR D 151 -26.25 45.45 20.51
N PRO D 152 -25.87 44.59 21.43
CA PRO D 152 -24.98 43.44 21.19
C PRO D 152 -25.61 42.26 20.46
N SER D 153 -24.76 41.48 19.82
CA SER D 153 -25.09 40.32 19.02
C SER D 153 -24.96 39.06 19.89
N GLU D 154 -26.00 38.25 19.93
CA GLU D 154 -25.99 37.10 20.83
C GLU D 154 -25.11 35.93 20.36
N LEU D 155 -24.22 35.49 21.23
CA LEU D 155 -23.46 34.28 21.02
C LEU D 155 -24.41 33.07 20.98
N LYS D 156 -24.23 32.22 19.97
CA LYS D 156 -25.10 31.07 19.77
C LYS D 156 -24.32 29.77 20.02
N PHE D 157 -24.42 29.27 21.24
CA PHE D 157 -23.58 28.18 21.71
C PHE D 157 -23.93 26.78 21.17
N ASP D 158 -25.23 26.48 21.09
CA ASP D 158 -25.61 25.08 20.87
C ASP D 158 -26.30 24.77 19.54
N THR D 159 -26.73 25.84 18.87
CA THR D 159 -27.51 25.76 17.64
C THR D 159 -26.69 26.10 16.39
N VAL D 160 -25.43 26.48 16.57
CA VAL D 160 -24.54 26.73 15.45
C VAL D 160 -23.22 26.05 15.68
N ARG D 161 -22.96 25.02 14.89
CA ARG D 161 -21.67 24.41 14.90
C ARG D 161 -20.73 25.19 13.97
N VAL D 162 -19.57 25.45 14.51
CA VAL D 162 -18.51 26.23 13.88
C VAL D 162 -17.45 25.28 13.28
N GLY D 163 -16.80 25.68 12.18
CA GLY D 163 -15.85 24.77 11.57
C GLY D 163 -14.57 24.57 12.35
N SER D 164 -13.63 23.85 11.73
CA SER D 164 -12.34 23.54 12.36
C SER D 164 -11.20 24.34 11.76
N ASP D 165 -10.18 24.61 12.57
CA ASP D 165 -9.04 25.43 12.18
C ASP D 165 -7.84 24.54 11.75
N PRO D 166 -7.52 24.51 10.46
CA PRO D 166 -6.55 23.53 9.91
C PRO D 166 -5.08 24.00 9.90
N VAL D 167 -4.86 25.21 10.40
CA VAL D 167 -3.57 25.89 10.31
C VAL D 167 -2.94 26.06 11.71
N HIS D 168 -3.75 25.99 12.75
CA HIS D 168 -3.23 26.31 14.07
C HIS D 168 -2.13 25.39 14.58
N ASN D 169 -2.33 24.07 14.48
CA ASN D 169 -1.32 23.16 14.97
C ASN D 169 -0.04 23.22 14.13
N ASP D 170 -0.18 23.40 12.82
CA ASP D 170 0.98 23.64 11.98
C ASP D 170 1.86 24.80 12.48
N LEU D 171 1.23 25.90 12.92
CA LEU D 171 1.94 27.05 13.50
C LEU D 171 2.50 26.77 14.88
N VAL D 172 1.69 26.20 15.79
CA VAL D 172 2.17 25.90 17.14
C VAL D 172 3.43 25.03 17.10
N SER D 173 3.47 24.08 16.18
CA SER D 173 4.56 23.12 16.21
C SER D 173 5.88 23.79 15.71
N ALA D 174 5.73 24.82 14.89
CA ALA D 174 6.86 25.66 14.52
C ALA D 174 7.21 26.72 15.59
N TYR D 175 6.22 27.33 16.23
CA TYR D 175 6.48 28.55 17.03
C TYR D 175 6.06 28.58 18.50
N GLY D 176 5.37 27.55 18.96
CA GLY D 176 4.79 27.60 20.30
C GLY D 176 3.36 28.14 20.25
N PRO D 177 2.74 28.36 21.42
CA PRO D 177 1.28 28.56 21.50
C PRO D 177 0.74 29.90 20.97
N ASN D 178 1.59 30.91 20.86
CA ASN D 178 1.10 32.28 20.78
C ASN D 178 1.03 32.83 19.38
N MET D 179 0.28 33.92 19.21
CA MET D 179 0.17 34.57 17.91
C MET D 179 1.33 35.56 17.68
N TYR D 180 1.85 35.60 16.45
CA TYR D 180 2.82 36.64 16.09
C TYR D 180 2.22 37.51 15.01
N LEU D 181 1.40 38.47 15.45
CA LEU D 181 0.69 39.38 14.57
C LEU D 181 0.58 40.72 15.28
N MET D 182 0.37 41.78 14.52
CA MET D 182 0.23 43.10 15.11
C MET D 182 -1.25 43.38 15.43
N HIS D 183 -1.55 43.68 16.68
CA HIS D 183 -2.83 44.30 17.01
C HIS D 183 -2.90 45.64 16.28
N TRP D 184 -4.06 46.03 15.76
CA TRP D 184 -4.06 47.14 14.80
C TRP D 184 -4.04 48.54 15.42
N LEU D 185 -4.46 48.68 16.68
CA LEU D 185 -4.65 50.00 17.26
C LEU D 185 -4.16 50.10 18.69
N MET D 186 -3.30 51.09 18.95
CA MET D 186 -2.78 51.27 20.30
C MET D 186 -2.84 52.72 20.75
N ASP D 187 -3.36 52.94 21.96
CA ASP D 187 -3.39 54.26 22.59
C ASP D 187 -2.01 54.60 23.20
N VAL D 188 -1.10 55.13 22.39
CA VAL D 188 0.32 55.30 22.79
C VAL D 188 0.53 56.02 24.13
N ASP D 189 -0.19 57.12 24.37
CA ASP D 189 -0.01 57.88 25.62
C ASP D 189 -1.18 57.82 26.60
N ASN D 190 -2.01 56.77 26.47
CA ASN D 190 -3.16 56.54 27.33
C ASN D 190 -4.10 57.75 27.31
N TRP D 191 -4.28 58.33 26.12
CA TRP D 191 -5.22 59.42 25.96
C TRP D 191 -6.63 59.07 26.48
N TYR D 192 -7.11 57.87 26.15
CA TYR D 192 -8.43 57.43 26.57
C TYR D 192 -8.49 57.07 28.05
N GLY D 193 -7.34 56.85 28.68
CA GLY D 193 -7.29 56.59 30.12
C GLY D 193 -7.54 55.16 30.61
N PHE D 194 -7.72 54.24 29.67
CA PHE D 194 -7.96 52.83 30.02
C PHE D 194 -6.76 52.21 30.72
N GLY D 195 -5.57 52.63 30.32
CA GLY D 195 -4.36 52.13 30.94
C GLY D 195 -4.04 52.90 32.20
N THR D 196 -2.92 52.53 32.81
CA THR D 196 -2.46 53.18 34.02
C THR D 196 -1.46 54.28 33.65
N GLY D 197 -1.52 55.39 34.39
CA GLY D 197 -0.67 56.54 34.15
C GLY D 197 -0.64 56.97 32.69
N THR D 198 0.50 56.77 32.05
CA THR D 198 0.77 57.19 30.68
C THR D 198 1.04 56.02 29.69
N ARG D 199 0.90 54.78 30.17
CA ARG D 199 1.34 53.58 29.41
C ARG D 199 0.58 53.34 28.08
N ALA D 200 1.32 53.00 27.01
CA ALA D 200 0.72 52.57 25.73
C ALA D 200 -0.25 51.43 25.99
N THR D 201 -1.47 51.55 25.47
CA THR D 201 -2.57 50.65 25.81
C THR D 201 -3.30 50.18 24.55
N PHE D 202 -3.43 48.85 24.41
CA PHE D 202 -4.20 48.26 23.31
C PHE D 202 -5.66 48.66 23.45
N ILE D 203 -6.21 49.25 22.40
CA ILE D 203 -7.62 49.57 22.42
C ILE D 203 -8.22 49.01 21.13
N ASN D 204 -9.54 49.05 21.05
CA ASN D 204 -10.25 48.75 19.80
C ASN D 204 -11.48 49.64 19.71
N THR D 205 -11.97 49.83 18.49
CA THR D 205 -13.14 50.66 18.29
C THR D 205 -14.22 49.86 17.54
N PHE D 206 -14.08 49.73 16.22
CA PHE D 206 -15.13 49.09 15.39
C PHE D 206 -15.52 47.72 15.93
N GLN D 207 -16.81 47.53 16.20
CA GLN D 207 -17.33 46.24 16.66
C GLN D 207 -18.76 45.99 16.20
N ARG D 208 -19.39 46.98 15.59
CA ARG D 208 -20.84 46.90 15.39
C ARG D 208 -21.31 46.93 13.92
N GLY D 209 -20.63 46.16 13.07
CA GLY D 209 -21.08 45.96 11.71
C GLY D 209 -20.84 47.09 10.73
N GLU D 210 -21.39 46.93 9.53
CA GLU D 210 -21.05 47.75 8.35
C GLU D 210 -21.43 49.23 8.43
N GLN D 211 -22.42 49.54 9.25
CA GLN D 211 -22.87 50.91 9.36
C GLN D 211 -22.33 51.59 10.59
N GLU D 212 -21.37 50.97 11.26
CA GLU D 212 -20.71 51.67 12.35
C GLU D 212 -19.54 52.47 11.80
N SER D 213 -19.76 53.75 11.45
CA SER D 213 -18.66 54.61 11.05
C SER D 213 -17.73 54.93 12.22
N THR D 214 -16.59 55.55 11.93
CA THR D 214 -15.62 55.97 12.95
C THR D 214 -16.26 56.88 13.96
N TRP D 215 -17.32 57.57 13.54
CA TRP D 215 -18.01 58.52 14.39
C TRP D 215 -18.93 57.83 15.40
N GLU D 216 -19.10 56.52 15.22
CA GLU D 216 -20.17 55.77 15.89
C GLU D 216 -19.68 54.67 16.81
N THR D 217 -18.37 54.60 17.05
CA THR D 217 -17.80 53.53 17.85
C THR D 217 -17.80 53.95 19.29
N ILE D 218 -17.54 52.99 20.18
CA ILE D 218 -17.29 53.32 21.56
C ILE D 218 -15.94 52.69 21.87
N PRO D 219 -14.89 53.51 21.95
CA PRO D 219 -13.53 53.00 22.21
C PRO D 219 -13.46 52.27 23.54
N HIS D 220 -12.74 51.15 23.59
CA HIS D 220 -12.70 50.25 24.73
C HIS D 220 -11.37 49.52 24.78
N PRO D 221 -10.96 49.08 25.95
CA PRO D 221 -9.67 48.39 26.08
C PRO D 221 -9.67 46.97 25.49
N SER D 222 -8.54 46.56 24.91
CA SER D 222 -8.35 45.20 24.42
C SER D 222 -8.27 44.22 25.58
N ILE D 223 -7.75 44.72 26.71
CA ILE D 223 -7.65 43.95 27.94
C ILE D 223 -8.76 44.40 28.88
N GLU D 224 -9.82 43.59 28.93
CA GLU D 224 -11.05 43.95 29.59
C GLU D 224 -11.05 43.42 31.01
N GLU D 225 -10.98 44.35 31.96
CA GLU D 225 -10.95 43.98 33.37
C GLU D 225 -12.08 44.59 34.17
N PHE D 226 -13.07 45.14 33.46
CA PHE D 226 -14.29 45.69 34.06
C PHE D 226 -14.00 46.95 34.87
N LYS D 227 -12.82 47.55 34.68
CA LYS D 227 -12.44 48.67 35.52
C LYS D 227 -13.23 49.89 35.06
N TYR D 228 -13.49 49.97 33.77
CA TYR D 228 -14.27 51.09 33.20
C TYR D 228 -15.48 50.60 32.46
N GLY D 229 -16.27 51.53 31.93
CA GLY D 229 -17.46 51.17 31.17
C GLY D 229 -18.58 50.85 32.14
N GLY D 230 -19.24 49.71 31.89
CA GLY D 230 -20.35 49.26 32.71
C GLY D 230 -19.95 48.16 33.66
N PRO D 231 -20.92 47.46 34.24
CA PRO D 231 -20.65 46.38 35.21
C PRO D 231 -19.85 45.24 34.56
N ASN D 232 -20.02 45.05 33.25
CA ASN D 232 -19.26 44.07 32.50
C ASN D 232 -18.27 44.75 31.55
N GLY D 233 -17.66 45.84 32.03
CA GLY D 233 -16.82 46.66 31.18
C GLY D 233 -17.57 47.08 29.94
N PHE D 234 -17.00 46.77 28.79
CA PHE D 234 -17.62 47.10 27.51
C PHE D 234 -18.24 45.91 26.78
N LEU D 235 -18.06 44.70 27.34
CA LEU D 235 -18.39 43.47 26.61
C LEU D 235 -19.82 43.48 26.10
N ASP D 236 -20.76 43.85 26.96
CA ASP D 236 -22.18 43.69 26.60
C ASP D 236 -22.71 44.80 25.72
N LEU D 237 -21.84 45.64 25.19
CA LEU D 237 -22.22 46.57 24.12
C LEU D 237 -22.18 45.81 22.82
N PHE D 238 -21.40 44.73 22.79
CA PHE D 238 -20.93 44.13 21.54
C PHE D 238 -21.42 42.69 21.33
N THR D 239 -21.24 41.84 22.33
CA THR D 239 -21.72 40.49 22.23
C THR D 239 -22.43 40.11 23.52
N LYS D 240 -23.62 39.56 23.35
CA LYS D 240 -24.41 39.07 24.46
C LYS D 240 -24.03 37.63 24.75
N ASP D 241 -23.65 37.37 26.00
CA ASP D 241 -23.16 36.07 26.43
C ASP D 241 -24.05 35.61 27.58
N ARG D 242 -23.93 34.34 27.96
CA ARG D 242 -24.65 33.82 29.13
C ARG D 242 -24.11 34.45 30.43
N SER D 243 -22.79 34.64 30.50
CA SER D 243 -22.15 35.31 31.63
C SER D 243 -20.96 36.12 31.10
N TYR D 244 -20.36 36.96 31.94
CA TYR D 244 -19.28 37.82 31.47
C TYR D 244 -18.03 37.63 32.32
N ALA D 245 -16.93 37.29 31.65
CA ALA D 245 -15.66 37.06 32.31
C ALA D 245 -14.65 38.05 31.76
N LYS D 246 -13.70 38.44 32.60
CA LYS D 246 -12.59 39.30 32.21
C LYS D 246 -11.75 38.60 31.16
N GLN D 247 -11.26 39.35 30.20
CA GLN D 247 -10.73 38.74 29.00
C GLN D 247 -9.95 39.73 28.20
N TRP D 248 -9.11 39.20 27.31
CA TRP D 248 -8.33 39.99 26.36
C TRP D 248 -8.73 39.63 24.92
N ARG D 249 -8.58 40.58 24.01
CA ARG D 249 -8.73 40.29 22.59
C ARG D 249 -7.96 41.26 21.72
N TYR D 250 -7.37 40.72 20.66
CA TYR D 250 -6.69 41.52 19.65
C TYR D 250 -7.27 41.27 18.27
N THR D 251 -6.97 42.19 17.36
CA THR D 251 -7.46 42.22 15.99
C THR D 251 -6.38 42.80 15.07
N ASN D 252 -6.02 42.06 14.03
CA ASN D 252 -4.97 42.48 13.13
C ASN D 252 -5.61 43.13 11.90
N ALA D 253 -4.79 43.82 11.12
CA ALA D 253 -5.23 44.40 9.86
C ALA D 253 -4.10 44.00 8.95
N PRO D 254 -4.32 42.96 8.16
CA PRO D 254 -3.21 42.21 7.59
C PRO D 254 -2.50 42.96 6.47
N ASP D 255 -3.05 44.08 6.02
CA ASP D 255 -2.33 44.88 5.05
C ASP D 255 -1.11 45.54 5.70
N ALA D 256 -1.15 45.71 7.01
CA ALA D 256 -0.02 46.24 7.76
C ALA D 256 1.11 45.22 7.74
N GLU D 257 0.84 44.01 8.24
CA GLU D 257 1.83 42.94 8.19
C GLU D 257 2.36 42.74 6.75
N GLY D 258 1.45 42.66 5.78
CA GLY D 258 1.85 42.50 4.40
C GLY D 258 2.86 43.55 3.94
N ARG D 259 2.60 44.82 4.28
CA ARG D 259 3.46 45.93 3.89
C ARG D 259 4.81 45.84 4.60
N ALA D 260 4.80 45.46 5.88
CA ALA D 260 6.03 45.34 6.66
C ALA D 260 6.96 44.26 6.12
N ILE D 261 6.37 43.14 5.69
CA ILE D 261 7.17 42.04 5.13
C ILE D 261 7.69 42.43 3.76
N GLN D 262 6.83 43.04 2.97
CA GLN D 262 7.20 43.61 1.69
C GLN D 262 8.42 44.48 1.93
N ALA D 263 8.38 45.26 3.00
CA ALA D 263 9.46 46.21 3.25
C ALA D 263 10.73 45.43 3.58
N VAL D 264 10.60 44.36 4.37
CA VAL D 264 11.76 43.56 4.73
C VAL D 264 12.37 42.79 3.54
N TYR D 265 11.58 42.42 2.55
CA TYR D 265 12.12 41.82 1.34
C TYR D 265 13.12 42.77 0.67
N TRP D 266 12.68 44.02 0.45
CA TRP D 266 13.56 45.06 -0.13
C TRP D 266 14.75 45.41 0.76
N ALA D 267 14.52 45.53 2.07
CA ALA D 267 15.65 45.73 2.98
C ALA D 267 16.70 44.66 2.74
N ASN D 268 16.25 43.43 2.55
CA ASN D 268 17.14 42.27 2.43
C ASN D 268 17.74 42.19 1.03
N LYS D 269 16.99 42.53 0.00
CA LYS D 269 17.57 42.60 -1.33
C LYS D 269 18.67 43.69 -1.36
N TRP D 270 18.32 44.90 -0.97
CA TRP D 270 19.25 46.04 -1.02
C TRP D 270 20.47 45.87 -0.14
N ALA D 271 20.32 45.29 1.05
CA ALA D 271 21.50 45.04 1.89
C ALA D 271 22.48 44.03 1.22
N LYS D 272 21.95 43.03 0.53
CA LYS D 272 22.82 42.03 -0.09
C LYS D 272 23.54 42.66 -1.26
N GLU D 273 22.85 43.53 -1.99
CA GLU D 273 23.47 44.29 -3.08
C GLU D 273 24.73 45.04 -2.59
N GLN D 274 24.71 45.50 -1.33
CA GLN D 274 25.82 46.24 -0.73
C GLN D 274 26.78 45.32 0.01
N GLY D 275 26.66 44.02 -0.23
CA GLY D 275 27.37 43.04 0.57
C GLY D 275 27.19 43.19 2.08
N LYS D 276 26.05 43.73 2.52
CA LYS D 276 25.79 43.91 3.96
C LYS D 276 24.58 43.10 4.45
N GLY D 277 24.16 42.14 3.65
CA GLY D 277 22.96 41.37 3.93
C GLY D 277 23.15 40.32 5.00
N SER D 278 23.26 40.80 6.24
CA SER D 278 23.22 39.99 7.45
C SER D 278 22.94 40.99 8.56
N ALA D 279 23.00 42.26 8.16
CA ALA D 279 22.57 43.39 8.97
C ALA D 279 21.07 43.30 9.28
N VAL D 280 20.30 42.72 8.35
CA VAL D 280 18.86 42.55 8.57
C VAL D 280 18.40 41.09 8.76
N ALA D 281 19.34 40.18 9.07
CA ALA D 281 19.04 38.75 9.09
C ALA D 281 17.95 38.41 10.09
N SER D 282 18.08 38.88 11.33
CA SER D 282 17.08 38.55 12.33
C SER D 282 15.68 39.23 12.08
N VAL D 283 15.65 40.33 11.33
CA VAL D 283 14.38 40.95 10.99
C VAL D 283 13.71 40.10 9.93
N VAL D 284 14.50 39.62 8.97
CA VAL D 284 14.02 38.75 7.92
C VAL D 284 13.33 37.52 8.52
N SER D 285 14.01 36.88 9.45
CA SER D 285 13.51 35.71 10.13
C SER D 285 12.17 36.02 10.83
N LYS D 286 12.10 37.16 11.53
CA LYS D 286 10.87 37.60 12.21
C LYS D 286 9.74 37.91 11.24
N ALA D 287 10.06 38.49 10.09
CA ALA D 287 9.06 38.82 9.09
C ALA D 287 8.52 37.54 8.45
N ALA D 288 9.41 36.55 8.26
CA ALA D 288 9.07 35.23 7.77
C ALA D 288 8.04 34.58 8.68
N LYS D 289 8.24 34.70 9.99
CA LYS D 289 7.30 34.14 10.96
C LYS D 289 5.94 34.87 10.85
N MET D 290 6.00 36.20 10.74
CA MET D 290 4.81 37.04 10.68
C MET D 290 3.97 36.62 9.47
N GLY D 291 4.63 36.41 8.33
CA GLY D 291 3.97 35.91 7.13
C GLY D 291 3.27 34.57 7.32
N ASP D 292 3.89 33.70 8.13
CA ASP D 292 3.33 32.39 8.42
C ASP D 292 2.03 32.58 9.20
N PHE D 293 2.04 33.44 10.22
CA PHE D 293 0.82 33.71 10.98
C PHE D 293 -0.33 34.35 10.21
N LEU D 294 -0.01 35.13 9.18
CA LEU D 294 -1.00 35.70 8.26
C LEU D 294 -1.87 34.67 7.56
N ARG D 295 -1.48 33.40 7.62
CA ARG D 295 -2.37 32.33 7.18
C ARG D 295 -3.72 32.34 7.93
N ASN D 296 -3.74 32.82 9.17
CA ASN D 296 -5.02 32.92 9.91
C ASN D 296 -6.02 33.86 9.22
N ASP D 297 -5.49 34.82 8.46
CA ASP D 297 -6.33 35.77 7.73
C ASP D 297 -6.95 35.19 6.49
N MET D 298 -6.60 33.94 6.16
CA MET D 298 -7.02 33.31 4.91
C MET D 298 -8.34 32.54 5.05
N PHE D 299 -8.94 32.58 6.24
CA PHE D 299 -10.12 31.76 6.53
C PHE D 299 -11.37 32.54 6.84
N ASP D 300 -12.48 31.93 6.40
CA ASP D 300 -13.82 32.33 6.77
C ASP D 300 -13.89 32.59 8.27
N LYS D 301 -14.58 33.65 8.64
CA LYS D 301 -14.71 34.02 10.05
C LYS D 301 -14.96 32.83 11.02
N TYR D 302 -15.95 31.98 10.75
CA TYR D 302 -16.20 30.84 11.65
C TYR D 302 -15.84 29.46 11.04
N PHE D 303 -14.84 29.45 10.17
CA PHE D 303 -14.45 28.24 9.49
C PHE D 303 -15.62 27.49 8.84
N MET D 304 -16.56 28.24 8.27
CA MET D 304 -17.63 27.70 7.44
C MET D 304 -17.16 27.49 5.99
N LYS D 305 -17.77 26.54 5.28
CA LYS D 305 -17.32 26.18 3.93
C LYS D 305 -17.42 27.33 2.98
N ILE D 306 -16.37 27.52 2.18
CA ILE D 306 -16.44 28.52 1.12
C ILE D 306 -17.55 28.14 0.14
N GLY D 307 -18.46 29.07 -0.07
CA GLY D 307 -19.53 28.89 -1.02
C GLY D 307 -20.76 28.24 -0.40
N ALA D 308 -20.79 28.02 0.91
CA ALA D 308 -21.90 27.25 1.48
C ALA D 308 -23.23 28.01 1.42
N GLN D 309 -23.14 29.34 1.50
CA GLN D 309 -24.34 30.21 1.55
C GLN D 309 -25.27 29.77 2.67
N ASP D 310 -24.65 29.27 3.75
CA ASP D 310 -25.35 28.82 4.94
C ASP D 310 -24.25 28.56 5.97
N LYS D 311 -24.65 28.18 7.18
CA LYS D 311 -23.71 27.92 8.26
C LYS D 311 -23.25 26.44 8.24
N THR D 312 -22.65 26.03 7.12
CA THR D 312 -22.02 24.71 6.99
C THR D 312 -20.58 24.73 7.48
N PRO D 313 -20.30 24.10 8.62
CA PRO D 313 -18.93 24.06 9.14
C PRO D 313 -18.02 23.23 8.20
N ALA D 314 -16.75 23.62 8.09
CA ALA D 314 -15.79 22.89 7.26
C ALA D 314 -14.84 22.15 8.16
N THR D 315 -14.02 21.27 7.58
CA THR D 315 -12.91 20.70 8.36
C THR D 315 -11.58 20.80 7.68
N GLY D 316 -11.54 21.18 6.42
CA GLY D 316 -10.22 21.03 5.76
C GLY D 316 -9.71 22.42 5.51
N TYR D 317 -9.34 22.65 4.26
CA TYR D 317 -9.10 23.98 3.77
C TYR D 317 -10.34 24.45 2.99
N ASP D 318 -11.40 23.67 3.14
CA ASP D 318 -12.72 24.04 2.63
C ASP D 318 -13.21 25.41 3.09
N SER D 319 -12.64 25.90 4.19
CA SER D 319 -12.99 27.20 4.71
C SER D 319 -11.96 28.29 4.35
N ALA D 320 -10.94 27.95 3.58
CA ALA D 320 -9.88 28.89 3.21
C ALA D 320 -10.30 29.56 1.93
N HIS D 321 -10.44 30.89 1.97
CA HIS D 321 -10.66 31.61 0.73
C HIS D 321 -9.31 32.03 0.11
N TYR D 322 -8.22 31.86 0.88
CA TYR D 322 -6.85 32.14 0.43
C TYR D 322 -6.51 33.63 0.09
N LEU D 323 -7.40 34.55 0.49
CA LEU D 323 -7.15 35.99 0.42
C LEU D 323 -6.84 36.54 1.81
N MET D 324 -6.28 37.76 1.83
CA MET D 324 -6.19 38.51 3.09
C MET D 324 -7.56 39.13 3.39
N ALA D 325 -8.24 38.56 4.39
CA ALA D 325 -9.57 39.00 4.74
C ALA D 325 -9.40 40.26 5.57
N TRP D 326 -10.49 40.86 6.02
CA TRP D 326 -10.36 42.13 6.71
C TRP D 326 -9.55 42.05 7.97
N TYR D 327 -9.59 40.91 8.66
CA TYR D 327 -8.88 40.75 9.93
C TYR D 327 -8.84 39.31 10.37
N THR D 328 -8.00 39.04 11.37
CA THR D 328 -8.16 37.93 12.27
C THR D 328 -8.19 38.52 13.66
N ALA D 329 -8.99 37.90 14.51
CA ALA D 329 -9.12 38.31 15.89
C ALA D 329 -8.95 37.08 16.74
N TRP D 330 -8.41 37.28 17.92
CA TRP D 330 -8.23 36.19 18.84
C TRP D 330 -8.24 36.73 20.26
N GLY D 331 -8.51 35.85 21.22
CA GLY D 331 -8.70 36.27 22.59
C GLY D 331 -8.76 35.10 23.53
N GLY D 332 -8.87 35.41 24.81
CA GLY D 332 -8.90 34.39 25.84
C GLY D 332 -9.22 35.04 27.16
N GLY D 333 -9.37 34.23 28.20
CA GLY D 333 -9.73 34.76 29.50
C GLY D 333 -8.54 35.29 30.26
N ILE D 334 -8.81 36.08 31.27
CA ILE D 334 -7.75 36.60 32.12
C ILE D 334 -7.59 35.77 33.41
N GLY D 335 -8.67 35.44 34.08
CA GLY D 335 -8.49 34.68 35.31
C GLY D 335 -8.69 33.18 35.22
N ALA D 336 -9.02 32.72 34.01
CA ALA D 336 -9.40 31.33 33.74
C ALA D 336 -8.89 31.07 32.36
N SER D 337 -8.57 29.82 32.06
CA SER D 337 -7.90 29.56 30.79
C SER D 337 -8.81 28.95 29.69
N TRP D 338 -9.08 29.79 28.70
CA TRP D 338 -9.82 29.46 27.48
C TRP D 338 -9.34 30.46 26.40
N ALA D 339 -9.55 30.12 25.14
CA ALA D 339 -9.10 30.95 24.04
C ALA D 339 -9.94 30.67 22.81
N TRP D 340 -9.99 31.64 21.91
CA TRP D 340 -10.78 31.57 20.68
C TRP D 340 -10.09 32.35 19.57
N LYS D 341 -10.47 32.06 18.34
CA LYS D 341 -9.89 32.72 17.19
C LYS D 341 -10.94 32.73 16.10
N ILE D 342 -11.03 33.85 15.38
CA ILE D 342 -11.88 33.97 14.19
C ILE D 342 -11.05 34.49 13.01
N GLY D 343 -11.43 34.12 11.79
CA GLY D 343 -10.86 34.71 10.60
C GLY D 343 -11.82 35.81 10.23
N CYS D 344 -11.96 36.07 8.94
CA CYS D 344 -12.98 36.99 8.48
C CYS D 344 -13.47 36.52 7.13
N SER D 345 -14.76 36.66 6.89
CA SER D 345 -15.38 36.19 5.66
C SER D 345 -15.34 37.20 4.52
N HIS D 346 -14.90 38.42 4.82
CA HIS D 346 -14.93 39.50 3.84
C HIS D 346 -13.53 39.90 3.40
N ALA D 347 -13.35 40.07 2.10
CA ALA D 347 -12.04 40.42 1.57
C ALA D 347 -12.16 41.63 0.64
N HIS D 348 -11.20 42.56 0.73
CA HIS D 348 -11.18 43.82 -0.03
C HIS D 348 -9.88 43.77 -0.83
N PHE D 349 -9.96 44.06 -2.12
CA PHE D 349 -8.78 44.07 -2.96
C PHE D 349 -7.66 44.96 -2.34
N GLY D 350 -8.04 46.03 -1.63
CA GLY D 350 -7.07 46.95 -1.07
C GLY D 350 -6.25 46.37 0.05
N TYR D 351 -6.65 45.19 0.52
CA TYR D 351 -5.90 44.47 1.56
C TYR D 351 -4.99 43.39 1.01
N GLN D 352 -5.10 43.07 -0.27
CA GLN D 352 -4.28 42.01 -0.89
C GLN D 352 -2.84 42.48 -1.09
N ASN D 353 -1.88 41.57 -0.93
CA ASN D 353 -0.49 41.90 -1.21
C ASN D 353 0.14 40.66 -1.82
N PRO D 354 -0.06 40.46 -3.13
CA PRO D 354 0.48 39.29 -3.80
C PRO D 354 2.00 39.35 -3.83
N PHE D 355 2.57 40.54 -3.58
CA PHE D 355 4.01 40.63 -3.58
C PHE D 355 4.55 39.94 -2.34
N GLN D 356 4.06 40.36 -1.17
CA GLN D 356 4.35 39.65 0.08
C GLN D 356 3.98 38.15 0.01
N GLY D 357 2.88 37.83 -0.67
CA GLY D 357 2.49 36.43 -0.82
C GLY D 357 3.58 35.64 -1.52
N TRP D 358 4.03 36.19 -2.65
CA TRP D 358 5.11 35.64 -3.45
C TRP D 358 6.42 35.52 -2.67
N VAL D 359 6.71 36.52 -1.85
CA VAL D 359 7.94 36.50 -1.08
C VAL D 359 7.89 35.32 -0.16
N SER D 360 6.83 35.20 0.63
CA SER D 360 6.81 34.09 1.57
C SER D 360 6.59 32.73 0.87
N ALA D 361 5.97 32.74 -0.32
CA ALA D 361 5.86 31.52 -1.12
C ALA D 361 7.18 31.04 -1.79
N THR D 362 8.03 31.97 -2.25
CA THR D 362 9.13 31.61 -3.17
C THR D 362 10.52 31.91 -2.64
N GLN D 363 10.64 32.88 -1.74
CA GLN D 363 11.94 33.34 -1.30
C GLN D 363 12.46 32.52 -0.16
N SER D 364 13.63 31.93 -0.37
CA SER D 364 14.30 31.10 0.61
C SER D 364 14.42 31.73 1.99
N ASP D 365 14.84 32.99 2.05
CA ASP D 365 15.08 33.64 3.35
C ASP D 365 13.79 33.82 4.15
N PHE D 366 12.67 33.85 3.42
CA PHE D 366 11.35 34.09 4.01
C PHE D 366 10.51 32.80 4.03
N ALA D 367 11.15 31.66 3.83
CA ALA D 367 10.42 30.40 3.84
C ALA D 367 9.87 30.18 5.25
N PRO D 368 8.56 29.95 5.32
CA PRO D 368 7.89 29.55 6.56
C PRO D 368 8.63 28.40 7.28
N LYS D 369 8.78 28.56 8.59
CA LYS D 369 9.33 27.55 9.47
C LYS D 369 8.33 26.41 9.68
N SER D 370 7.05 26.66 9.41
CA SER D 370 6.03 25.61 9.54
C SER D 370 6.08 24.70 8.32
N SER D 371 5.51 23.50 8.49
CA SER D 371 5.58 22.53 7.40
C SER D 371 4.66 22.81 6.21
N ASN D 372 3.56 23.54 6.42
CA ASN D 372 2.64 23.88 5.30
C ASN D 372 2.61 25.35 4.84
N GLY D 373 3.34 26.22 5.55
CA GLY D 373 3.31 27.66 5.29
C GLY D 373 3.61 28.01 3.83
N LYS D 374 4.66 27.41 3.28
CA LYS D 374 5.10 27.66 1.91
C LYS D 374 4.06 27.24 0.89
N ARG D 375 3.52 26.04 1.09
CA ARG D 375 2.48 25.55 0.21
C ARG D 375 1.26 26.48 0.26
N ASP D 376 0.76 26.80 1.46
CA ASP D 376 -0.40 27.71 1.56
C ASP D 376 -0.14 29.07 0.88
N TRP D 377 1.02 29.66 1.13
CA TRP D 377 1.34 30.93 0.48
C TRP D 377 1.41 30.85 -1.02
N THR D 378 1.87 29.72 -1.54
CA THR D 378 1.92 29.53 -2.98
C THR D 378 0.51 29.57 -3.54
N THR D 379 -0.44 28.96 -2.84
CA THR D 379 -1.82 28.99 -3.27
C THR D 379 -2.36 30.40 -3.12
N SER D 380 -2.10 31.05 -1.99
CA SER D 380 -2.69 32.36 -1.71
C SER D 380 -2.31 33.45 -2.72
N TYR D 381 -1.00 33.65 -2.94
CA TYR D 381 -0.57 34.73 -3.83
C TYR D 381 -1.12 34.59 -5.24
N LYS D 382 -1.24 33.36 -5.73
CA LYS D 382 -1.88 33.15 -7.02
C LYS D 382 -3.39 33.43 -6.99
N ARG D 383 -4.02 33.15 -5.86
CA ARG D 383 -5.44 33.45 -5.72
C ARG D 383 -5.65 34.96 -5.69
N GLN D 384 -4.78 35.67 -4.98
CA GLN D 384 -4.84 37.13 -4.89
C GLN D 384 -4.74 37.79 -6.27
N LEU D 385 -3.78 37.35 -7.07
CA LEU D 385 -3.63 37.89 -8.43
C LEU D 385 -4.90 37.71 -9.22
N GLU D 386 -5.56 36.56 -9.08
CA GLU D 386 -6.80 36.34 -9.83
C GLU D 386 -7.92 37.25 -9.33
N PHE D 387 -7.88 37.57 -8.03
CA PHE D 387 -8.89 38.42 -7.41
C PHE D 387 -8.82 39.84 -8.04
N TYR D 388 -7.63 40.41 -8.12
CA TYR D 388 -7.47 41.68 -8.84
C TYR D 388 -8.08 41.61 -10.24
N GLN D 389 -7.76 40.54 -10.98
CA GLN D 389 -8.20 40.48 -12.37
C GLN D 389 -9.71 40.41 -12.52
N TRP D 390 -10.36 39.66 -11.62
CA TRP D 390 -11.82 39.53 -11.60
C TRP D 390 -12.51 40.85 -11.25
N LEU D 391 -11.86 41.65 -10.42
CA LEU D 391 -12.45 42.89 -9.95
C LEU D 391 -12.19 44.11 -10.84
N GLN D 392 -11.42 43.95 -11.92
CA GLN D 392 -11.10 45.08 -12.79
C GLN D 392 -12.27 45.55 -13.64
N SER D 393 -12.71 46.79 -13.41
CA SER D 393 -13.84 47.39 -14.14
C SER D 393 -13.56 47.60 -15.63
N ALA D 394 -14.63 47.87 -16.37
CA ALA D 394 -14.56 48.25 -17.76
C ALA D 394 -13.53 49.36 -17.99
N GLU D 395 -13.51 50.37 -17.11
CA GLU D 395 -12.62 51.53 -17.23
C GLU D 395 -11.20 51.20 -16.80
N GLY D 396 -11.03 50.41 -15.74
CA GLY D 396 -9.71 49.97 -15.30
C GLY D 396 -9.46 49.88 -13.80
N GLY D 397 -10.24 50.59 -13.00
CA GLY D 397 -10.10 50.54 -11.55
C GLY D 397 -10.52 49.18 -10.98
N ILE D 398 -9.93 48.81 -9.85
CA ILE D 398 -10.26 47.53 -9.19
C ILE D 398 -11.46 47.69 -8.26
N ALA D 399 -12.53 46.91 -8.48
CA ALA D 399 -13.74 46.97 -7.64
C ALA D 399 -13.51 46.32 -6.28
N GLY D 400 -14.49 46.45 -5.38
CA GLY D 400 -14.27 46.27 -3.95
C GLY D 400 -13.73 44.94 -3.45
N GLY D 401 -14.51 43.88 -3.62
CA GLY D 401 -14.11 42.59 -3.10
C GLY D 401 -15.23 41.58 -3.10
N ALA D 402 -15.25 40.74 -2.06
CA ALA D 402 -16.16 39.58 -2.04
C ALA D 402 -16.38 39.11 -0.61
N THR D 403 -17.42 38.31 -0.40
CA THR D 403 -17.70 37.73 0.91
C THR D 403 -18.15 36.28 0.85
N ASN D 404 -17.83 35.51 1.89
CA ASN D 404 -18.40 34.17 2.09
C ASN D 404 -19.54 34.13 3.12
N SER D 405 -19.90 35.30 3.64
CA SER D 405 -20.97 35.43 4.60
C SER D 405 -21.85 36.62 4.26
N TRP D 406 -22.85 36.40 3.41
CA TRP D 406 -23.68 37.51 2.95
C TRP D 406 -24.45 38.12 4.12
N ASN D 407 -24.33 39.43 4.30
CA ASN D 407 -24.93 40.18 5.43
C ASN D 407 -24.36 39.71 6.77
N GLY D 408 -23.20 39.06 6.71
CA GLY D 408 -22.51 38.59 7.90
C GLY D 408 -23.29 37.52 8.66
N ARG D 409 -24.21 36.84 7.97
CA ARG D 409 -25.02 35.81 8.59
C ARG D 409 -25.15 34.56 7.74
N TYR D 410 -24.27 34.40 6.74
CA TYR D 410 -24.30 33.23 5.85
C TYR D 410 -25.66 33.07 5.18
N GLU D 411 -26.22 34.20 4.74
CA GLU D 411 -27.46 34.18 3.99
C GLU D 411 -27.18 33.74 2.55
N LYS D 412 -28.22 33.28 1.87
CA LYS D 412 -28.16 32.97 0.46
C LYS D 412 -27.76 34.23 -0.31
N TYR D 413 -26.83 34.09 -1.24
CA TYR D 413 -26.58 35.18 -2.18
C TYR D 413 -27.87 35.59 -2.90
N PRO D 414 -28.13 36.90 -3.00
CA PRO D 414 -29.23 37.41 -3.82
C PRO D 414 -29.17 36.90 -5.25
N ALA D 415 -30.32 36.78 -5.92
CA ALA D 415 -30.39 36.40 -7.33
C ALA D 415 -29.41 37.20 -8.13
N GLY D 416 -28.70 36.52 -9.02
CA GLY D 416 -27.86 37.21 -9.99
C GLY D 416 -26.53 37.70 -9.46
N THR D 417 -26.19 37.33 -8.22
CA THR D 417 -24.91 37.71 -7.62
C THR D 417 -23.74 37.05 -8.32
N SER D 418 -22.83 37.88 -8.74
CA SER D 418 -21.61 37.47 -9.39
C SER D 418 -20.68 36.86 -8.34
N THR D 419 -19.96 35.80 -8.71
CA THR D 419 -19.04 35.10 -7.79
C THR D 419 -17.59 34.89 -8.27
N PHE D 420 -16.72 34.63 -7.28
CA PHE D 420 -15.30 34.36 -7.41
C PHE D 420 -15.02 33.27 -6.40
N TYR D 421 -14.77 32.06 -6.92
CA TYR D 421 -14.46 30.87 -6.13
C TYR D 421 -15.47 30.62 -5.03
N GLY D 422 -16.74 30.75 -5.37
CA GLY D 422 -17.83 30.57 -4.42
C GLY D 422 -18.14 31.78 -3.54
N MET D 423 -17.33 32.83 -3.60
CA MET D 423 -17.62 34.05 -2.81
C MET D 423 -18.43 35.10 -3.57
N ALA D 424 -19.26 35.84 -2.86
CA ALA D 424 -20.14 36.85 -3.49
C ALA D 424 -19.47 38.22 -3.63
N TYR D 425 -19.54 38.80 -4.83
CA TYR D 425 -19.05 40.13 -5.08
C TYR D 425 -19.78 41.13 -4.19
N VAL D 426 -19.01 41.99 -3.53
CA VAL D 426 -19.60 43.10 -2.79
C VAL D 426 -18.83 44.36 -3.16
N PRO D 427 -19.56 45.38 -3.65
CA PRO D 427 -18.93 46.66 -4.06
C PRO D 427 -18.15 47.34 -2.94
N HIS D 428 -18.61 47.24 -1.70
CA HIS D 428 -17.95 47.87 -0.56
C HIS D 428 -17.79 46.88 0.63
N PRO D 429 -16.81 46.00 0.56
CA PRO D 429 -16.59 45.01 1.63
C PRO D 429 -16.54 45.65 3.01
N VAL D 430 -17.22 45.05 4.00
CA VAL D 430 -17.05 45.38 5.43
C VAL D 430 -17.74 46.66 5.94
N TYR D 431 -17.45 47.81 5.33
CA TYR D 431 -18.01 49.10 5.80
C TYR D 431 -18.76 49.88 4.70
N ALA D 432 -19.89 50.46 5.06
CA ALA D 432 -20.70 51.26 4.15
C ALA D 432 -20.67 52.77 4.39
N ASP D 433 -20.06 53.22 5.49
CA ASP D 433 -20.12 54.64 5.87
C ASP D 433 -18.73 55.19 6.25
N PRO D 434 -17.94 55.63 5.27
CA PRO D 434 -18.35 55.67 3.85
C PRO D 434 -18.08 54.32 3.21
N GLY D 435 -18.58 54.09 2.00
CA GLY D 435 -18.22 52.88 1.29
C GLY D 435 -16.71 52.64 1.32
N SER D 436 -16.32 51.44 1.72
CA SER D 436 -14.92 51.06 1.87
C SER D 436 -14.17 51.08 0.54
N ASN D 437 -14.89 51.07 -0.59
CA ASN D 437 -14.18 51.23 -1.84
C ASN D 437 -14.37 52.58 -2.52
N GLN D 438 -14.75 53.59 -1.74
CA GLN D 438 -14.84 54.96 -2.25
C GLN D 438 -13.45 55.60 -2.32
N TRP D 439 -12.60 55.26 -1.38
CA TRP D 439 -11.28 55.87 -1.30
C TRP D 439 -10.35 55.38 -2.41
N PHE D 440 -9.96 56.31 -3.28
CA PHE D 440 -9.00 56.04 -4.37
C PHE D 440 -7.67 55.48 -3.87
N GLY D 441 -7.31 55.81 -2.65
CA GLY D 441 -6.07 55.32 -2.08
C GLY D 441 -5.83 53.82 -2.25
N PHE D 442 -6.87 52.99 -2.07
CA PHE D 442 -6.65 51.55 -2.14
C PHE D 442 -6.14 51.16 -3.52
N GLN D 443 -6.68 51.81 -4.56
CA GLN D 443 -6.18 51.64 -5.92
C GLN D 443 -4.67 51.81 -5.93
N ALA D 444 -4.17 52.91 -5.33
CA ALA D 444 -2.73 53.15 -5.36
C ALA D 444 -1.99 52.14 -4.49
N TRP D 445 -2.34 52.10 -3.20
CA TRP D 445 -1.72 51.20 -2.24
C TRP D 445 -1.62 49.76 -2.74
N SER D 446 -2.72 49.24 -3.27
CA SER D 446 -2.80 47.83 -3.59
C SER D 446 -2.20 47.49 -4.96
N MET D 447 -2.45 48.31 -5.98
CA MET D 447 -1.83 48.06 -7.30
C MET D 447 -0.34 48.28 -7.27
N GLN D 448 0.13 49.11 -6.35
CA GLN D 448 1.56 49.26 -6.16
C GLN D 448 2.21 47.90 -5.88
N ARG D 449 1.55 47.06 -5.08
CA ARG D 449 2.13 45.75 -4.73
C ARG D 449 2.19 44.87 -5.97
N VAL D 450 1.17 44.98 -6.80
CA VAL D 450 1.11 44.26 -8.05
C VAL D 450 2.25 44.67 -8.99
N MET D 451 2.66 45.94 -8.94
CA MET D 451 3.75 46.44 -9.79
C MET D 451 5.08 45.84 -9.34
N GLU D 452 5.33 45.81 -8.04
CA GLU D 452 6.53 45.16 -7.51
C GLU D 452 6.59 43.68 -7.84
N TYR D 453 5.44 43.04 -7.93
CA TYR D 453 5.36 41.61 -8.19
C TYR D 453 5.76 41.38 -9.63
N TYR D 454 5.22 42.19 -10.52
CA TYR D 454 5.59 42.13 -11.92
C TYR D 454 7.09 42.45 -12.09
N LEU D 455 7.56 43.48 -11.38
CA LEU D 455 8.96 43.89 -11.41
C LEU D 455 9.85 42.68 -11.16
N GLU D 456 9.58 42.02 -10.04
CA GLU D 456 10.43 40.94 -9.55
C GLU D 456 10.17 39.57 -10.19
N THR D 457 9.15 39.42 -11.02
CA THR D 457 8.89 38.09 -11.57
C THR D 457 8.80 38.05 -13.08
N GLY D 458 8.27 39.12 -13.68
CA GLY D 458 8.05 39.19 -15.10
C GLY D 458 6.79 38.49 -15.54
N ASP D 459 5.95 38.12 -14.58
CA ASP D 459 4.80 37.24 -14.80
C ASP D 459 3.89 37.94 -15.79
N SER D 460 3.78 37.40 -16.99
CA SER D 460 3.00 38.02 -18.05
C SER D 460 1.47 37.92 -17.89
N SER D 461 1.00 37.03 -17.01
CA SER D 461 -0.47 36.80 -16.84
C SER D 461 -1.11 38.04 -16.21
N VAL D 462 -0.26 38.91 -15.69
CA VAL D 462 -0.65 40.07 -14.93
C VAL D 462 -0.48 41.39 -15.75
N LYS D 463 0.06 41.28 -16.97
CA LYS D 463 0.31 42.45 -17.83
C LYS D 463 -0.94 43.18 -18.28
N ASN D 464 -1.95 42.45 -18.74
CA ASN D 464 -3.20 43.09 -19.15
C ASN D 464 -3.88 43.84 -18.01
N LEU D 465 -3.89 43.23 -16.82
CA LEU D 465 -4.39 43.87 -15.60
C LEU D 465 -3.70 45.19 -15.32
N ILE D 466 -2.38 45.13 -15.29
CA ILE D 466 -1.56 46.27 -14.94
C ILE D 466 -1.66 47.41 -15.98
N LYS D 467 -1.55 47.06 -17.26
CA LYS D 467 -1.61 48.05 -18.33
C LYS D 467 -2.95 48.78 -18.43
N LYS D 468 -4.04 48.04 -18.29
CA LYS D 468 -5.36 48.66 -18.25
C LYS D 468 -5.53 49.60 -17.06
N TRP D 469 -4.90 49.27 -15.92
CA TRP D 469 -4.96 50.12 -14.75
C TRP D 469 -4.11 51.39 -14.91
N VAL D 470 -2.90 51.25 -15.45
CA VAL D 470 -2.03 52.40 -15.71
C VAL D 470 -2.73 53.37 -16.68
N ASP D 471 -3.31 52.85 -17.77
CA ASP D 471 -4.12 53.65 -18.67
C ASP D 471 -5.20 54.44 -17.92
N TRP D 472 -5.91 53.76 -17.01
CA TRP D 472 -7.04 54.35 -16.32
C TRP D 472 -6.58 55.52 -15.51
N VAL D 473 -5.54 55.29 -14.74
CA VAL D 473 -5.01 56.31 -13.85
C VAL D 473 -4.41 57.48 -14.64
N MET D 474 -3.75 57.18 -15.75
CA MET D 474 -3.07 58.20 -16.57
C MET D 474 -4.09 59.14 -17.16
N SER D 475 -5.28 58.62 -17.46
CA SER D 475 -6.38 59.45 -17.96
C SER D 475 -6.99 60.30 -16.83
N GLU D 476 -6.55 60.11 -15.59
CA GLU D 476 -7.20 60.74 -14.45
C GLU D 476 -6.35 61.70 -13.62
N ILE D 477 -5.03 61.63 -13.76
CA ILE D 477 -4.19 62.61 -13.07
C ILE D 477 -4.38 63.97 -13.76
N LYS D 478 -4.48 65.04 -12.96
CA LYS D 478 -4.61 66.38 -13.50
C LYS D 478 -3.30 67.09 -13.30
N LEU D 479 -2.64 67.44 -14.40
CA LEU D 479 -1.43 68.27 -14.31
C LEU D 479 -1.72 69.68 -14.81
N TYR D 480 -1.56 70.67 -13.92
CA TYR D 480 -1.93 72.04 -14.27
C TYR D 480 -0.73 72.91 -14.70
N ASP D 481 -0.97 73.78 -15.68
CA ASP D 481 0.07 74.69 -16.22
C ASP D 481 0.86 75.51 -15.18
N ASP D 482 0.22 75.85 -14.05
CA ASP D 482 0.92 76.52 -12.94
C ASP D 482 1.68 75.57 -11.98
N GLY D 483 1.76 74.29 -12.34
CA GLY D 483 2.53 73.33 -11.56
C GLY D 483 1.84 72.74 -10.35
N THR D 484 0.51 72.77 -10.36
CA THR D 484 -0.28 72.11 -9.35
C THR D 484 -0.79 70.85 -10.01
N PHE D 485 -1.39 69.98 -9.20
CA PHE D 485 -1.91 68.70 -9.68
C PHE D 485 -3.13 68.39 -8.88
N ALA D 486 -3.94 67.49 -9.43
CA ALA D 486 -5.00 66.89 -8.66
C ALA D 486 -5.09 65.44 -9.10
N ILE D 487 -5.41 64.57 -8.13
CA ILE D 487 -5.62 63.12 -8.38
C ILE D 487 -6.99 62.70 -7.87
N PRO D 488 -7.55 61.61 -8.37
CA PRO D 488 -8.82 61.10 -7.86
C PRO D 488 -8.85 60.97 -6.34
N SER D 489 -9.98 61.35 -5.78
CA SER D 489 -10.20 61.30 -4.34
C SER D 489 -11.17 60.16 -4.07
N ASP D 490 -12.40 60.31 -4.59
CA ASP D 490 -13.53 59.43 -4.35
C ASP D 490 -13.97 58.77 -5.63
N LEU D 491 -14.38 57.51 -5.49
CA LEU D 491 -14.87 56.71 -6.59
C LEU D 491 -16.30 56.28 -6.34
N GLU D 492 -17.01 55.98 -7.42
CA GLU D 492 -18.38 55.48 -7.33
C GLU D 492 -18.55 54.34 -8.35
N TRP D 493 -19.20 53.27 -7.89
CA TRP D 493 -19.19 51.99 -8.59
C TRP D 493 -20.60 51.60 -8.99
N SER D 494 -20.76 50.96 -10.13
CA SER D 494 -22.04 50.38 -10.47
C SER D 494 -21.82 49.02 -11.13
N GLY D 495 -22.86 48.21 -11.10
CA GLY D 495 -22.82 46.90 -11.70
C GLY D 495 -21.95 45.94 -10.92
N GLN D 496 -21.62 44.83 -11.57
CA GLN D 496 -20.84 43.75 -10.97
C GLN D 496 -19.86 43.23 -12.02
N PRO D 497 -18.73 42.68 -11.59
CA PRO D 497 -17.88 41.94 -12.50
C PRO D 497 -18.67 40.70 -12.94
N ASP D 498 -18.34 40.12 -14.08
CA ASP D 498 -18.91 38.84 -14.47
C ASP D 498 -18.34 37.73 -13.60
N THR D 499 -19.12 36.70 -13.35
CA THR D 499 -18.68 35.56 -12.56
C THR D 499 -17.34 35.05 -13.05
N TRP D 500 -16.43 34.81 -12.12
CA TRP D 500 -15.09 34.37 -12.46
C TRP D 500 -15.11 32.95 -13.00
N THR D 501 -14.58 32.85 -14.20
CA THR D 501 -14.66 31.67 -15.03
C THR D 501 -13.24 31.32 -15.54
N GLY D 502 -12.25 31.87 -14.84
CA GLY D 502 -10.84 31.64 -15.14
C GLY D 502 -10.24 32.57 -16.18
N THR D 503 -11.02 33.53 -16.69
CA THR D 503 -10.58 34.47 -17.73
C THR D 503 -11.23 35.85 -17.57
N TYR D 504 -10.44 36.89 -17.69
CA TYR D 504 -11.01 38.24 -17.63
C TYR D 504 -11.91 38.48 -18.84
N THR D 505 -13.16 38.92 -18.61
CA THR D 505 -14.08 39.16 -19.72
C THR D 505 -14.10 40.60 -20.20
N GLY D 506 -13.40 41.47 -19.49
CA GLY D 506 -13.52 42.90 -19.71
C GLY D 506 -14.51 43.60 -18.79
N ASN D 507 -15.31 42.79 -18.07
CA ASN D 507 -16.38 43.26 -17.20
C ASN D 507 -17.13 44.48 -17.76
N PRO D 508 -17.80 44.29 -18.92
CA PRO D 508 -18.38 45.40 -19.68
C PRO D 508 -19.45 46.09 -18.86
N ASN D 509 -19.92 45.41 -17.82
CA ASN D 509 -21.04 45.98 -17.05
C ASN D 509 -20.61 46.44 -15.65
N LEU D 510 -19.31 46.49 -15.43
CA LEU D 510 -18.80 46.99 -14.16
C LEU D 510 -18.10 48.34 -14.40
N HIS D 511 -18.59 49.40 -13.76
CA HIS D 511 -18.12 50.77 -14.03
C HIS D 511 -17.68 51.49 -12.78
N VAL D 512 -16.63 52.28 -12.91
CA VAL D 512 -16.19 53.20 -11.87
C VAL D 512 -16.16 54.62 -12.48
N ARG D 513 -16.51 55.61 -11.69
CA ARG D 513 -16.40 57.02 -12.09
C ARG D 513 -15.74 57.75 -10.95
N VAL D 514 -14.76 58.60 -11.26
CA VAL D 514 -14.17 59.46 -10.24
C VAL D 514 -15.18 60.58 -9.95
N THR D 515 -15.53 60.82 -8.68
CA THR D 515 -16.53 61.86 -8.40
C THR D 515 -15.92 63.12 -7.82
N SER D 516 -14.72 63.00 -7.27
CA SER D 516 -13.98 64.17 -6.81
C SER D 516 -12.47 63.94 -6.88
N TYR D 517 -11.74 65.07 -6.96
CA TYR D 517 -10.27 65.13 -7.08
C TYR D 517 -9.68 65.90 -5.90
N GLY D 518 -8.42 65.65 -5.61
CA GLY D 518 -7.79 66.27 -4.48
C GLY D 518 -6.29 66.20 -4.58
N THR D 519 -5.65 66.28 -3.44
CA THR D 519 -4.27 66.67 -3.37
C THR D 519 -3.65 65.89 -2.20
N ASP D 520 -4.20 64.70 -1.98
CA ASP D 520 -3.78 63.78 -0.92
C ASP D 520 -2.32 63.40 -1.16
N LEU D 521 -1.46 63.76 -0.20
CA LEU D 521 -0.03 63.66 -0.44
C LEU D 521 0.44 62.22 -0.39
N GLY D 522 -0.05 61.48 0.63
CA GLY D 522 0.10 60.04 0.71
C GLY D 522 -0.39 59.34 -0.54
N VAL D 523 -1.62 59.59 -0.95
CA VAL D 523 -2.08 58.94 -2.17
C VAL D 523 -1.23 59.31 -3.39
N ALA D 524 -0.68 60.53 -3.41
CA ALA D 524 0.13 60.96 -4.57
C ALA D 524 1.48 60.23 -4.59
N GLY D 525 2.10 60.14 -3.41
CA GLY D 525 3.32 59.38 -3.28
C GLY D 525 3.12 57.92 -3.74
N SER D 526 2.13 57.25 -3.17
CA SER D 526 1.92 55.84 -3.43
C SER D 526 1.70 55.63 -4.91
N LEU D 527 0.96 56.54 -5.53
CA LEU D 527 0.60 56.43 -6.93
C LEU D 527 1.82 56.67 -7.82
N ALA D 528 2.70 57.58 -7.40
CA ALA D 528 3.99 57.77 -8.07
C ALA D 528 4.82 56.48 -7.95
N ASN D 529 4.83 55.91 -6.73
CA ASN D 529 5.53 54.66 -6.46
C ASN D 529 5.08 53.60 -7.45
N ALA D 530 3.78 53.35 -7.49
CA ALA D 530 3.21 52.45 -8.47
C ALA D 530 3.70 52.70 -9.89
N LEU D 531 3.69 53.97 -10.32
CA LEU D 531 3.98 54.28 -11.71
C LEU D 531 5.48 54.15 -12.01
N ALA D 532 6.33 54.52 -11.06
CA ALA D 532 7.77 54.39 -11.24
C ALA D 532 8.13 52.89 -11.28
N THR D 533 7.67 52.15 -10.27
CA THR D 533 7.86 50.70 -10.19
C THR D 533 7.42 50.05 -11.50
N TYR D 534 6.24 50.39 -11.96
CA TYR D 534 5.76 49.83 -13.21
C TYR D 534 6.70 50.11 -14.36
N ALA D 535 7.15 51.38 -14.46
CA ALA D 535 8.03 51.82 -15.52
C ALA D 535 9.33 51.01 -15.49
N ALA D 536 9.88 50.81 -14.29
CA ALA D 536 11.07 49.99 -14.09
C ALA D 536 10.82 48.56 -14.58
N ALA D 537 9.64 48.04 -14.25
CA ALA D 537 9.23 46.72 -14.72
C ALA D 537 9.18 46.60 -16.24
N THR D 538 8.74 47.65 -16.95
CA THR D 538 8.75 47.59 -18.43
C THR D 538 10.18 47.57 -19.01
N GLU D 539 11.10 48.29 -18.38
CA GLU D 539 12.46 48.33 -18.87
C GLU D 539 13.11 46.96 -18.68
N ARG D 540 12.88 46.34 -17.53
CA ARG D 540 13.40 45.01 -17.25
C ARG D 540 12.79 43.97 -18.17
N TRP D 541 11.47 43.94 -18.27
CA TRP D 541 10.79 42.81 -18.91
C TRP D 541 10.41 43.00 -20.35
N GLU D 542 10.11 44.23 -20.75
CA GLU D 542 9.54 44.42 -22.08
C GLU D 542 10.53 44.97 -23.12
N GLY D 543 10.04 45.13 -24.35
CA GLY D 543 10.82 45.71 -25.43
C GLY D 543 11.37 47.09 -25.11
N LYS D 544 10.57 47.93 -24.46
CA LYS D 544 11.01 49.28 -24.12
C LYS D 544 10.43 49.84 -22.82
N LEU D 545 11.22 50.72 -22.22
CA LEU D 545 10.77 51.52 -21.11
C LEU D 545 9.50 52.30 -21.49
N ASP D 546 8.50 52.24 -20.62
CA ASP D 546 7.35 53.12 -20.72
C ASP D 546 7.74 54.48 -20.12
N THR D 547 8.01 55.40 -21.05
CA THR D 547 8.52 56.74 -20.78
C THR D 547 7.52 57.62 -20.02
N LYS D 548 6.26 57.58 -20.48
CA LYS D 548 5.18 58.37 -19.90
C LYS D 548 4.91 58.03 -18.43
N ALA D 549 5.07 56.75 -18.06
CA ALA D 549 4.80 56.32 -16.70
C ALA D 549 5.86 56.82 -15.75
N ARG D 550 7.11 56.75 -16.18
CA ARG D 550 8.25 57.27 -15.38
C ARG D 550 8.16 58.79 -15.18
N ASP D 551 7.75 59.51 -16.22
CA ASP D 551 7.66 60.97 -16.16
C ASP D 551 6.51 61.38 -15.27
N MET D 552 5.35 60.74 -15.48
CA MET D 552 4.17 61.01 -14.65
C MET D 552 4.48 60.84 -13.18
N ALA D 553 5.22 59.78 -12.84
CA ALA D 553 5.64 59.55 -11.47
C ALA D 553 6.54 60.67 -10.93
N ALA D 554 7.36 61.25 -11.81
CA ALA D 554 8.25 62.36 -11.43
C ALA D 554 7.42 63.63 -11.21
N GLU D 555 6.53 63.87 -12.16
CA GLU D 555 5.53 64.92 -12.09
C GLU D 555 4.71 64.95 -10.79
N LEU D 556 4.22 63.79 -10.33
CA LEU D 556 3.49 63.72 -9.06
C LEU D 556 4.38 64.05 -7.90
N VAL D 557 5.60 63.49 -7.88
CA VAL D 557 6.51 63.76 -6.76
C VAL D 557 6.87 65.24 -6.74
N ASN D 558 7.13 65.80 -7.93
CA ASN D 558 7.53 67.20 -8.08
C ASN D 558 6.47 68.14 -7.53
N ARG D 559 5.25 67.95 -8.02
CA ARG D 559 4.12 68.80 -7.67
C ARG D 559 3.69 68.65 -6.22
N ALA D 560 3.72 67.44 -5.68
CA ALA D 560 3.46 67.24 -4.25
C ALA D 560 4.49 67.89 -3.33
N TRP D 561 5.77 67.84 -3.72
CA TRP D 561 6.84 68.43 -2.90
C TRP D 561 6.85 69.96 -3.07
N TYR D 562 6.86 70.42 -4.30
CA TYR D 562 6.82 71.85 -4.58
C TYR D 562 5.67 72.55 -3.84
N ASN D 563 4.44 72.12 -4.14
CA ASN D 563 3.25 72.77 -3.67
C ASN D 563 2.87 72.51 -2.22
N PHE D 564 3.57 71.61 -1.52
CA PHE D 564 3.12 71.27 -0.18
C PHE D 564 4.20 71.17 0.84
N TYR D 565 5.37 71.71 0.46
CA TYR D 565 6.49 71.90 1.37
C TYR D 565 6.06 72.65 2.62
N CYS D 566 6.68 72.31 3.73
CA CYS D 566 6.36 72.89 5.02
C CYS D 566 7.53 73.76 5.51
N SER D 567 7.35 75.10 5.43
CA SER D 567 8.38 76.09 5.81
C SER D 567 9.03 75.86 7.19
N GLU D 568 8.30 75.23 8.10
CA GLU D 568 8.85 74.99 9.44
C GLU D 568 9.71 73.70 9.52
N GLY D 569 9.93 73.05 8.37
CA GLY D 569 10.80 71.89 8.27
C GLY D 569 10.25 70.54 8.75
N LYS D 570 8.94 70.41 8.84
CA LYS D 570 8.37 69.18 9.35
C LYS D 570 8.15 68.16 8.23
N GLY D 571 8.30 68.60 6.99
CA GLY D 571 8.22 67.70 5.86
C GLY D 571 7.38 68.33 4.77
N VAL D 572 6.29 67.64 4.42
CA VAL D 572 5.21 68.20 3.65
C VAL D 572 3.96 68.27 4.54
N VAL D 573 2.95 68.96 4.07
CA VAL D 573 1.76 69.20 4.88
C VAL D 573 0.59 69.41 3.95
N THR D 574 -0.56 68.94 4.43
CA THR D 574 -1.77 68.96 3.63
C THR D 574 -2.60 70.22 3.95
N GLU D 575 -3.56 70.52 3.08
CA GLU D 575 -4.57 71.49 3.42
C GLU D 575 -5.90 70.89 3.01
N GLU D 576 -6.72 70.54 3.98
CA GLU D 576 -7.92 69.76 3.64
C GLU D 576 -9.17 70.27 4.33
N ALA D 577 -10.21 70.45 3.53
CA ALA D 577 -11.55 70.73 4.01
C ALA D 577 -12.12 69.43 4.56
N ARG D 578 -12.57 69.47 5.80
CA ARG D 578 -13.10 68.30 6.48
C ARG D 578 -14.54 68.56 6.89
N ALA D 579 -15.43 68.59 5.90
CA ALA D 579 -16.86 68.79 6.11
C ALA D 579 -17.47 67.71 7.05
N ASP D 580 -16.94 66.50 6.96
CA ASP D 580 -17.34 65.40 7.83
C ASP D 580 -17.16 65.70 9.33
N TYR D 581 -16.30 66.65 9.69
CA TYR D 581 -16.09 67.02 11.09
C TYR D 581 -17.30 67.69 11.80
N LYS D 582 -18.38 67.97 11.07
CA LYS D 582 -19.64 68.30 11.74
C LYS D 582 -20.11 67.14 12.64
N ARG D 583 -19.71 65.92 12.30
CA ARG D 583 -20.17 64.72 12.99
C ARG D 583 -19.60 64.61 14.41
N PHE D 584 -18.55 65.37 14.70
CA PHE D 584 -18.07 65.54 16.08
C PHE D 584 -19.24 65.86 17.00
N PHE D 585 -20.18 66.67 16.51
CA PHE D 585 -21.22 67.23 17.36
C PHE D 585 -22.58 66.75 16.94
N GLU D 586 -22.71 66.35 15.68
CA GLU D 586 -23.99 65.90 15.16
C GLU D 586 -24.21 64.40 15.28
N GLN D 587 -23.14 63.60 15.24
CA GLN D 587 -23.32 62.14 15.18
C GLN D 587 -23.77 61.58 16.49
N GLU D 588 -25.01 61.09 16.53
CA GLU D 588 -25.41 60.28 17.68
C GLU D 588 -24.66 58.94 17.68
N VAL D 589 -24.24 58.51 18.87
CA VAL D 589 -23.58 57.22 19.08
C VAL D 589 -24.59 56.29 19.75
N TYR D 590 -24.93 55.18 19.09
CA TYR D 590 -25.82 54.20 19.67
C TYR D 590 -25.35 53.60 21.01
N VAL D 591 -26.22 53.64 22.02
CA VAL D 591 -26.01 52.90 23.27
C VAL D 591 -27.35 52.20 23.54
N PRO D 592 -27.34 50.91 23.90
CA PRO D 592 -28.61 50.21 24.14
C PRO D 592 -29.41 50.87 25.29
N ALA D 593 -30.75 50.89 25.17
CA ALA D 593 -31.66 51.33 26.25
C ALA D 593 -31.33 50.61 27.54
N GLY D 594 -31.31 51.32 28.67
CA GLY D 594 -31.01 50.69 29.94
C GLY D 594 -29.51 50.46 30.18
N TRP D 595 -28.67 50.61 29.17
CA TRP D 595 -27.22 50.45 29.36
C TRP D 595 -26.59 51.77 29.80
N SER D 596 -25.67 51.71 30.75
CA SER D 596 -24.93 52.90 31.14
C SER D 596 -23.58 52.49 31.64
N GLY D 597 -22.63 53.42 31.57
CA GLY D 597 -21.26 53.19 32.01
C GLY D 597 -20.50 54.50 31.88
N THR D 598 -19.22 54.49 32.21
CA THR D 598 -18.43 55.73 32.13
C THR D 598 -17.07 55.48 31.52
N MET D 599 -16.57 56.48 30.80
CA MET D 599 -15.17 56.49 30.35
C MET D 599 -14.24 56.81 31.53
N PRO D 600 -12.93 56.48 31.41
CA PRO D 600 -11.94 56.81 32.46
C PRO D 600 -12.03 58.24 33.00
N ASN D 601 -12.22 59.23 32.12
CA ASN D 601 -12.30 60.64 32.54
C ASN D 601 -13.64 61.02 33.15
N GLY D 602 -14.58 60.08 33.21
CA GLY D 602 -15.89 60.35 33.77
C GLY D 602 -17.03 60.52 32.76
N ASP D 603 -16.72 60.70 31.46
CA ASP D 603 -17.77 60.85 30.44
C ASP D 603 -18.80 59.72 30.56
N LYS D 604 -20.07 60.10 30.58
CA LYS D 604 -21.13 59.11 30.71
C LYS D 604 -21.45 58.48 29.35
N ILE D 605 -21.50 57.15 29.34
CA ILE D 605 -21.93 56.42 28.15
C ILE D 605 -23.37 56.02 28.42
N GLN D 606 -24.29 56.58 27.64
CA GLN D 606 -25.71 56.37 27.83
C GLN D 606 -26.40 56.78 26.51
N PRO D 607 -27.62 56.31 26.28
CA PRO D 607 -28.35 56.69 25.06
C PRO D 607 -28.41 58.21 24.89
N GLY D 608 -28.14 58.67 23.67
CA GLY D 608 -28.31 60.05 23.27
C GLY D 608 -26.97 60.78 23.22
N ILE D 609 -25.88 60.11 23.60
CA ILE D 609 -24.56 60.72 23.48
C ILE D 609 -24.17 60.99 22.02
N LYS D 610 -23.32 62.00 21.84
CA LYS D 610 -22.73 62.37 20.57
C LYS D 610 -21.26 61.96 20.59
N PHE D 611 -20.63 61.89 19.44
CA PHE D 611 -19.21 61.53 19.34
C PHE D 611 -18.35 62.26 20.40
N ILE D 612 -18.48 63.58 20.48
CA ILE D 612 -17.72 64.38 21.42
C ILE D 612 -17.96 64.02 22.91
N ASP D 613 -19.14 63.50 23.24
CA ASP D 613 -19.56 63.31 24.64
C ASP D 613 -18.83 62.20 25.37
N ILE D 614 -18.15 61.33 24.62
CA ILE D 614 -17.33 60.30 25.24
C ILE D 614 -15.86 60.52 24.87
N ARG D 615 -15.58 61.65 24.23
CA ARG D 615 -14.21 62.07 23.97
C ARG D 615 -14.00 63.53 24.43
N THR D 616 -14.38 63.79 25.66
CA THR D 616 -14.49 65.15 26.17
C THR D 616 -13.14 65.91 26.25
N LYS D 617 -12.06 65.17 26.52
CA LYS D 617 -10.71 65.72 26.49
C LYS D 617 -10.40 66.43 25.17
N TYR D 618 -11.19 66.18 24.13
CA TYR D 618 -10.97 66.84 22.85
C TYR D 618 -11.25 68.36 22.94
N ARG D 619 -12.05 68.75 23.92
CA ARG D 619 -12.32 70.18 24.15
C ARG D 619 -11.05 70.96 24.56
N GLN D 620 -10.05 70.25 25.07
CA GLN D 620 -8.78 70.86 25.44
C GLN D 620 -7.79 70.89 24.28
N ASP D 621 -8.20 70.40 23.12
CA ASP D 621 -7.29 70.25 22.00
C ASP D 621 -7.08 71.60 21.30
N PRO D 622 -5.84 71.87 20.88
CA PRO D 622 -5.51 73.12 20.17
C PRO D 622 -6.35 73.43 18.94
N TYR D 623 -6.87 72.41 18.25
CA TYR D 623 -7.69 72.68 17.08
C TYR D 623 -9.20 72.51 17.30
N TYR D 624 -9.60 72.27 18.55
CA TYR D 624 -11.01 72.14 18.89
C TYR D 624 -11.82 73.38 18.48
N ASP D 625 -11.34 74.58 18.87
CA ASP D 625 -12.05 75.82 18.59
C ASP D 625 -12.27 76.03 17.12
N ILE D 626 -11.24 75.80 16.32
CA ILE D 626 -11.43 75.90 14.88
C ILE D 626 -12.54 74.95 14.42
N VAL D 627 -12.53 73.69 14.88
CA VAL D 627 -13.59 72.79 14.41
C VAL D 627 -14.96 73.05 15.04
N TYR D 628 -15.02 73.37 16.33
CA TYR D 628 -16.31 73.69 16.96
C TYR D 628 -16.93 74.96 16.33
N GLN D 629 -16.11 76.00 16.17
CA GLN D 629 -16.61 77.26 15.61
C GLN D 629 -17.06 77.10 14.16
N ALA D 630 -16.36 76.27 13.39
CA ALA D 630 -16.78 76.01 12.00
C ALA D 630 -18.12 75.27 12.00
N TYR D 631 -18.27 74.36 12.95
CA TYR D 631 -19.52 73.65 13.12
C TYR D 631 -20.65 74.65 13.36
N LEU D 632 -20.44 75.55 14.32
CA LEU D 632 -21.44 76.57 14.67
C LEU D 632 -21.82 77.47 13.49
N ARG D 633 -20.86 77.76 12.59
CA ARG D 633 -21.13 78.56 11.38
C ARG D 633 -21.68 77.74 10.22
N GLY D 634 -21.84 76.43 10.41
CA GLY D 634 -22.20 75.56 9.30
C GLY D 634 -21.17 75.50 8.19
N GLU D 635 -19.89 75.66 8.56
CA GLU D 635 -18.80 75.59 7.57
C GLU D 635 -17.88 74.38 7.79
N ALA D 636 -17.32 73.86 6.69
CA ALA D 636 -16.26 72.87 6.77
C ALA D 636 -14.98 73.50 7.32
N PRO D 637 -14.41 72.97 8.42
CA PRO D 637 -13.12 73.47 8.91
C PRO D 637 -12.01 73.04 7.95
N VAL D 638 -10.97 73.86 7.81
CA VAL D 638 -9.84 73.49 6.96
C VAL D 638 -8.68 73.08 7.86
N LEU D 639 -8.08 71.93 7.56
CA LEU D 639 -7.02 71.40 8.41
C LEU D 639 -5.74 71.17 7.67
N ASN D 640 -4.65 71.26 8.44
CA ASN D 640 -3.30 70.95 7.98
C ASN D 640 -2.81 69.73 8.74
N TYR D 641 -2.38 68.72 8.01
CA TYR D 641 -2.00 67.49 8.67
C TYR D 641 -0.65 66.98 8.24
N HIS D 642 0.09 66.45 9.20
CA HIS D 642 1.30 65.73 8.87
C HIS D 642 1.05 64.28 9.28
N ARG D 643 0.40 63.51 8.39
CA ARG D 643 0.23 62.07 8.61
C ARG D 643 1.56 61.34 8.38
N PHE D 644 2.00 60.59 9.39
CA PHE D 644 3.18 59.72 9.23
C PHE D 644 3.20 58.95 7.90
N TRP D 645 2.13 58.24 7.56
CA TRP D 645 2.15 57.49 6.31
C TRP D 645 2.19 58.40 5.07
N HIS D 646 1.63 59.59 5.19
CA HIS D 646 1.69 60.56 4.09
C HIS D 646 3.17 60.91 3.79
N GLU D 647 3.95 61.18 4.83
CA GLU D 647 5.34 61.57 4.65
C GLU D 647 6.10 60.41 4.02
N VAL D 648 5.95 59.23 4.62
CA VAL D 648 6.67 58.04 4.17
C VAL D 648 6.31 57.61 2.74
N ASP D 649 5.03 57.53 2.39
CA ASP D 649 4.70 57.24 0.99
C ASP D 649 5.32 58.21 -0.02
N LEU D 650 5.41 59.50 0.33
CA LEU D 650 6.07 60.48 -0.55
C LEU D 650 7.59 60.22 -0.56
N ALA D 651 8.19 60.10 0.61
CA ALA D 651 9.62 59.78 0.70
C ALA D 651 9.97 58.55 -0.16
N VAL D 652 9.34 57.41 0.16
CA VAL D 652 9.57 56.16 -0.55
C VAL D 652 9.45 56.33 -2.07
N ALA D 653 8.44 57.06 -2.54
CA ALA D 653 8.33 57.35 -3.97
C ALA D 653 9.60 58.06 -4.56
N MET D 654 10.20 58.97 -3.79
CA MET D 654 11.47 59.60 -4.18
C MET D 654 12.54 58.54 -4.26
N GLY D 655 12.59 57.70 -3.22
CA GLY D 655 13.49 56.55 -3.15
C GLY D 655 13.41 55.62 -4.35
N VAL D 656 12.21 55.35 -4.84
CA VAL D 656 12.01 54.49 -6.01
C VAL D 656 12.57 55.14 -7.30
N LEU D 657 12.28 56.42 -7.49
CA LEU D 657 12.89 57.19 -8.57
C LEU D 657 14.41 57.13 -8.41
N ALA D 658 14.90 57.46 -7.22
CA ALA D 658 16.31 57.33 -6.90
C ALA D 658 16.89 55.94 -7.24
N THR D 659 16.12 54.87 -7.03
CA THR D 659 16.64 53.52 -7.20
C THR D 659 16.65 53.08 -8.66
N TYR D 660 15.55 53.28 -9.39
CA TYR D 660 15.43 52.74 -10.75
C TYR D 660 15.75 53.75 -11.85
N PHE D 661 15.83 55.03 -11.49
CA PHE D 661 16.10 56.10 -12.45
C PHE D 661 17.00 57.13 -11.77
N PRO D 662 18.25 56.75 -11.53
CA PRO D 662 19.16 57.54 -10.68
C PRO D 662 19.61 58.88 -11.31
N ASP D 663 19.40 59.03 -12.62
CA ASP D 663 19.79 60.25 -13.33
C ASP D 663 18.62 61.22 -13.47
N MET D 664 17.39 60.74 -13.24
CA MET D 664 16.25 61.64 -13.13
C MET D 664 16.49 62.59 -11.99
N THR D 665 15.94 63.79 -12.16
CA THR D 665 16.29 64.92 -11.33
C THR D 665 15.03 65.78 -11.11
N TYR D 666 14.92 66.40 -9.94
CA TYR D 666 13.81 67.30 -9.63
C TYR D 666 13.88 68.61 -10.47
N LYS D 667 12.71 69.11 -10.88
CA LYS D 667 12.59 70.41 -11.53
C LYS D 667 11.31 71.05 -11.02
N VAL D 668 11.37 72.32 -10.61
CA VAL D 668 10.15 73.04 -10.17
C VAL D 668 9.10 72.92 -11.27
N PRO D 669 7.90 72.47 -10.88
CA PRO D 669 6.84 72.10 -11.84
C PRO D 669 6.37 73.18 -12.85
N GLY E 28 16.33 -36.56 -47.97
CA GLY E 28 17.73 -36.50 -47.41
C GLY E 28 18.28 -35.09 -47.20
N PRO E 29 19.21 -34.91 -46.23
CA PRO E 29 19.92 -33.64 -46.04
C PRO E 29 20.77 -33.21 -47.24
N THR E 30 20.91 -31.90 -47.41
CA THR E 30 21.63 -31.27 -48.51
C THR E 30 22.34 -30.06 -47.93
N LYS E 31 23.47 -29.66 -48.54
CA LYS E 31 24.17 -28.43 -48.14
C LYS E 31 23.38 -27.20 -48.54
N ALA E 32 23.25 -26.25 -47.61
CA ALA E 32 22.43 -25.05 -47.81
C ALA E 32 23.07 -24.11 -48.84
N PRO E 33 22.25 -23.54 -49.73
CA PRO E 33 22.73 -22.60 -50.74
C PRO E 33 22.99 -21.18 -50.20
N THR E 34 22.59 -20.92 -48.95
CA THR E 34 22.73 -19.61 -48.29
C THR E 34 24.12 -18.95 -48.38
N LYS E 35 24.14 -17.68 -48.78
CA LYS E 35 25.39 -16.95 -48.95
C LYS E 35 25.94 -16.43 -47.61
N ASP E 36 27.26 -16.34 -47.44
CA ASP E 36 27.85 -15.67 -46.27
C ASP E 36 27.22 -14.28 -46.13
N GLY E 37 27.05 -13.84 -44.89
CA GLY E 37 26.52 -12.50 -44.63
C GLY E 37 25.02 -12.38 -44.52
N THR E 38 24.30 -13.47 -44.79
CA THR E 38 22.86 -13.52 -44.54
C THR E 38 22.66 -13.42 -43.05
N SER E 39 21.77 -12.53 -42.64
CA SER E 39 21.54 -12.25 -41.24
C SER E 39 20.66 -13.35 -40.67
N TYR E 40 20.76 -13.58 -39.36
CA TYR E 40 19.94 -14.61 -38.70
C TYR E 40 18.45 -14.34 -38.79
N LYS E 41 18.12 -13.04 -38.81
CA LYS E 41 16.75 -12.60 -38.98
C LYS E 41 16.19 -13.10 -40.33
N ASP E 42 16.97 -12.95 -41.40
CA ASP E 42 16.56 -13.48 -42.70
C ASP E 42 16.48 -15.01 -42.72
N LEU E 43 17.40 -15.68 -42.02
CA LEU E 43 17.32 -17.14 -41.88
C LEU E 43 16.03 -17.52 -41.15
N PHE E 44 15.69 -16.79 -40.10
CA PHE E 44 14.44 -17.03 -39.40
C PHE E 44 13.21 -16.85 -40.28
N LEU E 45 13.18 -15.75 -41.03
CA LEU E 45 12.05 -15.50 -41.93
C LEU E 45 11.91 -16.57 -43.02
N GLU E 46 13.02 -17.03 -43.56
CA GLU E 46 12.96 -18.11 -44.53
C GLU E 46 12.40 -19.39 -43.86
N LEU E 47 12.98 -19.76 -42.72
CA LEU E 47 12.58 -21.01 -42.04
C LEU E 47 11.10 -20.89 -41.63
N TYR E 48 10.73 -19.74 -41.09
CA TYR E 48 9.33 -19.48 -40.78
C TYR E 48 8.42 -19.72 -41.97
N GLY E 49 8.75 -19.13 -43.12
CA GLY E 49 7.92 -19.23 -44.32
C GLY E 49 7.75 -20.67 -44.79
N LYS E 50 8.83 -21.45 -44.65
CA LYS E 50 8.79 -22.85 -45.04
C LYS E 50 7.94 -23.70 -44.08
N ILE E 51 7.90 -23.33 -42.80
CA ILE E 51 7.08 -24.03 -41.83
C ILE E 51 5.61 -23.73 -42.05
N LYS E 52 5.30 -22.49 -42.45
CA LYS E 52 3.91 -22.06 -42.60
C LYS E 52 3.31 -22.33 -43.99
N ASP E 53 4.17 -22.61 -44.96
CA ASP E 53 3.76 -22.95 -46.32
C ASP E 53 2.82 -24.16 -46.33
N PRO E 54 1.56 -23.95 -46.70
CA PRO E 54 0.58 -25.06 -46.71
C PRO E 54 1.02 -26.23 -47.59
N LYS E 55 1.83 -25.93 -48.61
CA LYS E 55 2.37 -26.95 -49.50
C LYS E 55 3.30 -27.91 -48.74
N ASN E 56 3.88 -27.45 -47.64
CA ASN E 56 4.81 -28.30 -46.90
C ASN E 56 4.18 -29.36 -45.98
N GLY E 57 2.94 -29.14 -45.55
CA GLY E 57 2.18 -30.13 -44.80
C GLY E 57 2.49 -30.24 -43.30
N TYR E 58 3.07 -29.20 -42.70
CA TYR E 58 3.28 -29.19 -41.24
C TYR E 58 1.99 -29.10 -40.41
N PHE E 59 0.92 -28.54 -41.00
CA PHE E 59 -0.34 -28.32 -40.31
C PHE E 59 -1.44 -29.09 -41.03
N SER E 60 -2.47 -29.47 -40.29
CA SER E 60 -3.60 -30.19 -40.88
C SER E 60 -4.35 -29.28 -41.87
N PRO E 61 -4.72 -29.83 -43.05
CA PRO E 61 -5.40 -29.03 -44.09
C PRO E 61 -6.74 -28.52 -43.60
N ASP E 62 -7.46 -29.35 -42.86
CA ASP E 62 -8.83 -29.04 -42.42
C ASP E 62 -8.90 -28.04 -41.29
N GLU E 63 -7.85 -27.93 -40.48
CA GLU E 63 -7.97 -27.05 -39.31
C GLU E 63 -6.76 -26.25 -38.85
N GLY E 64 -5.61 -26.46 -39.48
CA GLY E 64 -4.40 -25.74 -39.13
C GLY E 64 -3.82 -26.16 -37.79
N ILE E 65 -4.04 -27.42 -37.43
CA ILE E 65 -3.43 -28.00 -36.24
C ILE E 65 -2.03 -28.49 -36.59
N PRO E 66 -1.01 -28.08 -35.85
CA PRO E 66 0.36 -28.56 -36.08
C PRO E 66 0.50 -30.06 -35.81
N TYR E 67 1.00 -30.82 -36.77
CA TYR E 67 1.26 -32.25 -36.56
C TYR E 67 2.57 -32.43 -35.78
N HIS E 68 2.78 -33.63 -35.25
CA HIS E 68 4.06 -33.95 -34.64
C HIS E 68 5.18 -33.83 -35.65
N SER E 69 4.97 -34.41 -36.82
CA SER E 69 5.91 -34.31 -37.94
C SER E 69 5.19 -34.42 -39.26
N ILE E 70 5.85 -34.00 -40.32
CA ILE E 70 5.32 -34.19 -41.67
C ILE E 70 5.11 -35.66 -41.95
N GLU E 71 6.11 -36.47 -41.61
CA GLU E 71 6.05 -37.92 -41.88
C GLU E 71 5.10 -38.56 -40.88
N THR E 72 4.46 -39.65 -41.28
CA THR E 72 3.45 -40.28 -40.45
C THR E 72 4.04 -41.46 -39.66
N LEU E 73 5.05 -42.11 -40.20
CA LEU E 73 5.65 -43.26 -39.54
C LEU E 73 6.81 -42.79 -38.68
N ILE E 74 6.55 -42.73 -37.37
CA ILE E 74 7.52 -42.28 -36.39
C ILE E 74 7.01 -42.73 -35.02
N VAL E 75 7.92 -43.24 -34.19
CA VAL E 75 7.54 -43.71 -32.86
C VAL E 75 8.57 -43.23 -31.88
N GLU E 76 8.14 -42.42 -30.91
CA GLU E 76 9.07 -41.93 -29.90
C GLU E 76 8.38 -41.59 -28.59
N ALA E 77 7.37 -40.74 -28.62
CA ALA E 77 6.55 -40.47 -27.45
C ALA E 77 5.12 -40.51 -27.93
N PRO E 78 4.81 -39.77 -29.01
CA PRO E 78 3.66 -40.13 -29.84
C PRO E 78 4.11 -41.32 -30.65
N ASP E 79 3.18 -42.17 -31.09
CA ASP E 79 3.55 -43.34 -31.85
C ASP E 79 3.04 -43.26 -33.28
N TYR E 80 2.67 -42.05 -33.70
CA TYR E 80 2.16 -41.79 -35.05
C TYR E 80 2.37 -40.31 -35.34
N GLY E 81 2.95 -40.01 -36.51
CA GLY E 81 3.37 -38.65 -36.82
C GLY E 81 2.28 -37.61 -36.98
N HIS E 82 1.07 -38.04 -37.31
CA HIS E 82 -0.03 -37.09 -37.50
C HIS E 82 -0.99 -37.01 -36.33
N VAL E 83 -0.53 -37.42 -35.16
CA VAL E 83 -1.16 -36.94 -33.95
C VAL E 83 -0.68 -35.51 -33.87
N THR E 84 -1.32 -34.74 -33.01
CA THR E 84 -0.76 -33.47 -32.56
C THR E 84 -0.53 -33.69 -31.07
N THR E 85 0.36 -32.88 -30.49
CA THR E 85 0.61 -32.98 -29.06
C THR E 85 0.41 -31.58 -28.53
N SER E 86 0.23 -31.44 -27.23
CA SER E 86 0.16 -30.12 -26.63
C SER E 86 1.50 -29.41 -26.80
N GLU E 87 2.56 -30.20 -26.82
CA GLU E 87 3.89 -29.73 -27.17
C GLU E 87 3.96 -28.95 -28.52
N ALA E 88 3.48 -29.56 -29.60
CA ALA E 88 3.47 -28.91 -30.91
C ALA E 88 2.76 -27.57 -30.83
N PHE E 89 1.61 -27.53 -30.17
CA PHE E 89 0.90 -26.27 -29.95
C PHE E 89 1.73 -25.22 -29.23
N SER E 90 2.46 -25.63 -28.20
CA SER E 90 3.26 -24.67 -27.47
C SER E 90 4.35 -24.12 -28.36
N TYR E 91 4.95 -24.99 -29.20
CA TYR E 91 5.97 -24.53 -30.14
C TYR E 91 5.40 -23.62 -31.24
N TYR E 92 4.19 -23.92 -31.66
CA TYR E 92 3.47 -23.10 -32.62
C TYR E 92 3.29 -21.69 -32.08
N VAL E 93 2.82 -21.57 -30.83
CA VAL E 93 2.73 -20.23 -30.20
C VAL E 93 4.10 -19.56 -30.13
N TRP E 94 5.14 -20.33 -29.80
CA TRP E 94 6.48 -19.76 -29.68
C TRP E 94 6.96 -19.20 -31.03
N LEU E 95 6.74 -19.97 -32.11
CA LEU E 95 7.16 -19.56 -33.44
C LEU E 95 6.50 -18.22 -33.82
N GLU E 96 5.20 -18.10 -33.59
CA GLU E 96 4.48 -16.86 -33.90
C GLU E 96 4.94 -15.69 -33.06
N ALA E 97 5.24 -15.92 -31.78
CA ALA E 97 5.75 -14.88 -30.92
C ALA E 97 7.06 -14.32 -31.51
N MET E 98 7.91 -15.18 -32.05
CA MET E 98 9.18 -14.70 -32.55
C MET E 98 8.95 -13.95 -33.87
N TYR E 99 8.03 -14.46 -34.67
CA TYR E 99 7.69 -13.81 -35.91
C TYR E 99 7.17 -12.38 -35.64
N GLY E 100 6.31 -12.23 -34.65
CA GLY E 100 5.82 -10.91 -34.30
C GLY E 100 6.95 -9.99 -33.87
N ASN E 101 7.95 -10.56 -33.19
CA ASN E 101 9.07 -9.79 -32.70
C ASN E 101 9.83 -9.18 -33.88
N LEU E 102 10.13 -9.98 -34.89
CA LEU E 102 11.03 -9.60 -35.96
C LEU E 102 10.34 -8.87 -37.12
N THR E 103 9.03 -8.78 -37.04
CA THR E 103 8.15 -8.46 -38.15
C THR E 103 7.12 -7.33 -37.83
N GLY E 104 6.74 -7.22 -36.55
CA GLY E 104 5.70 -6.30 -36.13
C GLY E 104 4.27 -6.76 -36.43
N ASN E 105 4.13 -7.92 -37.08
CA ASN E 105 2.81 -8.49 -37.39
C ASN E 105 2.38 -9.61 -36.39
N TRP E 106 1.38 -9.29 -35.56
CA TRP E 106 1.05 -10.10 -34.39
C TRP E 106 -0.14 -11.03 -34.53
N SER E 107 -0.70 -11.13 -35.73
CA SER E 107 -1.95 -11.88 -35.91
C SER E 107 -1.78 -13.40 -35.69
N GLY E 108 -0.59 -13.92 -36.00
CA GLY E 108 -0.25 -15.32 -35.83
C GLY E 108 -0.33 -15.82 -34.38
N VAL E 109 0.03 -14.97 -33.42
CA VAL E 109 -0.05 -15.34 -32.01
C VAL E 109 -1.51 -15.61 -31.63
N GLU E 110 -2.42 -14.76 -32.06
CA GLU E 110 -3.85 -14.94 -31.79
C GLU E 110 -4.42 -16.18 -32.45
N THR E 111 -4.00 -16.43 -33.68
CA THR E 111 -4.45 -17.55 -34.49
C THR E 111 -4.00 -18.89 -33.87
N ALA E 112 -2.69 -18.97 -33.56
CA ALA E 112 -2.11 -20.12 -32.89
C ALA E 112 -2.90 -20.44 -31.62
N TRP E 113 -3.11 -19.44 -30.77
CA TRP E 113 -3.88 -19.64 -29.54
C TRP E 113 -5.32 -20.05 -29.83
N LYS E 114 -5.89 -19.52 -30.90
CA LYS E 114 -7.27 -19.88 -31.22
C LYS E 114 -7.41 -21.34 -31.68
N VAL E 115 -6.43 -21.85 -32.46
CA VAL E 115 -6.45 -23.24 -32.89
C VAL E 115 -6.28 -24.17 -31.64
N MET E 116 -5.44 -23.73 -30.71
CA MET E 116 -5.22 -24.43 -29.44
C MET E 116 -6.53 -24.57 -28.66
N GLU E 117 -7.25 -23.46 -28.54
CA GLU E 117 -8.49 -23.37 -27.78
C GLU E 117 -9.67 -24.12 -28.42
N ASP E 118 -9.71 -24.16 -29.74
CA ASP E 118 -10.76 -24.85 -30.52
C ASP E 118 -10.58 -26.37 -30.48
N TRP E 119 -9.34 -26.83 -30.33
CA TRP E 119 -9.03 -28.24 -30.52
C TRP E 119 -8.41 -28.96 -29.32
N ILE E 120 -7.29 -28.48 -28.80
CA ILE E 120 -6.55 -29.29 -27.82
C ILE E 120 -6.95 -29.07 -26.34
N ILE E 121 -7.67 -27.99 -26.07
CA ILE E 121 -8.26 -27.73 -24.76
C ILE E 121 -9.72 -28.22 -24.74
N PRO E 122 -10.02 -29.25 -23.95
CA PRO E 122 -11.41 -29.71 -23.84
C PRO E 122 -12.28 -28.52 -23.45
N ASP E 123 -13.39 -28.27 -24.16
CA ASP E 123 -14.35 -27.25 -23.72
C ASP E 123 -15.44 -27.82 -22.83
N SER E 124 -16.37 -26.99 -22.37
CA SER E 124 -17.39 -27.39 -21.36
C SER E 124 -18.14 -28.66 -21.72
N THR E 125 -18.51 -28.77 -23.00
CA THR E 125 -19.30 -29.89 -23.50
C THR E 125 -18.50 -31.19 -23.50
N GLU E 126 -17.16 -31.07 -23.42
CA GLU E 126 -16.26 -32.23 -23.41
C GLU E 126 -15.78 -32.57 -22.00
N GLN E 127 -16.29 -31.84 -21.00
CA GLN E 127 -16.05 -32.14 -19.60
C GLN E 127 -17.37 -32.26 -18.81
N PRO E 128 -18.32 -33.09 -19.25
CA PRO E 128 -19.65 -33.10 -18.61
C PRO E 128 -19.54 -33.63 -17.18
N GLY E 129 -20.09 -32.89 -16.23
CA GLY E 129 -20.10 -33.34 -14.84
C GLY E 129 -18.96 -32.85 -13.99
N MET E 130 -18.05 -32.05 -14.57
CA MET E 130 -16.92 -31.56 -13.79
C MET E 130 -17.37 -30.81 -12.53
N SER E 131 -18.56 -30.19 -12.60
CA SER E 131 -19.10 -29.47 -11.43
C SER E 131 -19.65 -30.35 -10.31
N SER E 132 -19.50 -31.67 -10.46
CA SER E 132 -19.79 -32.64 -9.39
C SER E 132 -18.52 -33.06 -8.68
N TYR E 133 -17.40 -32.49 -9.10
CA TYR E 133 -16.12 -32.77 -8.50
C TYR E 133 -16.18 -32.48 -7.00
N ASN E 134 -15.65 -33.39 -6.20
CA ASN E 134 -15.64 -33.22 -4.75
C ASN E 134 -14.19 -33.10 -4.29
N PRO E 135 -13.74 -31.89 -3.97
CA PRO E 135 -12.35 -31.64 -3.55
C PRO E 135 -11.94 -32.45 -2.29
N ASN E 136 -12.91 -32.82 -1.46
CA ASN E 136 -12.66 -33.69 -0.32
C ASN E 136 -12.57 -35.18 -0.69
N SER E 137 -12.99 -35.55 -1.90
CA SER E 137 -12.82 -36.92 -2.39
C SER E 137 -12.42 -36.88 -3.88
N PRO E 138 -11.20 -36.42 -4.15
CA PRO E 138 -10.82 -36.02 -5.52
C PRO E 138 -10.68 -37.23 -6.44
N ALA E 139 -10.39 -38.39 -5.84
CA ALA E 139 -10.25 -39.63 -6.60
C ALA E 139 -10.05 -40.86 -5.73
N THR E 140 -10.15 -42.02 -6.37
CA THR E 140 -9.96 -43.29 -5.69
C THR E 140 -8.55 -43.77 -5.93
N TYR E 141 -7.88 -44.09 -4.82
CA TYR E 141 -6.49 -44.55 -4.82
C TYR E 141 -6.34 -45.82 -5.63
N ALA E 142 -5.24 -45.90 -6.38
CA ALA E 142 -4.78 -47.18 -6.97
C ALA E 142 -3.25 -47.26 -6.94
N ASP E 143 -2.72 -48.47 -6.85
CA ASP E 143 -1.28 -48.68 -6.97
C ASP E 143 -0.75 -48.36 -8.37
N GLU E 144 0.54 -48.06 -8.45
CA GLU E 144 1.27 -48.15 -9.72
C GLU E 144 2.19 -49.35 -9.62
N TYR E 145 2.56 -49.90 -10.77
CA TYR E 145 3.33 -51.14 -10.80
C TYR E 145 4.54 -51.11 -11.74
N GLU E 146 5.50 -52.00 -11.47
CA GLU E 146 6.79 -52.02 -12.16
C GLU E 146 6.76 -52.57 -13.57
N ASP E 147 5.62 -53.10 -13.99
CA ASP E 147 5.53 -53.77 -15.27
C ASP E 147 4.09 -53.75 -15.71
N PRO E 148 3.82 -53.51 -17.00
CA PRO E 148 2.44 -53.55 -17.51
C PRO E 148 1.67 -54.85 -17.24
N SER E 149 2.37 -55.97 -17.10
CA SER E 149 1.71 -57.23 -16.76
C SER E 149 0.92 -57.19 -15.43
N TYR E 150 1.22 -56.21 -14.57
CA TYR E 150 0.51 -56.08 -13.29
C TYR E 150 -0.84 -55.38 -13.41
N TYR E 151 -1.08 -54.75 -14.56
CA TYR E 151 -2.31 -54.00 -14.81
C TYR E 151 -3.39 -54.89 -15.44
N PRO E 152 -4.68 -54.63 -15.19
CA PRO E 152 -5.18 -53.41 -14.52
C PRO E 152 -4.96 -53.35 -12.98
N SER E 153 -4.81 -52.13 -12.48
CA SER E 153 -4.61 -51.88 -11.06
C SER E 153 -5.96 -51.66 -10.41
N GLU E 154 -6.22 -52.38 -9.32
CA GLU E 154 -7.50 -52.25 -8.63
C GLU E 154 -7.63 -50.93 -7.83
N LEU E 155 -8.76 -50.24 -8.06
CA LEU E 155 -9.17 -49.11 -7.26
C LEU E 155 -9.45 -49.58 -5.82
N LYS E 156 -8.97 -48.80 -4.85
CA LYS E 156 -9.13 -49.17 -3.45
C LYS E 156 -10.03 -48.17 -2.72
N PHE E 157 -11.33 -48.46 -2.74
CA PHE E 157 -12.37 -47.53 -2.27
C PHE E 157 -12.45 -47.36 -0.76
N ASP E 158 -12.27 -48.44 -0.02
CA ASP E 158 -12.61 -48.42 1.39
C ASP E 158 -11.36 -48.45 2.26
N THR E 159 -10.29 -48.98 1.69
CA THR E 159 -9.11 -49.25 2.47
C THR E 159 -8.07 -48.11 2.41
N VAL E 160 -8.26 -47.15 1.52
CA VAL E 160 -7.28 -46.07 1.41
C VAL E 160 -7.95 -44.70 1.35
N ARG E 161 -7.66 -43.87 2.34
CA ARG E 161 -8.18 -42.51 2.36
C ARG E 161 -7.25 -41.62 1.53
N VAL E 162 -7.84 -40.65 0.87
CA VAL E 162 -7.13 -39.78 -0.07
C VAL E 162 -7.20 -38.38 0.52
N GLY E 163 -6.24 -37.53 0.19
CA GLY E 163 -6.28 -36.19 0.73
C GLY E 163 -7.28 -35.31 0.04
N SER E 164 -7.14 -34.01 0.28
CA SER E 164 -8.08 -32.97 -0.13
C SER E 164 -7.38 -32.02 -1.09
N ASP E 165 -8.15 -31.48 -2.03
CA ASP E 165 -7.65 -30.62 -3.08
C ASP E 165 -7.88 -29.16 -2.67
N PRO E 166 -6.81 -28.44 -2.32
CA PRO E 166 -6.93 -27.11 -1.73
C PRO E 166 -7.01 -25.98 -2.76
N VAL E 167 -7.04 -26.34 -4.03
CA VAL E 167 -6.87 -25.39 -5.09
C VAL E 167 -8.13 -25.33 -5.94
N HIS E 168 -8.89 -26.42 -5.98
CA HIS E 168 -10.02 -26.49 -6.88
C HIS E 168 -10.99 -25.34 -6.75
N ASN E 169 -11.41 -25.03 -5.52
CA ASN E 169 -12.49 -24.06 -5.35
C ASN E 169 -12.02 -22.61 -5.55
N ASP E 170 -10.75 -22.35 -5.25
CA ASP E 170 -10.09 -21.11 -5.62
C ASP E 170 -10.16 -20.89 -7.14
N LEU E 171 -9.94 -21.93 -7.93
CA LEU E 171 -9.98 -21.81 -9.38
C LEU E 171 -11.40 -21.73 -9.91
N VAL E 172 -12.29 -22.53 -9.36
CA VAL E 172 -13.70 -22.51 -9.74
C VAL E 172 -14.34 -21.12 -9.57
N SER E 173 -14.06 -20.49 -8.44
CA SER E 173 -14.62 -19.20 -8.10
C SER E 173 -14.17 -18.07 -9.06
N ALA E 174 -13.01 -18.25 -9.70
CA ALA E 174 -12.55 -17.33 -10.73
C ALA E 174 -13.00 -17.76 -12.12
N TYR E 175 -13.08 -19.06 -12.38
CA TYR E 175 -13.21 -19.52 -13.78
C TYR E 175 -14.40 -20.38 -14.14
N GLY E 176 -15.21 -20.78 -13.16
CA GLY E 176 -16.26 -21.75 -13.42
C GLY E 176 -15.75 -23.17 -13.24
N PRO E 177 -16.57 -24.16 -13.56
CA PRO E 177 -16.29 -25.56 -13.15
C PRO E 177 -15.21 -26.28 -13.96
N ASN E 178 -14.81 -25.73 -15.10
CA ASN E 178 -14.00 -26.47 -16.03
C ASN E 178 -12.51 -26.24 -15.90
N MET E 179 -11.76 -27.23 -16.37
CA MET E 179 -10.33 -27.19 -16.43
C MET E 179 -9.89 -26.50 -17.73
N TYR E 180 -9.03 -25.51 -17.62
CA TYR E 180 -8.47 -24.86 -18.80
C TYR E 180 -7.00 -25.29 -18.94
N LEU E 181 -6.79 -26.49 -19.49
CA LEU E 181 -5.48 -27.09 -19.70
C LEU E 181 -5.53 -27.87 -21.01
N MET E 182 -4.36 -28.18 -21.54
CA MET E 182 -4.29 -28.89 -22.81
C MET E 182 -4.15 -30.38 -22.55
N HIS E 183 -5.05 -31.16 -23.13
CA HIS E 183 -4.86 -32.60 -23.16
C HIS E 183 -3.61 -32.84 -24.01
N TRP E 184 -2.82 -33.87 -23.72
CA TRP E 184 -1.50 -33.95 -24.35
C TRP E 184 -1.46 -34.50 -25.78
N LEU E 185 -2.47 -35.28 -26.16
CA LEU E 185 -2.40 -36.11 -27.37
C LEU E 185 -3.74 -36.15 -28.11
N MET E 186 -3.72 -35.76 -29.39
CA MET E 186 -4.93 -35.81 -30.18
C MET E 186 -4.70 -36.40 -31.58
N ASP E 187 -5.55 -37.35 -31.96
CA ASP E 187 -5.48 -38.02 -33.25
C ASP E 187 -6.18 -37.10 -34.25
N VAL E 188 -5.39 -36.23 -34.89
CA VAL E 188 -5.93 -35.14 -35.71
C VAL E 188 -6.87 -35.59 -36.84
N ASP E 189 -6.50 -36.61 -37.62
CA ASP E 189 -7.38 -37.05 -38.71
C ASP E 189 -8.01 -38.42 -38.45
N ASN E 190 -8.16 -38.78 -37.18
CA ASN E 190 -8.80 -40.03 -36.78
C ASN E 190 -8.14 -41.25 -37.44
N TRP E 191 -6.82 -41.28 -37.42
CA TRP E 191 -6.08 -42.41 -37.96
C TRP E 191 -6.34 -43.72 -37.20
N TYR E 192 -6.48 -43.66 -35.88
CA TYR E 192 -6.78 -44.87 -35.09
C TYR E 192 -8.24 -45.27 -35.29
N GLY E 193 -9.07 -44.29 -35.65
CA GLY E 193 -10.44 -44.53 -36.03
C GLY E 193 -11.42 -44.56 -34.88
N PHE E 194 -11.02 -44.07 -33.70
CA PHE E 194 -11.96 -44.03 -32.57
C PHE E 194 -13.09 -43.02 -32.76
N GLY E 195 -12.89 -42.04 -33.62
CA GLY E 195 -13.87 -41.01 -33.83
C GLY E 195 -14.71 -41.32 -35.06
N THR E 196 -15.62 -40.40 -35.37
CA THR E 196 -16.37 -40.55 -36.60
C THR E 196 -15.63 -39.87 -37.78
N GLY E 197 -15.70 -40.51 -38.95
CA GLY E 197 -15.11 -39.97 -40.16
C GLY E 197 -13.62 -39.63 -40.08
N THR E 198 -13.32 -38.34 -40.15
CA THR E 198 -11.96 -37.81 -40.21
C THR E 198 -11.71 -36.87 -39.01
N ARG E 199 -12.59 -36.91 -38.03
CA ARG E 199 -12.58 -35.93 -36.94
C ARG E 199 -11.44 -36.07 -35.92
N ALA E 200 -10.79 -34.94 -35.64
CA ALA E 200 -9.81 -34.81 -34.55
C ALA E 200 -10.35 -35.40 -33.27
N THR E 201 -9.62 -36.36 -32.71
CA THR E 201 -10.11 -37.20 -31.62
C THR E 201 -9.07 -37.30 -30.50
N PHE E 202 -9.47 -36.89 -29.29
CA PHE E 202 -8.65 -37.04 -28.09
C PHE E 202 -8.37 -38.53 -27.83
N ILE E 203 -7.09 -38.87 -27.75
CA ILE E 203 -6.65 -40.21 -27.43
C ILE E 203 -5.66 -40.19 -26.27
N ASN E 204 -5.45 -41.36 -25.67
CA ASN E 204 -4.34 -41.52 -24.74
C ASN E 204 -3.67 -42.87 -24.99
N THR E 205 -2.42 -42.97 -24.57
CA THR E 205 -1.69 -44.19 -24.73
C THR E 205 -1.18 -44.69 -23.39
N PHE E 206 -0.16 -44.04 -22.82
CA PHE E 206 0.50 -44.50 -21.61
C PHE E 206 -0.45 -44.58 -20.45
N GLN E 207 -0.53 -45.75 -19.82
CA GLN E 207 -1.39 -45.94 -18.64
C GLN E 207 -0.93 -47.05 -17.66
N ARG E 208 0.13 -47.79 -18.00
CA ARG E 208 0.49 -48.95 -17.21
C ARG E 208 1.90 -48.86 -16.62
N GLY E 209 2.20 -47.70 -16.06
CA GLY E 209 3.38 -47.53 -15.24
C GLY E 209 4.72 -47.42 -15.95
N GLU E 210 5.79 -47.52 -15.17
CA GLU E 210 7.11 -47.07 -15.59
C GLU E 210 7.76 -47.89 -16.70
N GLN E 211 7.39 -49.16 -16.83
CA GLN E 211 8.03 -50.00 -17.82
C GLN E 211 7.18 -50.13 -19.11
N GLU E 212 6.13 -49.32 -19.24
CA GLU E 212 5.36 -49.30 -20.49
C GLU E 212 5.99 -48.31 -21.48
N SER E 213 6.89 -48.78 -22.33
CA SER E 213 7.46 -47.94 -23.38
C SER E 213 6.38 -47.58 -24.42
N THR E 214 6.68 -46.60 -25.28
CA THR E 214 5.79 -46.23 -26.37
C THR E 214 5.33 -47.47 -27.11
N TRP E 215 6.22 -48.45 -27.21
CA TRP E 215 5.99 -49.67 -27.98
C TRP E 215 4.98 -50.60 -27.33
N GLU E 216 4.64 -50.33 -26.07
CA GLU E 216 3.91 -51.29 -25.25
C GLU E 216 2.52 -50.80 -24.85
N THR E 217 2.12 -49.63 -25.35
CA THR E 217 0.80 -49.12 -25.02
C THR E 217 -0.29 -49.76 -25.88
N ILE E 218 -1.52 -49.47 -25.50
CA ILE E 218 -2.70 -49.80 -26.27
C ILE E 218 -3.51 -48.49 -26.37
N PRO E 219 -3.42 -47.83 -27.53
CA PRO E 219 -4.08 -46.53 -27.73
C PRO E 219 -5.58 -46.65 -27.57
N HIS E 220 -6.20 -45.62 -26.99
CA HIS E 220 -7.59 -45.74 -26.62
C HIS E 220 -8.20 -44.35 -26.62
N PRO E 221 -9.50 -44.24 -26.79
CA PRO E 221 -10.17 -42.93 -26.81
C PRO E 221 -10.24 -42.30 -25.43
N SER E 222 -10.02 -40.98 -25.34
CA SER E 222 -10.24 -40.24 -24.08
C SER E 222 -11.69 -40.30 -23.66
N ILE E 223 -12.58 -40.25 -24.66
CA ILE E 223 -14.01 -40.30 -24.45
C ILE E 223 -14.44 -41.74 -24.68
N GLU E 224 -14.56 -42.48 -23.59
CA GLU E 224 -14.85 -43.90 -23.60
C GLU E 224 -16.37 -44.16 -23.64
N GLU E 225 -16.88 -44.58 -24.79
CA GLU E 225 -18.32 -44.84 -24.91
C GLU E 225 -18.60 -46.30 -25.22
N PHE E 226 -17.58 -47.13 -25.06
CA PHE E 226 -17.68 -48.57 -25.25
C PHE E 226 -17.86 -49.01 -26.71
N LYS E 227 -17.67 -48.11 -27.67
CA LYS E 227 -17.81 -48.44 -29.09
C LYS E 227 -16.71 -49.38 -29.58
N TYR E 228 -15.50 -49.26 -29.04
CA TYR E 228 -14.40 -50.13 -29.46
C TYR E 228 -13.73 -50.83 -28.28
N GLY E 229 -12.70 -51.63 -28.56
CA GLY E 229 -12.04 -52.38 -27.50
C GLY E 229 -12.89 -53.56 -27.08
N GLY E 230 -13.04 -53.73 -25.78
CA GLY E 230 -13.80 -54.86 -25.26
C GLY E 230 -15.18 -54.47 -24.80
N PRO E 231 -15.83 -55.34 -24.02
CA PRO E 231 -17.19 -55.09 -23.51
C PRO E 231 -17.26 -53.79 -22.70
N ASN E 232 -16.17 -53.47 -21.98
CA ASN E 232 -16.06 -52.24 -21.22
C ASN E 232 -15.09 -51.27 -21.89
N GLY E 233 -15.05 -51.29 -23.22
CA GLY E 233 -14.13 -50.46 -23.97
C GLY E 233 -12.71 -50.87 -23.61
N PHE E 234 -11.91 -49.88 -23.22
CA PHE E 234 -10.52 -50.13 -22.82
C PHE E 234 -10.31 -50.00 -21.31
N LEU E 235 -11.38 -49.70 -20.57
CA LEU E 235 -11.24 -49.37 -19.15
C LEU E 235 -10.54 -50.45 -18.35
N ASP E 236 -11.00 -51.69 -18.51
CA ASP E 236 -10.51 -52.77 -17.65
C ASP E 236 -9.18 -53.31 -18.13
N LEU E 237 -8.53 -52.59 -19.03
CA LEU E 237 -7.12 -52.86 -19.29
C LEU E 237 -6.26 -52.20 -18.20
N PHE E 238 -6.80 -51.14 -17.61
CA PHE E 238 -5.99 -50.20 -16.85
C PHE E 238 -6.33 -50.14 -15.37
N THR E 239 -7.62 -50.06 -15.07
CA THR E 239 -8.05 -50.09 -13.68
C THR E 239 -9.16 -51.12 -13.52
N LYS E 240 -9.06 -51.88 -12.44
CA LYS E 240 -10.13 -52.79 -12.06
C LYS E 240 -11.09 -52.03 -11.15
N ASP E 241 -12.35 -52.03 -11.54
CA ASP E 241 -13.38 -51.31 -10.82
C ASP E 241 -14.51 -52.30 -10.51
N ARG E 242 -15.44 -51.88 -9.66
CA ARG E 242 -16.63 -52.68 -9.30
C ARG E 242 -17.54 -52.86 -10.49
N SER E 243 -17.89 -51.73 -11.11
CA SER E 243 -18.62 -51.69 -12.36
C SER E 243 -17.87 -50.76 -13.31
N TYR E 244 -18.34 -50.69 -14.55
CA TYR E 244 -17.70 -49.87 -15.56
C TYR E 244 -18.73 -48.96 -16.22
N ALA E 245 -18.41 -47.68 -16.32
CA ALA E 245 -19.36 -46.74 -16.88
C ALA E 245 -18.68 -45.87 -17.93
N LYS E 246 -19.48 -45.40 -18.87
CA LYS E 246 -19.03 -44.51 -19.92
C LYS E 246 -18.51 -43.23 -19.29
N GLN E 247 -17.37 -42.74 -19.77
CA GLN E 247 -16.64 -41.69 -19.07
C GLN E 247 -15.61 -41.05 -19.96
N TRP E 248 -15.20 -39.85 -19.58
CA TRP E 248 -14.14 -39.13 -20.27
C TRP E 248 -12.95 -38.93 -19.32
N ARG E 249 -11.76 -38.79 -19.90
CA ARG E 249 -10.52 -38.67 -19.14
C ARG E 249 -9.50 -37.87 -19.98
N TYR E 250 -8.97 -36.79 -19.41
CA TYR E 250 -7.84 -36.06 -20.01
C TYR E 250 -6.60 -36.03 -19.13
N THR E 251 -5.44 -35.86 -19.74
CA THR E 251 -4.17 -35.84 -19.04
C THR E 251 -3.37 -34.73 -19.68
N ASN E 252 -2.76 -33.86 -18.89
CA ASN E 252 -1.94 -32.81 -19.48
C ASN E 252 -0.43 -33.12 -19.39
N ALA E 253 0.40 -32.37 -20.10
CA ALA E 253 1.85 -32.48 -19.98
C ALA E 253 2.32 -31.06 -19.82
N PRO E 254 2.53 -30.67 -18.56
CA PRO E 254 2.61 -29.26 -18.17
C PRO E 254 3.77 -28.49 -18.80
N ASP E 255 4.79 -29.17 -19.31
CA ASP E 255 5.85 -28.44 -19.99
C ASP E 255 5.32 -27.77 -21.26
N ALA E 256 4.23 -28.29 -21.82
CA ALA E 256 3.60 -27.63 -22.97
C ALA E 256 2.94 -26.32 -22.55
N GLU E 257 2.06 -26.38 -21.53
CA GLU E 257 1.46 -25.15 -21.01
C GLU E 257 2.54 -24.13 -20.62
N GLY E 258 3.58 -24.61 -19.93
CA GLY E 258 4.67 -23.76 -19.50
C GLY E 258 5.29 -23.03 -20.67
N ARG E 259 5.56 -23.77 -21.76
CA ARG E 259 6.22 -23.21 -22.94
C ARG E 259 5.34 -22.17 -23.63
N ALA E 260 4.04 -22.45 -23.72
CA ALA E 260 3.06 -21.58 -24.37
C ALA E 260 2.99 -20.24 -23.62
N ILE E 261 2.96 -20.29 -22.30
CA ILE E 261 2.92 -19.07 -21.50
C ILE E 261 4.23 -18.25 -21.59
N GLN E 262 5.36 -18.96 -21.56
CA GLN E 262 6.67 -18.39 -21.80
C GLN E 262 6.65 -17.62 -23.13
N ALA E 263 6.18 -18.26 -24.19
CA ALA E 263 6.08 -17.64 -25.51
C ALA E 263 5.25 -16.34 -25.45
N VAL E 264 4.09 -16.42 -24.81
CA VAL E 264 3.19 -15.28 -24.72
C VAL E 264 3.77 -14.13 -23.89
N TYR E 265 4.60 -14.46 -22.89
CA TYR E 265 5.33 -13.42 -22.18
C TYR E 265 6.16 -12.62 -23.16
N TRP E 266 6.88 -13.32 -24.03
CA TRP E 266 7.70 -12.61 -25.00
C TRP E 266 6.86 -11.88 -26.02
N ALA E 267 5.78 -12.49 -26.50
CA ALA E 267 4.91 -11.81 -27.46
C ALA E 267 4.46 -10.46 -26.87
N ASN E 268 4.08 -10.50 -25.60
CA ASN E 268 3.59 -9.33 -24.89
C ASN E 268 4.68 -8.32 -24.69
N LYS E 269 5.87 -8.77 -24.27
CA LYS E 269 6.96 -7.84 -24.05
C LYS E 269 7.38 -7.18 -25.36
N TRP E 270 7.43 -7.97 -26.42
CA TRP E 270 7.88 -7.48 -27.70
C TRP E 270 6.87 -6.58 -28.38
N ALA E 271 5.59 -6.96 -28.37
CA ALA E 271 4.51 -6.07 -28.81
C ALA E 271 4.51 -4.71 -28.06
N LYS E 272 4.67 -4.73 -26.74
CA LYS E 272 4.75 -3.50 -25.96
C LYS E 272 5.95 -2.61 -26.32
N GLU E 273 7.09 -3.22 -26.67
CA GLU E 273 8.24 -2.43 -27.13
C GLU E 273 7.95 -1.78 -28.50
N GLN E 274 7.10 -2.40 -29.30
CA GLN E 274 6.73 -1.92 -30.63
C GLN E 274 5.58 -0.91 -30.64
N GLY E 275 4.94 -0.71 -29.48
CA GLY E 275 3.75 0.12 -29.37
C GLY E 275 2.47 -0.62 -29.73
N LYS E 276 2.54 -1.94 -29.86
CA LYS E 276 1.35 -2.74 -30.21
C LYS E 276 0.92 -3.70 -29.08
N GLY E 277 1.20 -3.28 -27.84
CA GLY E 277 0.91 -4.13 -26.70
C GLY E 277 -0.57 -4.22 -26.42
N SER E 278 -1.36 -4.59 -27.43
CA SER E 278 -2.79 -4.78 -27.30
C SER E 278 -3.24 -5.73 -28.39
N ALA E 279 -2.37 -5.89 -29.39
CA ALA E 279 -2.59 -6.88 -30.44
C ALA E 279 -2.60 -8.29 -29.85
N VAL E 280 -1.94 -8.48 -28.71
CA VAL E 280 -1.90 -9.78 -28.04
C VAL E 280 -2.58 -9.81 -26.66
N ALA E 281 -3.30 -8.74 -26.32
CA ALA E 281 -3.87 -8.61 -24.99
C ALA E 281 -4.83 -9.76 -24.61
N SER E 282 -5.58 -10.26 -25.59
CA SER E 282 -6.54 -11.31 -25.30
C SER E 282 -5.84 -12.66 -25.13
N VAL E 283 -4.71 -12.83 -25.79
CA VAL E 283 -3.92 -14.05 -25.59
C VAL E 283 -3.25 -14.03 -24.22
N VAL E 284 -2.77 -12.85 -23.81
CA VAL E 284 -2.09 -12.70 -22.52
C VAL E 284 -3.03 -13.17 -21.43
N SER E 285 -4.27 -12.69 -21.47
CA SER E 285 -5.26 -13.00 -20.45
C SER E 285 -5.58 -14.49 -20.41
N LYS E 286 -5.60 -15.12 -21.58
CA LYS E 286 -5.78 -16.58 -21.63
C LYS E 286 -4.57 -17.37 -21.08
N ALA E 287 -3.36 -16.89 -21.37
CA ALA E 287 -2.14 -17.52 -20.87
C ALA E 287 -2.08 -17.46 -19.33
N ALA E 288 -2.42 -16.29 -18.79
CA ALA E 288 -2.56 -16.07 -17.36
C ALA E 288 -3.48 -17.10 -16.71
N LYS E 289 -4.65 -17.31 -17.31
CA LYS E 289 -5.63 -18.28 -16.78
C LYS E 289 -5.04 -19.72 -16.84
N MET E 290 -4.43 -20.07 -17.96
CA MET E 290 -3.74 -21.35 -18.11
C MET E 290 -2.67 -21.50 -17.02
N GLY E 291 -1.91 -20.45 -16.74
CA GLY E 291 -0.89 -20.50 -15.69
C GLY E 291 -1.52 -20.90 -14.37
N ASP E 292 -2.69 -20.34 -14.10
CA ASP E 292 -3.41 -20.53 -12.85
C ASP E 292 -3.79 -21.97 -12.69
N PHE E 293 -4.30 -22.57 -13.75
CA PHE E 293 -4.71 -23.99 -13.72
C PHE E 293 -3.56 -24.95 -13.55
N LEU E 294 -2.36 -24.46 -13.81
CA LEU E 294 -1.18 -25.30 -13.83
C LEU E 294 -0.81 -25.67 -12.40
N ARG E 295 -1.42 -24.97 -11.45
CA ARG E 295 -1.28 -25.30 -10.04
C ARG E 295 -1.82 -26.72 -9.73
N ASN E 296 -2.66 -27.27 -10.60
CA ASN E 296 -3.09 -28.67 -10.46
C ASN E 296 -1.90 -29.62 -10.58
N ASP E 297 -0.85 -29.17 -11.25
CA ASP E 297 0.36 -29.98 -11.43
C ASP E 297 1.30 -29.96 -10.22
N MET E 298 0.97 -29.18 -9.18
CA MET E 298 1.85 -28.96 -8.03
C MET E 298 1.60 -29.93 -6.89
N PHE E 299 0.74 -30.91 -7.14
CA PHE E 299 0.22 -31.74 -6.07
C PHE E 299 0.53 -33.24 -6.21
N ASP E 300 0.78 -33.86 -5.07
CA ASP E 300 0.83 -35.33 -5.01
C ASP E 300 -0.37 -35.99 -5.72
N LYS E 301 -0.13 -37.12 -6.37
CA LYS E 301 -1.18 -37.84 -7.12
C LYS E 301 -2.52 -37.93 -6.39
N TYR E 302 -2.50 -38.42 -5.15
CA TYR E 302 -3.73 -38.57 -4.37
C TYR E 302 -3.79 -37.63 -3.17
N PHE E 303 -3.07 -36.52 -3.26
CA PHE E 303 -3.06 -35.55 -2.19
C PHE E 303 -2.59 -36.12 -0.85
N MET E 304 -1.59 -37.00 -0.92
CA MET E 304 -0.92 -37.50 0.26
C MET E 304 0.06 -36.43 0.72
N LYS E 305 0.46 -36.44 1.99
CA LYS E 305 1.40 -35.42 2.48
C LYS E 305 2.78 -35.66 1.88
N ILE E 306 3.41 -34.57 1.45
CA ILE E 306 4.78 -34.60 0.98
C ILE E 306 5.65 -35.06 2.14
N GLY E 307 6.42 -36.11 1.91
CA GLY E 307 7.30 -36.62 2.92
C GLY E 307 6.69 -37.74 3.73
N ALA E 308 5.43 -38.12 3.46
CA ALA E 308 4.75 -39.06 4.36
C ALA E 308 5.41 -40.42 4.34
N GLN E 309 5.98 -40.80 3.18
CA GLN E 309 6.56 -42.15 3.00
C GLN E 309 5.51 -43.21 3.35
N ASP E 310 4.24 -42.88 3.09
CA ASP E 310 3.11 -43.67 3.53
C ASP E 310 1.85 -43.08 2.90
N LYS E 311 0.75 -43.79 3.01
CA LYS E 311 -0.51 -43.31 2.47
C LYS E 311 -1.21 -42.39 3.48
N THR E 312 -0.57 -41.28 3.79
CA THR E 312 -1.11 -40.29 4.70
C THR E 312 -1.75 -39.14 3.94
N PRO E 313 -3.07 -39.05 3.99
CA PRO E 313 -3.82 -38.00 3.30
C PRO E 313 -3.53 -36.63 3.89
N ALA E 314 -3.33 -35.64 3.02
CA ALA E 314 -3.06 -34.28 3.44
C ALA E 314 -4.35 -33.49 3.48
N THR E 315 -4.36 -32.40 4.24
CA THR E 315 -5.53 -31.53 4.20
C THR E 315 -5.31 -30.18 3.57
N GLY E 316 -4.13 -29.60 3.61
CA GLY E 316 -4.09 -28.24 3.05
C GLY E 316 -3.17 -28.22 1.85
N TYR E 317 -2.14 -27.39 1.93
CA TYR E 317 -1.05 -27.48 0.99
C TYR E 317 0.03 -28.48 1.41
N ASP E 318 -0.29 -29.37 2.35
CA ASP E 318 0.65 -30.41 2.78
C ASP E 318 0.95 -31.43 1.66
N SER E 319 0.12 -31.41 0.63
CA SER E 319 0.27 -32.30 -0.50
C SER E 319 0.94 -31.59 -1.70
N ALA E 320 1.26 -30.31 -1.52
CA ALA E 320 1.88 -29.52 -2.57
C ALA E 320 3.41 -29.68 -2.55
N HIS E 321 3.97 -30.22 -3.63
CA HIS E 321 5.43 -30.18 -3.83
C HIS E 321 5.85 -28.95 -4.63
N TYR E 322 4.87 -28.22 -5.18
CA TYR E 322 5.13 -26.96 -5.88
C TYR E 322 6.06 -27.10 -7.10
N LEU E 323 6.22 -28.32 -7.62
CA LEU E 323 6.90 -28.51 -8.90
C LEU E 323 5.88 -28.80 -9.99
N MET E 324 6.31 -28.71 -11.25
CA MET E 324 5.53 -29.27 -12.34
C MET E 324 5.69 -30.80 -12.37
N ALA E 325 4.73 -31.50 -11.78
CA ALA E 325 4.77 -32.94 -11.81
C ALA E 325 4.51 -33.41 -13.23
N TRP E 326 4.66 -34.72 -13.46
CA TRP E 326 4.56 -35.26 -14.81
C TRP E 326 3.21 -34.96 -15.49
N TYR E 327 2.13 -34.88 -14.72
CA TYR E 327 0.81 -34.59 -15.27
C TYR E 327 -0.21 -34.25 -14.17
N THR E 328 -1.36 -33.71 -14.61
CA THR E 328 -2.64 -33.80 -13.92
C THR E 328 -3.51 -34.59 -14.89
N ALA E 329 -4.41 -35.40 -14.35
CA ALA E 329 -5.38 -36.11 -15.15
C ALA E 329 -6.70 -35.83 -14.49
N TRP E 330 -7.75 -35.65 -15.28
CA TRP E 330 -9.07 -35.45 -14.69
C TRP E 330 -10.10 -36.06 -15.60
N GLY E 331 -11.24 -36.41 -15.04
CA GLY E 331 -12.28 -37.08 -15.77
C GLY E 331 -13.62 -37.06 -15.07
N GLY E 332 -14.58 -37.72 -15.71
CA GLY E 332 -15.92 -37.77 -15.18
C GLY E 332 -16.84 -38.65 -16.00
N GLY E 333 -18.08 -38.74 -15.55
CA GLY E 333 -19.05 -39.61 -16.19
C GLY E 333 -19.61 -39.01 -17.46
N ILE E 334 -20.00 -39.88 -18.37
CA ILE E 334 -20.77 -39.44 -19.50
C ILE E 334 -22.27 -39.58 -19.19
N GLY E 335 -22.72 -40.79 -18.86
CA GLY E 335 -24.14 -40.97 -18.55
C GLY E 335 -24.68 -40.43 -17.23
N ALA E 336 -23.79 -40.18 -16.27
CA ALA E 336 -24.16 -39.77 -14.91
C ALA E 336 -23.17 -38.70 -14.38
N SER E 337 -23.51 -38.02 -13.28
CA SER E 337 -22.66 -36.90 -12.87
C SER E 337 -21.72 -37.21 -11.72
N TRP E 338 -20.44 -37.30 -12.09
CA TRP E 338 -19.35 -37.56 -11.17
C TRP E 338 -18.05 -37.17 -11.87
N ALA E 339 -17.08 -36.73 -11.08
CA ALA E 339 -15.80 -36.28 -11.59
C ALA E 339 -14.68 -36.58 -10.60
N TRP E 340 -13.45 -36.67 -11.11
CA TRP E 340 -12.29 -36.96 -10.28
C TRP E 340 -11.11 -36.24 -10.88
N LYS E 341 -10.07 -36.06 -10.07
CA LYS E 341 -8.85 -35.42 -10.51
C LYS E 341 -7.68 -36.02 -9.76
N ILE E 342 -6.57 -36.21 -10.47
CA ILE E 342 -5.31 -36.57 -9.84
C ILE E 342 -4.21 -35.59 -10.20
N GLY E 343 -3.27 -35.39 -9.26
CA GLY E 343 -2.00 -34.75 -9.56
C GLY E 343 -1.00 -35.83 -9.97
N CYS E 344 0.27 -35.61 -9.65
CA CYS E 344 1.26 -36.64 -9.88
C CYS E 344 2.37 -36.46 -8.85
N SER E 345 2.89 -37.58 -8.40
CA SER E 345 3.85 -37.59 -7.31
C SER E 345 5.27 -37.49 -7.81
N HIS E 346 5.46 -37.64 -9.13
CA HIS E 346 6.80 -37.73 -9.70
C HIS E 346 7.10 -36.45 -10.47
N ALA E 347 8.28 -35.88 -10.24
CA ALA E 347 8.67 -34.65 -10.96
C ALA E 347 10.06 -34.77 -11.58
N HIS E 348 10.19 -34.24 -12.79
CA HIS E 348 11.37 -34.41 -13.62
C HIS E 348 11.86 -33.01 -13.89
N PHE E 349 13.15 -32.75 -13.75
CA PHE E 349 13.68 -31.40 -13.97
C PHE E 349 13.35 -30.90 -15.41
N GLY E 350 13.21 -31.82 -16.36
CA GLY E 350 12.96 -31.47 -17.75
C GLY E 350 11.61 -30.81 -17.98
N TYR E 351 10.73 -30.95 -16.99
CA TYR E 351 9.37 -30.44 -17.04
C TYR E 351 9.18 -29.14 -16.28
N GLN E 352 10.20 -28.67 -15.58
CA GLN E 352 10.09 -27.42 -14.83
C GLN E 352 10.18 -26.24 -15.80
N ASN E 353 9.50 -25.15 -15.42
CA ASN E 353 9.67 -23.91 -16.15
C ASN E 353 9.62 -22.74 -15.15
N PRO E 354 10.75 -22.47 -14.50
CA PRO E 354 10.79 -21.40 -13.52
C PRO E 354 10.55 -20.05 -14.19
N PHE E 355 10.84 -19.96 -15.48
CA PHE E 355 10.56 -18.73 -16.20
C PHE E 355 9.07 -18.43 -16.25
N GLN E 356 8.27 -19.38 -16.75
CA GLN E 356 6.81 -19.29 -16.70
C GLN E 356 6.33 -19.06 -15.27
N GLY E 357 6.89 -19.81 -14.31
CA GLY E 357 6.58 -19.65 -12.90
C GLY E 357 6.77 -18.22 -12.45
N TRP E 358 7.94 -17.65 -12.74
CA TRP E 358 8.24 -16.26 -12.45
C TRP E 358 7.28 -15.28 -13.15
N VAL E 359 6.87 -15.56 -14.37
CA VAL E 359 5.98 -14.66 -15.11
C VAL E 359 4.64 -14.66 -14.39
N SER E 360 4.16 -15.85 -14.14
CA SER E 360 2.88 -16.01 -13.54
C SER E 360 2.89 -15.43 -12.09
N ALA E 361 4.06 -15.40 -11.45
CA ALA E 361 4.18 -14.88 -10.07
C ALA E 361 4.41 -13.37 -9.94
N THR E 362 5.04 -12.72 -10.93
CA THR E 362 5.51 -11.35 -10.71
C THR E 362 5.03 -10.35 -11.73
N GLN E 363 4.51 -10.82 -12.87
CA GLN E 363 4.23 -9.94 -13.99
C GLN E 363 2.76 -9.61 -13.93
N SER E 364 2.44 -8.33 -13.79
CA SER E 364 1.06 -7.98 -13.54
C SER E 364 0.13 -8.31 -14.72
N ASP E 365 0.60 -8.19 -15.95
CA ASP E 365 -0.21 -8.65 -17.08
C ASP E 365 -0.65 -10.11 -16.94
N PHE E 366 0.15 -10.94 -16.28
CA PHE E 366 -0.09 -12.39 -16.19
C PHE E 366 -0.63 -12.82 -14.83
N ALA E 367 -1.12 -11.86 -14.06
CA ALA E 367 -1.55 -12.11 -12.69
C ALA E 367 -2.72 -13.07 -12.69
N PRO E 368 -2.61 -14.18 -11.95
CA PRO E 368 -3.75 -15.08 -11.78
C PRO E 368 -4.96 -14.30 -11.28
N LYS E 369 -6.11 -14.61 -11.86
CA LYS E 369 -7.40 -14.04 -11.43
C LYS E 369 -7.91 -14.66 -10.12
N SER E 370 -7.43 -15.86 -9.78
CA SER E 370 -7.80 -16.49 -8.53
C SER E 370 -7.13 -15.75 -7.37
N SER E 371 -7.61 -15.96 -6.15
CA SER E 371 -7.07 -15.20 -5.04
C SER E 371 -5.73 -15.75 -4.51
N ASN E 372 -5.45 -17.04 -4.73
CA ASN E 372 -4.19 -17.66 -4.22
C ASN E 372 -3.12 -18.01 -5.27
N GLY E 373 -3.46 -17.87 -6.55
CA GLY E 373 -2.56 -18.16 -7.65
C GLY E 373 -1.19 -17.48 -7.63
N LYS E 374 -1.18 -16.17 -7.40
CA LYS E 374 0.05 -15.43 -7.32
C LYS E 374 0.96 -15.94 -6.22
N ARG E 375 0.40 -16.16 -5.05
CA ARG E 375 1.13 -16.72 -3.93
C ARG E 375 1.72 -18.11 -4.25
N ASP E 376 0.90 -19.01 -4.79
CA ASP E 376 1.36 -20.38 -5.08
C ASP E 376 2.52 -20.36 -6.10
N TRP E 377 2.42 -19.49 -7.10
CA TRP E 377 3.43 -19.40 -8.14
C TRP E 377 4.69 -18.78 -7.58
N THR E 378 4.52 -17.84 -6.66
CA THR E 378 5.67 -17.26 -5.98
C THR E 378 6.45 -18.35 -5.25
N THR E 379 5.76 -19.20 -4.49
CA THR E 379 6.42 -20.37 -3.90
C THR E 379 7.00 -21.29 -4.98
N SER E 380 6.21 -21.61 -6.00
CA SER E 380 6.60 -22.62 -6.99
C SER E 380 7.85 -22.28 -7.82
N TYR E 381 7.92 -21.08 -8.38
CA TYR E 381 9.05 -20.76 -9.24
C TYR E 381 10.37 -20.76 -8.46
N LYS E 382 10.33 -20.33 -7.20
CA LYS E 382 11.52 -20.41 -6.35
C LYS E 382 11.91 -21.86 -6.02
N ARG E 383 10.91 -22.73 -5.85
CA ARG E 383 11.15 -24.13 -5.52
C ARG E 383 11.79 -24.84 -6.71
N GLN E 384 11.27 -24.55 -7.91
CA GLN E 384 11.80 -25.11 -9.13
C GLN E 384 13.26 -24.71 -9.26
N LEU E 385 13.60 -23.46 -8.95
CA LEU E 385 14.98 -23.04 -9.12
C LEU E 385 15.89 -23.81 -8.18
N GLU E 386 15.41 -24.08 -6.96
CA GLU E 386 16.18 -24.88 -6.01
C GLU E 386 16.32 -26.31 -6.53
N PHE E 387 15.26 -26.82 -7.17
CA PHE E 387 15.24 -28.17 -7.78
C PHE E 387 16.41 -28.39 -8.76
N TYR E 388 16.54 -27.51 -9.76
CA TYR E 388 17.71 -27.55 -10.66
C TYR E 388 19.04 -27.59 -9.89
N GLN E 389 19.15 -26.76 -8.86
CA GLN E 389 20.40 -26.64 -8.13
C GLN E 389 20.69 -27.93 -7.40
N TRP E 390 19.65 -28.46 -6.74
CA TRP E 390 19.76 -29.75 -6.07
C TRP E 390 20.21 -30.84 -7.03
N LEU E 391 19.72 -30.81 -8.27
CA LEU E 391 19.93 -31.91 -9.19
C LEU E 391 21.21 -31.85 -9.99
N GLN E 392 21.97 -30.78 -9.82
CA GLN E 392 23.16 -30.57 -10.66
C GLN E 392 24.29 -31.51 -10.26
N SER E 393 24.70 -32.33 -11.22
CA SER E 393 25.81 -33.27 -11.04
C SER E 393 27.16 -32.57 -10.88
N ALA E 394 28.15 -33.36 -10.46
CA ALA E 394 29.51 -32.87 -10.33
C ALA E 394 30.01 -32.26 -11.64
N GLU E 395 29.66 -32.86 -12.77
CA GLU E 395 30.16 -32.42 -14.08
C GLU E 395 29.37 -31.20 -14.59
N GLY E 396 28.10 -31.07 -14.15
CA GLY E 396 27.29 -29.92 -14.53
C GLY E 396 25.95 -30.21 -15.16
N GLY E 397 25.75 -31.39 -15.71
CA GLY E 397 24.43 -31.73 -16.23
C GLY E 397 23.40 -31.95 -15.11
N ILE E 398 22.12 -31.73 -15.40
CA ILE E 398 21.08 -31.83 -14.38
C ILE E 398 20.51 -33.24 -14.32
N ALA E 399 20.47 -33.82 -13.11
CA ALA E 399 19.98 -35.17 -12.86
C ALA E 399 18.47 -35.19 -12.84
N GLY E 400 17.88 -36.38 -12.71
CA GLY E 400 16.51 -36.63 -13.13
C GLY E 400 15.35 -35.92 -12.44
N GLY E 401 15.22 -36.11 -11.14
CA GLY E 401 14.09 -35.53 -10.44
C GLY E 401 13.79 -36.26 -9.15
N ALA E 402 12.51 -36.34 -8.80
CA ALA E 402 12.15 -36.80 -7.48
C ALA E 402 10.73 -37.31 -7.41
N THR E 403 10.42 -38.04 -6.34
CA THR E 403 9.06 -38.54 -6.13
C THR E 403 8.55 -38.45 -4.69
N ASN E 404 7.25 -38.18 -4.54
CA ASN E 404 6.62 -38.36 -3.23
C ASN E 404 5.97 -39.74 -3.03
N SER E 405 6.14 -40.61 -4.01
CA SER E 405 5.51 -41.91 -3.96
C SER E 405 6.43 -43.01 -4.43
N TRP E 406 7.23 -43.53 -3.52
CA TRP E 406 8.27 -44.47 -3.93
C TRP E 406 7.59 -45.73 -4.50
N ASN E 407 8.00 -46.10 -5.72
CA ASN E 407 7.42 -47.23 -6.49
C ASN E 407 5.95 -47.02 -6.79
N GLY E 408 5.52 -45.77 -6.70
CA GLY E 408 4.14 -45.41 -6.98
C GLY E 408 3.14 -46.04 -6.02
N ARG E 409 3.60 -46.40 -4.83
CA ARG E 409 2.74 -47.00 -3.82
C ARG E 409 3.04 -46.44 -2.45
N TYR E 410 3.57 -45.21 -2.40
CA TYR E 410 3.90 -44.56 -1.13
C TYR E 410 4.68 -45.48 -0.17
N GLU E 411 5.66 -46.19 -0.71
CA GLU E 411 6.58 -46.98 0.09
C GLU E 411 7.59 -46.10 0.84
N LYS E 412 8.15 -46.63 1.93
CA LYS E 412 9.29 -46.05 2.64
C LYS E 412 10.45 -45.89 1.69
N TYR E 413 11.08 -44.72 1.71
CA TYR E 413 12.31 -44.52 0.94
C TYR E 413 13.34 -45.53 1.43
N PRO E 414 14.06 -46.18 0.51
CA PRO E 414 15.18 -47.03 0.90
C PRO E 414 16.16 -46.26 1.78
N ALA E 415 16.87 -46.97 2.64
CA ALA E 415 17.90 -46.36 3.48
C ALA E 415 18.89 -45.52 2.65
N GLY E 416 19.28 -44.35 3.17
CA GLY E 416 20.24 -43.49 2.46
C GLY E 416 19.73 -42.70 1.26
N THR E 417 18.43 -42.81 0.98
CA THR E 417 17.81 -42.05 -0.10
C THR E 417 17.98 -40.54 0.11
N SER E 418 18.49 -39.88 -0.90
CA SER E 418 18.65 -38.45 -0.90
C SER E 418 17.28 -37.76 -1.09
N THR E 419 17.02 -36.66 -0.40
CA THR E 419 15.70 -36.01 -0.50
C THR E 419 15.72 -34.52 -0.76
N PHE E 420 14.58 -34.00 -1.22
CA PHE E 420 14.39 -32.59 -1.53
C PHE E 420 13.01 -32.20 -1.00
N TYR E 421 12.99 -31.41 0.06
CA TYR E 421 11.75 -31.05 0.70
C TYR E 421 10.86 -32.29 0.94
N GLY E 422 11.48 -33.39 1.37
CA GLY E 422 10.74 -34.59 1.69
C GLY E 422 10.51 -35.56 0.54
N MET E 423 10.86 -35.16 -0.70
CA MET E 423 10.72 -36.03 -1.86
C MET E 423 11.99 -36.82 -2.09
N ALA E 424 11.86 -38.08 -2.54
CA ALA E 424 12.99 -38.96 -2.82
C ALA E 424 13.62 -38.78 -4.20
N TYR E 425 14.94 -38.65 -4.25
CA TYR E 425 15.61 -38.52 -5.54
C TYR E 425 15.36 -39.80 -6.36
N VAL E 426 15.07 -39.62 -7.65
CA VAL E 426 15.10 -40.72 -8.60
C VAL E 426 15.78 -40.32 -9.92
N PRO E 427 16.69 -41.16 -10.40
CA PRO E 427 17.46 -40.83 -11.61
C PRO E 427 16.58 -40.75 -12.89
N HIS E 428 15.52 -41.55 -12.99
CA HIS E 428 14.68 -41.55 -14.18
C HIS E 428 13.21 -41.46 -13.80
N PRO E 429 12.72 -40.27 -13.47
CA PRO E 429 11.33 -40.15 -13.01
C PRO E 429 10.34 -40.72 -14.03
N VAL E 430 9.29 -41.41 -13.55
CA VAL E 430 8.15 -41.87 -14.35
C VAL E 430 8.40 -43.06 -15.30
N TYR E 431 9.42 -42.98 -16.16
CA TYR E 431 9.65 -44.00 -17.19
C TYR E 431 11.07 -44.54 -17.15
N ALA E 432 11.19 -45.85 -17.37
CA ALA E 432 12.46 -46.58 -17.43
C ALA E 432 12.83 -47.17 -18.80
N ASP E 433 11.93 -47.10 -19.78
CA ASP E 433 12.19 -47.68 -21.11
C ASP E 433 11.88 -46.67 -22.26
N PRO E 434 12.85 -45.83 -22.66
CA PRO E 434 14.17 -45.74 -22.02
C PRO E 434 14.06 -44.92 -20.74
N GLY E 435 15.12 -44.88 -19.93
CA GLY E 435 15.13 -43.99 -18.78
C GLY E 435 14.79 -42.56 -19.21
N SER E 436 13.89 -41.93 -18.47
CA SER E 436 13.41 -40.59 -18.80
C SER E 436 14.48 -39.49 -18.72
N ASN E 437 15.67 -39.79 -18.19
CA ASN E 437 16.74 -38.80 -18.21
C ASN E 437 17.97 -39.20 -18.99
N GLN E 438 17.81 -40.23 -19.82
CA GLN E 438 18.81 -40.53 -20.81
C GLN E 438 18.89 -39.43 -21.92
N TRP E 439 17.78 -38.83 -22.26
CA TRP E 439 17.74 -37.87 -23.36
C TRP E 439 18.41 -36.53 -23.00
N PHE E 440 19.51 -36.21 -23.70
CA PHE E 440 20.15 -34.91 -23.58
C PHE E 440 19.22 -33.73 -23.88
N GLY E 441 18.18 -33.93 -24.68
CA GLY E 441 17.26 -32.84 -25.00
C GLY E 441 16.68 -32.11 -23.78
N PHE E 442 16.32 -32.86 -22.73
CA PHE E 442 15.76 -32.22 -21.54
C PHE E 442 16.78 -31.22 -20.98
N GLN E 443 18.07 -31.52 -21.12
CA GLN E 443 19.09 -30.56 -20.70
C GLN E 443 18.87 -29.20 -21.37
N ALA E 444 18.80 -29.20 -22.69
CA ALA E 444 18.66 -27.94 -23.44
C ALA E 444 17.29 -27.29 -23.17
N TRP E 445 16.22 -28.03 -23.39
CA TRP E 445 14.87 -27.54 -23.18
C TRP E 445 14.71 -26.81 -21.86
N SER E 446 15.19 -27.41 -20.78
CA SER E 446 14.81 -26.95 -19.47
C SER E 446 15.75 -25.88 -18.98
N MET E 447 17.04 -26.08 -19.20
CA MET E 447 18.00 -25.02 -18.89
C MET E 447 17.80 -23.76 -19.75
N GLN E 448 17.28 -23.93 -20.98
CA GLN E 448 16.97 -22.75 -21.80
C GLN E 448 16.00 -21.84 -21.05
N ARG E 449 15.09 -22.45 -20.27
CA ARG E 449 14.11 -21.71 -19.52
C ARG E 449 14.77 -20.97 -18.35
N VAL E 450 15.70 -21.63 -17.68
CA VAL E 450 16.54 -20.99 -16.66
C VAL E 450 17.34 -19.78 -17.23
N MET E 451 17.89 -19.90 -18.44
CA MET E 451 18.65 -18.81 -19.04
C MET E 451 17.77 -17.57 -19.18
N GLU E 452 16.56 -17.76 -19.73
CA GLU E 452 15.54 -16.73 -19.80
C GLU E 452 15.21 -16.07 -18.45
N TYR E 453 15.00 -16.89 -17.42
CA TYR E 453 14.77 -16.36 -16.07
C TYR E 453 15.91 -15.40 -15.65
N TYR E 454 17.16 -15.86 -15.82
CA TYR E 454 18.34 -15.06 -15.52
C TYR E 454 18.44 -13.81 -16.40
N LEU E 455 18.16 -13.94 -17.71
CA LEU E 455 18.15 -12.78 -18.60
C LEU E 455 17.25 -11.69 -18.05
N GLU E 456 16.02 -12.07 -17.68
CA GLU E 456 15.01 -11.11 -17.25
C GLU E 456 15.17 -10.62 -15.82
N THR E 457 15.83 -11.39 -14.94
CA THR E 457 15.88 -10.93 -13.54
C THR E 457 17.25 -10.47 -13.03
N GLY E 458 18.33 -11.01 -13.61
CA GLY E 458 19.65 -10.79 -13.07
C GLY E 458 19.89 -11.52 -11.74
N ASP E 459 18.95 -12.37 -11.33
CA ASP E 459 19.03 -13.11 -10.07
C ASP E 459 20.30 -13.98 -9.97
N SER E 460 21.19 -13.61 -9.05
CA SER E 460 22.49 -14.26 -8.88
C SER E 460 22.47 -15.61 -8.23
N SER E 461 21.37 -15.92 -7.52
CA SER E 461 21.32 -17.22 -6.81
C SER E 461 21.47 -18.36 -7.81
N VAL E 462 21.24 -18.06 -9.08
CA VAL E 462 21.18 -19.02 -10.17
C VAL E 462 22.44 -19.01 -11.10
N LYS E 463 23.40 -18.14 -10.78
CA LYS E 463 24.61 -17.93 -11.60
C LYS E 463 25.59 -19.12 -11.61
N ASN E 464 25.90 -19.69 -10.45
CA ASN E 464 26.75 -20.86 -10.42
C ASN E 464 26.12 -22.04 -11.18
N LEU E 465 24.81 -22.24 -10.99
CA LEU E 465 24.05 -23.29 -11.66
C LEU E 465 24.25 -23.17 -13.17
N ILE E 466 24.03 -21.97 -13.66
CA ILE E 466 24.10 -21.68 -15.09
C ILE E 466 25.53 -21.89 -15.64
N LYS E 467 26.51 -21.31 -14.97
CA LYS E 467 27.92 -21.37 -15.42
C LYS E 467 28.42 -22.77 -15.51
N LYS E 468 28.16 -23.56 -14.46
CA LYS E 468 28.62 -24.95 -14.45
C LYS E 468 27.97 -25.74 -15.58
N TRP E 469 26.69 -25.54 -15.82
CA TRP E 469 25.99 -26.21 -16.91
C TRP E 469 26.54 -25.81 -18.28
N VAL E 470 26.77 -24.51 -18.47
CA VAL E 470 27.39 -24.01 -19.70
C VAL E 470 28.76 -24.63 -19.91
N ASP E 471 29.61 -24.61 -18.88
CA ASP E 471 30.93 -25.23 -19.00
C ASP E 471 30.81 -26.69 -19.41
N TRP E 472 29.84 -27.41 -18.83
CA TRP E 472 29.67 -28.81 -19.12
C TRP E 472 29.34 -29.04 -20.61
N VAL E 473 28.42 -28.22 -21.10
CA VAL E 473 27.87 -28.36 -22.41
C VAL E 473 28.91 -27.95 -23.47
N MET E 474 29.59 -26.82 -23.23
CA MET E 474 30.73 -26.33 -24.02
C MET E 474 31.84 -27.36 -24.19
N SER E 475 32.11 -28.16 -23.15
CA SER E 475 33.10 -29.23 -23.20
C SER E 475 32.60 -30.48 -23.95
N GLU E 476 31.33 -30.53 -24.32
CA GLU E 476 30.79 -31.74 -24.95
C GLU E 476 30.44 -31.55 -26.43
N ILE E 477 30.25 -30.32 -26.86
CA ILE E 477 29.89 -30.06 -28.26
C ILE E 477 31.10 -30.35 -29.16
N LYS E 478 30.84 -31.00 -30.30
CA LYS E 478 31.91 -31.34 -31.23
C LYS E 478 31.74 -30.52 -32.50
N LEU E 479 32.70 -29.67 -32.78
CA LEU E 479 32.72 -28.95 -34.04
C LEU E 479 33.87 -29.47 -34.91
N TYR E 480 33.56 -29.92 -36.12
CA TYR E 480 34.56 -30.52 -37.00
C TYR E 480 35.07 -29.55 -38.08
N ASP E 481 36.35 -29.70 -38.45
CA ASP E 481 36.97 -28.82 -39.46
C ASP E 481 36.21 -28.81 -40.80
N ASP E 482 35.53 -29.90 -41.11
CA ASP E 482 34.71 -29.93 -42.33
C ASP E 482 33.33 -29.26 -42.22
N GLY E 483 33.06 -28.54 -41.11
CA GLY E 483 31.79 -27.84 -40.94
C GLY E 483 30.59 -28.67 -40.46
N THR E 484 30.80 -29.94 -40.13
CA THR E 484 29.77 -30.71 -39.45
C THR E 484 29.86 -30.47 -37.93
N PHE E 485 28.93 -31.07 -37.19
CA PHE E 485 28.94 -30.96 -35.73
C PHE E 485 28.33 -32.22 -35.15
N ALA E 486 28.60 -32.45 -33.87
CA ALA E 486 27.82 -33.41 -33.07
C ALA E 486 27.58 -32.92 -31.63
N ILE E 487 26.40 -33.24 -31.10
CA ILE E 487 26.06 -32.87 -29.70
C ILE E 487 25.76 -34.15 -28.93
N PRO E 488 25.81 -34.10 -27.60
CA PRO E 488 25.46 -35.26 -26.79
C PRO E 488 24.06 -35.70 -27.14
N SER E 489 23.85 -37.01 -27.14
CA SER E 489 22.56 -37.56 -27.42
C SER E 489 21.97 -38.31 -26.21
N ASP E 490 22.78 -39.19 -25.63
CA ASP E 490 22.39 -40.06 -24.52
C ASP E 490 23.27 -39.84 -23.33
N LEU E 491 22.65 -39.93 -22.16
CA LEU E 491 23.28 -39.67 -20.89
C LEU E 491 23.15 -40.91 -20.00
N GLU E 492 24.13 -41.11 -19.15
CA GLU E 492 24.14 -42.19 -18.16
C GLU E 492 24.45 -41.52 -16.82
N TRP E 493 23.73 -41.93 -15.77
CA TRP E 493 23.78 -41.29 -14.46
C TRP E 493 24.22 -42.28 -13.40
N SER E 494 24.96 -41.80 -12.40
CA SER E 494 25.26 -42.65 -11.24
C SER E 494 25.31 -41.79 -9.99
N GLY E 495 25.01 -42.41 -8.85
CA GLY E 495 25.01 -41.70 -7.58
C GLY E 495 23.74 -40.93 -7.28
N GLN E 496 23.82 -40.03 -6.32
CA GLN E 496 22.69 -39.26 -5.84
C GLN E 496 23.24 -37.90 -5.50
N PRO E 497 22.47 -36.82 -5.68
CA PRO E 497 22.87 -35.52 -5.11
C PRO E 497 22.89 -35.66 -3.60
N ASP E 498 23.55 -34.76 -2.90
CA ASP E 498 23.40 -34.70 -1.45
C ASP E 498 21.99 -34.20 -1.11
N THR E 499 21.45 -34.70 -0.01
CA THR E 499 20.18 -34.17 0.48
C THR E 499 20.20 -32.63 0.47
N TRP E 500 19.15 -32.04 -0.10
CA TRP E 500 19.02 -30.61 -0.18
C TRP E 500 18.86 -29.98 1.19
N THR E 501 19.65 -28.94 1.39
CA THR E 501 19.77 -28.30 2.67
C THR E 501 19.79 -26.76 2.47
N GLY E 502 19.31 -26.32 1.29
CA GLY E 502 19.19 -24.92 0.96
C GLY E 502 20.36 -24.39 0.16
N THR E 503 21.42 -25.18 0.03
CA THR E 503 22.64 -24.72 -0.60
C THR E 503 23.30 -25.82 -1.41
N TYR E 504 23.77 -25.47 -2.59
CA TYR E 504 24.46 -26.44 -3.45
C TYR E 504 25.79 -26.92 -2.84
N THR E 505 25.99 -28.24 -2.77
CA THR E 505 27.21 -28.77 -2.21
C THR E 505 28.28 -29.08 -3.25
N GLY E 506 27.92 -29.07 -4.55
CA GLY E 506 28.78 -29.60 -5.60
C GLY E 506 28.42 -31.04 -6.00
N ASN E 507 27.63 -31.71 -5.17
CA ASN E 507 27.18 -33.10 -5.43
C ASN E 507 28.32 -33.99 -5.95
N PRO E 508 29.40 -34.16 -5.19
CA PRO E 508 30.60 -34.80 -5.74
C PRO E 508 30.39 -36.29 -6.03
N ASN E 509 29.26 -36.84 -5.60
CA ASN E 509 28.91 -38.24 -5.90
C ASN E 509 27.78 -38.44 -6.87
N LEU E 510 27.39 -37.37 -7.56
CA LEU E 510 26.40 -37.45 -8.61
C LEU E 510 27.09 -37.22 -9.95
N HIS E 511 27.07 -38.23 -10.81
CA HIS E 511 27.79 -38.15 -12.07
C HIS E 511 26.91 -38.35 -13.29
N VAL E 512 27.22 -37.63 -14.36
CA VAL E 512 26.65 -37.88 -15.67
C VAL E 512 27.77 -38.20 -16.65
N ARG E 513 27.53 -39.16 -17.52
CA ARG E 513 28.46 -39.43 -18.59
C ARG E 513 27.70 -39.40 -19.92
N VAL E 514 28.26 -38.74 -20.93
CA VAL E 514 27.65 -38.79 -22.26
C VAL E 514 28.04 -40.11 -22.94
N THR E 515 27.05 -40.93 -23.28
CA THR E 515 27.38 -42.24 -23.87
C THR E 515 27.22 -42.33 -25.38
N SER E 516 26.63 -41.30 -26.00
CA SER E 516 26.63 -41.22 -27.45
C SER E 516 26.35 -39.80 -27.93
N TYR E 517 26.71 -39.54 -29.20
CA TYR E 517 26.59 -38.21 -29.81
C TYR E 517 25.77 -38.27 -31.06
N GLY E 518 25.19 -37.14 -31.45
CA GLY E 518 24.34 -37.13 -32.62
C GLY E 518 24.21 -35.74 -33.14
N THR E 519 23.12 -35.55 -33.85
CA THR E 519 22.98 -34.48 -34.80
C THR E 519 21.50 -34.01 -34.76
N ASP E 520 20.82 -34.32 -33.67
CA ASP E 520 19.44 -33.91 -33.45
C ASP E 520 19.25 -32.40 -33.64
N LEU E 521 18.50 -31.99 -34.67
CA LEU E 521 18.35 -30.57 -35.03
C LEU E 521 17.53 -29.73 -34.02
N GLY E 522 16.48 -30.34 -33.45
CA GLY E 522 15.76 -29.67 -32.36
C GLY E 522 16.66 -29.40 -31.16
N VAL E 523 17.45 -30.39 -30.77
CA VAL E 523 18.27 -30.23 -29.59
C VAL E 523 19.35 -29.19 -29.90
N ALA E 524 19.92 -29.29 -31.08
CA ALA E 524 20.92 -28.33 -31.53
C ALA E 524 20.35 -26.91 -31.43
N GLY E 525 19.13 -26.72 -31.94
CA GLY E 525 18.45 -25.43 -31.90
C GLY E 525 18.17 -24.93 -30.47
N SER E 526 17.65 -25.83 -29.63
CA SER E 526 17.39 -25.53 -28.23
C SER E 526 18.66 -25.15 -27.47
N LEU E 527 19.73 -25.91 -27.70
CA LEU E 527 21.02 -25.64 -27.08
C LEU E 527 21.65 -24.29 -27.53
N ALA E 528 21.54 -23.94 -28.81
CA ALA E 528 22.01 -22.63 -29.31
C ALA E 528 21.20 -21.50 -28.65
N ASN E 529 19.88 -21.66 -28.59
CA ASN E 529 19.01 -20.74 -27.90
C ASN E 529 19.48 -20.58 -26.45
N ALA E 530 19.69 -21.68 -25.74
CA ALA E 530 20.18 -21.61 -24.38
C ALA E 530 21.48 -20.79 -24.28
N LEU E 531 22.46 -21.14 -25.11
CA LEU E 531 23.75 -20.43 -25.10
C LEU E 531 23.66 -18.95 -25.51
N ALA E 532 22.79 -18.64 -26.46
CA ALA E 532 22.64 -17.25 -26.91
C ALA E 532 21.97 -16.39 -25.84
N THR E 533 20.87 -16.91 -25.28
CA THR E 533 20.15 -16.32 -24.14
C THR E 533 21.09 -16.10 -22.96
N TYR E 534 21.86 -17.12 -22.61
CA TYR E 534 22.87 -17.00 -21.58
C TYR E 534 23.85 -15.86 -21.90
N ALA E 535 24.41 -15.90 -23.11
CA ALA E 535 25.36 -14.89 -23.56
C ALA E 535 24.76 -13.46 -23.42
N ALA E 536 23.54 -13.27 -23.89
CA ALA E 536 22.83 -12.00 -23.69
C ALA E 536 22.74 -11.62 -22.20
N ALA E 537 22.45 -12.60 -21.34
CA ALA E 537 22.36 -12.38 -19.88
C ALA E 537 23.69 -11.92 -19.28
N THR E 538 24.81 -12.47 -19.75
CA THR E 538 26.11 -12.09 -19.19
C THR E 538 26.41 -10.63 -19.53
N GLU E 539 26.02 -10.23 -20.74
CA GLU E 539 26.25 -8.89 -21.22
C GLU E 539 25.33 -7.94 -20.46
N ARG E 540 24.08 -8.35 -20.23
CA ARG E 540 23.15 -7.49 -19.52
C ARG E 540 23.49 -7.30 -18.03
N TRP E 541 23.96 -8.35 -17.36
CA TRP E 541 24.08 -8.32 -15.90
C TRP E 541 25.48 -8.39 -15.33
N GLU E 542 26.41 -8.98 -16.08
CA GLU E 542 27.75 -9.28 -15.57
C GLU E 542 28.84 -8.28 -15.99
N GLY E 543 28.46 -7.30 -16.81
CA GLY E 543 29.40 -6.31 -17.28
C GLY E 543 30.44 -6.89 -18.22
N LYS E 544 30.16 -8.06 -18.76
CA LYS E 544 31.06 -8.75 -19.68
C LYS E 544 30.33 -9.83 -20.46
N LEU E 545 30.21 -9.62 -21.76
CA LEU E 545 29.68 -10.62 -22.69
C LEU E 545 30.53 -11.89 -22.68
N ASP E 546 29.87 -13.04 -22.51
CA ASP E 546 30.51 -14.33 -22.80
C ASP E 546 30.44 -14.62 -24.29
N THR E 547 31.54 -14.29 -24.96
CA THR E 547 31.76 -14.41 -26.39
C THR E 547 31.79 -15.85 -26.90
N LYS E 548 32.44 -16.75 -26.15
CA LYS E 548 32.47 -18.17 -26.50
C LYS E 548 31.06 -18.74 -26.59
N ALA E 549 30.18 -18.39 -25.64
CA ALA E 549 28.80 -18.89 -25.66
C ALA E 549 28.06 -18.32 -26.85
N ARG E 550 28.22 -17.03 -27.08
CA ARG E 550 27.60 -16.38 -28.23
C ARG E 550 28.01 -17.08 -29.54
N ASP E 551 29.31 -17.25 -29.72
CA ASP E 551 29.84 -17.83 -30.96
C ASP E 551 29.38 -19.28 -31.11
N MET E 552 29.44 -20.04 -30.00
CA MET E 552 29.02 -21.42 -30.02
C MET E 552 27.56 -21.51 -30.43
N ALA E 553 26.72 -20.62 -29.92
CA ALA E 553 25.32 -20.60 -30.37
C ALA E 553 25.22 -20.43 -31.90
N ALA E 554 26.05 -19.55 -32.45
CA ALA E 554 26.03 -19.26 -33.89
C ALA E 554 26.57 -20.44 -34.70
N GLU E 555 27.61 -21.09 -34.17
CA GLU E 555 28.13 -22.30 -34.77
C GLU E 555 27.07 -23.39 -34.87
N LEU E 556 26.28 -23.57 -33.81
CA LEU E 556 25.31 -24.67 -33.84
C LEU E 556 24.26 -24.37 -34.88
N VAL E 557 23.75 -23.15 -34.87
CA VAL E 557 22.78 -22.75 -35.88
C VAL E 557 23.35 -22.90 -37.27
N ASN E 558 24.57 -22.41 -37.48
CA ASN E 558 25.16 -22.43 -38.83
C ASN E 558 25.30 -23.85 -39.32
N ARG E 559 25.76 -24.73 -38.45
CA ARG E 559 26.05 -26.12 -38.83
C ARG E 559 24.81 -26.98 -38.97
N ALA E 560 23.76 -26.66 -38.21
CA ALA E 560 22.48 -27.33 -38.31
C ALA E 560 21.83 -26.96 -39.64
N TRP E 561 21.84 -25.67 -39.93
CA TRP E 561 21.24 -25.16 -41.16
C TRP E 561 22.05 -25.58 -42.39
N TYR E 562 23.37 -25.44 -42.35
CA TYR E 562 24.19 -25.82 -43.48
C TYR E 562 24.13 -27.32 -43.87
N ASN E 563 24.32 -28.22 -42.90
CA ASN E 563 24.39 -29.65 -43.22
C ASN E 563 23.03 -30.37 -43.34
N PHE E 564 21.94 -29.69 -43.02
CA PHE E 564 20.66 -30.39 -42.95
C PHE E 564 19.51 -29.71 -43.67
N TYR E 565 19.89 -28.80 -44.58
CA TYR E 565 18.96 -28.09 -45.46
C TYR E 565 18.21 -29.06 -46.34
N CYS E 566 16.96 -28.76 -46.65
CA CYS E 566 16.11 -29.65 -47.44
C CYS E 566 15.83 -29.02 -48.82
N SER E 567 16.46 -29.58 -49.87
CA SER E 567 16.36 -29.10 -51.27
C SER E 567 14.93 -28.78 -51.72
N GLU E 568 13.96 -29.59 -51.30
CA GLU E 568 12.56 -29.39 -51.70
C GLU E 568 11.85 -28.25 -50.94
N GLY E 569 12.60 -27.45 -50.17
CA GLY E 569 12.07 -26.26 -49.53
C GLY E 569 11.14 -26.49 -48.33
N LYS E 570 11.39 -27.54 -47.54
CA LYS E 570 10.53 -27.83 -46.39
C LYS E 570 11.14 -27.35 -45.06
N GLY E 571 12.39 -26.92 -45.13
CA GLY E 571 13.13 -26.42 -43.98
C GLY E 571 14.46 -27.16 -43.81
N VAL E 572 14.63 -27.80 -42.65
CA VAL E 572 15.72 -28.75 -42.42
C VAL E 572 15.14 -30.15 -42.25
N VAL E 573 15.99 -31.15 -42.42
CA VAL E 573 15.55 -32.52 -42.29
C VAL E 573 16.67 -33.29 -41.62
N THR E 574 16.29 -34.32 -40.88
CA THR E 574 17.24 -35.21 -40.23
C THR E 574 17.60 -36.41 -41.13
N GLU E 575 18.72 -37.06 -40.78
CA GLU E 575 19.02 -38.40 -41.23
C GLU E 575 19.40 -39.22 -39.98
N GLU E 576 18.56 -40.20 -39.60
CA GLU E 576 18.70 -40.85 -38.31
C GLU E 576 18.43 -42.34 -38.40
N ALA E 577 19.40 -43.13 -37.95
CA ALA E 577 19.23 -44.57 -37.85
C ALA E 577 18.27 -44.81 -36.69
N ARG E 578 17.31 -45.72 -36.89
CA ARG E 578 16.33 -46.03 -35.86
C ARG E 578 16.32 -47.55 -35.56
N ALA E 579 17.37 -47.99 -34.88
CA ALA E 579 17.53 -49.40 -34.48
C ALA E 579 16.34 -49.85 -33.65
N ASP E 580 15.78 -48.95 -32.86
CA ASP E 580 14.57 -49.25 -32.08
C ASP E 580 13.36 -49.70 -32.92
N TYR E 581 13.36 -49.38 -34.21
CA TYR E 581 12.21 -49.74 -35.05
C TYR E 581 12.01 -51.24 -35.28
N LYS E 582 13.01 -52.06 -34.97
CA LYS E 582 12.75 -53.50 -34.93
C LYS E 582 11.56 -53.85 -34.00
N ARG E 583 11.29 -52.96 -33.05
CA ARG E 583 10.25 -53.18 -32.05
C ARG E 583 8.86 -53.08 -32.66
N PHE E 584 8.75 -52.46 -33.85
CA PHE E 584 7.52 -52.54 -34.63
C PHE E 584 7.04 -53.99 -34.68
N PHE E 585 8.00 -54.91 -34.86
CA PHE E 585 7.68 -56.30 -35.12
C PHE E 585 8.01 -57.25 -33.97
N GLU E 586 8.92 -56.85 -33.09
CA GLU E 586 9.36 -57.77 -32.04
C GLU E 586 8.65 -57.59 -30.70
N GLN E 587 8.24 -56.34 -30.43
CA GLN E 587 7.68 -55.98 -29.13
C GLN E 587 6.31 -56.56 -28.90
N GLU E 588 6.23 -57.59 -28.07
CA GLU E 588 4.95 -58.06 -27.54
C GLU E 588 4.35 -56.99 -26.65
N VAL E 589 3.04 -56.80 -26.76
CA VAL E 589 2.26 -55.84 -26.01
C VAL E 589 1.43 -56.64 -25.03
N TYR E 590 1.42 -56.26 -23.76
CA TYR E 590 0.73 -57.07 -22.79
C TYR E 590 -0.78 -56.91 -22.85
N VAL E 591 -1.49 -58.04 -22.83
CA VAL E 591 -2.95 -58.06 -22.72
C VAL E 591 -3.31 -59.12 -21.70
N PRO E 592 -4.18 -58.81 -20.73
CA PRO E 592 -4.53 -59.80 -19.69
C PRO E 592 -5.11 -61.08 -20.31
N ALA E 593 -4.66 -62.23 -19.81
CA ALA E 593 -5.24 -63.53 -20.18
C ALA E 593 -6.76 -63.45 -20.05
N GLY E 594 -7.47 -63.91 -21.08
CA GLY E 594 -8.94 -63.82 -21.08
C GLY E 594 -9.53 -62.54 -21.64
N TRP E 595 -8.71 -61.53 -21.91
CA TRP E 595 -9.22 -60.24 -22.40
C TRP E 595 -9.19 -60.20 -23.93
N SER E 596 -10.29 -59.80 -24.54
CA SER E 596 -10.30 -59.64 -25.98
C SER E 596 -11.10 -58.41 -26.36
N GLY E 597 -10.72 -57.78 -27.47
CA GLY E 597 -11.35 -56.57 -27.97
C GLY E 597 -10.81 -56.35 -29.38
N THR E 598 -11.35 -55.36 -30.07
CA THR E 598 -10.88 -55.04 -31.43
C THR E 598 -10.69 -53.53 -31.55
N MET E 599 -9.66 -53.15 -32.32
CA MET E 599 -9.46 -51.75 -32.70
C MET E 599 -10.56 -51.37 -33.72
N PRO E 600 -10.77 -50.07 -33.95
CA PRO E 600 -11.73 -49.67 -34.99
C PRO E 600 -11.54 -50.34 -36.35
N ASN E 601 -10.30 -50.54 -36.80
CA ASN E 601 -10.08 -51.15 -38.11
C ASN E 601 -10.26 -52.68 -38.11
N GLY E 602 -10.70 -53.24 -36.99
CA GLY E 602 -10.82 -54.69 -36.85
C GLY E 602 -9.63 -55.44 -36.27
N ASP E 603 -8.49 -54.79 -36.02
CA ASP E 603 -7.34 -55.49 -35.40
C ASP E 603 -7.75 -56.12 -34.08
N LYS E 604 -7.47 -57.41 -33.93
CA LYS E 604 -7.80 -58.11 -32.68
C LYS E 604 -6.79 -57.76 -31.58
N ILE E 605 -7.29 -57.29 -30.46
CA ILE E 605 -6.50 -57.02 -29.27
C ILE E 605 -6.63 -58.24 -28.38
N GLN E 606 -5.52 -58.96 -28.22
CA GLN E 606 -5.53 -60.20 -27.48
C GLN E 606 -4.09 -60.56 -27.14
N PRO E 607 -3.88 -61.42 -26.14
CA PRO E 607 -2.52 -61.79 -25.72
C PRO E 607 -1.69 -62.30 -26.90
N GLY E 608 -0.41 -61.92 -26.94
CA GLY E 608 0.46 -62.35 -28.00
C GLY E 608 0.68 -61.31 -29.09
N ILE E 609 -0.16 -60.29 -29.17
CA ILE E 609 0.08 -59.19 -30.14
C ILE E 609 1.42 -58.46 -30.03
N LYS E 610 1.91 -58.05 -31.20
CA LYS E 610 3.04 -57.17 -31.31
C LYS E 610 2.53 -55.77 -31.55
N PHE E 611 3.43 -54.80 -31.50
CA PHE E 611 3.10 -53.40 -31.71
C PHE E 611 2.32 -53.23 -33.02
N ILE E 612 2.82 -53.86 -34.09
CA ILE E 612 2.24 -53.69 -35.42
C ILE E 612 0.82 -54.25 -35.51
N ASP E 613 0.50 -55.25 -34.68
CA ASP E 613 -0.74 -56.03 -34.80
C ASP E 613 -1.99 -55.28 -34.40
N ILE E 614 -1.83 -54.14 -33.73
CA ILE E 614 -2.97 -53.32 -33.39
C ILE E 614 -2.84 -51.97 -34.09
N ARG E 615 -1.82 -51.85 -34.93
CA ARG E 615 -1.63 -50.66 -35.78
C ARG E 615 -1.41 -51.07 -37.26
N THR E 616 -2.21 -52.03 -37.70
CA THR E 616 -2.17 -52.63 -39.04
C THR E 616 -2.22 -51.68 -40.27
N LYS E 617 -2.90 -50.54 -40.12
CA LYS E 617 -2.91 -49.48 -41.13
C LYS E 617 -1.51 -48.94 -41.45
N TYR E 618 -0.55 -49.15 -40.53
CA TYR E 618 0.84 -48.80 -40.78
C TYR E 618 1.43 -49.54 -41.98
N ARG E 619 0.87 -50.71 -42.30
CA ARG E 619 1.33 -51.51 -43.45
C ARG E 619 1.17 -50.75 -44.77
N GLN E 620 0.25 -49.79 -44.81
CA GLN E 620 0.06 -48.93 -45.97
C GLN E 620 0.85 -47.61 -45.93
N ASP E 621 1.71 -47.44 -44.92
CA ASP E 621 2.46 -46.20 -44.77
C ASP E 621 3.56 -46.16 -45.82
N PRO E 622 3.81 -44.97 -46.38
CA PRO E 622 4.89 -44.79 -47.36
C PRO E 622 6.27 -45.19 -46.84
N TYR E 623 6.48 -45.24 -45.52
CA TYR E 623 7.77 -45.61 -44.94
C TYR E 623 7.83 -47.06 -44.45
N TYR E 624 6.71 -47.78 -44.52
CA TYR E 624 6.64 -49.12 -43.96
C TYR E 624 7.59 -50.10 -44.64
N ASP E 625 7.64 -50.10 -45.97
CA ASP E 625 8.51 -51.01 -46.71
C ASP E 625 9.96 -50.89 -46.21
N ILE E 626 10.44 -49.64 -46.07
CA ILE E 626 11.78 -49.39 -45.57
C ILE E 626 12.02 -49.95 -44.16
N VAL E 627 11.06 -49.78 -43.24
CA VAL E 627 11.34 -50.23 -41.89
C VAL E 627 11.18 -51.73 -41.79
N TYR E 628 10.20 -52.29 -42.50
CA TYR E 628 10.03 -53.73 -42.47
C TYR E 628 11.18 -54.41 -43.18
N GLN E 629 11.59 -53.88 -44.33
CA GLN E 629 12.67 -54.53 -45.06
C GLN E 629 14.03 -54.44 -44.35
N ALA E 630 14.27 -53.32 -43.65
CA ALA E 630 15.46 -53.20 -42.79
C ALA E 630 15.42 -54.30 -41.71
N TYR E 631 14.25 -54.46 -41.10
CA TYR E 631 14.02 -55.52 -40.12
C TYR E 631 14.38 -56.90 -40.68
N LEU E 632 13.93 -57.22 -41.89
CA LEU E 632 14.26 -58.51 -42.49
C LEU E 632 15.75 -58.73 -42.74
N ARG E 633 16.49 -57.65 -42.96
CA ARG E 633 17.95 -57.73 -43.10
C ARG E 633 18.71 -57.64 -41.75
N GLY E 634 17.99 -57.47 -40.65
CA GLY E 634 18.62 -57.26 -39.35
C GLY E 634 19.38 -55.94 -39.31
N GLU E 635 18.81 -54.88 -39.89
CA GLU E 635 19.45 -53.57 -39.88
C GLU E 635 18.54 -52.51 -39.31
N ALA E 636 19.15 -51.47 -38.76
CA ALA E 636 18.44 -50.27 -38.38
C ALA E 636 17.98 -49.56 -39.68
N PRO E 637 16.69 -49.21 -39.80
CA PRO E 637 16.26 -48.37 -40.93
C PRO E 637 16.77 -46.93 -40.76
N VAL E 638 17.08 -46.27 -41.87
CA VAL E 638 17.48 -44.87 -41.82
C VAL E 638 16.31 -43.99 -42.23
N LEU E 639 15.99 -42.97 -41.40
CA LEU E 639 14.82 -42.12 -41.63
C LEU E 639 15.13 -40.63 -41.74
N ASN E 640 14.31 -39.95 -42.53
CA ASN E 640 14.43 -38.51 -42.69
C ASN E 640 13.18 -37.89 -42.12
N TYR E 641 13.34 -36.97 -41.18
CA TYR E 641 12.18 -36.38 -40.52
C TYR E 641 12.20 -34.88 -40.49
N HIS E 642 11.00 -34.32 -40.64
CA HIS E 642 10.72 -32.92 -40.40
C HIS E 642 9.75 -32.85 -39.20
N ARG E 643 10.29 -32.95 -37.98
CA ARG E 643 9.49 -32.69 -36.80
C ARG E 643 9.22 -31.20 -36.68
N PHE E 644 7.96 -30.88 -36.40
CA PHE E 644 7.54 -29.48 -36.22
C PHE E 644 8.43 -28.80 -35.19
N TRP E 645 8.54 -29.39 -33.99
CA TRP E 645 9.37 -28.80 -32.95
C TRP E 645 10.84 -28.63 -33.29
N HIS E 646 11.38 -29.52 -34.11
CA HIS E 646 12.74 -29.36 -34.61
C HIS E 646 12.87 -28.09 -35.45
N GLU E 647 11.91 -27.89 -36.35
CA GLU E 647 11.96 -26.73 -37.24
C GLU E 647 11.89 -25.48 -36.40
N VAL E 648 11.01 -25.50 -35.39
CA VAL E 648 10.73 -24.33 -34.58
C VAL E 648 11.87 -24.05 -33.62
N ASP E 649 12.40 -25.07 -32.93
CA ASP E 649 13.58 -24.82 -32.07
C ASP E 649 14.74 -24.17 -32.82
N LEU E 650 15.02 -24.62 -34.04
CA LEU E 650 16.08 -23.99 -34.85
C LEU E 650 15.70 -22.57 -35.28
N ALA E 651 14.49 -22.38 -35.79
CA ALA E 651 13.99 -21.04 -36.14
C ALA E 651 14.14 -20.09 -34.96
N VAL E 652 13.57 -20.48 -33.82
CA VAL E 652 13.59 -19.64 -32.63
C VAL E 652 15.04 -19.30 -32.22
N ALA E 653 15.96 -20.25 -32.35
CA ALA E 653 17.38 -19.99 -32.09
C ALA E 653 17.89 -18.88 -33.04
N MET E 654 17.61 -19.03 -34.34
CA MET E 654 17.88 -17.94 -35.29
C MET E 654 17.34 -16.60 -34.78
N GLY E 655 16.11 -16.61 -34.26
CA GLY E 655 15.47 -15.40 -33.79
C GLY E 655 16.16 -14.79 -32.59
N VAL E 656 16.67 -15.63 -31.68
CA VAL E 656 17.33 -15.14 -30.47
C VAL E 656 18.62 -14.45 -30.87
N LEU E 657 19.34 -15.04 -31.79
CA LEU E 657 20.51 -14.40 -32.35
C LEU E 657 20.12 -13.04 -32.99
N ALA E 658 19.04 -13.04 -33.77
CA ALA E 658 18.56 -11.81 -34.39
C ALA E 658 18.20 -10.77 -33.36
N THR E 659 17.64 -11.23 -32.24
CA THR E 659 17.19 -10.33 -31.20
C THR E 659 18.33 -9.71 -30.37
N TYR E 660 19.30 -10.53 -29.95
CA TYR E 660 20.29 -10.05 -28.99
C TYR E 660 21.62 -9.76 -29.63
N PHE E 661 21.86 -10.34 -30.80
CA PHE E 661 23.08 -10.06 -31.55
C PHE E 661 22.76 -9.74 -33.02
N PRO E 662 22.09 -8.61 -33.23
CA PRO E 662 21.53 -8.27 -34.54
C PRO E 662 22.55 -8.06 -35.66
N ASP E 663 23.82 -7.88 -35.30
CA ASP E 663 24.89 -7.69 -36.29
C ASP E 663 25.50 -9.00 -36.76
N MET E 664 25.17 -10.08 -36.07
CA MET E 664 25.76 -11.37 -36.40
C MET E 664 25.15 -11.92 -37.68
N THR E 665 25.95 -12.71 -38.36
CA THR E 665 25.68 -13.09 -39.72
C THR E 665 26.06 -14.56 -39.89
N TYR E 666 25.21 -15.29 -40.62
CA TYR E 666 25.53 -16.66 -41.02
C TYR E 666 26.75 -16.70 -41.95
N LYS E 667 27.61 -17.70 -41.75
CA LYS E 667 28.72 -17.98 -42.67
C LYS E 667 28.75 -19.51 -42.88
N VAL E 668 29.18 -19.97 -44.06
CA VAL E 668 29.33 -21.41 -44.24
C VAL E 668 30.44 -21.92 -43.31
N PRO E 669 30.07 -22.88 -42.46
CA PRO E 669 30.98 -23.46 -41.46
C PRO E 669 32.24 -24.15 -42.02
N GLY F 28 29.34 -45.66 53.54
CA GLY F 28 28.71 -46.61 52.56
C GLY F 28 27.19 -46.77 52.71
N PRO F 29 26.49 -47.28 51.69
CA PRO F 29 25.04 -47.54 51.78
C PRO F 29 24.66 -48.62 52.80
N THR F 30 23.50 -48.45 53.44
CA THR F 30 22.92 -49.43 54.38
C THR F 30 21.42 -49.52 54.07
N LYS F 31 20.72 -50.50 54.67
CA LYS F 31 19.28 -50.67 54.42
C LYS F 31 18.49 -49.62 55.19
N ALA F 32 17.55 -48.95 54.51
CA ALA F 32 16.71 -47.96 55.15
C ALA F 32 15.91 -48.59 56.31
N PRO F 33 15.81 -47.88 57.43
CA PRO F 33 15.01 -48.36 58.57
C PRO F 33 13.53 -48.06 58.38
N THR F 34 13.19 -47.32 57.32
CA THR F 34 11.84 -46.85 57.06
C THR F 34 10.82 -47.98 57.14
N LYS F 35 9.67 -47.71 57.74
CA LYS F 35 8.63 -48.71 57.93
C LYS F 35 7.63 -48.75 56.79
N ASP F 36 7.17 -49.97 56.46
CA ASP F 36 6.11 -50.17 55.49
C ASP F 36 4.96 -49.23 55.72
N GLY F 37 4.37 -48.69 54.67
CA GLY F 37 3.25 -47.78 54.84
C GLY F 37 3.60 -46.31 54.99
N THR F 38 4.90 -45.99 54.96
CA THR F 38 5.34 -44.60 54.98
C THR F 38 5.00 -43.95 53.66
N SER F 39 4.31 -42.80 53.73
CA SER F 39 3.88 -42.07 52.54
C SER F 39 5.09 -41.46 51.80
N TYR F 40 4.97 -41.29 50.49
CA TYR F 40 6.05 -40.71 49.70
C TYR F 40 6.21 -39.25 50.07
N LYS F 41 5.11 -38.63 50.50
CA LYS F 41 5.21 -37.28 51.03
C LYS F 41 6.16 -37.21 52.27
N ASP F 42 6.06 -38.17 53.19
CA ASP F 42 6.91 -38.17 54.40
C ASP F 42 8.35 -38.50 54.07
N LEU F 43 8.54 -39.40 53.11
CA LEU F 43 9.87 -39.71 52.61
C LEU F 43 10.47 -38.47 51.93
N PHE F 44 9.67 -37.78 51.12
CA PHE F 44 10.14 -36.51 50.59
C PHE F 44 10.54 -35.52 51.70
N LEU F 45 9.68 -35.34 52.69
CA LEU F 45 10.03 -34.44 53.81
C LEU F 45 11.28 -34.85 54.56
N GLU F 46 11.46 -36.17 54.75
CA GLU F 46 12.70 -36.66 55.34
C GLU F 46 13.93 -36.24 54.55
N LEU F 47 14.01 -36.61 53.26
CA LEU F 47 15.14 -36.29 52.39
C LEU F 47 15.35 -34.77 52.28
N TYR F 48 14.26 -34.03 52.09
CA TYR F 48 14.38 -32.57 52.06
C TYR F 48 15.13 -32.06 53.29
N GLY F 49 14.69 -32.51 54.47
CA GLY F 49 15.26 -32.05 55.73
C GLY F 49 16.74 -32.34 55.75
N LYS F 50 17.11 -33.52 55.25
CA LYS F 50 18.51 -33.92 55.26
C LYS F 50 19.39 -33.13 54.27
N ILE F 51 18.86 -32.79 53.08
CA ILE F 51 19.58 -31.95 52.12
C ILE F 51 19.79 -30.52 52.64
N LYS F 52 18.81 -30.03 53.39
CA LYS F 52 18.80 -28.64 53.81
C LYS F 52 19.43 -28.41 55.17
N ASP F 53 19.84 -29.50 55.83
CA ASP F 53 20.41 -29.46 57.18
C ASP F 53 21.87 -29.03 57.11
N PRO F 54 22.20 -27.87 57.71
CA PRO F 54 23.55 -27.27 57.64
C PRO F 54 24.67 -28.20 58.08
N LYS F 55 24.39 -29.18 58.94
CA LYS F 55 25.44 -30.10 59.40
C LYS F 55 25.85 -31.07 58.29
N ASN F 56 24.95 -31.32 57.33
CA ASN F 56 25.29 -32.21 56.22
C ASN F 56 26.23 -31.61 55.18
N GLY F 57 26.30 -30.28 55.08
CA GLY F 57 27.28 -29.60 54.22
C GLY F 57 27.09 -29.69 52.69
N TYR F 58 25.82 -29.75 52.27
CA TYR F 58 25.47 -29.69 50.86
C TYR F 58 25.59 -28.26 50.30
N PHE F 59 25.45 -27.27 51.16
CA PHE F 59 25.50 -25.87 50.75
C PHE F 59 26.71 -25.18 51.43
N SER F 60 27.25 -24.15 50.77
CA SER F 60 28.40 -23.44 51.32
C SER F 60 27.96 -22.72 52.61
N PRO F 61 28.84 -22.73 53.62
CA PRO F 61 28.50 -22.18 54.93
C PRO F 61 28.26 -20.68 54.81
N ASP F 62 29.11 -20.00 54.05
CA ASP F 62 29.10 -18.55 53.96
C ASP F 62 28.01 -17.99 53.05
N GLU F 63 27.45 -18.79 52.12
CA GLU F 63 26.53 -18.21 51.13
C GLU F 63 25.24 -18.98 50.90
N GLY F 64 25.20 -20.25 51.29
CA GLY F 64 24.09 -21.10 50.92
C GLY F 64 24.10 -21.51 49.44
N ILE F 65 25.27 -21.58 48.82
CA ILE F 65 25.36 -22.07 47.44
C ILE F 65 25.50 -23.58 47.50
N PRO F 66 24.69 -24.32 46.73
CA PRO F 66 24.79 -25.77 46.68
C PRO F 66 26.06 -26.24 45.98
N TYR F 67 26.80 -27.14 46.62
CA TYR F 67 27.98 -27.70 45.95
C TYR F 67 27.52 -28.79 44.99
N HIS F 68 28.34 -29.09 44.00
CA HIS F 68 28.10 -30.28 43.18
C HIS F 68 27.88 -31.49 44.08
N SER F 69 28.72 -31.63 45.10
CA SER F 69 28.59 -32.71 46.06
C SER F 69 29.31 -32.39 47.35
N ILE F 70 28.89 -33.03 48.43
CA ILE F 70 29.55 -32.92 49.73
C ILE F 70 31.03 -33.19 49.60
N GLU F 71 31.36 -34.33 49.00
CA GLU F 71 32.75 -34.78 48.83
C GLU F 71 33.52 -33.84 47.88
N THR F 72 34.83 -33.67 48.09
CA THR F 72 35.56 -32.72 47.27
C THR F 72 36.19 -33.39 46.05
N LEU F 73 36.64 -34.63 46.23
CA LEU F 73 37.31 -35.37 45.16
C LEU F 73 36.35 -36.15 44.26
N ILE F 74 36.06 -35.55 43.11
CA ILE F 74 35.12 -36.14 42.18
C ILE F 74 35.43 -35.51 40.84
N VAL F 75 35.52 -36.35 39.82
CA VAL F 75 35.76 -35.83 38.49
C VAL F 75 34.74 -36.46 37.55
N GLU F 76 33.97 -35.60 36.90
CA GLU F 76 33.02 -35.95 35.85
C GLU F 76 32.93 -34.62 35.11
N ALA F 77 31.77 -34.11 34.73
CA ALA F 77 31.73 -32.77 34.12
C ALA F 77 32.48 -31.64 34.93
N PRO F 78 32.12 -31.37 36.20
CA PRO F 78 33.01 -30.58 37.06
C PRO F 78 34.19 -31.46 37.52
N ASP F 79 35.33 -30.87 37.85
CA ASP F 79 36.47 -31.71 38.22
C ASP F 79 36.86 -31.60 39.69
N TYR F 80 35.99 -30.94 40.44
CA TYR F 80 36.18 -30.72 41.86
C TYR F 80 34.78 -30.51 42.47
N GLY F 81 34.51 -31.21 43.58
CA GLY F 81 33.19 -31.31 44.15
C GLY F 81 32.66 -30.08 44.82
N HIS F 82 33.53 -29.16 45.23
CA HIS F 82 33.05 -27.91 45.78
C HIS F 82 33.05 -26.75 44.78
N VAL F 83 33.06 -27.04 43.48
CA VAL F 83 32.56 -26.05 42.54
C VAL F 83 31.03 -26.06 42.68
N THR F 84 30.41 -25.05 42.11
CA THR F 84 28.98 -25.09 41.88
C THR F 84 28.74 -24.97 40.37
N THR F 85 27.54 -25.38 39.95
CA THR F 85 27.16 -25.29 38.55
C THR F 85 25.77 -24.70 38.47
N SER F 86 25.43 -24.19 37.29
CA SER F 86 24.07 -23.74 37.05
C SER F 86 23.07 -24.93 37.19
N GLU F 87 23.55 -26.13 36.86
CA GLU F 87 22.80 -27.36 37.08
C GLU F 87 22.31 -27.48 38.55
N ALA F 88 23.25 -27.45 39.50
CA ALA F 88 22.91 -27.53 40.93
C ALA F 88 21.89 -26.47 41.35
N PHE F 89 22.07 -25.22 40.92
CA PHE F 89 21.07 -24.17 41.20
C PHE F 89 19.69 -24.52 40.68
N SER F 90 19.63 -25.14 39.50
CA SER F 90 18.33 -25.48 38.94
C SER F 90 17.69 -26.61 39.75
N TYR F 91 18.47 -27.57 40.23
CA TYR F 91 17.93 -28.58 41.15
C TYR F 91 17.51 -27.99 42.50
N TYR F 92 18.29 -27.02 42.98
CA TYR F 92 17.99 -26.36 44.24
C TYR F 92 16.60 -25.72 44.17
N VAL F 93 16.35 -24.90 43.14
CA VAL F 93 15.03 -24.34 42.89
C VAL F 93 13.93 -25.42 42.74
N TRP F 94 14.24 -26.51 42.00
CA TRP F 94 13.29 -27.61 41.84
C TRP F 94 12.90 -28.21 43.20
N LEU F 95 13.90 -28.52 44.01
CA LEU F 95 13.67 -29.02 45.38
C LEU F 95 12.68 -28.13 46.15
N GLU F 96 12.90 -26.81 46.11
CA GLU F 96 12.07 -25.87 46.85
C GLU F 96 10.68 -25.74 46.31
N ALA F 97 10.54 -25.86 44.98
CA ALA F 97 9.23 -25.86 44.37
C ALA F 97 8.42 -27.05 44.91
N MET F 98 9.02 -28.24 44.96
CA MET F 98 8.29 -29.40 45.43
C MET F 98 8.01 -29.24 46.93
N TYR F 99 8.95 -28.67 47.67
CA TYR F 99 8.75 -28.44 49.09
C TYR F 99 7.52 -27.54 49.32
N GLY F 100 7.42 -26.45 48.56
CA GLY F 100 6.28 -25.56 48.67
C GLY F 100 4.97 -26.29 48.34
N ASN F 101 5.02 -27.11 47.31
CA ASN F 101 3.88 -27.91 46.91
C ASN F 101 3.35 -28.72 48.09
N LEU F 102 4.25 -29.31 48.87
CA LEU F 102 3.83 -30.37 49.80
C LEU F 102 3.62 -29.85 51.21
N THR F 103 3.90 -28.57 51.39
CA THR F 103 4.01 -28.00 52.72
C THR F 103 3.29 -26.66 52.85
N GLY F 104 3.11 -25.96 51.73
CA GLY F 104 2.53 -24.63 51.73
C GLY F 104 3.50 -23.50 52.05
N ASN F 105 4.79 -23.80 52.22
CA ASN F 105 5.80 -22.78 52.60
C ASN F 105 6.73 -22.45 51.40
N TRP F 106 6.61 -21.21 50.90
CA TRP F 106 7.19 -20.81 49.60
C TRP F 106 8.49 -20.01 49.59
N SER F 107 8.98 -19.67 50.77
CA SER F 107 10.13 -18.79 50.90
C SER F 107 11.41 -19.42 50.36
N GLY F 108 11.50 -20.74 50.39
CA GLY F 108 12.64 -21.47 49.83
C GLY F 108 12.88 -21.16 48.36
N VAL F 109 11.80 -21.08 47.60
CA VAL F 109 11.85 -20.73 46.18
C VAL F 109 12.43 -19.33 45.98
N GLU F 110 11.95 -18.36 46.74
CA GLU F 110 12.53 -17.01 46.74
C GLU F 110 14.00 -17.00 47.16
N THR F 111 14.34 -17.75 48.21
CA THR F 111 15.74 -17.85 48.68
C THR F 111 16.61 -18.46 47.60
N ALA F 112 16.15 -19.55 46.99
CA ALA F 112 16.94 -20.26 45.97
C ALA F 112 17.29 -19.34 44.79
N TRP F 113 16.31 -18.57 44.33
CA TRP F 113 16.51 -17.66 43.22
C TRP F 113 17.38 -16.46 43.62
N LYS F 114 17.23 -15.99 44.86
CA LYS F 114 18.05 -14.88 45.31
C LYS F 114 19.53 -15.28 45.37
N VAL F 115 19.82 -16.48 45.86
CA VAL F 115 21.20 -16.97 45.86
C VAL F 115 21.73 -17.13 44.43
N MET F 116 20.90 -17.66 43.53
CA MET F 116 21.32 -17.76 42.13
C MET F 116 21.68 -16.40 41.53
N GLU F 117 20.78 -15.44 41.73
CA GLU F 117 21.00 -14.06 41.28
C GLU F 117 22.24 -13.39 41.87
N ASP F 118 22.47 -13.59 43.17
CA ASP F 118 23.62 -12.99 43.85
C ASP F 118 24.95 -13.57 43.38
N TRP F 119 24.96 -14.84 42.96
CA TRP F 119 26.24 -15.50 42.68
C TRP F 119 26.46 -15.95 41.24
N ILE F 120 25.55 -16.73 40.66
CA ILE F 120 25.91 -17.38 39.41
C ILE F 120 25.39 -16.67 38.13
N ILE F 121 24.51 -15.70 38.32
CA ILE F 121 24.08 -14.87 37.20
C ILE F 121 24.94 -13.63 37.22
N PRO F 122 25.83 -13.45 36.27
CA PRO F 122 26.63 -12.20 36.22
C PRO F 122 25.72 -10.97 36.20
N ASP F 123 25.98 -10.03 37.09
CA ASP F 123 25.14 -8.84 37.15
C ASP F 123 25.69 -7.73 36.23
N SER F 124 25.07 -6.53 36.25
CA SER F 124 25.51 -5.37 35.42
C SER F 124 27.00 -5.06 35.53
N THR F 125 27.47 -5.12 36.77
CA THR F 125 28.84 -4.82 37.14
C THR F 125 29.81 -5.82 36.55
N GLU F 126 29.33 -7.03 36.28
CA GLU F 126 30.20 -8.13 35.87
C GLU F 126 30.24 -8.35 34.36
N GLN F 127 29.55 -7.49 33.62
CA GLN F 127 29.55 -7.54 32.16
C GLN F 127 29.96 -6.21 31.53
N PRO F 128 31.12 -5.64 31.90
CA PRO F 128 31.48 -4.29 31.41
C PRO F 128 31.74 -4.28 29.91
N GLY F 129 31.14 -3.33 29.21
CA GLY F 129 31.28 -3.30 27.76
C GLY F 129 30.10 -3.81 26.94
N MET F 130 29.14 -4.50 27.56
CA MET F 130 28.04 -5.12 26.81
C MET F 130 27.31 -4.13 25.91
N SER F 131 27.10 -2.91 26.38
CA SER F 131 26.42 -1.93 25.56
C SER F 131 27.18 -1.57 24.25
N SER F 132 28.45 -1.95 24.18
CA SER F 132 29.24 -1.86 22.94
C SER F 132 29.04 -2.99 21.93
N TYR F 133 28.24 -3.99 22.29
CA TYR F 133 28.01 -5.13 21.42
C TYR F 133 27.45 -4.70 20.07
N ASN F 134 27.95 -5.29 18.99
CA ASN F 134 27.45 -4.99 17.63
C ASN F 134 26.78 -6.21 16.99
N PRO F 135 25.46 -6.20 16.92
CA PRO F 135 24.71 -7.34 16.37
C PRO F 135 25.11 -7.65 14.92
N ASN F 136 25.64 -6.67 14.20
CA ASN F 136 26.13 -6.93 12.85
C ASN F 136 27.58 -7.41 12.77
N SER F 137 28.23 -7.49 13.92
CA SER F 137 29.61 -8.01 14.00
C SER F 137 29.81 -8.66 15.37
N PRO F 138 29.13 -9.79 15.58
CA PRO F 138 28.87 -10.32 16.92
C PRO F 138 30.05 -10.99 17.56
N ALA F 139 30.92 -11.57 16.74
CA ALA F 139 32.14 -12.21 17.21
C ALA F 139 33.07 -12.41 16.03
N THR F 140 34.24 -12.96 16.32
CA THR F 140 35.23 -13.25 15.30
C THR F 140 35.38 -14.77 15.12
N TYR F 141 35.30 -15.23 13.87
CA TYR F 141 35.36 -16.64 13.57
C TYR F 141 36.64 -17.37 14.00
N ALA F 142 36.50 -18.60 14.49
CA ALA F 142 37.63 -19.49 14.73
C ALA F 142 37.22 -20.94 14.53
N ASP F 143 38.13 -21.76 14.04
CA ASP F 143 37.88 -23.20 13.88
C ASP F 143 37.75 -23.88 15.23
N GLU F 144 37.06 -25.02 15.22
CA GLU F 144 37.19 -26.04 16.27
C GLU F 144 38.04 -27.19 15.71
N TYR F 145 38.69 -27.96 16.58
CA TYR F 145 39.53 -29.05 16.10
C TYR F 145 39.35 -30.38 16.79
N GLU F 146 39.86 -31.43 16.13
CA GLU F 146 39.61 -32.83 16.50
C GLU F 146 40.39 -33.24 17.74
N ASP F 147 41.41 -32.46 18.09
CA ASP F 147 42.31 -32.81 19.20
C ASP F 147 42.76 -31.52 19.89
N PRO F 148 42.93 -31.55 21.23
CA PRO F 148 43.41 -30.36 21.96
C PRO F 148 44.78 -29.87 21.49
N SER F 149 45.60 -30.75 20.89
CA SER F 149 46.94 -30.34 20.53
C SER F 149 46.95 -29.30 19.40
N TYR F 150 45.82 -29.11 18.75
CA TYR F 150 45.67 -28.12 17.69
C TYR F 150 45.55 -26.70 18.28
N TYR F 151 45.07 -26.59 19.51
CA TYR F 151 44.83 -25.28 20.12
C TYR F 151 46.14 -24.62 20.62
N PRO F 152 46.23 -23.28 20.69
CA PRO F 152 45.12 -22.34 20.46
C PRO F 152 44.61 -22.37 19.04
N SER F 153 43.41 -21.85 18.86
CA SER F 153 42.83 -21.77 17.55
C SER F 153 42.74 -20.28 17.15
N GLU F 154 43.07 -20.01 15.90
CA GLU F 154 43.29 -18.64 15.46
C GLU F 154 42.02 -17.92 15.05
N LEU F 155 41.93 -16.69 15.52
CA LEU F 155 40.89 -15.79 15.08
C LEU F 155 41.11 -15.34 13.63
N LYS F 156 40.04 -15.42 12.83
CA LYS F 156 40.11 -15.13 11.39
C LYS F 156 39.32 -13.85 11.10
N PHE F 157 39.98 -12.70 11.26
CA PHE F 157 39.35 -11.38 11.23
C PHE F 157 38.79 -10.91 9.88
N ASP F 158 39.53 -11.08 8.78
CA ASP F 158 39.13 -10.47 7.50
C ASP F 158 38.65 -11.48 6.47
N THR F 159 38.98 -12.73 6.75
CA THR F 159 38.90 -13.84 5.81
C THR F 159 37.56 -14.57 5.98
N VAL F 160 36.92 -14.39 7.13
CA VAL F 160 35.66 -15.06 7.40
C VAL F 160 34.70 -14.04 7.97
N ARG F 161 33.65 -13.75 7.22
CA ARG F 161 32.59 -12.90 7.71
C ARG F 161 31.57 -13.76 8.48
N VAL F 162 31.16 -13.23 9.62
CA VAL F 162 30.25 -13.86 10.53
C VAL F 162 28.87 -13.29 10.26
N GLY F 163 27.81 -14.02 10.62
CA GLY F 163 26.46 -13.53 10.38
C GLY F 163 25.99 -12.54 11.42
N SER F 164 24.72 -12.12 11.32
CA SER F 164 24.07 -11.17 12.25
C SER F 164 23.18 -11.81 13.32
N ASP F 165 23.09 -11.11 14.46
CA ASP F 165 22.33 -11.53 15.60
C ASP F 165 20.99 -10.81 15.59
N PRO F 166 19.91 -11.54 15.29
CA PRO F 166 18.57 -10.96 15.11
C PRO F 166 17.71 -10.83 16.38
N VAL F 167 18.29 -11.12 17.53
CA VAL F 167 17.53 -11.25 18.76
C VAL F 167 18.03 -10.24 19.82
N HIS F 168 19.25 -9.75 19.62
CA HIS F 168 19.89 -8.87 20.63
C HIS F 168 19.13 -7.59 20.93
N ASN F 169 18.82 -6.78 19.92
CA ASN F 169 18.13 -5.51 20.14
C ASN F 169 16.73 -5.70 20.71
N ASP F 170 16.08 -6.79 20.30
CA ASP F 170 14.78 -7.15 20.86
C ASP F 170 14.86 -7.36 22.39
N LEU F 171 15.89 -8.06 22.84
CA LEU F 171 16.11 -8.26 24.27
C LEU F 171 16.50 -6.97 24.99
N VAL F 172 17.37 -6.18 24.35
CA VAL F 172 17.92 -4.94 24.92
C VAL F 172 16.77 -3.97 25.16
N SER F 173 15.88 -3.88 24.19
CA SER F 173 14.80 -2.93 24.32
C SER F 173 13.87 -3.33 25.49
N ALA F 174 13.82 -4.61 25.83
CA ALA F 174 13.05 -5.03 26.99
C ALA F 174 13.81 -4.95 28.33
N TYR F 175 15.12 -5.19 28.34
CA TYR F 175 15.86 -5.38 29.58
C TYR F 175 17.14 -4.56 29.79
N GLY F 176 17.56 -3.80 28.78
CA GLY F 176 18.84 -3.12 28.86
C GLY F 176 19.97 -3.95 28.27
N PRO F 177 21.22 -3.53 28.48
CA PRO F 177 22.35 -4.08 27.72
C PRO F 177 22.85 -5.49 28.12
N ASN F 178 22.47 -5.97 29.30
CA ASN F 178 23.10 -7.15 29.87
C ASN F 178 22.40 -8.49 29.63
N MET F 179 23.17 -9.58 29.70
CA MET F 179 22.60 -10.93 29.64
C MET F 179 22.08 -11.30 31.02
N TYR F 180 20.97 -12.03 31.02
CA TYR F 180 20.45 -12.61 32.26
C TYR F 180 20.45 -14.14 32.12
N LEU F 181 21.62 -14.72 32.23
CA LEU F 181 21.79 -16.16 32.15
C LEU F 181 22.78 -16.52 33.22
N MET F 182 22.86 -17.78 33.58
CA MET F 182 23.88 -18.19 34.52
C MET F 182 25.09 -18.73 33.82
N HIS F 183 26.25 -18.25 34.26
CA HIS F 183 27.49 -18.89 33.90
C HIS F 183 27.45 -20.31 34.47
N TRP F 184 27.98 -21.28 33.75
CA TRP F 184 27.74 -22.68 34.11
C TRP F 184 28.55 -23.17 35.32
N LEU F 185 29.71 -22.58 35.56
CA LEU F 185 30.68 -23.10 36.54
C LEU F 185 31.26 -22.06 37.49
N MET F 186 31.29 -22.36 38.78
CA MET F 186 31.81 -21.39 39.74
C MET F 186 32.56 -22.06 40.87
N ASP F 187 33.75 -21.54 41.15
CA ASP F 187 34.62 -22.06 42.18
C ASP F 187 34.23 -21.40 43.52
N VAL F 188 33.32 -22.05 44.28
CA VAL F 188 32.59 -21.42 45.38
C VAL F 188 33.46 -20.88 46.51
N ASP F 189 34.45 -21.67 46.93
CA ASP F 189 35.40 -21.22 47.98
C ASP F 189 36.81 -20.97 47.45
N ASN F 190 36.91 -20.66 46.15
CA ASN F 190 38.17 -20.30 45.54
C ASN F 190 39.26 -21.38 45.70
N TRP F 191 38.87 -22.64 45.61
CA TRP F 191 39.84 -23.75 45.68
C TRP F 191 40.97 -23.65 44.63
N TYR F 192 40.65 -23.18 43.43
CA TYR F 192 41.71 -23.02 42.43
C TYR F 192 42.59 -21.79 42.75
N GLY F 193 42.03 -20.80 43.44
CA GLY F 193 42.83 -19.69 43.94
C GLY F 193 42.88 -18.50 43.01
N PHE F 194 42.09 -18.53 41.92
CA PHE F 194 42.08 -17.45 40.94
C PHE F 194 41.53 -16.15 41.52
N GLY F 195 40.65 -16.24 42.50
CA GLY F 195 40.13 -15.05 43.15
C GLY F 195 40.89 -14.67 44.41
N THR F 196 40.37 -13.70 45.13
CA THR F 196 41.00 -13.28 46.37
C THR F 196 40.48 -14.09 47.54
N GLY F 197 41.38 -14.42 48.46
CA GLY F 197 41.00 -15.13 49.66
C GLY F 197 40.16 -16.37 49.40
N THR F 198 38.89 -16.26 49.71
CA THR F 198 38.03 -17.41 49.73
C THR F 198 36.75 -17.18 48.89
N ARG F 199 36.75 -16.11 48.09
CA ARG F 199 35.57 -15.63 47.36
C ARG F 199 35.15 -16.54 46.20
N ALA F 200 33.84 -16.73 46.03
CA ALA F 200 33.28 -17.49 44.92
C ALA F 200 33.72 -16.88 43.60
N THR F 201 34.26 -17.70 42.70
CA THR F 201 34.92 -17.19 41.50
C THR F 201 34.44 -17.93 40.25
N PHE F 202 34.06 -17.16 39.23
CA PHE F 202 33.66 -17.74 37.94
C PHE F 202 34.89 -18.34 37.30
N ILE F 203 34.79 -19.60 36.92
CA ILE F 203 35.87 -20.23 36.18
C ILE F 203 35.29 -20.93 34.96
N ASN F 204 36.18 -21.33 34.05
CA ASN F 204 35.86 -22.26 32.97
C ASN F 204 36.94 -23.33 32.80
N THR F 205 36.56 -24.40 32.11
CA THR F 205 37.48 -25.47 31.80
C THR F 205 37.44 -25.83 30.31
N PHE F 206 36.38 -26.50 29.85
CA PHE F 206 36.35 -26.96 28.45
C PHE F 206 36.50 -25.84 27.45
N GLN F 207 37.50 -25.95 26.59
CA GLN F 207 37.78 -24.94 25.58
C GLN F 207 38.42 -25.50 24.31
N ARG F 208 38.83 -26.76 24.31
CA ARG F 208 39.67 -27.26 23.26
C ARG F 208 39.06 -28.42 22.45
N GLY F 209 37.77 -28.29 22.15
CA GLY F 209 37.18 -29.14 21.14
C GLY F 209 36.71 -30.48 21.65
N GLU F 210 36.28 -31.33 20.72
CA GLU F 210 35.53 -32.53 21.05
C GLU F 210 36.33 -33.59 21.80
N GLN F 211 37.65 -33.59 21.66
CA GLN F 211 38.44 -34.57 22.40
C GLN F 211 39.06 -34.06 23.67
N GLU F 212 38.66 -32.87 24.13
CA GLU F 212 39.16 -32.42 25.43
C GLU F 212 38.26 -32.93 26.53
N SER F 213 38.58 -34.12 27.09
CA SER F 213 37.83 -34.67 28.23
C SER F 213 38.01 -33.81 29.48
N THR F 214 37.30 -34.13 30.57
CA THR F 214 37.43 -33.42 31.84
C THR F 214 38.85 -33.44 32.38
N TRP F 215 39.57 -34.48 32.00
CA TRP F 215 40.91 -34.75 32.51
C TRP F 215 41.98 -34.00 31.73
N GLU F 216 41.56 -33.36 30.64
CA GLU F 216 42.52 -32.73 29.71
C GLU F 216 42.35 -31.22 29.66
N THR F 217 41.54 -30.67 30.56
CA THR F 217 41.28 -29.23 30.60
C THR F 217 42.38 -28.50 31.36
N ILE F 218 42.44 -27.17 31.20
CA ILE F 218 43.23 -26.32 32.07
C ILE F 218 42.31 -25.28 32.69
N PRO F 219 41.92 -25.48 33.95
CA PRO F 219 40.94 -24.58 34.57
C PRO F 219 41.50 -23.17 34.57
N HIS F 220 40.64 -22.19 34.39
CA HIS F 220 41.08 -20.83 34.22
C HIS F 220 39.93 -19.88 34.56
N PRO F 221 40.24 -18.65 35.00
CA PRO F 221 39.22 -17.74 35.50
C PRO F 221 38.43 -17.09 34.36
N SER F 222 37.12 -16.88 34.55
CA SER F 222 36.30 -16.16 33.59
C SER F 222 36.70 -14.70 33.45
N ILE F 223 37.16 -14.10 34.54
CA ILE F 223 37.62 -12.72 34.55
C ILE F 223 39.13 -12.75 34.42
N GLU F 224 39.60 -12.53 33.20
CA GLU F 224 41.00 -12.72 32.89
C GLU F 224 41.78 -11.41 33.02
N GLU F 225 42.63 -11.33 34.04
CA GLU F 225 43.41 -10.12 34.29
C GLU F 225 44.91 -10.36 34.30
N PHE F 226 45.32 -11.50 33.79
CA PHE F 226 46.74 -11.83 33.60
C PHE F 226 47.47 -12.04 34.90
N LYS F 227 46.76 -12.19 36.01
CA LYS F 227 47.42 -12.41 37.30
C LYS F 227 48.04 -13.80 37.34
N TYR F 228 47.36 -14.78 36.76
CA TYR F 228 47.87 -16.14 36.80
C TYR F 228 48.06 -16.66 35.38
N GLY F 229 48.58 -17.88 35.25
CA GLY F 229 48.82 -18.46 33.95
C GLY F 229 50.14 -17.99 33.39
N GLY F 230 50.15 -17.66 32.10
CA GLY F 230 51.30 -17.06 31.43
C GLY F 230 51.18 -15.54 31.29
N PRO F 231 52.02 -14.94 30.43
CA PRO F 231 52.04 -13.46 30.28
C PRO F 231 50.72 -12.91 29.77
N ASN F 232 49.94 -13.76 29.08
CA ASN F 232 48.60 -13.37 28.64
C ASN F 232 47.52 -14.12 29.43
N GLY F 233 47.83 -14.45 30.68
CA GLY F 233 47.01 -15.36 31.47
C GLY F 233 46.83 -16.70 30.77
N PHE F 234 45.58 -17.08 30.58
CA PHE F 234 45.29 -18.33 29.90
C PHE F 234 44.87 -18.12 28.45
N LEU F 235 44.69 -16.86 28.05
CA LEU F 235 44.06 -16.60 26.75
C LEU F 235 44.65 -17.41 25.61
N ASP F 236 45.99 -17.43 25.51
CA ASP F 236 46.61 -18.00 24.33
C ASP F 236 46.84 -19.50 24.41
N LEU F 237 46.21 -20.17 25.36
CA LEU F 237 46.09 -21.64 25.30
C LEU F 237 44.94 -22.00 24.35
N PHE F 238 44.00 -21.09 24.17
CA PHE F 238 42.72 -21.44 23.59
C PHE F 238 42.46 -20.74 22.27
N THR F 239 42.72 -19.44 22.23
CA THR F 239 42.60 -18.76 20.95
C THR F 239 43.79 -17.88 20.68
N LYS F 240 44.24 -17.88 19.43
CA LYS F 240 45.36 -17.05 19.05
C LYS F 240 44.87 -15.74 18.43
N ASP F 241 45.38 -14.63 18.96
CA ASP F 241 44.91 -13.30 18.58
C ASP F 241 46.10 -12.46 18.13
N ARG F 242 45.79 -11.36 17.43
CA ARG F 242 46.80 -10.36 17.05
C ARG F 242 47.45 -9.72 18.28
N SER F 243 46.64 -9.35 19.27
CA SER F 243 47.16 -8.93 20.59
C SER F 243 46.25 -9.50 21.68
N TYR F 244 46.63 -9.35 22.94
CA TYR F 244 45.85 -9.89 24.06
C TYR F 244 45.47 -8.80 25.07
N ALA F 245 44.17 -8.64 25.28
CA ALA F 245 43.66 -7.65 26.22
C ALA F 245 42.93 -8.35 27.39
N LYS F 246 42.98 -7.78 28.59
CA LYS F 246 42.24 -8.31 29.71
C LYS F 246 40.77 -8.32 29.36
N GLN F 247 40.08 -9.36 29.81
CA GLN F 247 38.73 -9.57 29.35
C GLN F 247 37.96 -10.53 30.25
N TRP F 248 36.63 -10.50 30.11
CA TRP F 248 35.75 -11.40 30.82
C TRP F 248 34.97 -12.25 29.80
N ARG F 249 34.56 -13.44 30.22
CA ARG F 249 33.93 -14.40 29.33
C ARG F 249 32.99 -15.27 30.13
N TYR F 250 31.74 -15.37 29.71
CA TYR F 250 30.80 -16.32 30.34
C TYR F 250 30.20 -17.34 29.37
N THR F 251 29.74 -18.47 29.92
CA THR F 251 29.21 -19.58 29.11
C THR F 251 28.10 -20.28 29.87
N ASN F 252 26.92 -20.37 29.26
CA ASN F 252 25.78 -21.04 29.91
C ASN F 252 25.63 -22.49 29.47
N ALA F 253 24.79 -23.23 30.18
CA ALA F 253 24.45 -24.59 29.86
C ALA F 253 22.94 -24.54 29.99
N PRO F 254 22.27 -24.32 28.85
CA PRO F 254 20.85 -23.93 28.83
C PRO F 254 19.89 -24.96 29.44
N ASP F 255 20.36 -26.18 29.63
CA ASP F 255 19.52 -27.17 30.30
C ASP F 255 19.32 -26.79 31.76
N ALA F 256 20.28 -26.10 32.36
CA ALA F 256 20.12 -25.56 33.74
C ALA F 256 19.01 -24.51 33.82
N GLU F 257 19.05 -23.52 32.93
CA GLU F 257 18.04 -22.49 32.90
C GLU F 257 16.69 -23.15 32.61
N GLY F 258 16.69 -24.10 31.69
CA GLY F 258 15.44 -24.74 31.30
C GLY F 258 14.79 -25.43 32.49
N ARG F 259 15.58 -26.17 33.26
CA ARG F 259 15.10 -26.87 34.45
C ARG F 259 14.64 -25.89 35.55
N ALA F 260 15.38 -24.79 35.75
CA ALA F 260 14.98 -23.76 36.70
C ALA F 260 13.61 -23.16 36.34
N ILE F 261 13.40 -22.83 35.05
CA ILE F 261 12.11 -22.28 34.61
C ILE F 261 10.96 -23.30 34.73
N GLN F 262 11.27 -24.56 34.38
CA GLN F 262 10.36 -25.69 34.61
C GLN F 262 9.95 -25.74 36.09
N ALA F 263 10.93 -25.69 36.98
CA ALA F 263 10.63 -25.72 38.42
C ALA F 263 9.68 -24.59 38.82
N VAL F 264 9.95 -23.38 38.29
CA VAL F 264 9.17 -22.21 38.66
C VAL F 264 7.75 -22.25 38.09
N TYR F 265 7.53 -22.90 36.96
CA TYR F 265 6.17 -23.10 36.46
C TYR F 265 5.37 -23.88 37.51
N TRP F 266 5.95 -24.95 38.01
CA TRP F 266 5.31 -25.78 39.04
C TRP F 266 5.16 -25.02 40.36
N ALA F 267 6.16 -24.24 40.78
CA ALA F 267 6.00 -23.43 41.99
C ALA F 267 4.77 -22.54 41.85
N ASN F 268 4.67 -21.89 40.70
CA ASN F 268 3.53 -21.04 40.38
C ASN F 268 2.20 -21.82 40.25
N LYS F 269 2.19 -22.97 39.60
CA LYS F 269 0.96 -23.77 39.51
C LYS F 269 0.50 -24.16 40.92
N TRP F 270 1.44 -24.66 41.72
CA TRP F 270 1.12 -25.22 43.02
C TRP F 270 0.79 -24.12 44.04
N ALA F 271 1.52 -23.01 44.02
CA ALA F 271 1.24 -21.90 44.93
C ALA F 271 -0.20 -21.42 44.71
N LYS F 272 -0.60 -21.33 43.45
CA LYS F 272 -1.95 -20.93 43.12
C LYS F 272 -3.03 -21.87 43.57
N GLU F 273 -2.75 -23.16 43.49
CA GLU F 273 -3.73 -24.15 43.93
C GLU F 273 -4.02 -23.97 45.43
N GLN F 274 -3.03 -23.45 46.16
CA GLN F 274 -3.11 -23.26 47.61
C GLN F 274 -3.62 -21.88 47.94
N GLY F 275 -4.05 -21.14 46.93
CA GLY F 275 -4.48 -19.76 47.13
C GLY F 275 -3.35 -18.81 47.50
N LYS F 276 -2.11 -19.22 47.29
CA LYS F 276 -0.96 -18.38 47.62
C LYS F 276 -0.22 -18.02 46.33
N GLY F 277 -1.02 -17.76 45.30
CA GLY F 277 -0.46 -17.55 43.98
C GLY F 277 0.30 -16.26 43.76
N SER F 278 0.95 -15.74 44.81
CA SER F 278 1.78 -14.56 44.67
C SER F 278 3.00 -14.65 45.54
N ALA F 279 3.22 -15.80 46.17
CA ALA F 279 4.42 -15.97 46.99
C ALA F 279 5.69 -16.09 46.14
N VAL F 280 5.50 -16.46 44.86
CA VAL F 280 6.61 -16.65 43.95
C VAL F 280 6.56 -15.69 42.75
N ALA F 281 5.70 -14.69 42.82
CA ALA F 281 5.41 -13.84 41.66
C ALA F 281 6.67 -13.20 41.05
N SER F 282 7.57 -12.71 41.89
CA SER F 282 8.75 -12.03 41.39
C SER F 282 9.81 -13.01 40.83
N VAL F 283 9.88 -14.23 41.40
CA VAL F 283 10.65 -15.33 40.83
C VAL F 283 10.12 -15.68 39.43
N VAL F 284 8.79 -15.74 39.29
CA VAL F 284 8.13 -15.99 38.01
C VAL F 284 8.51 -14.93 36.95
N SER F 285 8.47 -13.65 37.31
CA SER F 285 8.85 -12.58 36.39
C SER F 285 10.34 -12.74 35.95
N LYS F 286 11.22 -13.10 36.89
CA LYS F 286 12.64 -13.38 36.54
C LYS F 286 12.86 -14.63 35.70
N ALA F 287 12.15 -15.71 36.02
CA ALA F 287 12.22 -16.93 35.24
C ALA F 287 11.77 -16.62 33.78
N ALA F 288 10.76 -15.77 33.66
CA ALA F 288 10.27 -15.37 32.36
C ALA F 288 11.34 -14.65 31.55
N LYS F 289 12.09 -13.78 32.22
CA LYS F 289 13.17 -13.05 31.57
C LYS F 289 14.32 -14.01 31.21
N MET F 290 14.70 -14.86 32.15
CA MET F 290 15.72 -15.85 31.89
C MET F 290 15.35 -16.65 30.61
N GLY F 291 14.08 -17.08 30.51
CA GLY F 291 13.58 -17.77 29.33
C GLY F 291 13.75 -17.01 28.03
N ASP F 292 13.53 -15.69 28.07
CA ASP F 292 13.66 -14.84 26.90
C ASP F 292 15.10 -14.88 26.44
N PHE F 293 16.01 -14.77 27.40
CA PHE F 293 17.44 -14.77 27.10
C PHE F 293 17.98 -16.05 26.50
N LEU F 294 17.31 -17.17 26.80
CA LEU F 294 17.62 -18.46 26.21
C LEU F 294 17.44 -18.52 24.71
N ARG F 295 16.72 -17.53 24.15
CA ARG F 295 16.68 -17.41 22.69
C ARG F 295 18.10 -17.35 22.12
N ASN F 296 19.07 -16.85 22.91
CA ASN F 296 20.47 -16.80 22.47
C ASN F 296 21.07 -18.19 22.18
N ASP F 297 20.56 -19.22 22.83
CA ASP F 297 21.02 -20.61 22.58
C ASP F 297 20.43 -21.25 21.35
N MET F 298 19.63 -20.51 20.59
CA MET F 298 18.87 -21.04 19.44
C MET F 298 19.59 -20.79 18.11
N PHE F 299 20.81 -20.25 18.17
CA PHE F 299 21.52 -19.80 16.98
C PHE F 299 22.84 -20.52 16.72
N ASP F 300 23.15 -20.69 15.44
CA ASP F 300 24.45 -21.17 15.01
C ASP F 300 25.56 -20.38 15.71
N LYS F 301 26.65 -21.05 16.05
CA LYS F 301 27.80 -20.41 16.72
C LYS F 301 28.13 -19.00 16.16
N TYR F 302 28.37 -18.92 14.84
CA TYR F 302 28.77 -17.67 14.20
C TYR F 302 27.69 -17.11 13.29
N PHE F 303 26.43 -17.38 13.63
CA PHE F 303 25.29 -16.89 12.85
C PHE F 303 25.43 -17.21 11.38
N MET F 304 25.94 -18.42 11.11
CA MET F 304 26.01 -18.91 9.74
C MET F 304 24.65 -19.50 9.38
N LYS F 305 24.30 -19.48 8.10
CA LYS F 305 23.02 -19.98 7.63
C LYS F 305 22.83 -21.47 7.95
N ILE F 306 21.64 -21.83 8.43
CA ILE F 306 21.36 -23.22 8.74
C ILE F 306 21.36 -23.98 7.43
N GLY F 307 22.13 -25.06 7.36
CA GLY F 307 22.23 -25.87 6.17
C GLY F 307 23.24 -25.38 5.15
N ALA F 308 23.97 -24.30 5.43
CA ALA F 308 24.94 -23.79 4.47
C ALA F 308 26.05 -24.79 4.14
N GLN F 309 26.47 -25.61 5.10
CA GLN F 309 27.57 -26.57 4.86
C GLN F 309 28.80 -25.81 4.38
N ASP F 310 28.80 -24.51 4.67
CA ASP F 310 30.00 -23.73 4.83
C ASP F 310 29.85 -22.40 5.50
N LYS F 311 30.83 -21.52 5.37
CA LYS F 311 30.84 -20.29 6.15
C LYS F 311 30.03 -19.20 5.46
N THR F 312 28.74 -19.47 5.31
CA THR F 312 27.81 -18.51 4.76
C THR F 312 27.09 -17.75 5.87
N PRO F 313 27.38 -16.46 6.02
CA PRO F 313 26.75 -15.63 7.06
C PRO F 313 25.26 -15.46 6.76
N ALA F 314 24.43 -15.43 7.81
CA ALA F 314 22.98 -15.24 7.66
C ALA F 314 22.65 -13.83 8.15
N THR F 315 21.47 -13.32 7.82
CA THR F 315 21.02 -12.04 8.38
C THR F 315 19.81 -12.02 9.30
N GLY F 316 18.87 -12.94 9.18
CA GLY F 316 17.69 -12.73 10.05
C GLY F 316 17.65 -13.93 10.99
N TYR F 317 16.57 -14.69 10.91
CA TYR F 317 16.49 -15.97 11.61
C TYR F 317 17.03 -17.16 10.80
N ASP F 318 17.70 -16.87 9.69
CA ASP F 318 18.30 -17.91 8.83
C ASP F 318 19.38 -18.71 9.54
N SER F 319 19.94 -18.16 10.61
CA SER F 319 20.92 -18.91 11.42
C SER F 319 20.29 -19.53 12.70
N ALA F 320 18.98 -19.45 12.82
CA ALA F 320 18.25 -20.05 13.96
C ALA F 320 17.92 -21.52 13.72
N HIS F 321 18.48 -22.40 14.54
CA HIS F 321 18.05 -23.81 14.54
C HIS F 321 16.87 -24.03 15.48
N TYR F 322 16.65 -23.08 16.39
CA TYR F 322 15.51 -23.12 17.32
C TYR F 322 15.57 -24.29 18.34
N LEU F 323 16.77 -24.85 18.52
CA LEU F 323 17.02 -25.86 19.55
C LEU F 323 17.81 -25.24 20.70
N MET F 324 17.83 -25.88 21.86
CA MET F 324 18.81 -25.46 22.85
C MET F 324 20.16 -26.09 22.48
N ALA F 325 21.05 -25.29 21.89
CA ALA F 325 22.38 -25.78 21.56
C ALA F 325 23.21 -25.93 22.84
N TRP F 326 24.43 -26.43 22.70
CA TRP F 326 25.24 -26.72 23.88
C TRP F 326 25.50 -25.53 24.81
N TYR F 327 25.67 -24.32 24.27
CA TYR F 327 25.93 -23.12 25.04
C TYR F 327 25.58 -21.86 24.24
N THR F 328 25.49 -20.74 24.97
CA THR F 328 25.84 -19.41 24.44
C THR F 328 27.05 -18.94 25.24
N ALA F 329 27.94 -18.23 24.56
CA ALA F 329 29.06 -17.58 25.23
C ALA F 329 29.07 -16.11 24.88
N TRP F 330 29.47 -15.28 25.84
CA TRP F 330 29.60 -13.87 25.60
C TRP F 330 30.68 -13.30 26.51
N GLY F 331 31.24 -12.16 26.09
CA GLY F 331 32.39 -11.59 26.75
C GLY F 331 32.67 -10.18 26.29
N GLY F 332 33.63 -9.53 26.95
CA GLY F 332 34.09 -8.21 26.57
C GLY F 332 35.38 -7.79 27.23
N GLY F 333 35.81 -6.56 26.97
CA GLY F 333 37.06 -6.04 27.50
C GLY F 333 36.88 -5.61 28.94
N ILE F 334 37.94 -5.67 29.71
CA ILE F 334 37.92 -5.06 31.03
C ILE F 334 38.42 -3.60 30.93
N GLY F 335 39.60 -3.42 30.35
CA GLY F 335 40.12 -2.06 30.17
C GLY F 335 39.41 -1.18 29.12
N ALA F 336 39.04 -1.76 28.00
CA ALA F 336 38.52 -0.98 26.88
C ALA F 336 37.11 -1.50 26.63
N SER F 337 36.36 -0.80 25.79
CA SER F 337 34.95 -1.12 25.61
C SER F 337 34.68 -1.87 24.31
N TRP F 338 34.47 -3.18 24.43
CA TRP F 338 34.08 -4.04 23.29
C TRP F 338 33.39 -5.30 23.82
N ALA F 339 32.60 -5.95 22.97
CA ALA F 339 31.88 -7.14 23.39
C ALA F 339 31.52 -8.07 22.24
N TRP F 340 31.36 -9.34 22.56
CA TRP F 340 31.08 -10.35 21.56
C TRP F 340 30.13 -11.39 22.13
N LYS F 341 29.50 -12.11 21.22
CA LYS F 341 28.59 -13.19 21.56
C LYS F 341 28.65 -14.27 20.49
N ILE F 342 28.59 -15.52 20.94
CA ILE F 342 28.45 -16.69 20.05
C ILE F 342 27.28 -17.57 20.54
N GLY F 343 26.55 -18.19 19.60
CA GLY F 343 25.65 -19.29 19.90
C GLY F 343 26.45 -20.59 19.91
N CYS F 344 25.84 -21.69 19.44
CA CYS F 344 26.56 -22.94 19.25
C CYS F 344 25.85 -23.71 18.13
N SER F 345 26.62 -24.39 17.31
CA SER F 345 26.05 -25.05 16.14
C SER F 345 25.61 -26.48 16.47
N HIS F 346 25.97 -26.96 17.67
CA HIS F 346 25.72 -28.36 18.06
C HIS F 346 24.59 -28.46 19.08
N ALA F 347 23.66 -29.39 18.85
CA ALA F 347 22.53 -29.58 19.74
C ALA F 347 22.36 -31.05 20.12
N HIS F 348 22.15 -31.30 21.41
CA HIS F 348 22.04 -32.64 21.98
C HIS F 348 20.58 -32.78 22.48
N PHE F 349 19.94 -33.91 22.21
CA PHE F 349 18.54 -34.07 22.61
C PHE F 349 18.40 -33.89 24.12
N GLY F 350 19.45 -34.26 24.85
CA GLY F 350 19.46 -34.19 26.31
C GLY F 350 19.47 -32.79 26.88
N TYR F 351 19.69 -31.79 26.02
CA TYR F 351 19.66 -30.40 26.46
C TYR F 351 18.33 -29.75 26.14
N GLN F 352 17.45 -30.47 25.44
CA GLN F 352 16.18 -29.88 25.05
C GLN F 352 15.25 -29.78 26.26
N ASN F 353 14.33 -28.81 26.21
CA ASN F 353 13.29 -28.74 27.24
C ASN F 353 12.01 -28.15 26.65
N PRO F 354 11.28 -28.97 25.91
CA PRO F 354 10.07 -28.50 25.24
C PRO F 354 9.03 -28.06 26.26
N PHE F 355 9.14 -28.57 27.48
CA PHE F 355 8.23 -28.16 28.52
C PHE F 355 8.50 -26.70 28.87
N GLN F 356 9.75 -26.35 29.13
CA GLN F 356 10.06 -24.95 29.40
C GLN F 356 9.70 -24.12 28.20
N GLY F 357 9.99 -24.66 27.02
CA GLY F 357 9.68 -23.95 25.78
C GLY F 357 8.22 -23.59 25.71
N TRP F 358 7.39 -24.57 26.06
CA TRP F 358 5.97 -24.40 25.99
C TRP F 358 5.48 -23.39 27.03
N VAL F 359 6.10 -23.38 28.21
CA VAL F 359 5.78 -22.42 29.25
C VAL F 359 6.04 -21.00 28.75
N SER F 360 7.26 -20.76 28.25
CA SER F 360 7.62 -19.49 27.66
C SER F 360 6.67 -19.11 26.50
N ALA F 361 6.27 -20.08 25.69
CA ALA F 361 5.49 -19.74 24.51
C ALA F 361 4.02 -19.44 24.82
N THR F 362 3.45 -20.10 25.84
CA THR F 362 1.99 -20.08 25.98
C THR F 362 1.49 -19.55 27.31
N GLN F 363 2.32 -19.63 28.34
CA GLN F 363 1.82 -19.25 29.66
C GLN F 363 1.89 -17.76 29.89
N SER F 364 0.72 -17.15 30.11
CA SER F 364 0.60 -15.74 30.41
C SER F 364 1.63 -15.21 31.43
N ASP F 365 1.80 -15.87 32.59
CA ASP F 365 2.75 -15.39 33.61
C ASP F 365 4.21 -15.47 33.19
N PHE F 366 4.52 -16.32 32.21
CA PHE F 366 5.90 -16.44 31.72
C PHE F 366 6.12 -15.77 30.35
N ALA F 367 5.15 -14.97 29.92
CA ALA F 367 5.25 -14.32 28.61
C ALA F 367 6.50 -13.46 28.62
N PRO F 368 7.32 -13.61 27.60
CA PRO F 368 8.45 -12.69 27.37
C PRO F 368 8.06 -11.22 27.39
N LYS F 369 8.89 -10.40 28.02
CA LYS F 369 8.74 -8.94 27.96
C LYS F 369 9.14 -8.36 26.59
N SER F 370 9.99 -9.06 25.85
CA SER F 370 10.39 -8.61 24.52
C SER F 370 9.25 -8.84 23.56
N SER F 371 9.29 -8.15 22.44
CA SER F 371 8.20 -8.27 21.46
C SER F 371 8.23 -9.54 20.60
N ASN F 372 9.39 -10.18 20.45
CA ASN F 372 9.44 -11.42 19.63
C ASN F 372 9.64 -12.73 20.39
N GLY F 373 9.74 -12.65 21.71
CA GLY F 373 10.02 -13.80 22.54
C GLY F 373 8.97 -14.87 22.49
N LYS F 374 7.70 -14.47 22.68
CA LYS F 374 6.59 -15.41 22.59
C LYS F 374 6.58 -16.17 21.25
N ARG F 375 6.67 -15.41 20.16
CA ARG F 375 6.77 -16.01 18.82
C ARG F 375 7.96 -16.95 18.67
N ASP F 376 9.18 -16.49 18.91
CA ASP F 376 10.36 -17.38 18.84
C ASP F 376 10.19 -18.66 19.65
N TRP F 377 9.63 -18.55 20.86
CA TRP F 377 9.47 -19.74 21.70
C TRP F 377 8.42 -20.70 21.17
N THR F 378 7.36 -20.16 20.58
CA THR F 378 6.36 -21.00 19.95
C THR F 378 6.95 -21.88 18.85
N THR F 379 7.86 -21.29 18.06
CA THR F 379 8.54 -22.05 17.00
C THR F 379 9.44 -23.12 17.62
N SER F 380 10.18 -22.70 18.65
CA SER F 380 11.23 -23.53 19.26
C SER F 380 10.66 -24.80 19.94
N TYR F 381 9.71 -24.66 20.86
CA TYR F 381 9.22 -25.84 21.57
C TYR F 381 8.70 -26.87 20.60
N LYS F 382 8.09 -26.42 19.50
CA LYS F 382 7.63 -27.37 18.46
C LYS F 382 8.77 -28.04 17.67
N ARG F 383 9.80 -27.27 17.37
CA ARG F 383 10.96 -27.78 16.69
C ARG F 383 11.63 -28.82 17.58
N GLN F 384 11.68 -28.56 18.89
CA GLN F 384 12.32 -29.49 19.83
C GLN F 384 11.58 -30.82 19.91
N LEU F 385 10.25 -30.76 19.91
CA LEU F 385 9.43 -31.97 19.89
C LEU F 385 9.74 -32.83 18.68
N GLU F 386 9.84 -32.21 17.50
CA GLU F 386 10.19 -32.95 16.29
C GLU F 386 11.58 -33.59 16.36
N PHE F 387 12.51 -32.87 16.98
CA PHE F 387 13.90 -33.32 17.17
C PHE F 387 13.89 -34.68 17.93
N TYR F 388 13.11 -34.78 19.00
CA TYR F 388 13.05 -36.04 19.75
C TYR F 388 12.52 -37.14 18.85
N GLN F 389 11.48 -36.84 18.07
CA GLN F 389 10.84 -37.87 17.26
C GLN F 389 11.81 -38.35 16.19
N TRP F 390 12.52 -37.40 15.58
CA TRP F 390 13.55 -37.70 14.59
C TRP F 390 14.64 -38.59 15.17
N LEU F 391 14.96 -38.37 16.44
CA LEU F 391 16.13 -39.04 17.04
C LEU F 391 15.82 -40.39 17.69
N GLN F 392 14.59 -40.84 17.58
CA GLN F 392 14.18 -42.06 18.26
C GLN F 392 14.64 -43.32 17.53
N SER F 393 15.54 -44.08 18.16
CA SER F 393 16.05 -45.33 17.59
C SER F 393 14.95 -46.35 17.37
N ALA F 394 15.30 -47.44 16.68
CA ALA F 394 14.36 -48.52 16.41
C ALA F 394 13.89 -49.12 17.73
N GLU F 395 14.76 -49.15 18.73
CA GLU F 395 14.43 -49.74 20.03
C GLU F 395 13.63 -48.77 20.89
N GLY F 396 13.88 -47.46 20.73
CA GLY F 396 13.11 -46.48 21.47
C GLY F 396 13.88 -45.36 22.17
N GLY F 397 15.11 -45.62 22.56
CA GLY F 397 15.97 -44.60 23.11
C GLY F 397 16.24 -43.49 22.11
N ILE F 398 16.54 -42.30 22.65
CA ILE F 398 16.74 -41.10 21.85
C ILE F 398 18.21 -40.88 21.55
N ALA F 399 18.53 -40.78 20.26
CA ALA F 399 19.91 -40.63 19.79
C ALA F 399 20.42 -39.21 20.00
N GLY F 400 21.72 -38.98 19.79
CA GLY F 400 22.41 -37.82 20.31
C GLY F 400 21.94 -36.42 19.90
N GLY F 401 22.05 -36.12 18.61
CA GLY F 401 21.64 -34.80 18.15
C GLY F 401 22.10 -34.48 16.72
N ALA F 402 22.53 -33.24 16.54
CA ALA F 402 22.81 -32.74 15.20
C ALA F 402 23.68 -31.48 15.28
N THR F 403 24.27 -31.12 14.16
CA THR F 403 25.12 -29.94 14.08
C THR F 403 24.91 -29.16 12.79
N ASN F 404 25.12 -27.84 12.86
CA ASN F 404 25.17 -27.01 11.66
C ASN F 404 26.58 -26.66 11.20
N SER F 405 27.57 -27.24 11.88
CA SER F 405 28.95 -26.94 11.55
C SER F 405 29.74 -28.22 11.62
N TRP F 406 29.80 -28.96 10.51
CA TRP F 406 30.46 -30.27 10.56
C TRP F 406 31.94 -30.12 10.96
N ASN F 407 32.39 -30.96 11.88
CA ASN F 407 33.73 -30.81 12.47
C ASN F 407 34.06 -29.43 13.08
N GLY F 408 33.04 -28.64 13.38
CA GLY F 408 33.25 -27.33 13.97
C GLY F 408 33.92 -26.33 13.04
N ARG F 409 33.88 -26.61 11.74
CA ARG F 409 34.50 -25.75 10.74
C ARG F 409 33.63 -25.60 9.49
N TYR F 410 32.33 -25.83 9.63
CA TYR F 410 31.41 -25.70 8.52
C TYR F 410 31.86 -26.48 7.30
N GLU F 411 32.28 -27.72 7.54
CA GLU F 411 32.61 -28.60 6.43
C GLU F 411 31.32 -29.13 5.76
N LYS F 412 31.47 -29.58 4.53
CA LYS F 412 30.45 -30.36 3.83
C LYS F 412 30.11 -31.64 4.64
N TYR F 413 28.83 -31.98 4.67
CA TYR F 413 28.47 -33.20 5.37
C TYR F 413 29.02 -34.40 4.58
N PRO F 414 29.60 -35.37 5.26
CA PRO F 414 30.05 -36.58 4.56
C PRO F 414 28.90 -37.17 3.75
N ALA F 415 29.22 -37.87 2.67
CA ALA F 415 28.22 -38.55 1.86
C ALA F 415 27.27 -39.36 2.75
N GLY F 416 25.97 -39.34 2.43
CA GLY F 416 24.96 -40.10 3.15
C GLY F 416 24.59 -39.62 4.55
N THR F 417 24.98 -38.40 4.92
CA THR F 417 24.68 -37.87 6.26
C THR F 417 23.20 -37.55 6.33
N SER F 418 22.50 -38.13 7.30
CA SER F 418 21.11 -37.83 7.53
C SER F 418 20.92 -36.43 8.19
N THR F 419 19.83 -35.74 7.88
CA THR F 419 19.65 -34.36 8.34
C THR F 419 18.29 -34.09 8.97
N PHE F 420 18.21 -32.99 9.70
CA PHE F 420 16.99 -32.50 10.36
C PHE F 420 16.96 -31.02 10.11
N TYR F 421 16.04 -30.55 9.29
CA TYR F 421 15.96 -29.13 9.00
C TYR F 421 17.33 -28.57 8.56
N GLY F 422 18.10 -29.34 7.79
CA GLY F 422 19.37 -28.86 7.26
C GLY F 422 20.59 -29.17 8.13
N MET F 423 20.37 -29.57 9.37
CA MET F 423 21.48 -29.92 10.25
C MET F 423 21.81 -31.39 10.12
N ALA F 424 23.08 -31.74 10.29
CA ALA F 424 23.58 -33.11 10.18
C ALA F 424 23.49 -33.89 11.47
N TYR F 425 23.08 -35.15 11.36
CA TYR F 425 23.00 -36.04 12.51
C TYR F 425 24.38 -36.30 13.08
N VAL F 426 24.51 -36.21 14.42
CA VAL F 426 25.74 -36.64 15.07
C VAL F 426 25.39 -37.51 16.30
N PRO F 427 25.99 -38.68 16.39
CA PRO F 427 25.70 -39.62 17.49
C PRO F 427 26.10 -39.05 18.84
N HIS F 428 27.21 -38.29 18.87
CA HIS F 428 27.78 -37.78 20.10
C HIS F 428 28.10 -36.30 19.94
N PRO F 429 27.09 -35.43 20.08
CA PRO F 429 27.30 -34.00 19.88
C PRO F 429 28.32 -33.45 20.88
N VAL F 430 29.20 -32.57 20.39
CA VAL F 430 30.13 -31.79 21.21
C VAL F 430 31.34 -32.55 21.75
N TYR F 431 31.16 -33.59 22.55
CA TYR F 431 32.29 -34.29 23.15
C TYR F 431 32.37 -35.74 22.74
N ALA F 432 33.59 -36.24 22.59
CA ALA F 432 33.85 -37.63 22.27
C ALA F 432 34.44 -38.47 23.41
N ASP F 433 34.94 -37.86 24.48
CA ASP F 433 35.63 -38.65 25.52
C ASP F 433 35.11 -38.32 26.94
N PRO F 434 34.06 -39.00 27.40
CA PRO F 434 33.41 -40.09 26.68
C PRO F 434 32.39 -39.53 25.68
N GLY F 435 31.85 -40.38 24.82
CA GLY F 435 30.78 -39.98 23.91
C GLY F 435 29.68 -39.28 24.73
N SER F 436 29.30 -38.08 24.32
CA SER F 436 28.26 -37.30 25.01
C SER F 436 26.88 -37.97 25.03
N ASN F 437 26.68 -39.02 24.24
CA ASN F 437 25.41 -39.74 24.34
C ASN F 437 25.54 -41.18 24.81
N GLN F 438 26.68 -41.50 25.45
CA GLN F 438 26.84 -42.77 26.15
C GLN F 438 25.97 -42.80 27.43
N TRP F 439 25.89 -41.68 28.13
CA TRP F 439 25.24 -41.63 29.41
C TRP F 439 23.73 -41.79 29.26
N PHE F 440 23.18 -42.87 29.84
CA PHE F 440 21.72 -43.08 29.87
C PHE F 440 20.96 -41.95 30.61
N GLY F 441 21.61 -41.23 31.52
CA GLY F 441 20.95 -40.17 32.26
C GLY F 441 20.24 -39.12 31.42
N PHE F 442 20.76 -38.83 30.22
CA PHE F 442 20.10 -37.84 29.37
C PHE F 442 18.72 -38.35 28.96
N GLN F 443 18.58 -39.67 28.80
CA GLN F 443 17.29 -40.26 28.45
C GLN F 443 16.26 -39.84 29.47
N ALA F 444 16.56 -40.11 30.75
CA ALA F 444 15.67 -39.79 31.86
C ALA F 444 15.47 -38.29 32.01
N TRP F 445 16.56 -37.53 32.08
CA TRP F 445 16.47 -36.08 32.28
C TRP F 445 15.61 -35.42 31.21
N SER F 446 15.88 -35.76 29.95
CA SER F 446 15.24 -35.05 28.85
C SER F 446 13.83 -35.54 28.59
N MET F 447 13.61 -36.85 28.61
CA MET F 447 12.27 -37.39 28.44
C MET F 447 11.34 -37.06 29.62
N GLN F 448 11.88 -36.90 30.82
CA GLN F 448 11.04 -36.41 31.91
C GLN F 448 10.32 -35.10 31.54
N ARG F 449 10.99 -34.21 30.79
CA ARG F 449 10.39 -32.92 30.40
C ARG F 449 9.29 -33.13 29.36
N VAL F 450 9.50 -34.06 28.44
CA VAL F 450 8.45 -34.41 27.48
C VAL F 450 7.20 -34.96 28.17
N MET F 451 7.41 -35.80 29.18
CA MET F 451 6.31 -36.30 30.00
C MET F 451 5.49 -35.18 30.62
N GLU F 452 6.17 -34.20 31.21
CA GLU F 452 5.47 -33.05 31.82
C GLU F 452 4.75 -32.25 30.74
N TYR F 453 5.40 -32.12 29.57
CA TYR F 453 4.76 -31.48 28.42
C TYR F 453 3.44 -32.20 28.08
N TYR F 454 3.49 -33.51 27.99
CA TYR F 454 2.28 -34.28 27.69
C TYR F 454 1.20 -34.14 28.80
N LEU F 455 1.62 -34.23 30.05
CA LEU F 455 0.75 -34.00 31.20
C LEU F 455 -0.06 -32.70 31.06
N GLU F 456 0.64 -31.59 30.80
CA GLU F 456 -0.03 -30.29 30.86
C GLU F 456 -0.74 -29.86 29.59
N THR F 457 -0.53 -30.57 28.48
CA THR F 457 -1.18 -30.20 27.20
C THR F 457 -2.06 -31.31 26.63
N GLY F 458 -1.65 -32.57 26.81
CA GLY F 458 -2.33 -33.70 26.21
C GLY F 458 -2.13 -33.81 24.70
N ASP F 459 -1.04 -33.25 24.20
CA ASP F 459 -0.70 -33.23 22.77
C ASP F 459 -0.53 -34.67 22.23
N SER F 460 -1.46 -35.06 21.37
CA SER F 460 -1.46 -36.34 20.65
C SER F 460 -0.21 -36.67 19.89
N SER F 461 0.38 -35.66 19.26
CA SER F 461 1.49 -35.88 18.33
C SER F 461 2.71 -36.48 19.02
N VAL F 462 2.71 -36.42 20.35
CA VAL F 462 3.84 -36.85 21.15
C VAL F 462 3.61 -38.26 21.82
N LYS F 463 2.38 -38.80 21.67
CA LYS F 463 2.05 -40.14 22.21
C LYS F 463 2.91 -41.29 21.72
N ASN F 464 3.11 -41.41 20.42
CA ASN F 464 3.97 -42.48 19.92
C ASN F 464 5.40 -42.39 20.45
N LEU F 465 5.97 -41.19 20.42
CA LEU F 465 7.31 -40.98 20.93
C LEU F 465 7.39 -41.49 22.39
N ILE F 466 6.49 -40.98 23.21
CA ILE F 466 6.46 -41.29 24.62
C ILE F 466 6.28 -42.78 24.89
N LYS F 467 5.30 -43.40 24.24
CA LYS F 467 4.97 -44.81 24.50
C LYS F 467 6.11 -45.75 24.10
N LYS F 468 6.72 -45.50 22.94
CA LYS F 468 7.84 -46.33 22.50
C LYS F 468 9.03 -46.15 23.47
N TRP F 469 9.20 -44.97 24.03
CA TRP F 469 10.33 -44.73 24.93
C TRP F 469 10.06 -45.43 26.28
N VAL F 470 8.81 -45.35 26.74
CA VAL F 470 8.41 -46.00 27.98
C VAL F 470 8.59 -47.52 27.82
N ASP F 471 8.15 -48.10 26.70
CA ASP F 471 8.37 -49.53 26.46
C ASP F 471 9.83 -49.93 26.56
N TRP F 472 10.70 -49.11 25.97
CA TRP F 472 12.13 -49.42 25.92
C TRP F 472 12.70 -49.43 27.33
N VAL F 473 12.50 -48.34 28.02
CA VAL F 473 12.94 -48.14 29.38
C VAL F 473 12.35 -49.21 30.33
N MET F 474 11.07 -49.53 30.16
CA MET F 474 10.44 -50.59 30.95
C MET F 474 11.14 -51.94 30.73
N SER F 475 11.60 -52.19 29.51
CA SER F 475 12.34 -53.41 29.19
C SER F 475 13.76 -53.43 29.72
N GLU F 476 14.25 -52.29 30.23
CA GLU F 476 15.65 -52.18 30.63
C GLU F 476 15.90 -51.96 32.12
N ILE F 477 14.83 -51.71 32.87
CA ILE F 477 15.01 -51.55 34.30
C ILE F 477 15.15 -52.94 34.90
N LYS F 478 16.19 -53.19 35.69
CA LYS F 478 16.31 -54.50 36.33
C LYS F 478 15.85 -54.47 37.80
N LEU F 479 14.78 -55.19 38.11
CA LEU F 479 14.34 -55.43 39.49
C LEU F 479 14.69 -56.85 39.88
N TYR F 480 15.34 -57.04 41.01
CA TYR F 480 15.83 -58.35 41.43
C TYR F 480 15.16 -58.84 42.71
N ASP F 481 15.10 -60.17 42.86
CA ASP F 481 14.34 -60.84 43.95
C ASP F 481 14.91 -60.64 45.36
N ASP F 482 16.15 -60.15 45.47
CA ASP F 482 16.69 -59.83 46.79
C ASP F 482 16.39 -58.36 47.18
N GLY F 483 15.49 -57.71 46.45
CA GLY F 483 15.14 -56.32 46.69
C GLY F 483 16.05 -55.25 46.08
N THR F 484 17.05 -55.65 45.29
CA THR F 484 17.95 -54.71 44.61
C THR F 484 17.46 -54.34 43.19
N PHE F 485 18.19 -53.44 42.54
CA PHE F 485 17.79 -52.95 41.22
C PHE F 485 19.05 -52.53 40.46
N ALA F 486 18.90 -52.40 39.13
CA ALA F 486 19.91 -51.79 38.27
C ALA F 486 19.21 -51.12 37.10
N ILE F 487 19.83 -50.08 36.56
CA ILE F 487 19.28 -49.38 35.40
C ILE F 487 20.43 -49.20 34.42
N PRO F 488 20.14 -48.97 33.13
CA PRO F 488 21.19 -48.69 32.15
C PRO F 488 22.10 -47.57 32.59
N SER F 489 23.38 -47.77 32.36
CA SER F 489 24.40 -46.81 32.67
C SER F 489 25.00 -46.24 31.36
N ASP F 490 25.50 -47.11 30.49
CA ASP F 490 26.16 -46.74 29.25
C ASP F 490 25.37 -47.28 28.07
N LEU F 491 25.37 -46.51 26.99
CA LEU F 491 24.62 -46.77 25.78
C LEU F 491 25.62 -46.79 24.66
N GLU F 492 25.36 -47.60 23.64
CA GLU F 492 26.21 -47.65 22.47
C GLU F 492 25.27 -47.56 21.28
N TRP F 493 25.66 -46.73 20.31
CA TRP F 493 24.80 -46.33 19.19
C TRP F 493 25.36 -46.79 17.87
N SER F 494 24.50 -47.07 16.90
CA SER F 494 24.97 -47.37 15.55
C SER F 494 23.94 -46.87 14.57
N GLY F 495 24.41 -46.58 13.36
CA GLY F 495 23.53 -46.17 12.29
C GLY F 495 23.08 -44.74 12.47
N GLN F 496 22.00 -44.39 11.76
CA GLN F 496 21.54 -43.02 11.65
C GLN F 496 20.03 -43.04 11.57
N PRO F 497 19.36 -42.01 12.07
CA PRO F 497 17.93 -41.90 11.80
C PRO F 497 17.80 -41.61 10.29
N ASP F 498 16.63 -41.89 9.73
CA ASP F 498 16.32 -41.46 8.39
C ASP F 498 16.16 -39.94 8.39
N THR F 499 16.54 -39.31 7.29
CA THR F 499 16.37 -37.86 7.16
C THR F 499 14.96 -37.46 7.52
N TRP F 500 14.85 -36.40 8.30
CA TRP F 500 13.54 -35.90 8.70
C TRP F 500 12.76 -35.29 7.55
N THR F 501 11.59 -35.83 7.40
CA THR F 501 10.74 -35.65 6.27
C THR F 501 9.35 -35.32 6.81
N GLY F 502 9.27 -35.00 8.10
CA GLY F 502 8.04 -34.60 8.77
C GLY F 502 7.20 -35.77 9.32
N THR F 503 7.72 -36.98 9.24
CA THR F 503 7.05 -38.15 9.80
C THR F 503 8.07 -39.14 10.32
N TYR F 504 7.76 -39.76 11.46
CA TYR F 504 8.58 -40.80 12.05
C TYR F 504 8.53 -42.04 11.19
N THR F 505 9.68 -42.52 10.71
CA THR F 505 9.74 -43.73 9.88
C THR F 505 9.96 -45.01 10.72
N GLY F 506 10.17 -44.86 12.03
CA GLY F 506 10.63 -45.98 12.83
C GLY F 506 12.15 -46.09 12.88
N ASN F 507 12.86 -45.33 12.04
CA ASN F 507 14.32 -45.39 11.96
C ASN F 507 14.86 -46.81 12.17
N PRO F 508 14.50 -47.74 11.27
CA PRO F 508 14.87 -49.15 11.46
C PRO F 508 16.38 -49.39 11.46
N ASN F 509 17.20 -48.42 11.06
CA ASN F 509 18.66 -48.62 11.01
C ASN F 509 19.42 -47.79 12.10
N LEU F 510 18.67 -47.18 13.01
CA LEU F 510 19.23 -46.49 14.15
C LEU F 510 19.08 -47.40 15.35
N HIS F 511 20.21 -47.83 15.90
CA HIS F 511 20.17 -48.79 16.99
C HIS F 511 20.86 -48.29 18.24
N VAL F 512 20.28 -48.64 19.39
CA VAL F 512 20.94 -48.41 20.67
C VAL F 512 21.00 -49.73 21.44
N ARG F 513 22.13 -49.96 22.09
CA ARG F 513 22.32 -51.11 22.97
C ARG F 513 22.82 -50.58 24.34
N VAL F 514 22.25 -51.07 25.43
CA VAL F 514 22.74 -50.78 26.79
C VAL F 514 23.96 -51.66 27.03
N THR F 515 25.12 -51.08 27.35
CA THR F 515 26.30 -51.91 27.53
C THR F 515 26.72 -52.14 28.97
N SER F 516 26.17 -51.37 29.92
CA SER F 516 26.35 -51.66 31.35
C SER F 516 25.20 -51.10 32.17
N TYR F 517 25.07 -51.65 33.37
CA TYR F 517 23.99 -51.32 34.28
C TYR F 517 24.61 -50.89 35.60
N GLY F 518 23.86 -50.12 36.36
CA GLY F 518 24.36 -49.69 37.63
C GLY F 518 23.20 -49.21 38.43
N THR F 519 23.50 -48.28 39.30
CA THR F 519 22.73 -48.07 40.48
C THR F 519 22.76 -46.56 40.76
N ASP F 520 23.01 -45.77 39.71
CA ASP F 520 23.05 -44.31 39.80
C ASP F 520 21.76 -43.79 40.43
N LEU F 521 21.85 -43.18 41.60
CA LEU F 521 20.65 -42.78 42.36
C LEU F 521 19.94 -41.57 41.74
N GLY F 522 20.70 -40.65 41.16
CA GLY F 522 20.10 -39.51 40.48
C GLY F 522 19.30 -39.98 39.28
N VAL F 523 19.89 -40.85 38.48
CA VAL F 523 19.21 -41.27 37.25
C VAL F 523 17.98 -42.10 37.62
N ALA F 524 18.09 -42.88 38.70
CA ALA F 524 16.97 -43.69 39.17
C ALA F 524 15.79 -42.78 39.56
N GLY F 525 16.09 -41.69 40.27
CA GLY F 525 15.05 -40.73 40.62
C GLY F 525 14.41 -40.08 39.40
N SER F 526 15.25 -39.58 38.50
CA SER F 526 14.77 -38.94 37.27
C SER F 526 13.87 -39.90 36.45
N LEU F 527 14.33 -41.14 36.30
CA LEU F 527 13.54 -42.17 35.63
C LEU F 527 12.20 -42.40 36.31
N ALA F 528 12.23 -42.54 37.64
CA ALA F 528 11.00 -42.72 38.41
C ALA F 528 10.08 -41.55 38.15
N ASN F 529 10.65 -40.35 38.17
CA ASN F 529 9.90 -39.13 37.89
C ASN F 529 9.25 -39.20 36.50
N ALA F 530 10.05 -39.53 35.48
CA ALA F 530 9.51 -39.61 34.12
C ALA F 530 8.35 -40.59 34.07
N LEU F 531 8.53 -41.79 34.65
CA LEU F 531 7.50 -42.83 34.62
C LEU F 531 6.22 -42.46 35.39
N ALA F 532 6.38 -41.85 36.56
CA ALA F 532 5.22 -41.41 37.34
C ALA F 532 4.48 -40.24 36.67
N THR F 533 5.24 -39.32 36.06
CA THR F 533 4.62 -38.19 35.36
C THR F 533 3.82 -38.70 34.18
N TYR F 534 4.42 -39.63 33.44
CA TYR F 534 3.75 -40.23 32.31
C TYR F 534 2.48 -40.95 32.76
N ALA F 535 2.58 -41.71 33.84
CA ALA F 535 1.41 -42.38 34.42
C ALA F 535 0.29 -41.37 34.72
N ALA F 536 0.60 -40.31 35.47
CA ALA F 536 -0.39 -39.23 35.68
C ALA F 536 -1.00 -38.74 34.35
N ALA F 537 -0.15 -38.59 33.33
CA ALA F 537 -0.61 -38.13 32.00
C ALA F 537 -1.62 -39.09 31.37
N THR F 538 -1.37 -40.41 31.41
CA THR F 538 -2.34 -41.41 30.91
C THR F 538 -3.69 -41.31 31.65
N GLU F 539 -3.65 -41.02 32.95
CA GLU F 539 -4.88 -40.91 33.72
C GLU F 539 -5.69 -39.67 33.34
N ARG F 540 -5.00 -38.54 33.17
CA ARG F 540 -5.66 -37.31 32.74
C ARG F 540 -6.28 -37.39 31.33
N TRP F 541 -5.54 -37.94 30.36
CA TRP F 541 -5.84 -37.80 28.94
C TRP F 541 -6.36 -39.05 28.24
N GLU F 542 -5.98 -40.22 28.72
CA GLU F 542 -6.27 -41.43 27.95
C GLU F 542 -7.42 -42.22 28.56
N GLY F 543 -7.73 -43.37 27.96
CA GLY F 543 -8.81 -44.21 28.49
C GLY F 543 -8.56 -44.61 29.94
N LYS F 544 -7.33 -45.00 30.24
CA LYS F 544 -7.03 -45.53 31.57
C LYS F 544 -5.64 -45.20 32.02
N LEU F 545 -5.49 -45.18 33.35
CA LEU F 545 -4.21 -45.02 34.00
C LEU F 545 -3.29 -46.16 33.57
N ASP F 546 -2.04 -45.83 33.20
CA ASP F 546 -0.98 -46.84 33.05
C ASP F 546 -0.38 -47.28 34.38
N THR F 547 -1.02 -48.28 34.95
CA THR F 547 -0.69 -48.94 36.22
C THR F 547 0.76 -49.44 36.35
N LYS F 548 1.27 -50.03 35.27
CA LYS F 548 2.63 -50.53 35.21
C LYS F 548 3.70 -49.46 35.35
N ALA F 549 3.52 -48.35 34.65
CA ALA F 549 4.44 -47.22 34.74
C ALA F 549 4.39 -46.65 36.15
N ARG F 550 3.18 -46.46 36.66
CA ARG F 550 3.01 -46.00 38.04
C ARG F 550 3.79 -46.87 39.05
N ASP F 551 3.61 -48.19 38.96
CA ASP F 551 4.21 -49.09 39.97
C ASP F 551 5.71 -49.19 39.81
N MET F 552 6.19 -49.10 38.57
CA MET F 552 7.62 -49.14 38.31
C MET F 552 8.31 -47.92 38.90
N ALA F 553 7.66 -46.76 38.78
CA ALA F 553 8.16 -45.54 39.43
C ALA F 553 8.38 -45.78 40.93
N ALA F 554 7.39 -46.36 41.59
CA ALA F 554 7.44 -46.65 43.02
C ALA F 554 8.50 -47.69 43.34
N GLU F 555 8.63 -48.73 42.51
CA GLU F 555 9.69 -49.72 42.68
C GLU F 555 11.08 -49.12 42.64
N LEU F 556 11.33 -48.25 41.66
CA LEU F 556 12.61 -47.51 41.59
C LEU F 556 12.87 -46.71 42.85
N VAL F 557 11.93 -45.85 43.23
CA VAL F 557 12.07 -45.08 44.45
C VAL F 557 12.32 -45.99 45.66
N ASN F 558 11.49 -47.04 45.79
CA ASN F 558 11.57 -47.93 46.95
C ASN F 558 12.95 -48.57 47.04
N ARG F 559 13.47 -49.06 45.92
CA ARG F 559 14.74 -49.79 45.91
C ARG F 559 15.96 -48.88 46.00
N ALA F 560 15.89 -47.69 45.41
CA ALA F 560 16.98 -46.73 45.57
C ALA F 560 17.07 -46.34 47.06
N TRP F 561 15.91 -46.00 47.64
CA TRP F 561 15.86 -45.51 49.01
C TRP F 561 16.27 -46.64 49.94
N TYR F 562 15.68 -47.82 49.74
CA TYR F 562 15.95 -48.92 50.64
C TYR F 562 17.41 -49.34 50.65
N ASN F 563 18.00 -49.50 49.46
CA ASN F 563 19.33 -50.05 49.34
C ASN F 563 20.50 -49.08 49.51
N PHE F 564 20.20 -47.78 49.53
CA PHE F 564 21.28 -46.79 49.51
C PHE F 564 21.12 -45.70 50.56
N TYR F 565 20.31 -46.03 51.56
CA TYR F 565 20.13 -45.23 52.75
C TYR F 565 21.46 -44.88 53.39
N CYS F 566 21.60 -43.60 53.71
CA CYS F 566 22.79 -43.13 54.38
C CYS F 566 22.52 -43.17 55.88
N SER F 567 23.29 -44.01 56.55
CA SER F 567 23.11 -44.28 57.97
C SER F 567 23.52 -43.08 58.85
N GLU F 568 24.39 -42.21 58.34
CA GLU F 568 24.81 -41.06 59.12
C GLU F 568 23.87 -39.83 58.97
N GLY F 569 22.70 -40.02 58.35
CA GLY F 569 21.72 -38.95 58.24
C GLY F 569 21.81 -37.96 57.07
N LYS F 570 22.56 -38.29 56.03
CA LYS F 570 22.77 -37.33 54.94
C LYS F 570 21.88 -37.55 53.73
N GLY F 571 20.99 -38.54 53.81
CA GLY F 571 20.05 -38.84 52.74
C GLY F 571 20.32 -40.22 52.17
N VAL F 572 20.71 -40.26 50.89
CA VAL F 572 21.18 -41.48 50.24
C VAL F 572 22.64 -41.34 49.82
N VAL F 573 23.31 -42.46 49.63
CA VAL F 573 24.71 -42.43 49.26
C VAL F 573 24.99 -43.56 48.30
N THR F 574 25.95 -43.29 47.44
CA THR F 574 26.21 -44.07 46.28
C THR F 574 27.38 -45.01 46.61
N GLU F 575 27.52 -46.11 45.88
CA GLU F 575 28.74 -46.89 45.95
C GLU F 575 29.14 -47.15 44.51
N GLU F 576 30.26 -46.57 44.10
CA GLU F 576 30.61 -46.59 42.68
C GLU F 576 32.09 -46.77 42.48
N ALA F 577 32.42 -47.77 41.66
CA ALA F 577 33.78 -48.00 41.19
C ALA F 577 34.09 -46.94 40.13
N ARG F 578 35.30 -46.40 40.21
CA ARG F 578 35.70 -45.29 39.35
C ARG F 578 37.06 -45.61 38.72
N ALA F 579 37.05 -46.52 37.76
CA ALA F 579 38.26 -46.98 37.09
C ALA F 579 38.90 -45.82 36.30
N ASP F 580 38.05 -44.88 35.88
CA ASP F 580 38.50 -43.70 35.18
C ASP F 580 39.42 -42.82 36.05
N TYR F 581 39.37 -42.98 37.38
CA TYR F 581 40.27 -42.24 38.28
C TYR F 581 41.76 -42.55 38.14
N LYS F 582 42.10 -43.61 37.40
CA LYS F 582 43.49 -43.77 37.00
C LYS F 582 44.00 -42.50 36.26
N ARG F 583 43.08 -41.79 35.60
CA ARG F 583 43.45 -40.66 34.76
C ARG F 583 43.95 -39.44 35.56
N PHE F 584 43.70 -39.40 36.87
CA PHE F 584 44.37 -38.43 37.74
C PHE F 584 45.87 -38.41 37.46
N PHE F 585 46.43 -39.61 37.21
CA PHE F 585 47.89 -39.79 37.23
C PHE F 585 48.44 -40.14 35.86
N GLU F 586 47.61 -40.74 35.02
CA GLU F 586 48.04 -41.16 33.70
C GLU F 586 47.75 -40.13 32.61
N GLN F 587 46.75 -39.29 32.80
CA GLN F 587 46.32 -38.42 31.72
C GLN F 587 47.23 -37.23 31.52
N GLU F 588 47.90 -37.20 30.37
CA GLU F 588 48.72 -36.06 29.99
C GLU F 588 47.79 -34.93 29.59
N VAL F 589 48.09 -33.71 30.05
CA VAL F 589 47.28 -32.51 29.74
C VAL F 589 48.12 -31.73 28.73
N TYR F 590 47.53 -31.46 27.57
CA TYR F 590 48.24 -30.79 26.50
C TYR F 590 48.63 -29.35 26.83
N VAL F 591 49.85 -28.95 26.46
CA VAL F 591 50.29 -27.56 26.57
C VAL F 591 51.18 -27.31 25.36
N PRO F 592 50.98 -26.20 24.64
CA PRO F 592 51.78 -25.92 23.44
C PRO F 592 53.27 -25.89 23.73
N ALA F 593 54.08 -26.40 22.82
CA ALA F 593 55.54 -26.30 22.96
C ALA F 593 55.91 -24.85 23.19
N GLY F 594 56.82 -24.63 24.15
CA GLY F 594 57.27 -23.28 24.43
C GLY F 594 56.33 -22.44 25.28
N TRP F 595 55.19 -22.97 25.68
CA TRP F 595 54.23 -22.22 26.49
C TRP F 595 54.50 -22.52 27.96
N SER F 596 54.50 -21.50 28.81
CA SER F 596 54.60 -21.77 30.24
C SER F 596 53.74 -20.82 31.08
N GLY F 597 53.37 -21.28 32.26
CA GLY F 597 52.60 -20.46 33.17
C GLY F 597 52.48 -21.15 34.52
N THR F 598 51.85 -20.49 35.48
CA THR F 598 51.65 -21.09 36.79
C THR F 598 50.21 -20.97 37.28
N MET F 599 49.74 -22.01 37.96
CA MET F 599 48.48 -21.94 38.72
C MET F 599 48.68 -21.05 39.94
N PRO F 600 47.59 -20.49 40.47
CA PRO F 600 47.69 -19.68 41.69
C PRO F 600 48.52 -20.29 42.80
N ASN F 601 48.45 -21.61 42.99
CA ASN F 601 49.26 -22.25 44.04
C ASN F 601 50.73 -22.48 43.68
N GLY F 602 51.17 -22.07 42.49
CA GLY F 602 52.54 -22.35 42.10
C GLY F 602 52.72 -23.50 41.11
N ASP F 603 51.72 -24.37 40.94
CA ASP F 603 51.85 -25.51 40.02
C ASP F 603 52.24 -25.01 38.64
N LYS F 604 53.27 -25.59 38.05
CA LYS F 604 53.72 -25.17 36.74
C LYS F 604 52.86 -25.77 35.63
N ILE F 605 52.45 -24.92 34.70
CA ILE F 605 51.73 -25.37 33.53
C ILE F 605 52.72 -25.38 32.40
N GLN F 606 53.01 -26.57 31.87
CA GLN F 606 54.06 -26.73 30.86
C GLN F 606 53.91 -28.10 30.23
N PRO F 607 54.45 -28.30 29.03
CA PRO F 607 54.30 -29.60 28.35
C PRO F 607 54.70 -30.74 29.28
N GLY F 608 53.98 -31.88 29.18
CA GLY F 608 54.27 -33.04 29.98
C GLY F 608 53.49 -33.15 31.27
N ILE F 609 52.72 -32.13 31.65
CA ILE F 609 51.94 -32.22 32.88
C ILE F 609 50.86 -33.31 32.84
N LYS F 610 50.56 -33.84 34.03
CA LYS F 610 49.44 -34.75 34.21
C LYS F 610 48.30 -34.00 34.92
N PHE F 611 47.09 -34.55 34.85
CA PHE F 611 45.92 -33.97 35.51
C PHE F 611 46.23 -33.49 36.93
N ILE F 612 46.87 -34.34 37.73
CA ILE F 612 47.18 -33.99 39.11
C ILE F 612 48.19 -32.83 39.21
N ASP F 613 49.06 -32.67 38.21
CA ASP F 613 50.15 -31.68 38.29
C ASP F 613 49.72 -30.19 38.35
N ILE F 614 48.51 -29.87 37.88
CA ILE F 614 48.04 -28.50 37.96
C ILE F 614 46.92 -28.43 38.96
N ARG F 615 46.73 -29.52 39.69
CA ARG F 615 45.74 -29.60 40.78
C ARG F 615 46.33 -30.23 42.05
N THR F 616 47.55 -29.83 42.35
CA THR F 616 48.35 -30.33 43.47
C THR F 616 47.69 -30.31 44.86
N LYS F 617 46.79 -29.35 45.10
CA LYS F 617 46.00 -29.32 46.33
C LYS F 617 45.18 -30.59 46.58
N TYR F 618 44.93 -31.38 45.52
CA TYR F 618 44.18 -32.61 45.65
C TYR F 618 44.92 -33.62 46.52
N ARG F 619 46.24 -33.52 46.55
CA ARG F 619 47.05 -34.40 47.40
C ARG F 619 46.72 -34.27 48.90
N GLN F 620 46.12 -33.14 49.31
CA GLN F 620 45.67 -32.92 50.68
C GLN F 620 44.22 -33.38 50.92
N ASP F 621 43.58 -33.96 49.90
CA ASP F 621 42.18 -34.33 50.01
C ASP F 621 42.02 -35.61 50.84
N PRO F 622 41.00 -35.68 51.70
CA PRO F 622 40.77 -36.87 52.54
C PRO F 622 40.76 -38.16 51.72
N TYR F 623 40.30 -38.11 50.47
CA TYR F 623 40.25 -39.35 49.69
C TYR F 623 41.34 -39.50 48.63
N TYR F 624 42.38 -38.68 48.73
CA TYR F 624 43.47 -38.76 47.78
C TYR F 624 44.25 -40.07 47.92
N ASP F 625 44.60 -40.44 49.15
CA ASP F 625 45.36 -41.67 49.40
C ASP F 625 44.65 -42.89 48.87
N ILE F 626 43.33 -42.95 49.07
CA ILE F 626 42.53 -44.05 48.56
C ILE F 626 42.64 -44.14 47.04
N VAL F 627 42.54 -43.02 46.33
CA VAL F 627 42.57 -43.15 44.87
C VAL F 627 44.00 -43.31 44.34
N TYR F 628 44.98 -42.67 44.98
CA TYR F 628 46.39 -42.85 44.63
C TYR F 628 46.79 -44.31 44.83
N GLN F 629 46.55 -44.85 46.04
CA GLN F 629 46.91 -46.24 46.34
C GLN F 629 46.29 -47.19 45.33
N ALA F 630 45.00 -47.00 45.04
CA ALA F 630 44.31 -47.83 44.08
C ALA F 630 45.03 -47.78 42.72
N TYR F 631 45.40 -46.59 42.28
CA TYR F 631 46.18 -46.45 41.06
C TYR F 631 47.45 -47.28 41.10
N LEU F 632 48.18 -47.20 42.22
CA LEU F 632 49.43 -47.93 42.37
C LEU F 632 49.24 -49.45 42.30
N ARG F 633 48.05 -49.92 42.66
CA ARG F 633 47.76 -51.35 42.64
C ARG F 633 47.10 -51.82 41.35
N GLY F 634 46.85 -50.88 40.43
CA GLY F 634 46.16 -51.22 39.20
C GLY F 634 44.71 -51.60 39.45
N GLU F 635 44.10 -50.96 40.45
CA GLU F 635 42.72 -51.23 40.85
C GLU F 635 41.81 -50.00 40.78
N ALA F 636 40.55 -50.24 40.45
CA ALA F 636 39.56 -49.17 40.46
C ALA F 636 39.21 -48.82 41.92
N PRO F 637 39.32 -47.54 42.29
CA PRO F 637 38.91 -47.08 43.63
C PRO F 637 37.40 -47.11 43.71
N VAL F 638 36.87 -47.38 44.91
CA VAL F 638 35.44 -47.42 45.12
C VAL F 638 35.07 -46.23 45.99
N LEU F 639 34.12 -45.43 45.51
CA LEU F 639 33.75 -44.17 46.17
C LEU F 639 32.30 -44.15 46.60
N ASN F 640 32.06 -43.41 47.68
CA ASN F 640 30.73 -43.10 48.13
C ASN F 640 30.45 -41.62 47.90
N TYR F 641 29.37 -41.29 47.19
CA TYR F 641 29.07 -39.89 46.91
C TYR F 641 27.68 -39.48 47.31
N HIS F 642 27.57 -38.23 47.76
CA HIS F 642 26.31 -37.56 47.96
C HIS F 642 26.27 -36.37 46.99
N ARG F 643 25.90 -36.61 45.73
CA ARG F 643 25.75 -35.51 44.79
C ARG F 643 24.46 -34.78 45.07
N PHE F 644 24.56 -33.46 45.19
CA PHE F 644 23.37 -32.65 45.38
C PHE F 644 22.26 -33.08 44.45
N TRP F 645 22.53 -33.19 43.14
CA TRP F 645 21.45 -33.45 42.19
C TRP F 645 20.88 -34.84 42.34
N HIS F 646 21.71 -35.79 42.74
CA HIS F 646 21.21 -37.13 43.03
C HIS F 646 20.16 -37.11 44.12
N GLU F 647 20.43 -36.37 45.20
CA GLU F 647 19.49 -36.29 46.34
C GLU F 647 18.18 -35.61 45.87
N VAL F 648 18.32 -34.56 45.07
CA VAL F 648 17.14 -33.84 44.59
C VAL F 648 16.33 -34.65 43.57
N ASP F 649 16.98 -35.28 42.60
CA ASP F 649 16.21 -36.08 41.64
C ASP F 649 15.39 -37.17 42.34
N LEU F 650 15.98 -37.82 43.36
CA LEU F 650 15.27 -38.85 44.13
C LEU F 650 14.13 -38.22 44.94
N ALA F 651 14.40 -37.11 45.63
CA ALA F 651 13.37 -36.44 46.41
C ALA F 651 12.21 -35.97 45.56
N VAL F 652 12.49 -35.42 44.38
CA VAL F 652 11.41 -34.86 43.53
C VAL F 652 10.52 -36.00 43.06
N ALA F 653 11.14 -37.14 42.77
CA ALA F 653 10.41 -38.35 42.39
C ALA F 653 9.43 -38.74 43.49
N MET F 654 9.87 -38.68 44.76
CA MET F 654 8.99 -38.95 45.91
C MET F 654 7.81 -37.99 45.86
N GLY F 655 8.11 -36.72 45.63
CA GLY F 655 7.10 -35.70 45.53
C GLY F 655 6.12 -35.88 44.37
N VAL F 656 6.60 -36.39 43.24
CA VAL F 656 5.70 -36.65 42.10
C VAL F 656 4.68 -37.74 42.47
N LEU F 657 5.17 -38.83 43.06
CA LEU F 657 4.27 -39.87 43.56
C LEU F 657 3.31 -39.27 44.57
N ALA F 658 3.83 -38.45 45.48
CA ALA F 658 3.01 -37.81 46.50
C ALA F 658 1.98 -36.90 45.88
N THR F 659 2.34 -36.32 44.73
CA THR F 659 1.45 -35.35 44.08
C THR F 659 0.33 -36.02 43.28
N TYR F 660 0.67 -37.02 42.47
CA TYR F 660 -0.31 -37.60 41.56
C TYR F 660 -0.87 -38.92 42.03
N PHE F 661 -0.19 -39.54 43.01
CA PHE F 661 -0.65 -40.80 43.59
C PHE F 661 -0.53 -40.72 45.13
N PRO F 662 -1.33 -39.86 45.75
CA PRO F 662 -1.16 -39.54 47.18
C PRO F 662 -1.45 -40.70 48.14
N ASP F 663 -2.08 -41.77 47.66
CA ASP F 663 -2.41 -42.92 48.50
C ASP F 663 -1.34 -43.97 48.48
N MET F 664 -0.43 -43.89 47.52
CA MET F 664 0.64 -44.88 47.42
C MET F 664 1.57 -44.70 48.59
N THR F 665 2.27 -45.79 48.91
CA THR F 665 2.98 -45.92 50.15
C THR F 665 4.25 -46.74 49.91
N TYR F 666 5.37 -46.30 50.45
CA TYR F 666 6.61 -47.07 50.47
C TYR F 666 6.43 -48.43 51.18
N LYS F 667 7.06 -49.48 50.63
CA LYS F 667 7.15 -50.81 51.25
C LYS F 667 8.58 -51.31 51.01
N VAL F 668 9.16 -52.03 51.97
CA VAL F 668 10.49 -52.60 51.73
C VAL F 668 10.41 -53.61 50.55
N PRO F 669 11.32 -53.50 49.59
CA PRO F 669 11.25 -54.33 48.37
C PRO F 669 11.70 -55.81 48.50
C2 BGC G . 30.40 5.23 -17.41
C3 BGC G . 31.18 6.54 -17.37
C4 BGC G . 31.25 7.07 -15.94
C5 BGC G . 31.79 5.95 -15.04
C6 BGC G . 31.84 6.32 -13.55
C1 BGC G . 31.09 4.19 -16.51
O2 BGC G . 30.26 4.76 -18.73
O3 BGC G . 30.60 7.52 -18.21
O4 BGC G . 32.11 8.18 -15.91
O5 BGC G . 31.04 4.76 -15.21
O6 BGC G . 30.59 6.88 -13.14
C2 BGC G . 32.72 10.29 -15.10
C3 BGC G . 32.27 11.72 -14.90
C4 BGC G . 31.67 12.30 -16.17
C5 BGC G . 30.55 11.39 -16.68
C6 BGC G . 30.04 11.86 -18.04
C1 BGC G . 31.56 9.48 -15.65
O2 BGC G . 33.20 9.73 -13.87
O3 BGC G . 33.38 12.49 -14.47
O4 BGC G . 31.14 13.59 -15.93
O5 BGC G . 31.09 10.09 -16.84
O6 BGC G . 31.10 11.88 -18.97
C2 BGC H . -42.08 11.68 -26.53
C3 BGC H . -40.84 11.08 -27.20
C4 BGC H . -40.63 9.61 -26.81
C5 BGC H . -41.95 8.84 -26.93
C6 BGC H . -41.87 7.44 -26.31
C1 BGC H . -43.30 10.84 -26.92
O2 BGC H . -42.23 13.03 -26.92
O3 BGC H . -39.73 11.90 -26.90
O4 BGC H . -39.71 9.01 -27.71
O5 BGC H . -43.05 9.54 -26.38
O6 BGC H . -41.60 7.51 -24.92
C2 BGC H . -37.74 7.69 -27.96
C3 BGC H . -36.34 7.39 -27.41
C4 BGC H . -35.56 8.67 -27.20
C5 BGC H . -36.38 9.61 -26.30
C6 BGC H . -35.72 10.94 -25.98
C1 BGC H . -38.43 8.74 -27.09
O2 BGC H . -38.55 6.53 -27.94
O3 BGC H . -35.62 6.57 -28.29
O4 BGC H . -34.31 8.33 -26.61
O5 BGC H . -37.62 9.88 -26.93
O6 BGC H . -35.39 11.59 -27.18
C2 BGC I . -30.58 -5.20 17.20
C3 BGC I . -30.48 -5.86 18.60
C4 BGC I . -29.44 -5.20 19.54
C5 BGC I . -29.53 -3.67 19.39
C6 BGC I . -28.49 -2.90 20.21
C1 BGC I . -30.63 -3.67 17.32
O2 BGC I . -31.73 -5.67 16.51
O3 BGC I . -30.26 -7.25 18.44
O4 BGC I . -29.75 -5.47 20.90
O5 BGC I . -29.46 -3.31 18.03
O6 BGC I . -27.18 -3.28 19.91
C2 BGC I . -29.09 -6.27 23.03
C3 BGC I . -28.20 -7.27 23.73
C4 BGC I . -28.44 -8.66 23.20
C5 BGC I . -28.17 -8.65 21.71
C6 BGC I . -28.44 -10.00 21.07
C1 BGC I . -28.83 -6.36 21.54
O2 BGC I . -28.79 -4.97 23.51
O3 BGC I . -28.45 -7.18 25.11
O4 BGC I . -27.54 -9.53 23.84
O5 BGC I . -29.02 -7.69 21.09
O6 BGC I . -29.83 -10.23 21.16
C2 BGC J . -9.85 59.79 3.10
C3 BGC J . -9.44 58.92 4.30
C4 BGC J . -7.91 58.92 4.38
C5 BGC J . -7.41 60.39 4.36
C6 BGC J . -5.89 60.51 4.30
C1 BGC J . -9.42 61.23 3.37
O2 BGC J . -11.21 59.67 2.75
O3 BGC J . -9.89 57.60 4.13
O4 BGC J . -7.54 58.36 5.61
O5 BGC J . -8.01 61.13 3.29
O6 BGC J . -5.40 60.05 3.05
C2 BGC J . -6.19 56.87 6.83
C3 BGC J . -5.51 55.51 6.83
C4 BGC J . -6.48 54.43 6.40
C5 BGC J . -7.09 54.78 5.05
C6 BGC J . -8.20 53.80 4.66
C1 BGC J . -6.82 57.13 5.49
O2 BGC J . -5.27 57.92 7.07
O3 BGC J . -5.00 55.20 8.10
O4 BGC J . -5.78 53.22 6.29
O5 BGC J . -7.67 56.07 5.15
O6 BGC J . -9.13 53.70 5.73
C2 BGC K . 15.14 -39.32 -28.74
C3 BGC K . 13.66 -38.96 -28.58
C4 BGC K . 13.30 -37.64 -29.28
C5 BGC K . 13.91 -37.62 -30.69
C6 BGC K . 13.71 -36.31 -31.45
C1 BGC K . 15.52 -39.29 -30.24
O2 BGC K . 15.37 -40.62 -28.23
O3 BGC K . 13.32 -38.92 -27.21
O4 BGC K . 11.90 -37.59 -29.42
O5 BGC K . 15.29 -37.94 -30.63
O6 BGC K . 14.40 -35.23 -30.85
C2 BGC K . 9.93 -36.28 -29.15
C3 BGC K . 9.24 -35.22 -28.33
C4 BGC K . 9.32 -35.61 -26.86
C5 BGC K . 10.78 -35.80 -26.46
C6 BGC K . 10.96 -36.19 -24.98
C1 BGC K . 11.36 -36.50 -28.68
O2 BGC K . 9.93 -35.92 -30.51
O3 BGC K . 7.89 -35.14 -28.72
O4 BGC K . 8.72 -34.62 -26.06
O5 BGC K . 11.34 -36.79 -27.30
O6 BGC K . 10.33 -37.43 -24.74
C2 BGC L . 28.56 -40.84 34.58
C3 BGC L . 28.60 -39.31 34.72
C4 BGC L . 27.54 -38.83 35.75
C5 BGC L . 27.65 -39.68 37.03
C6 BGC L . 26.55 -39.44 38.05
C1 BGC L . 28.86 -41.45 35.96
O2 BGC L . 29.47 -41.26 33.59
O3 BGC L . 28.39 -38.72 33.46
O4 BGC L . 27.84 -37.52 36.12
O5 BGC L . 27.72 -41.08 36.73
O6 BGC L . 25.26 -39.33 37.47
C2 BGC L . 27.34 -35.24 36.45
C3 BGC L . 26.44 -34.08 36.05
C4 BGC L . 26.43 -33.91 34.53
C5 BGC L . 26.12 -35.23 33.85
C6 BGC L . 26.29 -35.10 32.34
C1 BGC L . 26.95 -36.50 35.68
O2 BGC L . 27.13 -35.50 37.81
O3 BGC L . 26.82 -32.89 36.71
O4 BGC L . 25.44 -32.98 34.20
O5 BGC L . 27.04 -36.23 34.30
O6 BGC L . 27.65 -34.77 32.04
#